data_6EZM
#
_entry.id   6EZM
#
_cell.length_a   1.000
_cell.length_b   1.000
_cell.length_c   1.000
_cell.angle_alpha   90.00
_cell.angle_beta   90.00
_cell.angle_gamma   90.00
#
loop_
_entity.id
_entity.type
_entity.pdbx_description
1 polymer 'Imidazoleglycerol-phosphate dehydratase'
2 non-polymer 'MANGANESE (II) ION'
3 non-polymer '[(2R)-2-hydroxy-3-(1H-1,2,4-triazol-1-yl)propyl]phosphonic acid'
#
_entity_poly.entity_id   1
_entity_poly.type   'polypeptide(L)'
_entity_poly.pdbx_seq_one_letter_code
;MTEQKALVKRITNETKIQIAISLKGGPLAIEHSIFPEKEAEAVAEQATQSQVINVHTGIGFLDHMIHALAKHSGWSLIVE
CIGDLHIDDHHTTEDCGIALGQAFKEALGAVRGVKRFGSGFAPLDEALSRAVVDLSNRPYAVVELGLQREKVGDLSCEMI
PHFLESFAEASRITLHVDCLRGKNDHHRSESAFKALAVAIREATSPNGTNDVPSTKGVLM
;
_entity_poly.pdbx_strand_id   U,A,B,C,D,E,F,G,H,I,J,K,L,M,N,O,P,Q,R,S,T,V,W,X
#
# COMPACT_ATOMS: atom_id res chain seq x y z
N GLU A 3 24.71 -32.51 -51.02
CA GLU A 3 25.71 -31.50 -50.64
C GLU A 3 25.80 -31.33 -49.13
N GLN A 4 24.70 -30.89 -48.52
CA GLN A 4 24.67 -30.60 -47.09
C GLN A 4 24.05 -31.79 -46.37
N LYS A 5 24.86 -32.83 -46.19
CA LYS A 5 24.44 -34.04 -45.51
C LYS A 5 25.45 -34.39 -44.44
N ALA A 6 24.96 -35.02 -43.37
CA ALA A 6 25.82 -35.47 -42.28
C ALA A 6 25.11 -36.59 -41.55
N LEU A 7 25.89 -37.50 -40.97
CA LEU A 7 25.37 -38.54 -40.10
C LEU A 7 26.17 -38.58 -38.82
N VAL A 8 25.48 -38.63 -37.68
CA VAL A 8 26.10 -38.57 -36.37
C VAL A 8 25.62 -39.75 -35.55
N LYS A 9 26.57 -40.58 -35.10
CA LYS A 9 26.28 -41.74 -34.26
C LYS A 9 26.87 -41.47 -32.89
N ARG A 10 26.03 -41.01 -31.96
CA ARG A 10 26.48 -40.64 -30.63
C ARG A 10 26.12 -41.76 -29.66
N ILE A 11 27.14 -42.38 -29.06
CA ILE A 11 26.98 -43.58 -28.27
C ILE A 11 27.49 -43.30 -26.87
N THR A 12 26.59 -43.29 -25.89
CA THR A 12 26.95 -43.13 -24.49
C THR A 12 26.25 -44.23 -23.69
N ASN A 13 26.55 -44.29 -22.38
CA ASN A 13 25.99 -45.36 -21.55
C ASN A 13 24.55 -45.11 -21.15
N GLU A 14 23.95 -44.01 -21.58
CA GLU A 14 22.54 -43.73 -21.35
C GLU A 14 21.72 -43.92 -22.61
N THR A 15 22.15 -43.32 -23.72
CA THR A 15 21.43 -43.39 -24.98
C THR A 15 22.36 -43.81 -26.10
N LYS A 16 21.78 -44.36 -27.15
CA LYS A 16 22.48 -44.59 -28.41
C LYS A 16 21.72 -43.85 -29.50
N ILE A 17 22.44 -43.00 -30.24
CA ILE A 17 21.83 -42.07 -31.17
C ILE A 17 22.34 -42.38 -32.56
N GLN A 18 21.51 -42.18 -33.57
CA GLN A 18 21.99 -42.14 -34.94
C GLN A 18 21.11 -41.17 -35.71
N ILE A 19 21.69 -40.04 -36.09
CA ILE A 19 20.95 -38.95 -36.74
C ILE A 19 21.57 -38.70 -38.10
N ALA A 20 20.79 -38.90 -39.15
CA ALA A 20 21.18 -38.55 -40.51
C ALA A 20 20.34 -37.37 -40.97
N ILE A 21 20.99 -36.33 -41.49
CA ILE A 21 20.31 -35.10 -41.84
C ILE A 21 20.69 -34.73 -43.27
N SER A 22 19.78 -34.04 -43.95
CA SER A 22 20.06 -33.42 -45.22
C SER A 22 19.36 -32.07 -45.23
N LEU A 23 20.13 -30.98 -45.27
CA LEU A 23 19.53 -29.66 -45.14
C LEU A 23 18.83 -29.23 -46.42
N LYS A 24 19.31 -29.68 -47.57
CA LYS A 24 18.72 -29.30 -48.84
C LYS A 24 17.54 -30.19 -49.24
N GLY A 25 17.15 -31.13 -48.38
CA GLY A 25 16.04 -32.00 -48.68
C GLY A 25 16.47 -33.29 -49.36
N GLY A 26 15.63 -33.81 -50.25
CA GLY A 26 15.97 -34.99 -50.99
C GLY A 26 15.78 -36.26 -50.18
N PRO A 27 16.29 -37.38 -50.69
CA PRO A 27 16.14 -38.66 -49.98
C PRO A 27 17.25 -38.91 -48.98
N LEU A 28 16.94 -39.80 -48.03
CA LEU A 28 17.90 -40.29 -47.06
C LEU A 28 17.57 -41.72 -46.67
N ALA A 29 18.61 -42.48 -46.34
CA ALA A 29 18.46 -43.82 -45.81
C ALA A 29 19.53 -44.02 -44.75
N ILE A 30 19.54 -45.21 -44.16
CA ILE A 30 20.60 -45.60 -43.24
C ILE A 30 21.12 -46.97 -43.67
N GLU A 31 22.43 -47.05 -43.92
CA GLU A 31 23.03 -48.29 -44.38
C GLU A 31 23.06 -49.36 -43.30
N HIS A 32 23.09 -48.96 -42.03
CA HIS A 32 23.11 -49.91 -40.92
C HIS A 32 22.47 -49.23 -39.71
N SER A 33 21.20 -49.55 -39.46
CA SER A 33 20.44 -48.90 -38.40
C SER A 33 20.76 -49.51 -37.04
N ILE A 34 20.26 -48.85 -36.00
CA ILE A 34 20.47 -49.34 -34.64
C ILE A 34 19.23 -50.04 -34.06
N PHE A 35 18.07 -49.89 -34.69
CA PHE A 35 16.92 -50.66 -34.23
C PHE A 35 17.03 -52.10 -34.76
N PRO A 36 16.51 -53.08 -34.02
CA PRO A 36 16.54 -54.46 -34.52
C PRO A 36 15.61 -54.65 -35.70
N GLU A 37 16.09 -55.40 -36.70
CA GLU A 37 15.39 -55.75 -37.94
C GLU A 37 14.97 -54.49 -38.71
N LYS A 38 16.00 -53.73 -39.11
CA LYS A 38 15.90 -52.49 -39.87
C LYS A 38 15.02 -51.44 -39.20
N ALA A 44 5.32 -40.02 -36.51
CA ALA A 44 5.81 -38.83 -37.18
C ALA A 44 6.76 -39.18 -38.32
N GLU A 45 6.20 -39.63 -39.44
CA GLU A 45 6.97 -40.04 -40.61
C GLU A 45 6.34 -39.44 -41.85
N GLN A 46 7.07 -38.54 -42.51
CA GLN A 46 6.62 -37.92 -43.75
C GLN A 46 7.65 -38.23 -44.84
N ALA A 47 7.19 -38.82 -45.94
CA ALA A 47 8.09 -39.27 -46.99
C ALA A 47 7.53 -38.92 -48.37
N THR A 48 7.10 -37.68 -48.56
CA THR A 48 6.33 -37.30 -49.75
C THR A 48 7.26 -36.69 -50.79
N GLN A 49 8.17 -37.50 -51.32
CA GLN A 49 8.81 -37.32 -52.63
C GLN A 49 9.72 -36.09 -52.78
N SER A 50 9.79 -35.24 -51.77
CA SER A 50 10.66 -34.07 -51.82
C SER A 50 11.63 -34.13 -50.66
N GLN A 51 11.12 -34.46 -49.49
CA GLN A 51 11.91 -34.65 -48.28
C GLN A 51 11.37 -35.85 -47.52
N VAL A 52 12.26 -36.57 -46.86
CA VAL A 52 11.87 -37.72 -46.04
C VAL A 52 12.30 -37.44 -44.61
N ILE A 53 11.33 -37.36 -43.71
CA ILE A 53 11.61 -37.10 -42.30
C ILE A 53 10.93 -38.19 -41.47
N ASN A 54 11.74 -38.91 -40.70
CA ASN A 54 11.30 -40.10 -39.97
C ASN A 54 12.05 -40.10 -38.65
N VAL A 55 11.37 -39.65 -37.60
CA VAL A 55 11.97 -39.53 -36.29
C VAL A 55 11.43 -40.65 -35.39
N HIS A 56 12.32 -41.37 -34.74
CA HIS A 56 11.93 -42.44 -33.83
C HIS A 56 12.75 -42.26 -32.56
N THR A 57 12.23 -41.45 -31.65
CA THR A 57 12.69 -41.42 -30.28
C THR A 57 11.65 -42.14 -29.42
N GLY A 58 12.02 -42.39 -28.17
CA GLY A 58 11.07 -43.04 -27.28
C GLY A 58 9.94 -42.13 -26.83
N ILE A 59 10.09 -40.83 -27.00
CA ILE A 59 9.11 -39.84 -26.59
C ILE A 59 8.30 -39.46 -27.81
N GLY A 60 6.98 -39.57 -27.71
CA GLY A 60 6.14 -39.29 -28.85
C GLY A 60 5.93 -37.83 -29.13
N PHE A 61 5.86 -37.01 -28.10
CA PHE A 61 5.68 -35.58 -28.30
C PHE A 61 6.98 -34.91 -28.74
N LEU A 62 8.13 -35.46 -28.36
CA LEU A 62 9.41 -34.97 -28.83
C LEU A 62 9.70 -35.45 -30.24
N ASP A 63 9.06 -36.53 -30.69
CA ASP A 63 9.06 -36.86 -32.11
C ASP A 63 8.34 -35.80 -32.91
N HIS A 64 7.22 -35.30 -32.38
CA HIS A 64 6.40 -34.35 -33.10
C HIS A 64 7.03 -32.97 -33.19
N MET A 65 7.94 -32.64 -32.30
CA MET A 65 8.58 -31.34 -32.34
C MET A 65 9.79 -31.31 -33.25
N ILE A 66 10.51 -32.43 -33.35
CA ILE A 66 11.57 -32.53 -34.35
C ILE A 66 10.97 -32.68 -35.73
N HIS A 67 9.79 -33.29 -35.83
CA HIS A 67 9.12 -33.46 -37.12
C HIS A 67 8.66 -32.12 -37.68
N ALA A 68 8.01 -31.31 -36.85
CA ALA A 68 7.57 -29.98 -37.28
C ALA A 68 8.75 -29.05 -37.50
N LEU A 69 9.88 -29.30 -36.84
CA LEU A 69 11.09 -28.55 -37.10
C LEU A 69 11.64 -28.85 -38.48
N ALA A 70 11.70 -30.13 -38.84
CA ALA A 70 12.28 -30.49 -40.12
C ALA A 70 11.31 -30.38 -41.27
N LYS A 71 10.00 -30.38 -41.00
CA LYS A 71 9.03 -30.25 -42.08
C LYS A 71 9.05 -28.83 -42.64
N HIS A 72 9.16 -27.83 -41.77
CA HIS A 72 9.12 -26.45 -42.20
C HIS A 72 10.51 -25.85 -42.37
N SER A 73 11.55 -26.67 -42.34
CA SER A 73 12.90 -26.23 -42.66
C SER A 73 13.37 -26.70 -44.02
N GLY A 74 12.64 -27.58 -44.68
CA GLY A 74 13.13 -28.17 -45.91
C GLY A 74 14.13 -29.28 -45.69
N TRP A 75 14.17 -29.84 -44.49
CA TRP A 75 15.14 -30.87 -44.15
C TRP A 75 14.64 -32.24 -44.52
N SER A 76 15.57 -33.14 -44.78
CA SER A 76 15.36 -34.57 -44.67
C SER A 76 16.11 -35.02 -43.42
N LEU A 77 15.44 -35.77 -42.55
CA LEU A 77 16.00 -36.03 -41.23
C LEU A 77 15.52 -37.37 -40.70
N ILE A 78 16.46 -38.26 -40.40
CA ILE A 78 16.16 -39.53 -39.76
C ILE A 78 16.79 -39.51 -38.38
N VAL A 79 15.97 -39.73 -37.35
CA VAL A 79 16.42 -39.71 -35.96
C VAL A 79 16.11 -41.05 -35.33
N GLU A 80 17.11 -41.64 -34.71
CA GLU A 80 16.92 -42.90 -34.03
C GLU A 80 17.44 -42.68 -32.63
N CYS A 81 16.77 -43.24 -31.64
CA CYS A 81 17.23 -43.06 -30.29
C CYS A 81 16.74 -44.18 -29.40
N ILE A 82 17.69 -44.86 -28.79
CA ILE A 82 17.40 -45.95 -27.88
C ILE A 82 17.83 -45.41 -26.55
N GLY A 83 16.92 -44.71 -25.88
CA GLY A 83 17.25 -44.14 -24.61
C GLY A 83 16.53 -44.83 -23.49
N ASP A 84 17.05 -44.66 -22.29
CA ASP A 84 16.47 -45.24 -21.09
C ASP A 84 15.21 -44.48 -20.68
N LEU A 85 14.09 -45.20 -20.64
CA LEU A 85 12.82 -44.58 -20.30
C LEU A 85 12.24 -45.13 -19.01
N HIS A 86 12.91 -46.03 -18.31
CA HIS A 86 12.49 -46.39 -16.97
C HIS A 86 12.89 -45.30 -15.99
N ILE A 87 13.96 -44.58 -16.29
CA ILE A 87 14.35 -43.29 -15.72
C ILE A 87 13.51 -42.25 -16.46
N ASP A 88 13.53 -40.99 -16.04
CA ASP A 88 12.74 -39.99 -16.74
C ASP A 88 13.28 -39.70 -18.15
N ASP A 89 12.62 -38.78 -18.82
CA ASP A 89 12.90 -38.45 -20.20
C ASP A 89 13.95 -37.37 -20.39
N HIS A 90 14.70 -37.00 -19.34
CA HIS A 90 15.71 -35.96 -19.52
C HIS A 90 16.88 -36.49 -20.30
N HIS A 91 17.41 -37.65 -19.92
CA HIS A 91 18.64 -38.14 -20.52
C HIS A 91 18.45 -38.56 -21.97
N THR A 92 17.22 -38.77 -22.41
CA THR A 92 16.95 -39.12 -23.79
C THR A 92 16.35 -37.96 -24.58
N THR A 93 16.26 -36.78 -24.00
CA THR A 93 15.90 -35.60 -24.77
C THR A 93 17.06 -34.64 -24.87
N GLU A 94 17.83 -34.50 -23.80
CA GLU A 94 19.08 -33.74 -23.82
C GLU A 94 20.08 -34.37 -24.78
N ASP A 95 20.24 -35.70 -24.73
CA ASP A 95 21.19 -36.36 -25.60
C ASP A 95 20.73 -36.36 -27.06
N CYS A 96 19.42 -36.41 -27.30
CA CYS A 96 18.90 -36.33 -28.66
C CYS A 96 18.78 -34.91 -29.16
N GLY A 97 19.28 -33.93 -28.41
CA GLY A 97 19.35 -32.56 -28.88
C GLY A 97 20.77 -32.13 -29.09
N ILE A 98 21.69 -32.74 -28.32
CA ILE A 98 23.11 -32.53 -28.55
C ILE A 98 23.52 -33.14 -29.88
N ALA A 99 23.10 -34.36 -30.15
CA ALA A 99 23.46 -34.99 -31.41
C ALA A 99 22.71 -34.40 -32.59
N LEU A 100 21.57 -33.75 -32.35
CA LEU A 100 20.83 -33.12 -33.43
C LEU A 100 21.36 -31.72 -33.72
N GLY A 101 22.07 -31.11 -32.78
CA GLY A 101 22.82 -29.91 -33.10
C GLY A 101 24.11 -30.21 -33.80
N GLN A 102 24.75 -31.33 -33.47
CA GLN A 102 25.98 -31.71 -34.14
C GLN A 102 25.73 -32.11 -35.59
N ALA A 103 24.59 -32.75 -35.87
CA ALA A 103 24.29 -33.13 -37.24
C ALA A 103 23.97 -31.91 -38.09
N PHE A 104 23.31 -30.91 -37.50
CA PHE A 104 23.12 -29.64 -38.20
C PHE A 104 24.43 -28.88 -38.37
N LYS A 105 25.35 -29.03 -37.43
CA LYS A 105 26.62 -28.32 -37.54
C LYS A 105 27.51 -28.91 -38.62
N GLU A 106 27.57 -30.25 -38.69
CA GLU A 106 28.42 -30.89 -39.68
C GLU A 106 27.84 -30.82 -41.08
N ALA A 107 26.54 -30.55 -41.19
CA ALA A 107 25.93 -30.49 -42.52
C ALA A 107 26.22 -29.17 -43.22
N LEU A 108 26.51 -28.11 -42.49
CA LEU A 108 26.99 -26.86 -43.08
C LEU A 108 28.35 -26.57 -42.47
N GLY A 109 29.42 -26.88 -43.21
CA GLY A 109 30.75 -26.64 -42.71
C GLY A 109 31.13 -25.17 -42.77
N ALA A 110 31.27 -24.65 -43.98
CA ALA A 110 31.70 -23.27 -44.19
C ALA A 110 30.49 -22.36 -44.06
N VAL A 111 30.47 -21.54 -43.02
CA VAL A 111 29.46 -20.51 -42.91
C VAL A 111 29.95 -19.33 -43.73
N ARG A 112 29.64 -19.35 -45.02
CA ARG A 112 29.93 -18.23 -45.89
C ARG A 112 28.94 -18.24 -47.04
N GLY A 113 28.60 -17.07 -47.53
CA GLY A 113 27.57 -16.95 -48.53
C GLY A 113 26.18 -17.17 -48.01
N VAL A 114 25.97 -17.01 -46.70
CA VAL A 114 24.66 -17.21 -46.09
C VAL A 114 24.20 -15.90 -45.49
N LYS A 115 22.88 -15.81 -45.24
CA LYS A 115 22.31 -14.61 -44.67
C LYS A 115 22.78 -14.35 -43.26
N ARG A 116 23.02 -15.42 -42.49
CA ARG A 116 23.53 -15.50 -41.12
C ARG A 116 22.48 -15.06 -40.08
N PHE A 117 21.44 -14.36 -40.49
CA PHE A 117 20.43 -13.84 -39.57
C PHE A 117 19.07 -14.27 -40.08
N GLY A 118 18.46 -15.24 -39.40
CA GLY A 118 17.11 -15.64 -39.67
C GLY A 118 16.23 -15.27 -38.50
N SER A 119 15.06 -14.72 -38.81
CA SER A 119 14.03 -14.45 -37.81
C SER A 119 12.75 -15.09 -38.29
N GLY A 120 12.09 -15.82 -37.41
CA GLY A 120 10.86 -16.46 -37.81
C GLY A 120 9.77 -16.33 -36.80
N PHE A 121 8.65 -15.74 -37.20
CA PHE A 121 7.42 -15.79 -36.43
C PHE A 121 6.57 -16.93 -36.95
N ALA A 122 5.92 -17.62 -36.04
CA ALA A 122 4.97 -18.66 -36.45
C ALA A 122 3.85 -18.73 -35.44
N PRO A 123 2.60 -18.63 -35.87
CA PRO A 123 1.49 -18.83 -34.93
C PRO A 123 1.00 -20.28 -34.97
N LEU A 124 0.32 -20.64 -33.90
CA LEU A 124 -0.49 -21.85 -33.92
C LEU A 124 -1.64 -21.58 -32.96
N ASP A 125 -2.73 -21.00 -33.49
CA ASP A 125 -4.06 -21.05 -32.89
C ASP A 125 -4.07 -20.44 -31.49
N GLU A 126 -3.82 -19.13 -31.45
CA GLU A 126 -3.66 -18.14 -30.38
C GLU A 126 -2.29 -18.16 -29.73
N ALA A 127 -1.41 -19.08 -30.05
CA ALA A 127 -0.05 -19.02 -29.59
C ALA A 127 0.81 -18.34 -30.64
N LEU A 128 1.81 -17.59 -30.20
CA LEU A 128 2.67 -16.85 -31.10
C LEU A 128 4.09 -16.87 -30.58
N SER A 129 5.00 -17.43 -31.37
CA SER A 129 6.40 -17.57 -30.99
C SER A 129 7.27 -16.95 -32.06
N ARG A 130 8.30 -16.23 -31.64
CA ARG A 130 9.35 -15.82 -32.56
C ARG A 130 10.63 -16.56 -32.22
N ALA A 131 11.46 -16.74 -33.23
CA ALA A 131 12.76 -17.35 -33.04
C ALA A 131 13.73 -16.61 -33.92
N VAL A 132 14.82 -16.13 -33.34
CA VAL A 132 15.90 -15.58 -34.12
C VAL A 132 17.09 -16.52 -33.98
N VAL A 133 17.96 -16.53 -34.98
CA VAL A 133 19.09 -17.44 -35.03
C VAL A 133 20.26 -16.67 -35.65
N ASP A 134 21.49 -17.06 -35.31
CA ASP A 134 22.61 -16.19 -35.60
C ASP A 134 23.74 -16.86 -36.36
N LEU A 135 23.89 -18.19 -36.26
CA LEU A 135 24.91 -18.98 -36.96
C LEU A 135 26.34 -18.51 -36.69
N SER A 136 26.60 -17.86 -35.57
CA SER A 136 27.93 -17.44 -35.18
C SER A 136 28.50 -18.45 -34.20
N ASN A 137 29.78 -18.78 -34.33
CA ASN A 137 30.34 -19.96 -33.66
C ASN A 137 30.40 -19.86 -32.15
N ARG A 138 29.88 -18.86 -31.49
CA ARG A 138 29.66 -19.00 -30.06
C ARG A 138 28.23 -19.49 -29.81
N PRO A 139 28.04 -20.56 -29.03
CA PRO A 139 26.69 -21.04 -28.76
C PRO A 139 26.02 -20.20 -27.69
N TYR A 140 24.73 -19.94 -27.88
CA TYR A 140 23.96 -19.26 -26.85
C TYR A 140 22.49 -19.58 -27.04
N ALA A 141 21.74 -19.62 -25.94
CA ALA A 141 20.34 -20.02 -26.02
C ALA A 141 19.53 -19.27 -24.96
N VAL A 142 18.62 -18.42 -25.42
CA VAL A 142 17.70 -17.70 -24.55
C VAL A 142 16.29 -18.17 -24.89
N VAL A 143 15.82 -19.18 -24.19
CA VAL A 143 14.57 -19.85 -24.51
C VAL A 143 13.56 -19.52 -23.42
N GLU A 144 12.55 -18.72 -23.76
CA GLU A 144 11.59 -18.22 -22.78
C GLU A 144 10.17 -18.65 -23.11
N LEU A 145 9.99 -19.93 -23.42
CA LEU A 145 8.68 -20.54 -23.55
C LEU A 145 8.00 -20.57 -22.18
N GLY A 146 6.95 -19.77 -22.00
CA GLY A 146 6.32 -19.79 -20.70
C GLY A 146 5.25 -20.84 -20.62
N LEU A 147 5.62 -22.03 -20.16
CA LEU A 147 4.76 -23.20 -20.18
C LEU A 147 4.26 -23.46 -18.77
N GLN A 148 2.94 -23.40 -18.59
CA GLN A 148 2.31 -23.60 -17.29
C GLN A 148 1.74 -25.00 -17.15
N ARG A 149 2.47 -25.97 -17.67
CA ARG A 149 2.10 -27.38 -17.66
C ARG A 149 3.32 -28.15 -17.16
N GLU A 150 3.10 -29.34 -16.62
CA GLU A 150 4.24 -30.15 -16.18
C GLU A 150 4.64 -31.23 -17.16
N LYS A 151 3.70 -31.84 -17.88
CA LYS A 151 4.01 -32.81 -18.91
C LYS A 151 3.02 -32.65 -20.04
N VAL A 152 3.48 -32.80 -21.28
CA VAL A 152 2.54 -32.61 -22.38
C VAL A 152 1.90 -33.93 -22.77
N GLY A 153 2.66 -34.86 -23.37
CA GLY A 153 2.14 -36.20 -23.41
C GLY A 153 3.10 -37.21 -22.82
N ASP A 154 4.37 -37.04 -23.16
CA ASP A 154 5.47 -37.74 -22.53
C ASP A 154 6.66 -36.85 -22.22
N LEU A 155 6.86 -35.77 -22.97
CA LEU A 155 7.83 -34.76 -22.58
C LEU A 155 7.44 -34.13 -21.26
N SER A 156 8.45 -33.80 -20.47
CA SER A 156 8.25 -33.24 -19.15
C SER A 156 8.22 -31.73 -19.15
N CYS A 157 8.08 -31.09 -20.32
CA CYS A 157 7.64 -29.70 -20.49
C CYS A 157 8.60 -28.66 -19.92
N GLU A 158 9.64 -29.08 -19.22
CA GLU A 158 10.80 -28.28 -18.92
C GLU A 158 11.98 -28.74 -19.74
N MET A 159 11.84 -29.87 -20.41
CA MET A 159 12.83 -30.33 -21.36
C MET A 159 12.69 -29.67 -22.72
N ILE A 160 11.53 -29.11 -23.02
CA ILE A 160 11.31 -28.37 -24.26
C ILE A 160 12.21 -27.13 -24.34
N PRO A 161 12.45 -26.34 -23.26
CA PRO A 161 13.54 -25.38 -23.35
C PRO A 161 14.90 -26.00 -23.29
N HIS A 162 15.04 -27.13 -22.60
CA HIS A 162 16.32 -27.78 -22.41
C HIS A 162 16.79 -28.48 -23.68
N PHE A 163 15.85 -28.85 -24.54
CA PHE A 163 16.19 -29.37 -25.86
C PHE A 163 16.79 -28.28 -26.73
N LEU A 164 16.14 -27.12 -26.76
CA LEU A 164 16.62 -26.01 -27.57
C LEU A 164 17.88 -25.39 -26.99
N GLU A 165 18.09 -25.54 -25.68
CA GLU A 165 19.34 -25.13 -25.06
C GLU A 165 20.49 -25.95 -25.58
N SER A 166 20.36 -27.27 -25.56
CA SER A 166 21.43 -28.15 -26.02
C SER A 166 21.55 -28.19 -27.53
N PHE A 167 20.48 -27.85 -28.25
CA PHE A 167 20.57 -27.75 -29.69
C PHE A 167 21.46 -26.58 -30.10
N ALA A 168 21.22 -25.41 -29.53
CA ALA A 168 22.08 -24.26 -29.82
C ALA A 168 23.47 -24.43 -29.26
N GLU A 169 23.62 -25.20 -28.19
CA GLU A 169 24.92 -25.45 -27.58
C GLU A 169 25.83 -26.26 -28.49
N ALA A 170 25.34 -27.37 -29.00
CA ALA A 170 26.14 -28.28 -29.80
C ALA A 170 26.19 -27.90 -31.27
N SER A 171 25.31 -27.03 -31.73
CA SER A 171 25.33 -26.55 -33.10
C SER A 171 26.09 -25.26 -33.27
N ARG A 172 26.55 -24.65 -32.18
CA ARG A 172 27.33 -23.41 -32.17
C ARG A 172 26.57 -22.27 -32.84
N ILE A 173 25.32 -22.07 -32.41
CA ILE A 173 24.51 -20.96 -32.89
C ILE A 173 23.97 -20.22 -31.68
N THR A 174 23.64 -18.95 -31.90
CA THR A 174 22.98 -18.12 -30.90
C THR A 174 21.50 -18.08 -31.23
N LEU A 175 20.67 -18.30 -30.22
CA LEU A 175 19.25 -18.57 -30.42
C LEU A 175 18.42 -17.89 -29.34
N HIS A 176 17.42 -17.13 -29.79
CA HIS A 176 16.44 -16.51 -28.91
C HIS A 176 15.07 -16.99 -29.35
N VAL A 177 14.46 -17.88 -28.58
CA VAL A 177 13.10 -18.34 -28.83
C VAL A 177 12.22 -17.86 -27.69
N ASP A 178 11.15 -17.16 -28.01
CA ASP A 178 10.29 -16.52 -27.01
C ASP A 178 8.85 -16.62 -27.48
N CYS A 179 8.01 -17.29 -26.70
CA CYS A 179 6.59 -17.35 -27.00
C CYS A 179 5.90 -16.11 -26.48
N LEU A 180 5.26 -15.38 -27.38
CA LEU A 180 4.72 -14.08 -27.06
C LEU A 180 3.38 -14.16 -26.37
N ARG A 181 2.56 -15.15 -26.73
CA ARG A 181 1.25 -15.33 -26.13
C ARG A 181 0.83 -16.77 -26.35
N GLY A 182 -0.30 -17.13 -25.77
CA GLY A 182 -0.86 -18.46 -25.93
C GLY A 182 -1.21 -19.05 -24.58
N LYS A 183 -2.23 -19.90 -24.56
CA LYS A 183 -2.63 -20.51 -23.30
C LYS A 183 -2.91 -22.00 -23.46
N ASN A 184 -2.46 -22.60 -24.55
CA ASN A 184 -2.44 -24.03 -24.77
C ASN A 184 -0.98 -24.40 -25.02
N ASP A 185 -0.44 -25.31 -24.21
CA ASP A 185 0.99 -25.54 -24.24
C ASP A 185 1.43 -26.56 -25.28
N HIS A 186 0.52 -27.32 -25.87
CA HIS A 186 0.84 -27.97 -27.13
C HIS A 186 1.02 -26.93 -28.21
N HIS A 187 0.07 -25.97 -28.27
CA HIS A 187 0.16 -24.87 -29.22
C HIS A 187 1.36 -24.00 -28.96
N ARG A 188 1.67 -23.75 -27.71
CA ARG A 188 2.74 -22.84 -27.37
C ARG A 188 4.11 -23.46 -27.67
N SER A 189 4.25 -24.77 -27.52
CA SER A 189 5.55 -25.38 -27.77
C SER A 189 5.73 -25.78 -29.23
N GLU A 190 4.66 -26.07 -29.95
CA GLU A 190 4.80 -26.42 -31.35
C GLU A 190 5.06 -25.18 -32.19
N SER A 191 4.50 -24.05 -31.79
CA SER A 191 4.75 -22.81 -32.50
C SER A 191 6.19 -22.36 -32.34
N ALA A 192 6.85 -22.76 -31.26
CA ALA A 192 8.26 -22.44 -31.07
C ALA A 192 9.13 -23.22 -32.03
N PHE A 193 8.82 -24.50 -32.24
CA PHE A 193 9.57 -25.29 -33.20
C PHE A 193 9.22 -24.94 -34.64
N LYS A 194 8.02 -24.46 -34.88
CA LYS A 194 7.69 -23.97 -36.22
C LYS A 194 8.31 -22.61 -36.49
N ALA A 195 8.56 -21.81 -35.45
CA ALA A 195 9.23 -20.54 -35.62
C ALA A 195 10.72 -20.72 -35.84
N LEU A 196 11.32 -21.70 -35.16
CA LEU A 196 12.72 -22.01 -35.37
C LEU A 196 12.97 -22.56 -36.77
N ALA A 197 11.99 -23.26 -37.32
CA ALA A 197 12.12 -23.78 -38.66
C ALA A 197 12.13 -22.66 -39.69
N VAL A 198 11.44 -21.56 -39.42
CA VAL A 198 11.46 -20.43 -40.35
C VAL A 198 12.79 -19.70 -40.24
N ALA A 199 13.36 -19.64 -39.04
CA ALA A 199 14.57 -18.85 -38.82
C ALA A 199 15.81 -19.54 -39.38
N ILE A 200 15.92 -20.85 -39.19
CA ILE A 200 17.04 -21.61 -39.75
C ILE A 200 16.99 -21.62 -41.27
N ARG A 201 15.77 -21.70 -41.83
CA ARG A 201 15.59 -21.61 -43.27
C ARG A 201 16.00 -20.24 -43.81
N GLU A 202 15.82 -19.19 -43.01
CA GLU A 202 16.15 -17.84 -43.44
C GLU A 202 17.63 -17.53 -43.24
N ALA A 203 18.24 -18.08 -42.20
CA ALA A 203 19.66 -17.83 -41.97
C ALA A 203 20.54 -18.64 -42.89
N THR A 204 20.23 -19.92 -43.07
CA THR A 204 20.93 -20.74 -44.06
C THR A 204 20.20 -20.51 -45.37
N SER A 205 20.66 -19.53 -46.12
CA SER A 205 20.01 -19.16 -47.37
C SER A 205 21.08 -18.67 -48.33
N PRO A 206 20.87 -18.81 -49.63
CA PRO A 206 21.88 -18.32 -50.58
C PRO A 206 21.93 -16.81 -50.65
N ASN A 207 22.72 -16.21 -49.77
CA ASN A 207 23.02 -14.77 -49.85
C ASN A 207 23.64 -14.40 -51.18
N GLY A 208 24.52 -15.24 -51.69
CA GLY A 208 25.31 -14.88 -52.85
C GLY A 208 26.57 -14.15 -52.46
N THR A 209 27.39 -13.88 -53.47
CA THR A 209 28.64 -13.13 -53.51
C THR A 209 29.80 -13.79 -52.76
N ASN A 210 29.58 -14.91 -52.06
CA ASN A 210 30.63 -15.79 -51.51
C ASN A 210 31.55 -15.04 -50.55
N ASP A 211 30.99 -14.62 -49.42
CA ASP A 211 31.76 -13.90 -48.42
C ASP A 211 31.27 -14.30 -47.04
N VAL A 212 32.23 -14.52 -46.14
CA VAL A 212 31.93 -14.86 -44.75
C VAL A 212 31.38 -13.62 -44.05
N PRO A 213 30.12 -13.65 -43.60
CA PRO A 213 29.46 -12.41 -43.16
C PRO A 213 29.79 -12.02 -41.72
N SER A 214 31.00 -11.52 -41.50
CA SER A 214 31.40 -11.15 -40.17
C SER A 214 32.42 -10.02 -40.22
N THR A 215 32.44 -9.23 -39.16
CA THR A 215 33.47 -8.21 -38.99
C THR A 215 34.83 -8.84 -38.76
N LYS A 216 34.90 -9.82 -37.85
CA LYS A 216 36.17 -10.46 -37.52
C LYS A 216 36.61 -11.48 -38.55
N GLY A 217 35.82 -11.71 -39.59
CA GLY A 217 36.22 -12.55 -40.70
C GLY A 217 36.23 -14.04 -40.44
N VAL A 218 35.85 -14.49 -39.25
CA VAL A 218 35.92 -15.90 -38.87
C VAL A 218 34.53 -16.36 -38.49
N LEU A 219 33.94 -17.22 -39.30
CA LEU A 219 32.74 -17.95 -38.94
C LEU A 219 32.86 -19.38 -39.42
N GLU B 3 56.97 -27.21 16.85
CA GLU B 3 57.25 -26.29 15.77
C GLU B 3 56.42 -25.01 15.86
N GLN B 4 55.10 -25.16 15.76
CA GLN B 4 54.18 -24.03 15.76
C GLN B 4 53.61 -23.86 17.16
N LYS B 5 54.43 -23.26 18.03
CA LYS B 5 54.04 -23.01 19.41
C LYS B 5 54.32 -21.56 19.75
N ALA B 6 53.50 -21.02 20.65
CA ALA B 6 53.66 -19.66 21.12
C ALA B 6 52.99 -19.54 22.48
N LEU B 7 53.51 -18.63 23.31
CA LEU B 7 52.90 -18.29 24.58
C LEU B 7 52.80 -16.78 24.69
N VAL B 8 51.64 -16.29 25.09
CA VAL B 8 51.35 -14.85 25.16
C VAL B 8 50.85 -14.53 26.55
N LYS B 9 51.53 -13.63 27.24
CA LYS B 9 51.15 -13.17 28.57
C LYS B 9 50.76 -11.71 28.46
N ARG B 10 49.46 -11.45 28.35
CA ARG B 10 48.95 -10.10 28.16
C ARG B 10 48.43 -9.58 29.49
N ILE B 11 49.04 -8.51 29.99
CA ILE B 11 48.79 -8.02 31.34
C ILE B 11 48.32 -6.58 31.23
N THR B 12 47.05 -6.34 31.58
CA THR B 12 46.50 -4.99 31.62
C THR B 12 45.79 -4.81 32.97
N ASN B 13 45.30 -3.59 33.21
CA ASN B 13 44.68 -3.28 34.51
C ASN B 13 43.27 -3.82 34.63
N GLU B 14 42.75 -4.49 33.60
CA GLU B 14 41.46 -5.13 33.65
C GLU B 14 41.57 -6.64 33.75
N THR B 15 42.38 -7.25 32.89
CA THR B 15 42.55 -8.69 32.85
C THR B 15 44.03 -9.05 32.87
N LYS B 16 44.32 -10.26 33.31
CA LYS B 16 45.64 -10.86 33.16
C LYS B 16 45.47 -12.15 32.40
N ILE B 17 46.22 -12.29 31.31
CA ILE B 17 46.01 -13.37 30.34
C ILE B 17 47.30 -14.18 30.28
N GLN B 18 47.17 -15.49 30.07
CA GLN B 18 48.31 -16.30 29.68
C GLN B 18 47.80 -17.40 28.76
N ILE B 19 48.16 -17.32 27.49
CA ILE B 19 47.67 -18.25 26.48
C ILE B 19 48.85 -18.96 25.84
N ALA B 20 48.91 -20.27 26.00
CA ALA B 20 49.88 -21.11 25.32
C ALA B 20 49.17 -21.95 24.28
N ILE B 21 49.69 -21.94 23.06
CA ILE B 21 49.03 -22.58 21.93
C ILE B 21 50.04 -23.49 21.24
N SER B 22 49.52 -24.55 20.62
CA SER B 22 50.30 -25.39 19.72
C SER B 22 49.40 -25.76 18.57
N LEU B 23 49.73 -25.30 17.37
CA LEU B 23 48.83 -25.50 16.24
C LEU B 23 48.90 -26.93 15.71
N LYS B 24 50.05 -27.58 15.83
CA LYS B 24 50.21 -28.95 15.34
C LYS B 24 49.76 -29.99 16.35
N GLY B 25 49.22 -29.57 17.50
CA GLY B 25 48.76 -30.51 18.51
C GLY B 25 49.83 -30.83 19.52
N GLY B 26 49.82 -32.06 20.02
CA GLY B 26 50.82 -32.50 20.97
C GLY B 26 50.56 -32.01 22.37
N PRO B 27 51.54 -32.15 23.25
CA PRO B 27 51.37 -31.72 24.64
C PRO B 27 51.74 -30.26 24.86
N LEU B 28 51.20 -29.72 25.95
CA LEU B 28 51.52 -28.38 26.42
C LEU B 28 51.43 -28.32 27.94
N ALA B 29 52.25 -27.46 28.52
CA ALA B 29 52.19 -27.17 29.94
C ALA B 29 52.49 -25.69 30.13
N ILE B 30 52.47 -25.25 31.37
CA ILE B 30 52.89 -23.89 31.72
C ILE B 30 53.90 -23.97 32.84
N GLU B 31 55.08 -23.39 32.63
CA GLU B 31 56.14 -23.45 33.62
C GLU B 31 55.84 -22.60 34.84
N HIS B 32 55.04 -21.55 34.68
CA HIS B 32 54.68 -20.68 35.81
C HIS B 32 53.32 -20.07 35.51
N SER B 33 52.27 -20.64 36.12
CA SER B 33 50.90 -20.23 35.84
C SER B 33 50.54 -18.97 36.61
N ILE B 34 49.38 -18.40 36.27
CA ILE B 34 48.90 -17.21 36.96
C ILE B 34 47.81 -17.51 37.98
N PHE B 35 47.21 -18.69 37.95
CA PHE B 35 46.27 -19.05 39.00
C PHE B 35 47.04 -19.44 40.26
N PRO B 36 46.48 -19.20 41.45
CA PRO B 36 47.17 -19.63 42.68
C PRO B 36 47.16 -21.15 42.82
N GLU B 37 48.31 -21.68 43.27
CA GLU B 37 48.55 -23.11 43.50
C GLU B 37 48.33 -23.93 42.22
N LYS B 38 49.15 -23.61 41.23
CA LYS B 38 49.17 -24.23 39.90
C LYS B 38 47.82 -24.19 39.19
N ALA B 44 35.67 -27.44 30.61
CA ALA B 44 36.11 -27.64 29.24
C ALA B 44 37.60 -28.00 29.18
N GLU B 45 37.91 -29.24 29.51
CA GLU B 45 39.29 -29.74 29.53
C GLU B 45 39.35 -31.09 28.85
N GLN B 46 40.04 -31.15 27.72
CA GLN B 46 40.23 -32.39 26.98
C GLN B 46 41.73 -32.67 26.86
N ALA B 47 42.16 -33.84 27.31
CA ALA B 47 43.58 -34.15 27.38
C ALA B 47 43.84 -35.58 26.89
N THR B 48 43.27 -35.95 25.74
CA THR B 48 43.24 -37.34 25.32
C THR B 48 44.39 -37.60 24.33
N GLN B 49 45.63 -37.51 24.84
CA GLN B 49 46.82 -38.18 24.30
C GLN B 49 47.28 -37.71 22.91
N SER B 50 46.53 -36.82 22.26
CA SER B 50 46.91 -36.30 20.96
C SER B 50 47.04 -34.80 21.05
N GLN B 51 46.06 -34.18 21.68
CA GLN B 51 46.04 -32.74 21.94
C GLN B 51 45.51 -32.50 23.33
N VAL B 52 46.02 -31.46 23.99
CA VAL B 52 45.56 -31.08 25.32
C VAL B 52 45.01 -29.66 25.25
N ILE B 53 43.72 -29.52 25.52
CA ILE B 53 43.07 -28.23 25.48
C ILE B 53 42.35 -28.00 26.81
N ASN B 54 42.75 -26.92 27.50
CA ASN B 54 42.30 -26.65 28.85
C ASN B 54 42.14 -25.14 28.96
N VAL B 55 40.90 -24.68 28.86
CA VAL B 55 40.58 -23.26 28.88
C VAL B 55 39.95 -22.91 30.22
N HIS B 56 40.48 -21.89 30.87
CA HIS B 56 39.95 -21.42 32.15
C HIS B 56 39.80 -19.91 32.05
N THR B 57 38.67 -19.47 31.54
CA THR B 57 38.24 -18.09 31.69
C THR B 57 37.14 -18.04 32.74
N GLY B 58 36.77 -16.83 33.15
CA GLY B 58 35.71 -16.71 34.13
C GLY B 58 34.34 -16.99 33.56
N ILE B 59 34.21 -17.00 32.24
CA ILE B 59 32.94 -17.22 31.56
C ILE B 59 32.90 -18.67 31.13
N GLY B 60 31.83 -19.38 31.51
CA GLY B 60 31.76 -20.79 31.19
C GLY B 60 31.36 -21.10 29.77
N PHE B 61 30.50 -20.27 29.19
CA PHE B 61 30.10 -20.49 27.81
C PHE B 61 31.17 -20.05 26.83
N LEU B 62 31.99 -19.07 27.21
CA LEU B 62 33.13 -18.68 26.40
C LEU B 62 34.28 -19.65 26.53
N ASP B 63 34.33 -20.42 27.62
CA ASP B 63 35.23 -21.57 27.66
C ASP B 63 34.83 -22.60 26.64
N HIS B 64 33.53 -22.82 26.47
CA HIS B 64 33.04 -23.86 25.58
C HIS B 64 33.21 -23.51 24.12
N MET B 65 33.32 -22.23 23.79
CA MET B 65 33.50 -21.85 22.40
C MET B 65 34.95 -21.86 21.97
N ILE B 66 35.86 -21.55 22.88
CA ILE B 66 37.28 -21.71 22.59
C ILE B 66 37.64 -23.19 22.59
N HIS B 67 36.95 -23.99 23.39
CA HIS B 67 37.20 -25.42 23.44
C HIS B 67 36.80 -26.11 22.14
N ALA B 68 35.60 -25.80 21.64
CA ALA B 68 35.16 -26.36 20.37
C ALA B 68 35.94 -25.80 19.20
N LEU B 69 36.51 -24.61 19.34
CA LEU B 69 37.40 -24.07 18.32
C LEU B 69 38.70 -24.85 18.26
N ALA B 70 39.29 -25.15 19.40
CA ALA B 70 40.57 -25.84 19.40
C ALA B 70 40.43 -27.34 19.27
N LYS B 71 39.27 -27.90 19.58
CA LYS B 71 39.09 -29.34 19.42
C LYS B 71 39.04 -29.74 17.96
N HIS B 72 38.36 -28.94 17.13
CA HIS B 72 38.20 -29.26 15.74
C HIS B 72 39.21 -28.55 14.86
N SER B 73 40.23 -27.93 15.44
CA SER B 73 41.35 -27.36 14.70
C SER B 73 42.61 -28.18 14.80
N GLY B 74 42.65 -29.18 15.67
CA GLY B 74 43.89 -29.89 15.90
C GLY B 74 44.83 -29.16 16.82
N TRP B 75 44.34 -28.19 17.58
CA TRP B 75 45.18 -27.37 18.44
C TRP B 75 45.37 -28.02 19.79
N SER B 76 46.49 -27.70 20.42
CA SER B 76 46.65 -27.78 21.86
C SER B 76 46.64 -26.36 22.39
N LEU B 77 45.83 -26.09 23.40
CA LEU B 77 45.59 -24.70 23.78
C LEU B 77 45.28 -24.61 25.27
N ILE B 78 46.06 -23.83 25.99
CA ILE B 78 45.82 -23.54 27.40
C ILE B 78 45.51 -22.06 27.52
N VAL B 79 44.36 -21.74 28.08
CA VAL B 79 43.90 -20.36 28.23
C VAL B 79 43.67 -20.08 29.71
N GLU B 80 44.25 -19.01 30.20
CA GLU B 80 44.06 -18.61 31.57
C GLU B 80 43.61 -17.18 31.51
N CYS B 81 42.70 -16.81 32.38
CA CYS B 81 42.23 -15.43 32.38
C CYS B 81 41.66 -15.06 33.72
N ILE B 82 42.29 -14.07 34.33
CA ILE B 82 41.86 -13.56 35.62
C ILE B 82 41.30 -12.22 35.26
N GLY B 83 40.01 -12.19 34.98
CA GLY B 83 39.38 -10.96 34.58
C GLY B 83 38.34 -10.46 35.56
N ASP B 84 37.97 -9.20 35.44
CA ASP B 84 36.99 -8.60 36.35
C ASP B 84 35.57 -9.01 35.94
N LEU B 85 34.87 -9.66 36.85
CA LEU B 85 33.53 -10.12 36.58
C LEU B 85 32.47 -9.47 37.46
N HIS B 86 32.86 -8.53 38.33
CA HIS B 86 31.86 -7.72 39.00
C HIS B 86 31.32 -6.65 38.07
N ILE B 87 32.14 -6.23 37.10
CA ILE B 87 31.76 -5.50 35.89
C ILE B 87 31.25 -6.56 34.93
N ASP B 88 30.69 -6.16 33.78
CA ASP B 88 30.20 -7.17 32.84
C ASP B 88 31.34 -7.96 32.19
N ASP B 89 30.96 -8.87 31.31
CA ASP B 89 31.88 -9.79 30.67
C ASP B 89 32.51 -9.27 29.39
N HIS B 90 32.40 -7.98 29.09
CA HIS B 90 32.99 -7.48 27.86
C HIS B 90 34.51 -7.43 27.99
N HIS B 91 35.00 -6.85 29.07
CA HIS B 91 36.44 -6.61 29.20
C HIS B 91 37.22 -7.89 29.35
N THR B 92 36.58 -8.98 29.72
CA THR B 92 37.24 -10.27 29.84
C THR B 92 36.91 -11.22 28.71
N THR B 93 36.19 -10.77 27.70
CA THR B 93 36.03 -11.55 26.49
C THR B 93 36.74 -10.91 25.32
N GLU B 94 36.68 -9.59 25.23
CA GLU B 94 37.47 -8.84 24.26
C GLU B 94 38.96 -9.02 24.49
N ASP B 95 39.41 -8.94 25.74
CA ASP B 95 40.83 -9.09 26.02
C ASP B 95 41.29 -10.53 25.84
N CYS B 96 40.43 -11.51 26.10
CA CYS B 96 40.77 -12.91 25.88
C CYS B 96 40.58 -13.33 24.44
N GLY B 97 40.29 -12.40 23.54
CA GLY B 97 40.22 -12.68 22.11
C GLY B 97 41.34 -11.99 21.38
N ILE B 98 41.78 -10.85 21.92
CA ILE B 98 42.96 -10.17 21.40
C ILE B 98 44.20 -11.01 21.65
N ALA B 99 44.35 -11.52 22.88
CA ALA B 99 45.51 -12.34 23.17
C ALA B 99 45.44 -13.71 22.53
N LEU B 100 44.26 -14.18 22.17
CA LEU B 100 44.13 -15.46 21.50
C LEU B 100 44.32 -15.34 20.00
N GLY B 101 44.16 -14.13 19.45
CA GLY B 101 44.60 -13.91 18.08
C GLY B 101 46.10 -13.70 17.99
N GLN B 102 46.70 -13.09 19.01
CA GLN B 102 48.15 -12.91 19.01
C GLN B 102 48.89 -14.23 19.16
N ALA B 103 48.33 -15.15 19.94
CA ALA B 103 48.97 -16.45 20.11
C ALA B 103 48.88 -17.28 18.84
N PHE B 104 47.77 -17.16 18.11
CA PHE B 104 47.67 -17.80 16.81
C PHE B 104 48.58 -17.13 15.79
N LYS B 105 48.81 -15.82 15.92
CA LYS B 105 49.66 -15.14 14.97
C LYS B 105 51.13 -15.49 15.17
N GLU B 106 51.58 -15.55 16.42
CA GLU B 106 52.98 -15.86 16.68
C GLU B 106 53.30 -17.32 16.49
N ALA B 107 52.29 -18.19 16.44
CA ALA B 107 52.53 -19.60 16.26
C ALA B 107 52.81 -19.96 14.81
N LEU B 108 52.33 -19.15 13.86
CA LEU B 108 52.71 -19.30 12.46
C LEU B 108 53.34 -17.98 12.02
N GLY B 109 54.67 -17.96 11.97
CA GLY B 109 55.35 -16.75 11.57
C GLY B 109 55.29 -16.52 10.07
N ALA B 110 55.94 -17.39 9.31
CA ALA B 110 56.03 -17.25 7.87
C ALA B 110 54.77 -17.84 7.25
N VAL B 111 53.94 -16.98 6.66
CA VAL B 111 52.80 -17.47 5.90
C VAL B 111 53.33 -17.79 4.51
N ARG B 112 53.84 -19.01 4.35
CA ARG B 112 54.26 -19.49 3.04
C ARG B 112 54.15 -21.01 3.04
N GLY B 113 53.84 -21.56 1.88
CA GLY B 113 53.58 -22.98 1.79
C GLY B 113 52.25 -23.40 2.37
N VAL B 114 51.31 -22.48 2.50
CA VAL B 114 50.00 -22.77 3.06
C VAL B 114 48.95 -22.52 2.00
N LYS B 115 47.77 -23.10 2.23
CA LYS B 115 46.66 -22.96 1.28
C LYS B 115 46.15 -21.52 1.21
N ARG B 116 46.20 -20.81 2.33
CA ARG B 116 45.83 -19.41 2.58
C ARG B 116 44.32 -19.19 2.55
N PHE B 117 43.54 -20.12 2.00
CA PHE B 117 42.10 -19.96 1.86
C PHE B 117 41.45 -21.19 2.45
N GLY B 118 40.85 -21.04 3.64
CA GLY B 118 40.07 -22.09 4.24
C GLY B 118 38.61 -21.66 4.29
N SER B 119 37.74 -22.58 3.92
CA SER B 119 36.30 -22.39 4.05
C SER B 119 35.74 -23.57 4.83
N GLY B 120 34.92 -23.28 5.83
CA GLY B 120 34.37 -24.35 6.61
C GLY B 120 32.90 -24.19 6.89
N PHE B 121 32.10 -25.15 6.47
CA PHE B 121 30.73 -25.28 6.89
C PHE B 121 30.67 -26.25 8.06
N ALA B 122 29.83 -25.93 9.03
CA ALA B 122 29.61 -26.86 10.12
C ALA B 122 28.18 -26.72 10.62
N PRO B 123 27.42 -27.80 10.69
CA PRO B 123 26.09 -27.73 11.27
C PRO B 123 26.12 -28.11 12.75
N LEU B 124 25.08 -27.67 13.43
CA LEU B 124 24.78 -28.21 14.76
C LEU B 124 23.27 -28.11 14.91
N ASP B 125 22.57 -29.17 14.46
CA ASP B 125 21.21 -29.50 14.88
C ASP B 125 20.24 -28.35 14.56
N GLU B 126 20.06 -28.13 13.26
CA GLU B 126 19.30 -27.13 12.48
C GLU B 126 20.01 -25.80 12.34
N ALA B 127 21.12 -25.57 13.00
CA ALA B 127 21.91 -24.37 12.76
C ALA B 127 22.98 -24.68 11.74
N LEU B 128 23.31 -23.70 10.91
CA LEU B 128 24.29 -23.89 9.86
C LEU B 128 25.11 -22.62 9.69
N SER B 129 26.42 -22.73 9.90
CA SER B 129 27.31 -21.60 9.83
C SER B 129 28.45 -21.91 8.87
N ARG B 130 28.81 -20.94 8.05
CA ARG B 130 30.03 -21.03 7.28
C ARG B 130 31.04 -20.02 7.80
N ALA B 131 32.31 -20.34 7.62
CA ALA B 131 33.36 -19.43 7.99
C ALA B 131 34.44 -19.53 6.92
N VAL B 132 34.82 -18.40 6.36
CA VAL B 132 35.96 -18.36 5.47
C VAL B 132 37.05 -17.56 6.16
N VAL B 133 38.30 -17.85 5.81
CA VAL B 133 39.45 -17.24 6.46
C VAL B 133 40.49 -17.02 5.36
N ASP B 134 41.37 -16.03 5.56
CA ASP B 134 42.17 -15.55 4.45
C ASP B 134 43.66 -15.51 4.74
N LEU B 135 44.08 -15.39 6.00
CA LEU B 135 45.48 -15.37 6.42
C LEU B 135 46.32 -14.28 5.76
N SER B 136 45.70 -13.21 5.28
CA SER B 136 46.41 -12.08 4.69
C SER B 136 46.56 -10.99 5.74
N ASN B 137 47.72 -10.34 5.77
CA ASN B 137 48.09 -9.50 6.93
C ASN B 137 47.26 -8.26 7.10
N ARG B 138 46.21 -8.00 6.37
CA ARG B 138 45.26 -7.00 6.82
C ARG B 138 44.14 -7.67 7.62
N PRO B 139 43.85 -7.19 8.82
CA PRO B 139 42.76 -7.80 9.60
C PRO B 139 41.40 -7.31 9.13
N TYR B 140 40.44 -8.24 9.10
CA TYR B 140 39.08 -7.84 8.78
C TYR B 140 38.13 -8.89 9.36
N ALA B 141 36.93 -8.45 9.74
CA ALA B 141 35.99 -9.36 10.39
C ALA B 141 34.56 -8.99 10.02
N VAL B 142 33.89 -9.86 9.31
CA VAL B 142 32.48 -9.69 8.95
C VAL B 142 31.71 -10.82 9.62
N VAL B 143 31.22 -10.58 10.82
CA VAL B 143 30.61 -11.60 11.64
C VAL B 143 29.11 -11.31 11.72
N GLU B 144 28.31 -12.17 11.09
CA GLU B 144 26.87 -11.94 10.99
C GLU B 144 26.07 -13.07 11.62
N LEU B 145 26.45 -13.47 12.82
CA LEU B 145 25.67 -14.37 13.65
C LEU B 145 24.37 -13.69 14.05
N GLY B 146 23.24 -14.14 13.53
CA GLY B 146 22.02 -13.47 13.92
C GLY B 146 21.42 -14.08 15.16
N LEU B 147 21.77 -13.53 16.32
CA LEU B 147 21.42 -14.10 17.61
C LEU B 147 20.30 -13.28 18.23
N GLN B 148 19.15 -13.93 18.45
CA GLN B 148 17.98 -13.27 19.02
C GLN B 148 17.84 -13.56 20.51
N ARG B 149 18.96 -13.57 21.19
CA ARG B 149 19.05 -13.82 22.62
C ARG B 149 19.92 -12.72 23.22
N GLU B 150 19.77 -12.46 24.51
CA GLU B 150 20.61 -11.45 25.15
C GLU B 150 21.78 -12.04 25.93
N LYS B 151 21.62 -13.19 26.56
CA LYS B 151 22.71 -13.87 27.25
C LYS B 151 22.54 -15.36 27.07
N VAL B 152 23.65 -16.08 26.89
CA VAL B 152 23.50 -17.52 26.68
C VAL B 152 23.57 -18.26 28.01
N GLY B 153 24.74 -18.32 28.64
CA GLY B 153 24.72 -18.71 30.03
C GLY B 153 25.41 -17.70 30.92
N ASP B 154 26.54 -17.20 30.44
CA ASP B 154 27.24 -16.06 31.02
C ASP B 154 27.74 -15.09 29.99
N LEU B 155 28.03 -15.52 28.76
CA LEU B 155 28.29 -14.59 27.68
C LEU B 155 27.07 -13.75 27.39
N SER B 156 27.31 -12.51 27.03
CA SER B 156 26.26 -11.55 26.77
C SER B 156 25.83 -11.51 25.33
N CYS B 157 26.22 -12.51 24.52
CA CYS B 157 25.59 -12.86 23.25
C CYS B 157 25.74 -11.80 22.15
N GLU B 158 26.25 -10.62 22.49
CA GLU B 158 26.76 -9.66 21.55
C GLU B 158 28.27 -9.63 21.60
N MET B 159 28.85 -10.30 22.59
CA MET B 159 30.28 -10.47 22.66
C MET B 159 30.77 -11.62 21.80
N ILE B 160 29.89 -12.55 21.43
CA ILE B 160 30.22 -13.64 20.53
C ILE B 160 30.63 -13.12 19.14
N PRO B 161 30.00 -12.09 18.55
CA PRO B 161 30.63 -11.49 17.38
C PRO B 161 31.83 -10.64 17.73
N HIS B 162 31.85 -10.04 18.91
CA HIS B 162 32.92 -9.15 19.31
C HIS B 162 34.18 -9.90 19.67
N PHE B 163 34.04 -11.17 20.04
CA PHE B 163 35.20 -12.05 20.23
C PHE B 163 35.86 -12.35 18.91
N LEU B 164 35.07 -12.72 17.90
CA LEU B 164 35.60 -13.04 16.60
C LEU B 164 36.08 -11.80 15.85
N GLU B 165 35.54 -10.64 16.21
CA GLU B 165 36.05 -9.38 15.68
C GLU B 165 37.47 -9.13 16.15
N SER B 166 37.70 -9.24 17.45
CA SER B 166 39.03 -9.00 17.99
C SER B 166 39.99 -10.14 17.73
N PHE B 167 39.48 -11.34 17.47
CA PHE B 167 40.35 -12.44 17.09
C PHE B 167 40.96 -12.20 15.72
N ALA B 168 40.13 -11.84 14.74
CA ALA B 168 40.65 -11.52 13.41
C ALA B 168 41.46 -10.25 13.41
N GLU B 169 41.18 -9.33 14.32
CA GLU B 169 41.90 -8.07 14.42
C GLU B 169 43.34 -8.28 14.85
N ALA B 170 43.55 -9.03 15.92
CA ALA B 170 44.89 -9.21 16.48
C ALA B 170 45.65 -10.35 15.83
N SER B 171 44.99 -11.22 15.09
CA SER B 171 45.66 -12.29 14.36
C SER B 171 46.01 -11.93 12.94
N ARG B 172 45.56 -10.75 12.47
CA ARG B 172 45.84 -10.24 11.13
C ARG B 172 45.32 -11.18 10.05
N ILE B 173 44.05 -11.59 10.19
CA ILE B 173 43.40 -12.42 9.19
C ILE B 173 42.08 -11.75 8.79
N THR B 174 41.62 -12.08 7.60
CA THR B 174 40.31 -11.64 7.12
C THR B 174 39.33 -12.79 7.30
N LEU B 175 38.17 -12.48 7.87
CA LEU B 175 37.26 -13.50 8.39
C LEU B 175 35.82 -13.10 8.09
N HIS B 176 35.09 -14.03 7.48
CA HIS B 176 33.66 -13.89 7.22
C HIS B 176 32.96 -15.08 7.88
N VAL B 177 32.30 -14.86 9.00
CA VAL B 177 31.51 -15.89 9.65
C VAL B 177 30.04 -15.47 9.60
N ASP B 178 29.20 -16.36 9.07
CA ASP B 178 27.80 -16.05 8.81
C ASP B 178 26.97 -17.29 9.10
N CYS B 179 26.06 -17.18 10.05
CA CYS B 179 25.15 -18.28 10.33
C CYS B 179 23.98 -18.23 9.36
N LEU B 180 23.79 -19.32 8.63
CA LEU B 180 22.85 -19.34 7.54
C LEU B 180 21.42 -19.59 8.01
N ARG B 181 21.26 -20.39 9.05
CA ARG B 181 19.95 -20.70 9.60
C ARG B 181 20.14 -21.17 11.04
N GLY B 182 19.02 -21.40 11.71
CA GLY B 182 19.04 -21.91 13.07
C GLY B 182 18.17 -21.05 13.96
N LYS B 183 17.59 -21.68 14.98
CA LYS B 183 16.72 -20.94 15.88
C LYS B 183 17.00 -21.28 17.34
N ASN B 184 18.13 -21.91 17.62
CA ASN B 184 18.66 -22.11 18.96
C ASN B 184 20.03 -21.46 18.98
N ASP B 185 20.24 -20.53 19.89
CA ASP B 185 21.43 -19.70 19.84
C ASP B 185 22.64 -20.29 20.54
N HIS B 186 22.47 -21.34 21.33
CA HIS B 186 23.61 -22.18 21.66
C HIS B 186 24.08 -22.92 20.42
N HIS B 187 23.13 -23.49 19.67
CA HIS B 187 23.43 -24.16 18.41
C HIS B 187 23.98 -23.21 17.39
N ARG B 188 23.45 -22.00 17.33
CA ARG B 188 23.85 -21.06 16.31
C ARG B 188 25.25 -20.51 16.57
N SER B 189 25.62 -20.35 17.84
CA SER B 189 26.94 -19.80 18.12
C SER B 189 28.02 -20.86 18.20
N GLU B 190 27.67 -22.09 18.56
CA GLU B 190 28.67 -23.16 18.59
C GLU B 190 29.01 -23.62 17.20
N SER B 191 28.05 -23.59 16.29
CA SER B 191 28.31 -23.97 14.91
C SER B 191 29.22 -22.97 14.23
N ALA B 192 29.22 -21.71 14.68
CA ALA B 192 30.13 -20.71 14.14
C ALA B 192 31.56 -21.00 14.54
N PHE B 193 31.78 -21.39 15.78
CA PHE B 193 33.13 -21.74 16.23
C PHE B 193 33.58 -23.09 15.69
N LYS B 194 32.64 -23.99 15.42
CA LYS B 194 33.01 -25.23 14.76
C LYS B 194 33.28 -25.04 13.28
N ALA B 195 32.67 -24.02 12.66
CA ALA B 195 32.95 -23.72 11.26
C ALA B 195 34.28 -23.01 11.10
N LEU B 196 34.63 -22.14 12.05
CA LEU B 196 35.93 -21.48 12.04
C LEU B 196 37.06 -22.46 12.26
N ALA B 197 36.80 -23.52 13.02
CA ALA B 197 37.80 -24.54 13.25
C ALA B 197 38.10 -25.32 11.97
N VAL B 198 37.10 -25.48 11.10
CA VAL B 198 37.34 -26.16 9.83
C VAL B 198 38.11 -25.26 8.89
N ALA B 199 37.86 -23.95 8.94
CA ALA B 199 38.47 -23.04 7.98
C ALA B 199 39.93 -22.77 8.30
N ILE B 200 40.27 -22.59 9.58
CA ILE B 200 41.66 -22.39 9.98
C ILE B 200 42.49 -23.64 9.71
N ARG B 201 41.89 -24.82 9.93
CA ARG B 201 42.53 -26.09 9.61
C ARG B 201 42.79 -26.21 8.11
N GLU B 202 41.91 -25.65 7.29
CA GLU B 202 42.05 -25.76 5.84
C GLU B 202 42.99 -24.70 5.29
N ALA B 203 43.03 -23.52 5.90
CA ALA B 203 43.93 -22.48 5.41
C ALA B 203 45.37 -22.72 5.85
N THR B 204 45.57 -23.09 7.11
CA THR B 204 46.90 -23.50 7.57
C THR B 204 47.03 -24.97 7.26
N SER B 205 47.54 -25.27 6.07
CA SER B 205 47.63 -26.64 5.61
C SER B 205 48.88 -26.75 4.75
N PRO B 206 49.49 -27.92 4.68
CA PRO B 206 50.68 -28.06 3.84
C PRO B 206 50.36 -28.05 2.36
N ASN B 207 50.32 -26.84 1.78
CA ASN B 207 50.20 -26.67 0.34
C ASN B 207 51.34 -27.36 -0.40
N GLY B 208 52.54 -27.28 0.14
CA GLY B 208 53.71 -27.72 -0.57
C GLY B 208 54.28 -26.62 -1.45
N THR B 209 55.42 -26.95 -2.06
CA THR B 209 56.20 -26.19 -3.05
C THR B 209 56.86 -24.92 -2.50
N ASN B 210 56.60 -24.53 -1.25
CA ASN B 210 57.33 -23.50 -0.49
C ASN B 210 57.30 -22.14 -1.22
N ASP B 211 56.11 -21.57 -1.30
CA ASP B 211 55.94 -20.28 -1.96
C ASP B 211 54.90 -19.47 -1.22
N VAL B 212 55.19 -18.19 -1.02
CA VAL B 212 54.25 -17.28 -0.38
C VAL B 212 53.09 -17.00 -1.33
N PRO B 213 51.86 -17.38 -0.96
CA PRO B 213 50.77 -17.40 -1.96
C PRO B 213 50.11 -16.02 -2.11
N SER B 214 50.79 -15.11 -2.79
CA SER B 214 50.23 -13.79 -2.98
C SER B 214 50.76 -13.18 -4.28
N THR B 215 49.96 -12.29 -4.84
CA THR B 215 50.39 -11.51 -6.00
C THR B 215 51.48 -10.53 -5.61
N LYS B 216 51.29 -9.80 -4.52
CA LYS B 216 52.25 -8.79 -4.09
C LYS B 216 53.46 -9.39 -3.39
N GLY B 217 53.50 -10.71 -3.20
CA GLY B 217 54.67 -11.38 -2.68
C GLY B 217 54.93 -11.22 -1.21
N VAL B 218 54.08 -10.51 -0.47
CA VAL B 218 54.30 -10.21 0.94
C VAL B 218 53.12 -10.75 1.73
N LEU B 219 53.36 -11.79 2.53
CA LEU B 219 52.42 -12.24 3.53
C LEU B 219 53.17 -12.60 4.79
N GLU C 3 41.98 46.68 18.22
CA GLU C 3 42.58 46.01 17.07
C GLU C 3 41.53 45.63 16.03
N GLN C 4 40.61 44.75 16.41
CA GLN C 4 39.60 44.24 15.51
C GLN C 4 38.30 45.03 15.70
N LYS C 5 38.27 46.22 15.15
CA LYS C 5 37.12 47.11 15.24
C LYS C 5 36.75 47.60 13.84
N ALA C 6 35.46 47.84 13.65
CA ALA C 6 34.95 48.36 12.39
C ALA C 6 33.62 49.05 12.67
N LEU C 7 33.31 50.05 11.84
CA LEU C 7 32.01 50.70 11.87
C LEU C 7 31.47 50.79 10.45
N VAL C 8 30.21 50.43 10.29
CA VAL C 8 29.57 50.36 8.97
C VAL C 8 28.29 51.17 9.03
N LYS C 9 28.19 52.18 8.15
CA LYS C 9 27.01 53.02 8.04
C LYS C 9 26.38 52.75 6.68
N ARG C 10 25.36 51.90 6.67
CA ARG C 10 24.71 51.48 5.43
C ARG C 10 23.40 52.25 5.28
N ILE C 11 23.31 53.05 4.23
CA ILE C 11 22.21 53.99 4.06
C ILE C 11 21.53 53.67 2.74
N THR C 12 20.28 53.20 2.82
CA THR C 12 19.46 52.95 1.64
C THR C 12 18.09 53.61 1.84
N ASN C 13 17.25 53.55 0.82
CA ASN C 13 15.95 54.22 0.89
C ASN C 13 14.92 53.45 1.70
N GLU C 14 15.29 52.30 2.24
CA GLU C 14 14.42 51.53 3.13
C GLU C 14 14.87 51.63 4.58
N THR C 15 16.15 51.41 4.86
CA THR C 15 16.69 51.44 6.20
C THR C 15 17.92 52.33 6.26
N LYS C 16 18.22 52.81 7.45
CA LYS C 16 19.49 53.47 7.74
C LYS C 16 20.15 52.71 8.88
N ILE C 17 21.38 52.28 8.66
CA ILE C 17 22.07 51.35 9.55
C ILE C 17 23.31 52.05 10.08
N GLN C 18 23.69 51.74 11.32
CA GLN C 18 25.01 52.10 11.81
C GLN C 18 25.43 51.02 12.79
N ILE C 19 26.42 50.22 12.41
CA ILE C 19 26.86 49.08 13.21
C ILE C 19 28.33 49.27 13.54
N ALA C 20 28.64 49.38 14.82
CA ALA C 20 30.01 49.40 15.31
C ALA C 20 30.28 48.10 16.06
N ILE C 21 31.37 47.44 15.72
CA ILE C 21 31.67 46.12 16.26
C ILE C 21 33.10 46.15 16.81
N SER C 22 33.34 45.30 17.81
CA SER C 22 34.69 45.03 18.30
C SER C 22 34.74 43.55 18.62
N LEU C 23 35.56 42.80 17.89
CA LEU C 23 35.57 41.35 18.05
C LEU C 23 36.30 40.93 19.31
N LYS C 24 37.29 41.69 19.74
CA LYS C 24 38.06 41.35 20.92
C LYS C 24 37.41 41.85 22.20
N GLY C 25 36.23 42.46 22.12
CA GLY C 25 35.55 42.95 23.30
C GLY C 25 35.89 44.40 23.60
N GLY C 26 35.93 44.75 24.88
CA GLY C 26 36.28 46.08 25.28
C GLY C 26 35.13 47.06 25.13
N PRO C 27 35.44 48.35 25.24
CA PRO C 27 34.40 49.38 25.11
C PRO C 27 34.16 49.83 23.68
N LEU C 28 32.98 50.39 23.46
CA LEU C 28 32.60 51.01 22.20
C LEU C 28 31.65 52.17 22.45
N ALA C 29 31.72 53.15 21.56
CA ALA C 29 30.78 54.26 21.57
C ALA C 29 30.51 54.64 20.12
N ILE C 30 29.66 55.64 19.93
CA ILE C 30 29.42 56.21 18.62
C ILE C 30 29.59 57.72 18.71
N GLU C 31 30.47 58.27 17.87
CA GLU C 31 30.75 59.70 17.91
C GLU C 31 29.58 60.52 17.38
N HIS C 32 28.76 59.95 16.49
CA HIS C 32 27.62 60.67 15.94
C HIS C 32 26.57 59.62 15.56
N SER C 33 25.56 59.47 16.42
CA SER C 33 24.55 58.44 16.25
C SER C 33 23.49 58.88 15.24
N ILE C 34 22.63 57.93 14.86
CA ILE C 34 21.55 58.23 13.94
C ILE C 34 20.20 58.38 14.63
N PHE C 35 20.07 57.96 15.88
CA PHE C 35 18.84 58.23 16.60
C PHE C 35 18.81 59.68 17.08
N PRO C 36 17.64 60.30 17.16
CA PRO C 36 17.59 61.68 17.68
C PRO C 36 17.90 61.73 19.16
N GLU C 37 18.68 62.76 19.53
CA GLU C 37 19.12 63.05 20.91
C GLU C 37 19.89 61.86 21.50
N LYS C 38 21.02 61.57 20.85
CA LYS C 38 21.96 60.50 21.20
C LYS C 38 21.30 59.13 21.28
N ALA C 44 17.66 44.87 25.17
CA ALA C 44 18.84 44.03 25.01
C ALA C 44 20.12 44.86 25.06
N GLU C 45 20.51 45.27 26.27
CA GLU C 45 21.69 46.10 26.47
C GLU C 45 22.50 45.54 27.63
N GLN C 46 23.70 45.05 27.34
CA GLN C 46 24.60 44.53 28.37
C GLN C 46 25.89 45.33 28.31
N ALA C 47 26.28 45.91 29.45
CA ALA C 47 27.44 46.80 29.49
C ALA C 47 28.30 46.52 30.72
N THR C 48 28.62 45.25 30.96
CA THR C 48 29.22 44.84 32.24
C THR C 48 30.74 44.74 32.08
N GLN C 49 31.38 45.89 31.85
CA GLN C 49 32.79 46.15 32.15
C GLN C 49 33.82 45.33 31.36
N SER C 50 33.37 44.40 30.53
CA SER C 50 34.27 43.61 29.71
C SER C 50 33.91 43.80 28.24
N GLN C 51 32.62 43.74 27.95
CA GLN C 51 32.09 43.98 26.62
C GLN C 51 30.80 44.78 26.76
N VAL C 52 30.55 45.66 25.78
CA VAL C 52 29.33 46.45 25.75
C VAL C 52 28.56 46.11 24.48
N ILE C 53 27.37 45.57 24.64
CA ILE C 53 26.53 45.18 23.52
C ILE C 53 25.17 45.83 23.69
N ASN C 54 24.79 46.64 22.71
CA ASN C 54 23.59 47.48 22.78
C ASN C 54 23.00 47.51 21.38
N VAL C 55 21.97 46.70 21.16
CA VAL C 55 21.34 46.58 19.87
C VAL C 55 19.99 47.28 19.91
N HIS C 56 19.75 48.16 18.93
CA HIS C 56 18.49 48.87 18.83
C HIS C 56 18.02 48.76 17.38
N THR C 57 17.32 47.68 17.08
CA THR C 57 16.53 47.59 15.86
C THR C 57 15.07 47.78 16.23
N GLY C 58 14.22 47.92 15.22
CA GLY C 58 12.81 48.07 15.49
C GLY C 58 12.14 46.78 15.92
N ILE C 59 12.80 45.65 15.70
CA ILE C 59 12.26 44.33 16.03
C ILE C 59 12.87 43.92 17.36
N GLY C 60 12.01 43.55 18.32
CA GLY C 60 12.51 43.22 19.63
C GLY C 60 13.10 41.83 19.74
N PHE C 61 12.54 40.88 19.00
CA PHE C 61 13.08 39.52 19.04
C PHE C 61 14.35 39.40 18.21
N LEU C 62 14.50 40.22 17.19
CA LEU C 62 15.74 40.28 16.43
C LEU C 62 16.83 41.05 17.16
N ASP C 63 16.45 41.91 18.10
CA ASP C 63 17.43 42.45 19.05
C ASP C 63 17.99 41.35 19.93
N HIS C 64 17.13 40.43 20.36
CA HIS C 64 17.53 39.40 21.29
C HIS C 64 18.42 38.34 20.64
N MET C 65 18.35 38.19 19.33
CA MET C 65 19.17 37.20 18.66
C MET C 65 20.54 37.72 18.32
N ILE C 66 20.65 39.02 18.00
CA ILE C 66 21.96 39.62 17.83
C ILE C 66 22.63 39.79 19.18
N HIS C 67 21.85 39.98 20.24
CA HIS C 67 22.41 40.13 21.58
C HIS C 67 23.02 38.82 22.07
N ALA C 68 22.30 37.72 21.91
CA ALA C 68 22.82 36.41 22.31
C ALA C 68 23.95 35.96 21.40
N LEU C 69 24.00 36.47 20.16
CA LEU C 69 25.12 36.21 19.29
C LEU C 69 26.38 36.91 19.77
N ALA C 70 26.27 38.17 20.16
CA ALA C 70 27.43 38.91 20.57
C ALA C 70 27.81 38.67 22.02
N LYS C 71 26.88 38.20 22.85
CA LYS C 71 27.21 37.92 24.23
C LYS C 71 28.12 36.70 24.35
N HIS C 72 27.85 35.68 23.55
CA HIS C 72 28.62 34.44 23.64
C HIS C 72 29.71 34.37 22.59
N SER C 73 30.00 35.48 21.90
CA SER C 73 31.13 35.56 21.00
C SER C 73 32.28 36.38 21.57
N GLY C 74 32.08 37.07 22.68
CA GLY C 74 33.10 37.97 23.17
C GLY C 74 33.11 39.30 22.45
N TRP C 75 32.04 39.64 21.76
CA TRP C 75 31.97 40.86 20.97
C TRP C 75 31.51 42.03 21.81
N SER C 76 31.95 43.22 21.40
CA SER C 76 31.26 44.46 21.72
C SER C 76 30.57 44.93 20.45
N LEU C 77 29.30 45.25 20.53
CA LEU C 77 28.52 45.47 19.32
C LEU C 77 27.40 46.46 19.57
N ILE C 78 27.40 47.55 18.81
CA ILE C 78 26.32 48.53 18.84
C ILE C 78 25.62 48.49 17.50
N VAL C 79 24.31 48.25 17.52
CA VAL C 79 23.51 48.16 16.30
C VAL C 79 22.41 49.20 16.36
N GLU C 80 22.33 50.02 15.32
CA GLU C 80 21.29 51.04 15.20
C GLU C 80 20.65 50.89 13.82
N CYS C 81 19.37 50.56 13.81
CA CYS C 81 18.65 50.46 12.56
C CYS C 81 17.36 51.25 12.63
N ILE C 82 17.18 52.14 11.66
CA ILE C 82 15.99 52.96 11.54
C ILE C 82 15.38 52.41 10.29
N GLY C 83 14.46 51.48 10.46
CA GLY C 83 13.85 50.83 9.32
C GLY C 83 12.35 51.01 9.23
N ASP C 84 11.79 50.73 8.06
CA ASP C 84 10.36 50.89 7.85
C ASP C 84 9.60 49.70 8.43
N LEU C 85 8.70 49.98 9.37
CA LEU C 85 7.94 48.93 10.03
C LEU C 85 6.45 49.04 9.76
N HIS C 86 6.01 49.99 8.95
CA HIS C 86 4.62 49.96 8.49
C HIS C 86 4.45 48.92 7.40
N ILE C 87 5.52 48.66 6.65
CA ILE C 87 5.73 47.49 5.80
C ILE C 87 6.17 46.37 6.73
N ASP C 88 6.28 45.14 6.25
CA ASP C 88 6.71 44.05 7.13
C ASP C 88 8.18 44.19 7.55
N ASP C 89 8.63 43.23 8.33
CA ASP C 89 9.95 43.24 8.92
C ASP C 89 11.04 42.62 8.06
N HIS C 90 10.77 42.35 6.78
CA HIS C 90 11.81 41.75 5.95
C HIS C 90 12.89 42.75 5.63
N HIS C 91 12.50 43.95 5.17
CA HIS C 91 13.47 44.92 4.69
C HIS C 91 14.34 45.46 5.80
N THR C 92 13.93 45.33 7.05
CA THR C 92 14.71 45.80 8.19
C THR C 92 15.36 44.65 8.95
N THR C 93 15.26 43.43 8.46
CA THR C 93 16.04 42.34 9.03
C THR C 93 17.08 41.85 8.05
N GLU C 94 16.73 41.79 6.76
CA GLU C 94 17.70 41.51 5.72
C GLU C 94 18.78 42.58 5.65
N ASP C 95 18.38 43.85 5.71
CA ASP C 95 19.37 44.93 5.64
C ASP C 95 20.22 45.02 6.90
N CYS C 96 19.66 44.67 8.05
CA CYS C 96 20.43 44.65 9.29
C CYS C 96 21.22 43.36 9.47
N GLY C 97 21.26 42.50 8.46
CA GLY C 97 22.09 41.32 8.48
C GLY C 97 23.19 41.43 7.46
N ILE C 98 22.92 42.17 6.38
CA ILE C 98 23.95 42.48 5.40
C ILE C 98 24.99 43.39 6.01
N ALA C 99 24.55 44.45 6.70
CA ALA C 99 25.50 45.36 7.31
C ALA C 99 26.18 44.76 8.53
N LEU C 100 25.58 43.74 9.14
CA LEU C 100 26.21 43.08 10.28
C LEU C 100 27.19 42.00 9.84
N GLY C 101 27.06 41.51 8.61
CA GLY C 101 28.12 40.70 8.05
C GLY C 101 29.28 41.52 7.54
N GLN C 102 29.00 42.72 7.03
CA GLN C 102 30.08 43.59 6.57
C GLN C 102 30.91 44.12 7.73
N ALA C 103 30.28 44.37 8.87
CA ALA C 103 31.03 44.84 10.03
C ALA C 103 31.90 43.74 10.61
N PHE C 104 31.43 42.50 10.57
CA PHE C 104 32.26 41.38 10.96
C PHE C 104 33.38 41.13 9.95
N LYS C 105 33.12 41.42 8.67
CA LYS C 105 34.15 41.20 7.67
C LYS C 105 35.27 42.23 7.76
N GLU C 106 34.92 43.49 7.96
CA GLU C 106 35.94 44.54 8.04
C GLU C 106 36.69 44.51 9.35
N ALA C 107 36.16 43.85 10.37
CA ALA C 107 36.84 43.80 11.65
C ALA C 107 37.98 42.79 11.66
N LEU C 108 37.93 41.78 10.81
CA LEU C 108 39.07 40.88 10.61
C LEU C 108 39.46 40.95 9.14
N GLY C 109 40.50 41.71 8.84
CA GLY C 109 40.94 41.84 7.47
C GLY C 109 41.68 40.62 6.98
N ALA C 110 42.86 40.38 7.55
CA ALA C 110 43.71 39.28 7.12
C ALA C 110 43.25 38.01 7.82
N VAL C 111 42.71 37.07 7.05
CA VAL C 111 42.40 35.76 7.60
C VAL C 111 43.70 34.95 7.54
N ARG C 112 44.51 35.08 8.59
CA ARG C 112 45.71 34.28 8.73
C ARG C 112 46.03 34.16 10.21
N GLY C 113 46.60 33.03 10.58
CA GLY C 113 46.83 32.76 11.98
C GLY C 113 45.58 32.41 12.75
N VAL C 114 44.52 31.98 12.07
CA VAL C 114 43.27 31.63 12.72
C VAL C 114 42.99 30.15 12.48
N LYS C 115 42.09 29.61 13.31
CA LYS C 115 41.74 28.20 13.21
C LYS C 115 41.01 27.88 11.92
N ARG C 116 40.21 28.84 11.43
CA ARG C 116 39.41 28.85 10.20
C ARG C 116 38.19 27.92 10.27
N PHE C 117 38.16 27.00 11.22
CA PHE C 117 37.07 26.02 11.32
C PHE C 117 36.55 26.06 12.74
N GLY C 118 35.38 26.65 12.94
CA GLY C 118 34.71 26.63 14.21
C GLY C 118 33.44 25.80 14.09
N SER C 119 33.21 24.95 15.08
CA SER C 119 31.98 24.19 15.20
C SER C 119 31.41 24.44 16.59
N GLY C 120 30.13 24.76 16.66
CA GLY C 120 29.54 25.02 17.94
C GLY C 120 28.19 24.36 18.13
N PHE C 121 28.08 23.52 19.13
CA PHE C 121 26.80 23.03 19.60
C PHE C 121 26.34 23.89 20.76
N ALA C 122 25.06 24.18 20.80
CA ALA C 122 24.52 24.88 21.94
C ALA C 122 23.08 24.42 22.18
N PRO C 123 22.75 23.99 23.38
CA PRO C 123 21.36 23.66 23.69
C PRO C 123 20.64 24.83 24.32
N LEU C 124 19.32 24.78 24.23
CA LEU C 124 18.48 25.64 25.05
C LEU C 124 17.19 24.85 25.28
N ASP C 125 17.20 24.05 26.35
CA ASP C 125 15.98 23.54 27.00
C ASP C 125 15.10 22.75 26.03
N GLU C 126 15.66 21.61 25.61
CA GLU C 126 15.25 20.56 24.66
C GLU C 126 15.52 20.91 23.20
N ALA C 127 15.95 22.12 22.89
CA ALA C 127 16.36 22.45 21.54
C ALA C 127 17.87 22.27 21.43
N LEU C 128 18.33 21.83 20.27
CA LEU C 128 19.75 21.57 20.07
C LEU C 128 20.13 21.98 18.66
N SER C 129 21.05 22.92 18.54
CA SER C 129 21.49 23.45 17.27
C SER C 129 22.99 23.34 17.17
N ARG C 130 23.49 22.95 16.00
CA ARG C 130 24.90 23.07 15.72
C ARG C 130 25.12 24.12 14.65
N ALA C 131 26.28 24.72 14.67
CA ALA C 131 26.66 25.69 13.66
C ALA C 131 28.12 25.47 13.34
N VAL C 132 28.44 25.29 12.08
CA VAL C 132 29.82 25.26 11.65
C VAL C 132 30.05 26.51 10.80
N VAL C 133 31.30 26.97 10.77
CA VAL C 133 31.66 28.19 10.08
C VAL C 133 33.04 27.96 9.46
N ASP C 134 33.33 28.67 8.37
CA ASP C 134 34.46 28.28 7.55
C ASP C 134 35.45 29.41 7.28
N LEU C 135 35.02 30.67 7.31
CA LEU C 135 35.85 31.85 7.10
C LEU C 135 36.60 31.86 5.76
N SER C 136 36.10 31.15 4.77
CA SER C 136 36.68 31.14 3.43
C SER C 136 35.91 32.11 2.55
N ASN C 137 36.62 32.86 1.70
CA ASN C 137 36.03 34.03 1.05
C ASN C 137 34.94 33.70 0.04
N ARG C 138 34.48 32.50 -0.14
CA ARG C 138 33.22 32.33 -0.84
C ARG C 138 32.07 32.28 0.17
N PRO C 139 31.03 33.07 0.00
CA PRO C 139 29.90 33.02 0.93
C PRO C 139 29.00 31.84 0.65
N TYR C 140 28.51 31.21 1.71
CA TYR C 140 27.53 30.15 1.54
C TYR C 140 26.74 30.00 2.83
N ALA C 141 25.48 29.60 2.73
CA ALA C 141 24.63 29.52 3.91
C ALA C 141 23.62 28.39 3.75
N VAL C 142 23.74 27.38 4.60
CA VAL C 142 22.81 26.26 4.63
C VAL C 142 22.14 26.29 6.00
N VAL C 143 20.99 26.96 6.08
CA VAL C 143 20.33 27.22 7.35
C VAL C 143 19.05 26.39 7.37
N GLU C 144 19.01 25.38 8.24
CA GLU C 144 17.90 24.44 8.27
C GLU C 144 17.22 24.43 9.63
N LEU C 145 16.93 25.60 10.17
CA LEU C 145 16.09 25.76 11.34
C LEU C 145 14.67 25.33 11.01
N GLY C 146 14.22 24.21 11.57
CA GLY C 146 12.87 23.81 11.24
C GLY C 146 11.86 24.43 12.18
N LEU C 147 11.32 25.58 11.80
CA LEU C 147 10.47 26.38 12.66
C LEU C 147 9.03 26.23 12.21
N GLN C 148 8.18 25.70 13.09
CA GLN C 148 6.77 25.47 12.79
C GLN C 148 5.89 26.55 13.37
N ARG C 149 6.36 27.79 13.28
CA ARG C 149 5.69 28.97 13.78
C ARG C 149 5.73 30.01 12.67
N GLU C 150 4.80 30.96 12.68
CA GLU C 150 4.81 32.02 11.67
C GLU C 150 5.44 33.31 12.16
N LYS C 151 5.26 33.68 13.43
CA LYS C 151 5.90 34.86 13.99
C LYS C 151 6.26 34.57 15.43
N VAL C 152 7.42 35.06 15.87
CA VAL C 152 7.80 34.76 17.25
C VAL C 152 7.31 35.84 18.20
N GLY C 153 7.86 37.04 18.13
CA GLY C 153 7.17 38.13 18.78
C GLY C 153 6.91 39.28 17.84
N ASP C 154 7.93 39.60 17.05
CA ASP C 154 7.84 40.52 15.94
C ASP C 154 8.55 40.03 14.69
N LEU C 155 9.60 39.20 14.83
CA LEU C 155 10.17 38.53 13.69
C LEU C 155 9.16 37.59 13.05
N SER C 156 9.23 37.49 11.74
CA SER C 156 8.29 36.69 10.97
C SER C 156 8.78 35.29 10.76
N CYS C 157 9.80 34.83 11.49
CA CYS C 157 10.14 33.43 11.71
C CYS C 157 10.60 32.68 10.45
N GLU C 158 10.49 33.30 9.29
CA GLU C 158 11.17 32.89 8.08
C GLU C 158 12.30 33.84 7.77
N MET C 159 12.35 34.96 8.48
CA MET C 159 13.48 35.86 8.39
C MET C 159 14.66 35.42 9.24
N ILE C 160 14.43 34.57 10.23
CA ILE C 160 15.50 34.02 11.04
C ILE C 160 16.47 33.17 10.21
N PRO C 161 16.04 32.35 9.23
CA PRO C 161 17.04 31.81 8.30
C PRO C 161 17.55 32.84 7.31
N HIS C 162 16.72 33.82 6.97
CA HIS C 162 17.08 34.81 5.97
C HIS C 162 18.06 35.83 6.52
N PHE C 163 18.08 36.01 7.85
CA PHE C 163 19.10 36.83 8.49
C PHE C 163 20.46 36.15 8.40
N LEU C 164 20.51 34.86 8.72
CA LEU C 164 21.76 34.12 8.68
C LEU C 164 22.22 33.86 7.26
N GLU C 165 21.29 33.85 6.31
CA GLU C 165 21.64 33.78 4.90
C GLU C 165 22.42 35.03 4.47
N SER C 166 21.88 36.21 4.77
CA SER C 166 22.53 37.45 4.39
C SER C 166 23.74 37.78 5.25
N PHE C 167 23.81 37.21 6.47
CA PHE C 167 25.00 37.39 7.28
C PHE C 167 26.19 36.66 6.67
N ALA C 168 26.01 35.40 6.30
CA ALA C 168 27.08 34.67 5.65
C ALA C 168 27.38 35.19 4.26
N GLU C 169 26.39 35.79 3.61
CA GLU C 169 26.55 36.34 2.26
C GLU C 169 27.48 37.54 2.28
N ALA C 170 27.24 38.50 3.15
CA ALA C 170 28.00 39.74 3.18
C ALA C 170 29.27 39.64 4.00
N SER C 171 29.41 38.62 4.82
CA SER C 171 30.63 38.41 5.59
C SER C 171 31.62 37.49 4.90
N ARG C 172 31.24 36.89 3.77
CA ARG C 172 32.07 36.00 2.97
C ARG C 172 32.54 34.79 3.78
N ILE C 173 31.59 34.13 4.43
CA ILE C 173 31.86 32.90 5.18
C ILE C 173 30.90 31.83 4.71
N THR C 174 31.30 30.58 4.90
CA THR C 174 30.45 29.43 4.64
C THR C 174 29.89 28.95 5.97
N LEU C 175 28.59 28.72 6.01
CA LEU C 175 27.86 28.54 7.25
C LEU C 175 26.81 27.46 7.11
N HIS C 176 26.83 26.50 8.02
CA HIS C 176 25.83 25.44 8.13
C HIS C 176 25.24 25.51 9.53
N VAL C 177 24.02 26.01 9.65
CA VAL C 177 23.31 26.03 10.92
C VAL C 177 22.11 25.11 10.80
N ASP C 178 21.99 24.16 11.72
CA ASP C 178 20.97 23.12 11.63
C ASP C 178 20.49 22.81 13.05
N CYS C 179 19.20 23.02 13.31
CA CYS C 179 18.63 22.67 14.59
C CYS C 179 18.27 21.19 14.59
N LEU C 180 18.83 20.45 15.54
CA LEU C 180 18.73 19.01 15.53
C LEU C 180 17.43 18.53 16.14
N ARG C 181 16.91 19.24 17.13
CA ARG C 181 15.67 18.87 17.79
C ARG C 181 15.12 20.12 18.48
N GLY C 182 13.93 19.97 19.04
CA GLY C 182 13.31 21.05 19.78
C GLY C 182 11.89 21.27 19.30
N LYS C 183 11.03 21.72 20.21
CA LYS C 183 9.64 21.94 19.83
C LYS C 183 9.11 23.26 20.38
N ASN C 184 10.00 24.14 20.81
CA ASN C 184 9.69 25.53 21.15
C ASN C 184 10.57 26.38 20.27
N ASP C 185 9.96 27.28 19.50
CA ASP C 185 10.69 27.98 18.46
C ASP C 185 11.40 29.24 18.93
N HIS C 186 11.08 29.74 20.12
CA HIS C 186 12.01 30.66 20.77
C HIS C 186 13.29 29.92 21.15
N HIS C 187 13.13 28.73 21.74
CA HIS C 187 14.25 27.88 22.10
C HIS C 187 15.02 27.43 20.88
N ARG C 188 14.31 27.11 19.82
CA ARG C 188 14.96 26.56 18.64
C ARG C 188 15.74 27.62 17.89
N SER C 189 15.27 28.87 17.90
CA SER C 189 15.97 29.92 17.16
C SER C 189 17.06 30.58 18.00
N GLU C 190 16.91 30.62 19.32
CA GLU C 190 17.95 31.21 20.14
C GLU C 190 19.14 30.29 20.27
N SER C 191 18.90 28.98 20.26
CA SER C 191 20.00 28.03 20.32
C SER C 191 20.82 28.05 19.05
N ALA C 192 20.23 28.47 17.92
CA ALA C 192 20.97 28.61 16.68
C ALA C 192 21.94 29.79 16.75
N PHE C 193 21.49 30.90 17.32
CA PHE C 193 22.38 32.05 17.47
C PHE C 193 23.39 31.83 18.58
N LYS C 194 23.07 31.03 19.58
CA LYS C 194 24.06 30.68 20.58
C LYS C 194 25.07 29.67 20.06
N ALA C 195 24.68 28.85 19.09
CA ALA C 195 25.61 27.91 18.49
C ALA C 195 26.54 28.60 17.51
N LEU C 196 26.04 29.60 16.78
CA LEU C 196 26.87 30.40 15.89
C LEU C 196 27.89 31.21 16.67
N ALA C 197 27.53 31.63 17.87
CA ALA C 197 28.47 32.37 18.70
C ALA C 197 29.62 31.51 19.16
N VAL C 198 29.40 30.22 19.34
CA VAL C 198 30.49 29.31 19.71
C VAL C 198 31.39 29.06 18.51
N ALA C 199 30.81 29.00 17.32
CA ALA C 199 31.58 28.62 16.14
C ALA C 199 32.46 29.77 15.66
N ILE C 200 31.94 31.00 15.66
CA ILE C 200 32.74 32.16 15.28
C ILE C 200 33.87 32.40 16.27
N ARG C 201 33.60 32.16 17.56
CA ARG C 201 34.62 32.25 18.58
C ARG C 201 35.72 31.22 18.38
N GLU C 202 35.35 30.05 17.85
CA GLU C 202 36.31 28.98 17.66
C GLU C 202 37.08 29.13 16.36
N ALA C 203 36.44 29.69 15.32
CA ALA C 203 37.14 29.87 14.06
C ALA C 203 38.07 31.08 14.09
N THR C 204 37.61 32.19 14.64
CA THR C 204 38.48 33.34 14.85
C THR C 204 39.15 33.11 16.20
N SER C 205 40.31 32.46 16.17
CA SER C 205 41.01 32.10 17.38
C SER C 205 42.50 32.16 17.08
N PRO C 206 43.33 32.43 18.08
CA PRO C 206 44.77 32.48 17.82
C PRO C 206 45.36 31.10 17.59
N ASN C 207 45.33 30.65 16.33
CA ASN C 207 46.03 29.43 15.93
C ASN C 207 47.52 29.51 16.22
N GLY C 208 48.12 30.66 16.01
CA GLY C 208 49.56 30.79 16.08
C GLY C 208 50.20 30.45 14.75
N THR C 209 51.52 30.64 14.72
CA THR C 209 52.48 30.36 13.66
C THR C 209 52.34 31.23 12.40
N ASN C 210 51.31 32.09 12.32
CA ASN C 210 51.17 33.17 11.32
C ASN C 210 51.21 32.62 9.89
N ASP C 211 50.18 31.85 9.56
CA ASP C 211 50.08 31.28 8.23
C ASP C 211 48.63 31.26 7.79
N VAL C 212 48.40 31.64 6.54
CA VAL C 212 47.06 31.63 5.96
C VAL C 212 46.62 30.18 5.74
N PRO C 213 45.57 29.72 6.41
CA PRO C 213 45.29 28.27 6.45
C PRO C 213 44.51 27.79 5.23
N SER C 214 45.18 27.69 4.09
CA SER C 214 44.50 27.25 2.88
C SER C 214 45.48 26.55 1.96
N THR C 215 44.95 25.64 1.15
CA THR C 215 45.73 25.01 0.10
C THR C 215 46.10 26.01 -0.99
N LYS C 216 45.12 26.80 -1.44
CA LYS C 216 45.36 27.75 -2.51
C LYS C 216 46.05 29.02 -2.05
N GLY C 217 46.34 29.15 -0.75
CA GLY C 217 47.12 30.23 -0.23
C GLY C 217 46.44 31.58 -0.17
N VAL C 218 45.17 31.68 -0.54
CA VAL C 218 44.45 32.95 -0.60
C VAL C 218 43.23 32.85 0.29
N LEU C 219 43.23 33.59 1.38
CA LEU C 219 42.05 33.81 2.20
C LEU C 219 42.01 35.26 2.63
N GLU D 3 9.78 41.30 -49.70
CA GLU D 3 11.07 40.70 -49.39
C GLU D 3 10.95 39.23 -49.02
N GLN D 4 10.25 38.95 -47.93
CA GLN D 4 10.11 37.60 -47.41
C GLN D 4 8.78 37.03 -47.88
N LYS D 5 8.75 36.60 -49.14
CA LYS D 5 7.58 36.02 -49.74
C LYS D 5 7.94 34.70 -50.40
N ALA D 6 6.98 33.78 -50.42
CA ALA D 6 7.15 32.49 -51.06
C ALA D 6 5.78 31.94 -51.41
N LEU D 7 5.74 31.13 -52.47
CA LEU D 7 4.54 30.40 -52.85
C LEU D 7 4.90 28.95 -53.09
N VAL D 8 4.10 28.05 -52.53
CA VAL D 8 4.37 26.61 -52.58
C VAL D 8 3.12 25.91 -53.11
N LYS D 9 3.27 25.20 -54.22
CA LYS D 9 2.19 24.43 -54.83
C LYS D 9 2.55 22.95 -54.70
N ARG D 10 1.99 22.30 -53.67
CA ARG D 10 2.29 20.91 -53.38
C ARG D 10 1.15 20.04 -53.90
N ILE D 11 1.46 19.17 -54.84
CA ILE D 11 0.45 18.41 -55.58
C ILE D 11 0.75 16.93 -55.38
N THR D 12 -0.14 16.23 -54.68
CA THR D 12 -0.04 14.79 -54.49
C THR D 12 -1.39 14.17 -54.81
N ASN D 13 -1.46 12.84 -54.79
CA ASN D 13 -2.68 12.14 -55.17
C ASN D 13 -3.74 12.15 -54.08
N GLU D 14 -3.47 12.78 -52.94
CA GLU D 14 -4.44 12.95 -51.87
C GLU D 14 -4.95 14.37 -51.78
N THR D 15 -4.03 15.35 -51.77
CA THR D 15 -4.39 16.75 -51.65
C THR D 15 -3.70 17.56 -52.73
N LYS D 16 -4.27 18.71 -53.03
CA LYS D 16 -3.61 19.72 -53.85
C LYS D 16 -3.54 21.00 -53.04
N ILE D 17 -2.34 21.55 -52.90
CA ILE D 17 -2.07 22.64 -51.98
C ILE D 17 -1.59 23.82 -52.79
N GLN D 18 -1.92 25.04 -52.34
CA GLN D 18 -1.25 26.23 -52.85
C GLN D 18 -1.20 27.23 -51.71
N ILE D 19 0.00 27.49 -51.20
CA ILE D 19 0.20 28.36 -50.04
C ILE D 19 1.10 29.50 -50.44
N ALA D 20 0.59 30.72 -50.36
CA ALA D 20 1.37 31.93 -50.56
C ALA D 20 1.50 32.63 -49.22
N ILE D 21 2.72 32.99 -48.85
CA ILE D 21 3.01 33.56 -47.55
C ILE D 21 3.79 34.85 -47.75
N SER D 22 3.64 35.77 -46.79
CA SER D 22 4.49 36.95 -46.70
C SER D 22 4.74 37.19 -45.21
N LEU D 23 5.99 37.06 -44.79
CA LEU D 23 6.30 37.15 -43.38
C LEU D 23 6.27 38.58 -42.87
N LYS D 24 6.60 39.54 -43.73
CA LYS D 24 6.60 40.93 -43.32
C LYS D 24 5.25 41.59 -43.44
N GLY D 25 4.21 40.85 -43.81
CA GLY D 25 2.88 41.41 -43.93
C GLY D 25 2.58 41.90 -45.34
N GLY D 26 1.80 42.96 -45.44
CA GLY D 26 1.49 43.55 -46.72
C GLY D 26 0.43 42.77 -47.47
N PRO D 27 0.24 43.08 -48.75
CA PRO D 27 -0.76 42.39 -49.56
C PRO D 27 -0.25 41.12 -50.21
N LEU D 28 -1.20 40.27 -50.57
CA LEU D 28 -0.94 39.05 -51.33
C LEU D 28 -2.14 38.72 -52.21
N ALA D 29 -1.84 38.09 -53.34
CA ALA D 29 -2.86 37.58 -54.23
C ALA D 29 -2.36 36.27 -54.81
N ILE D 30 -3.17 35.65 -55.65
CA ILE D 30 -2.77 34.46 -56.39
C ILE D 30 -3.10 34.69 -57.86
N GLU D 31 -2.08 34.56 -58.72
CA GLU D 31 -2.26 34.82 -60.14
C GLU D 31 -3.09 33.72 -60.82
N HIS D 32 -3.07 32.50 -60.27
CA HIS D 32 -3.84 31.41 -60.84
C HIS D 32 -4.17 30.44 -59.70
N SER D 33 -5.40 30.52 -59.19
CA SER D 33 -5.81 29.75 -58.03
C SER D 33 -6.19 28.32 -58.45
N ILE D 34 -6.39 27.47 -57.44
CA ILE D 34 -6.80 26.09 -57.69
C ILE D 34 -8.28 25.84 -57.44
N PHE D 35 -8.98 26.76 -56.78
CA PHE D 35 -10.42 26.61 -56.66
C PHE D 35 -11.09 27.04 -57.97
N PRO D 36 -12.22 26.43 -58.32
CA PRO D 36 -12.92 26.86 -59.54
C PRO D 36 -13.53 28.24 -59.38
N GLU D 37 -13.41 29.04 -60.45
CA GLU D 37 -13.92 30.41 -60.56
C GLU D 37 -13.34 31.31 -59.46
N LYS D 38 -12.02 31.45 -59.52
CA LYS D 38 -11.19 32.25 -58.61
C LYS D 38 -11.39 31.88 -57.14
N ALA D 44 -12.64 32.31 -41.97
CA ALA D 44 -11.41 32.86 -41.42
C ALA D 44 -10.66 33.69 -42.46
N GLU D 45 -11.14 34.91 -42.71
CA GLU D 45 -10.56 35.81 -43.70
C GLU D 45 -10.44 37.20 -43.10
N GLN D 46 -9.21 37.66 -42.91
CA GLN D 46 -8.95 39.00 -42.40
C GLN D 46 -8.13 39.76 -43.42
N ALA D 47 -8.62 40.92 -43.85
CA ALA D 47 -7.98 41.67 -44.93
C ALA D 47 -7.93 43.16 -44.59
N THR D 48 -7.48 43.51 -43.38
CA THR D 48 -7.62 44.86 -42.86
C THR D 48 -6.34 45.64 -43.09
N GLN D 49 -6.00 45.88 -44.36
CA GLN D 49 -5.14 46.98 -44.83
C GLN D 49 -3.68 46.92 -44.40
N SER D 50 -3.30 45.95 -43.56
CA SER D 50 -1.92 45.81 -43.13
C SER D 50 -1.43 44.42 -43.51
N GLN D 51 -2.26 43.42 -43.25
CA GLN D 51 -1.99 42.05 -43.63
C GLN D 51 -3.27 41.42 -44.14
N VAL D 52 -3.15 40.52 -45.10
CA VAL D 52 -4.29 39.79 -45.65
C VAL D 52 -4.08 38.30 -45.41
N ILE D 53 -4.96 37.71 -44.62
CA ILE D 53 -4.87 36.29 -44.30
C ILE D 53 -6.20 35.64 -44.62
N ASN D 54 -6.16 34.64 -45.52
CA ASN D 54 -7.35 34.03 -46.08
C ASN D 54 -7.04 32.55 -46.26
N VAL D 55 -7.49 31.74 -45.32
CA VAL D 55 -7.21 30.31 -45.32
C VAL D 55 -8.48 29.56 -45.73
N HIS D 56 -8.34 28.67 -46.71
CA HIS D 56 -9.46 27.85 -47.16
C HIS D 56 -8.98 26.42 -47.24
N THR D 57 -9.06 25.71 -46.13
CA THR D 57 -8.96 24.27 -46.10
C THR D 57 -10.36 23.71 -45.94
N GLY D 58 -10.48 22.39 -46.10
CA GLY D 58 -11.78 21.77 -45.91
C GLY D 58 -12.21 21.66 -44.47
N ILE D 59 -11.27 21.84 -43.55
CA ILE D 59 -11.52 21.75 -42.11
C ILE D 59 -11.70 23.16 -41.58
N GLY D 60 -12.81 23.40 -40.89
CA GLY D 60 -13.07 24.74 -40.41
C GLY D 60 -12.30 25.13 -39.17
N PHE D 61 -12.07 24.17 -38.28
CA PHE D 61 -11.32 24.46 -37.08
C PHE D 61 -9.82 24.56 -37.36
N LEU D 62 -9.33 23.86 -38.38
CA LEU D 62 -7.95 23.99 -38.80
C LEU D 62 -7.73 25.25 -39.62
N ASP D 63 -8.78 25.82 -40.21
CA ASP D 63 -8.71 27.17 -40.74
C ASP D 63 -8.47 28.17 -39.62
N HIS D 64 -9.15 27.98 -38.49
CA HIS D 64 -9.08 28.93 -37.40
C HIS D 64 -7.75 28.90 -36.67
N MET D 65 -7.02 27.80 -36.75
CA MET D 65 -5.73 27.72 -36.09
C MET D 65 -4.60 28.28 -36.92
N ILE D 66 -4.69 28.13 -38.24
CA ILE D 66 -3.73 28.80 -39.11
C ILE D 66 -4.02 30.29 -39.16
N HIS D 67 -5.28 30.68 -38.99
CA HIS D 67 -5.63 32.10 -38.99
C HIS D 67 -5.09 32.81 -37.76
N ALA D 68 -5.28 32.21 -36.58
CA ALA D 68 -4.74 32.79 -35.36
C ALA D 68 -3.22 32.72 -35.32
N LEU D 69 -2.62 31.78 -36.03
CA LEU D 69 -1.18 31.73 -36.16
C LEU D 69 -0.67 32.89 -36.99
N ALA D 70 -1.31 33.17 -38.11
CA ALA D 70 -0.82 34.24 -38.98
C ALA D 70 -1.29 35.61 -38.55
N LYS D 71 -2.36 35.70 -37.76
CA LYS D 71 -2.81 37.01 -37.30
C LYS D 71 -1.85 37.59 -36.28
N HIS D 72 -1.34 36.76 -35.38
CA HIS D 72 -0.46 37.24 -34.33
C HIS D 72 1.02 37.04 -34.67
N SER D 73 1.32 36.70 -35.92
CA SER D 73 2.70 36.67 -36.39
C SER D 73 3.06 37.83 -37.29
N GLY D 74 2.09 38.63 -37.71
CA GLY D 74 2.37 39.66 -38.69
C GLY D 74 2.43 39.14 -40.09
N TRP D 75 1.90 37.95 -40.35
CA TRP D 75 1.97 37.33 -41.65
C TRP D 75 0.82 37.78 -42.54
N SER D 76 1.07 37.74 -43.85
CA SER D 76 0.03 37.64 -44.85
C SER D 76 0.10 36.22 -45.40
N LEU D 77 -1.04 35.54 -45.45
CA LEU D 77 -1.02 34.11 -45.74
C LEU D 77 -2.29 33.68 -46.43
N ILE D 78 -2.15 33.10 -47.62
CA ILE D 78 -3.27 32.53 -48.35
C ILE D 78 -3.05 31.03 -48.42
N VAL D 79 -4.01 30.25 -47.95
CA VAL D 79 -3.93 28.80 -47.92
C VAL D 79 -5.09 28.23 -48.70
N GLU D 80 -4.79 27.34 -49.64
CA GLU D 80 -5.83 26.69 -50.40
C GLU D 80 -5.57 25.21 -50.25
N CYS D 81 -6.62 24.42 -50.14
CA CYS D 81 -6.42 23.00 -50.01
C CYS D 81 -7.63 22.25 -50.47
N ILE D 82 -7.43 21.44 -51.49
CA ILE D 82 -8.48 20.61 -52.05
C ILE D 82 -8.07 19.24 -51.62
N GLY D 83 -8.55 18.83 -50.47
CA GLY D 83 -8.21 17.54 -49.93
C GLY D 83 -9.37 16.57 -49.83
N ASP D 84 -9.07 15.30 -49.67
CA ASP D 84 -10.11 14.28 -49.58
C ASP D 84 -10.72 14.25 -48.18
N LEU D 85 -12.02 14.48 -48.10
CA LEU D 85 -12.71 14.52 -46.83
C LEU D 85 -13.75 13.43 -46.68
N HIS D 86 -13.89 12.54 -47.67
CA HIS D 86 -14.70 11.35 -47.47
C HIS D 86 -13.93 10.33 -46.64
N ILE D 87 -12.60 10.36 -46.73
CA ILE D 87 -11.65 9.75 -45.81
C ILE D 87 -11.54 10.72 -44.63
N ASP D 88 -10.84 10.36 -43.56
CA ASP D 88 -10.73 11.29 -42.43
C ASP D 88 -9.86 12.50 -42.78
N ASP D 89 -9.69 13.37 -41.79
CA ASP D 89 -9.00 14.63 -41.94
C ASP D 89 -7.50 14.55 -41.71
N HIS D 90 -6.91 13.36 -41.65
CA HIS D 90 -5.47 13.29 -41.41
C HIS D 90 -4.71 13.72 -42.66
N HIS D 91 -5.07 13.17 -43.82
CA HIS D 91 -4.30 13.39 -45.02
C HIS D 91 -4.40 14.82 -45.51
N THR D 92 -5.40 15.57 -45.08
CA THR D 92 -5.55 16.96 -45.46
C THR D 92 -5.18 17.92 -44.34
N THR D 93 -4.65 17.43 -43.24
CA THR D 93 -4.08 18.31 -42.23
C THR D 93 -2.57 18.13 -42.14
N GLU D 94 -2.11 16.89 -42.26
CA GLU D 94 -0.69 16.60 -42.37
C GLU D 94 -0.09 17.23 -43.62
N ASP D 95 -0.77 17.10 -44.76
CA ASP D 95 -0.25 17.66 -46.00
C ASP D 95 -0.33 19.18 -46.01
N CYS D 96 -1.32 19.76 -45.35
CA CYS D 96 -1.41 21.22 -45.26
C CYS D 96 -0.56 21.79 -44.14
N GLY D 97 0.26 20.96 -43.50
CA GLY D 97 1.22 21.43 -42.53
C GLY D 97 2.63 21.27 -43.03
N ILE D 98 2.84 20.27 -43.89
CA ILE D 98 4.11 20.11 -44.57
C ILE D 98 4.33 21.26 -45.54
N ALA D 99 3.32 21.59 -46.34
CA ALA D 99 3.47 22.67 -47.28
C ALA D 99 3.47 24.04 -46.60
N LEU D 100 2.92 24.14 -45.39
CA LEU D 100 2.95 25.40 -44.67
C LEU D 100 4.24 25.59 -43.90
N GLY D 101 4.98 24.51 -43.64
CA GLY D 101 6.33 24.65 -43.16
C GLY D 101 7.31 24.97 -44.27
N GLN D 102 7.06 24.44 -45.48
CA GLN D 102 7.93 24.75 -46.61
C GLN D 102 7.78 26.18 -47.05
N ALA D 103 6.57 26.74 -46.96
CA ALA D 103 6.38 28.13 -47.35
C ALA D 103 7.02 29.08 -46.35
N PHE D 104 7.00 28.71 -45.07
CA PHE D 104 7.73 29.50 -44.09
C PHE D 104 9.23 29.34 -44.25
N LYS D 105 9.69 28.17 -44.71
CA LYS D 105 11.12 27.96 -44.89
C LYS D 105 11.66 28.74 -46.07
N GLU D 106 10.94 28.75 -47.19
CA GLU D 106 11.42 29.45 -48.37
C GLU D 106 11.26 30.95 -48.25
N ALA D 107 10.45 31.42 -47.31
CA ALA D 107 10.26 32.85 -47.17
C ALA D 107 11.41 33.51 -46.42
N LEU D 108 12.14 32.75 -45.59
CA LEU D 108 13.36 33.24 -44.98
C LEU D 108 14.48 32.30 -45.40
N GLY D 109 15.27 32.71 -46.39
CA GLY D 109 16.35 31.88 -46.85
C GLY D 109 17.53 31.89 -45.92
N ALA D 110 18.19 33.02 -45.80
CA ALA D 110 19.39 33.16 -44.99
C ALA D 110 18.97 33.40 -43.54
N VAL D 111 19.24 32.43 -42.67
CA VAL D 111 19.04 32.63 -41.25
C VAL D 111 20.28 33.33 -40.74
N ARG D 112 20.29 34.66 -40.82
CA ARG D 112 21.37 35.46 -40.25
C ARG D 112 20.81 36.82 -39.93
N GLY D 113 21.35 37.43 -38.88
CA GLY D 113 20.81 38.67 -38.40
C GLY D 113 19.49 38.54 -37.68
N VAL D 114 19.16 37.35 -37.19
CA VAL D 114 17.91 37.11 -36.49
C VAL D 114 18.21 36.69 -35.07
N LYS D 115 17.20 36.81 -34.20
CA LYS D 115 17.35 36.47 -32.79
C LYS D 115 17.60 34.99 -32.59
N ARG D 116 17.00 34.15 -33.44
CA ARG D 116 17.06 32.69 -33.54
C ARG D 116 16.32 31.99 -32.40
N PHE D 117 16.00 32.69 -31.31
CA PHE D 117 15.36 32.09 -30.16
C PHE D 117 14.15 32.94 -29.82
N GLY D 118 12.96 32.41 -30.13
CA GLY D 118 11.72 33.03 -29.74
C GLY D 118 11.01 32.14 -28.72
N SER D 119 10.51 32.77 -27.67
CA SER D 119 9.67 32.11 -26.68
C SER D 119 8.38 32.89 -26.55
N GLY D 120 7.26 32.20 -26.59
CA GLY D 120 6.01 32.88 -26.50
C GLY D 120 5.03 32.20 -25.57
N PHE D 121 4.59 32.91 -24.54
CA PHE D 121 3.46 32.51 -23.74
C PHE D 121 2.22 33.20 -24.26
N ALA D 122 1.12 32.48 -24.29
CA ALA D 122 -0.15 33.09 -24.65
C ALA D 122 -1.27 32.42 -23.88
N PRO D 123 -2.10 33.17 -23.17
CA PRO D 123 -3.27 32.57 -22.53
C PRO D 123 -4.50 32.68 -23.41
N LEU D 124 -5.46 31.83 -23.12
CA LEU D 124 -6.81 32.02 -23.63
C LEU D 124 -7.74 31.41 -22.58
N ASP D 125 -8.13 32.24 -21.60
CA ASP D 125 -9.31 32.03 -20.76
C ASP D 125 -9.23 30.69 -20.01
N GLU D 126 -8.26 30.64 -19.10
CA GLU D 126 -7.75 29.60 -18.19
C GLU D 126 -6.82 28.61 -18.85
N ALA D 127 -6.64 28.64 -20.16
CA ALA D 127 -5.62 27.83 -20.80
C ALA D 127 -4.35 28.64 -20.94
N LEU D 128 -3.21 27.96 -20.82
CA LEU D 128 -1.92 28.63 -20.89
C LEU D 128 -0.93 27.74 -21.61
N SER D 129 -0.40 28.24 -22.72
CA SER D 129 0.53 27.49 -23.55
C SER D 129 1.78 28.30 -23.76
N ARG D 130 2.93 27.65 -23.69
CA ARG D 130 4.17 28.26 -24.13
C ARG D 130 4.67 27.57 -25.39
N ALA D 131 5.40 28.31 -26.19
CA ALA D 131 6.01 27.75 -27.38
C ALA D 131 7.38 28.36 -27.51
N VAL D 132 8.40 27.53 -27.64
CA VAL D 132 9.73 28.01 -27.95
C VAL D 132 10.06 27.51 -29.35
N VAL D 133 10.92 28.25 -30.05
CA VAL D 133 11.28 27.96 -31.42
C VAL D 133 12.76 28.27 -31.58
N ASP D 134 13.41 27.60 -32.53
CA ASP D 134 14.86 27.59 -32.53
C ASP D 134 15.49 28.00 -33.85
N LEU D 135 14.79 27.82 -34.98
CA LEU D 135 15.25 28.19 -36.32
C LEU D 135 16.60 27.56 -36.72
N SER D 136 16.96 26.44 -36.11
CA SER D 136 18.18 25.71 -36.47
C SER D 136 17.81 24.58 -37.42
N ASN D 137 18.65 24.36 -38.43
CA ASN D 137 18.24 23.51 -39.57
C ASN D 137 18.05 22.05 -39.24
N ARG D 138 18.11 21.58 -38.02
CA ARG D 138 17.58 20.26 -37.75
C ARG D 138 16.12 20.39 -37.28
N PRO D 139 15.19 19.66 -37.88
CA PRO D 139 13.80 19.74 -37.44
C PRO D 139 13.57 18.92 -36.18
N TYR D 140 12.75 19.47 -35.28
CA TYR D 140 12.37 18.70 -34.10
C TYR D 140 11.06 19.27 -33.57
N ALA D 141 10.25 18.42 -32.96
CA ALA D 141 8.93 18.86 -32.50
C ALA D 141 8.54 18.09 -31.24
N VAL D 142 8.43 18.80 -30.13
CA VAL D 142 7.98 18.24 -28.86
C VAL D 142 6.67 18.93 -28.51
N VAL D 143 5.56 18.35 -28.92
CA VAL D 143 4.25 18.97 -28.80
C VAL D 143 3.45 18.21 -27.76
N GLU D 144 3.21 18.83 -26.61
CA GLU D 144 2.56 18.16 -25.49
C GLU D 144 1.27 18.86 -25.08
N LEU D 145 0.43 19.15 -26.07
CA LEU D 145 -0.94 19.61 -25.83
C LEU D 145 -1.74 18.48 -25.20
N GLY D 146 -2.12 18.62 -23.94
CA GLY D 146 -2.88 17.53 -23.36
C GLY D 146 -4.36 17.70 -23.58
N LEU D 147 -4.87 17.12 -24.65
CA LEU D 147 -6.23 17.33 -25.10
C LEU D 147 -7.05 16.10 -24.76
N GLN D 148 -8.07 16.28 -23.92
CA GLN D 148 -8.95 15.20 -23.49
C GLN D 148 -10.25 15.18 -24.25
N ARG D 149 -10.16 15.44 -25.55
CA ARG D 149 -11.29 15.48 -26.46
C ARG D 149 -10.90 14.64 -27.68
N GLU D 150 -11.89 14.14 -28.41
CA GLU D 150 -11.58 13.38 -29.62
C GLU D 150 -11.72 14.18 -30.89
N LYS D 151 -12.67 15.10 -30.98
CA LYS D 151 -12.81 15.97 -32.14
C LYS D 151 -13.26 17.34 -31.66
N VAL D 152 -12.74 18.40 -32.28
CA VAL D 152 -13.14 19.72 -31.80
C VAL D 152 -14.35 20.23 -32.57
N GLY D 153 -14.21 20.55 -33.85
CA GLY D 153 -15.40 20.69 -34.64
C GLY D 153 -15.37 19.83 -35.88
N ASP D 154 -14.21 19.82 -36.53
CA ASP D 154 -13.90 18.89 -37.61
C ASP D 154 -12.51 18.31 -37.50
N LEU D 155 -11.55 19.00 -36.88
CA LEU D 155 -10.28 18.40 -36.56
C LEU D 155 -10.46 17.27 -35.59
N SER D 156 -9.64 16.25 -35.75
CA SER D 156 -9.72 15.06 -34.94
C SER D 156 -8.84 15.12 -33.71
N CYS D 157 -8.33 16.30 -33.34
CA CYS D 157 -7.82 16.63 -32.00
C CYS D 157 -6.55 15.86 -31.61
N GLU D 158 -6.14 14.89 -32.40
CA GLU D 158 -4.82 14.30 -32.36
C GLU D 158 -4.02 14.77 -33.55
N MET D 159 -4.67 15.41 -34.51
CA MET D 159 -3.98 16.03 -35.62
C MET D 159 -3.43 17.40 -35.26
N ILE D 160 -3.94 18.04 -34.22
CA ILE D 160 -3.42 19.31 -33.74
C ILE D 160 -1.97 19.18 -33.26
N PRO D 161 -1.53 18.11 -32.57
CA PRO D 161 -0.08 17.94 -32.42
C PRO D 161 0.59 17.49 -33.69
N HIS D 162 -0.11 16.76 -34.55
CA HIS D 162 0.47 16.21 -35.76
C HIS D 162 0.65 17.26 -36.82
N PHE D 163 -0.13 18.34 -36.75
CA PHE D 163 0.08 19.50 -37.60
C PHE D 163 1.37 20.21 -37.23
N LEU D 164 1.58 20.45 -35.95
CA LEU D 164 2.77 21.15 -35.48
C LEU D 164 4.00 20.27 -35.59
N GLU D 165 3.81 18.95 -35.58
CA GLU D 165 4.91 18.03 -35.84
C GLU D 165 5.42 18.19 -37.26
N SER D 166 4.53 18.15 -38.24
CA SER D 166 4.92 18.28 -39.64
C SER D 166 5.28 19.70 -40.02
N PHE D 167 4.80 20.69 -39.28
CA PHE D 167 5.22 22.07 -39.52
C PHE D 167 6.68 22.25 -39.17
N ALA D 168 7.10 21.81 -37.98
CA ALA D 168 8.49 21.90 -37.59
C ALA D 168 9.37 20.99 -38.42
N GLU D 169 8.81 19.88 -38.93
CA GLU D 169 9.55 18.93 -39.74
C GLU D 169 9.96 19.53 -41.08
N ALA D 170 9.00 20.12 -41.79
CA ALA D 170 9.26 20.64 -43.12
C ALA D 170 9.81 22.06 -43.13
N SER D 171 9.72 22.77 -42.01
CA SER D 171 10.30 24.10 -41.91
C SER D 171 11.70 24.10 -41.34
N ARG D 172 12.20 22.95 -40.91
CA ARG D 172 13.55 22.78 -40.36
C ARG D 172 13.77 23.66 -39.13
N ILE D 173 12.84 23.60 -38.18
CA ILE D 173 12.95 24.31 -36.92
C ILE D 173 12.75 23.32 -35.78
N THR D 174 13.29 23.67 -34.62
CA THR D 174 13.07 22.92 -33.40
C THR D 174 12.02 23.63 -32.57
N LEU D 175 11.03 22.88 -32.10
CA LEU D 175 9.82 23.44 -31.56
C LEU D 175 9.36 22.65 -30.33
N HIS D 176 9.13 23.37 -29.24
CA HIS D 176 8.56 22.81 -28.01
C HIS D 176 7.29 23.59 -27.70
N VAL D 177 6.13 22.99 -27.93
CA VAL D 177 4.86 23.58 -27.56
C VAL D 177 4.24 22.73 -26.47
N ASP D 178 3.88 23.35 -25.37
CA ASP D 178 3.39 22.65 -24.18
C ASP D 178 2.31 23.48 -23.53
N CYS D 179 1.10 22.94 -23.44
CA CYS D 179 0.02 23.61 -22.74
C CYS D 179 0.13 23.35 -21.25
N LEU D 180 0.24 24.41 -20.47
CA LEU D 180 0.54 24.29 -19.06
C LEU D 180 -0.69 23.99 -18.23
N ARG D 181 -1.85 24.51 -18.64
CA ARG D 181 -3.09 24.28 -17.93
C ARG D 181 -4.23 24.55 -18.88
N GLY D 182 -5.44 24.29 -18.41
CA GLY D 182 -6.64 24.54 -19.19
C GLY D 182 -7.53 23.32 -19.22
N LYS D 183 -8.83 23.55 -19.32
CA LYS D 183 -9.76 22.43 -19.34
C LYS D 183 -10.84 22.60 -20.40
N ASN D 184 -10.62 23.51 -21.34
CA ASN D 184 -11.43 23.66 -22.54
C ASN D 184 -10.47 23.49 -23.71
N ASP D 185 -10.74 22.56 -24.60
CA ASP D 185 -9.77 22.18 -25.61
C ASP D 185 -9.82 23.02 -26.86
N HIS D 186 -10.87 23.81 -27.07
CA HIS D 186 -10.76 24.91 -28.02
C HIS D 186 -9.80 25.94 -27.47
N HIS D 187 -9.94 26.29 -26.18
CA HIS D 187 -9.04 27.21 -25.52
C HIS D 187 -7.62 26.68 -25.46
N ARG D 188 -7.49 25.39 -25.21
CA ARG D 188 -6.17 24.81 -25.03
C ARG D 188 -5.42 24.71 -26.35
N SER D 189 -6.12 24.48 -27.45
CA SER D 189 -5.43 24.35 -28.74
C SER D 189 -5.24 25.69 -29.43
N GLU D 190 -6.12 26.66 -29.18
CA GLU D 190 -5.93 27.97 -29.81
C GLU D 190 -4.82 28.74 -29.12
N SER D 191 -4.66 28.54 -27.83
CA SER D 191 -3.58 29.21 -27.11
C SER D 191 -2.22 28.68 -27.53
N ALA D 192 -2.16 27.45 -28.02
CA ALA D 192 -0.91 26.90 -28.53
C ALA D 192 -0.52 27.56 -29.84
N PHE D 193 -1.49 27.80 -30.72
CA PHE D 193 -1.18 28.49 -31.97
C PHE D 193 -0.96 29.97 -31.76
N LYS D 194 -1.57 30.56 -30.72
CA LYS D 194 -1.27 31.94 -30.40
C LYS D 194 0.09 32.08 -29.72
N ALA D 195 0.54 31.04 -29.03
CA ALA D 195 1.87 31.09 -28.42
C ALA D 195 2.96 30.88 -29.45
N LEU D 196 2.71 30.03 -30.45
CA LEU D 196 3.66 29.84 -31.54
C LEU D 196 3.79 31.10 -32.38
N ALA D 197 2.72 31.87 -32.49
CA ALA D 197 2.77 33.12 -33.23
C ALA D 197 3.65 34.15 -32.54
N VAL D 198 3.72 34.11 -31.21
CA VAL D 198 4.59 35.02 -30.48
C VAL D 198 6.05 34.59 -30.64
N ALA D 199 6.29 33.28 -30.68
CA ALA D 199 7.66 32.78 -30.70
C ALA D 199 8.31 32.96 -32.05
N ILE D 200 7.58 32.71 -33.15
CA ILE D 200 8.11 32.91 -34.49
C ILE D 200 8.37 34.38 -34.75
N ARG D 201 7.48 35.25 -34.24
CA ARG D 201 7.68 36.69 -34.33
C ARG D 201 8.92 37.14 -33.57
N GLU D 202 9.25 36.45 -32.47
CA GLU D 202 10.40 36.84 -31.66
C GLU D 202 11.69 36.25 -32.21
N ALA D 203 11.64 35.06 -32.82
CA ALA D 203 12.84 34.47 -33.36
C ALA D 203 13.22 35.09 -34.70
N THR D 204 12.25 35.30 -35.58
CA THR D 204 12.51 36.03 -36.81
C THR D 204 12.33 37.50 -36.47
N SER D 205 13.42 38.13 -36.08
CA SER D 205 13.38 39.52 -35.65
C SER D 205 14.70 40.18 -36.04
N PRO D 206 14.70 41.48 -36.28
CA PRO D 206 15.96 42.14 -36.64
C PRO D 206 16.92 42.26 -35.47
N ASN D 207 17.73 41.20 -35.27
CA ASN D 207 18.82 41.25 -34.31
C ASN D 207 19.80 42.37 -34.62
N GLY D 208 20.08 42.61 -35.88
CA GLY D 208 21.13 43.52 -36.27
C GLY D 208 22.47 42.82 -36.32
N THR D 209 23.47 43.59 -36.76
CA THR D 209 24.90 43.30 -36.87
C THR D 209 25.26 42.26 -37.92
N ASN D 210 24.28 41.60 -38.56
CA ASN D 210 24.46 40.76 -39.76
C ASN D 210 25.44 39.60 -39.51
N ASP D 211 25.02 38.70 -38.63
CA ASP D 211 25.86 37.55 -38.30
C ASP D 211 24.98 36.33 -38.09
N VAL D 212 25.41 35.21 -38.65
CA VAL D 212 24.69 33.94 -38.48
C VAL D 212 24.87 33.45 -37.04
N PRO D 213 23.78 33.35 -36.27
CA PRO D 213 23.93 33.16 -34.81
C PRO D 213 24.13 31.70 -34.42
N SER D 214 25.33 31.19 -34.67
CA SER D 214 25.61 29.80 -34.34
C SER D 214 27.08 29.62 -34.02
N THR D 215 27.37 28.61 -33.21
CA THR D 215 28.74 28.21 -32.94
C THR D 215 29.38 27.59 -34.17
N LYS D 216 28.67 26.68 -34.83
CA LYS D 216 29.21 25.98 -36.00
C LYS D 216 29.15 26.82 -37.26
N GLY D 217 28.59 28.03 -37.19
CA GLY D 217 28.62 28.96 -38.30
C GLY D 217 27.70 28.65 -39.45
N VAL D 218 26.89 27.61 -39.37
CA VAL D 218 26.04 27.18 -40.47
C VAL D 218 24.60 27.16 -39.97
N LEU D 219 23.79 28.07 -40.49
CA LEU D 219 22.34 28.02 -40.31
C LEU D 219 21.68 28.39 -41.62
N GLU E 3 -34.93 -38.05 -40.06
CA GLU E 3 -34.96 -36.70 -40.62
C GLU E 3 -33.63 -35.98 -40.46
N GLN E 4 -33.23 -35.75 -39.21
CA GLN E 4 -32.01 -35.00 -38.90
C GLN E 4 -30.90 -36.00 -38.60
N LYS E 5 -30.34 -36.56 -39.68
CA LYS E 5 -29.25 -37.51 -39.58
C LYS E 5 -28.12 -37.09 -40.50
N ALA E 6 -26.90 -37.42 -40.09
CA ALA E 6 -25.72 -37.14 -40.89
C ALA E 6 -24.62 -38.10 -40.49
N LEU E 7 -23.74 -38.41 -41.44
CA LEU E 7 -22.54 -39.20 -41.16
C LEU E 7 -21.34 -38.49 -41.77
N VAL E 8 -20.27 -38.37 -40.98
CA VAL E 8 -19.08 -37.64 -41.38
C VAL E 8 -17.87 -38.55 -41.20
N LYS E 9 -17.14 -38.78 -42.29
CA LYS E 9 -15.93 -39.59 -42.28
C LYS E 9 -14.75 -38.67 -42.57
N ARG E 10 -14.08 -38.22 -41.53
CA ARG E 10 -12.97 -37.28 -41.65
C ARG E 10 -11.65 -38.03 -41.54
N ILE E 11 -10.87 -38.01 -42.61
CA ILE E 11 -9.68 -38.84 -42.74
C ILE E 11 -8.49 -37.92 -42.95
N THR E 12 -7.59 -37.86 -41.98
CA THR E 12 -6.35 -37.11 -42.08
C THR E 12 -5.20 -38.01 -41.67
N ASN E 13 -3.96 -37.51 -41.80
CA ASN E 13 -2.79 -38.32 -41.52
C ASN E 13 -2.51 -38.46 -40.02
N GLU E 14 -3.33 -37.86 -39.17
CA GLU E 14 -3.23 -38.01 -37.73
C GLU E 14 -4.32 -38.89 -37.17
N THR E 15 -5.57 -38.62 -37.52
CA THR E 15 -6.71 -39.37 -37.03
C THR E 15 -7.58 -39.83 -38.19
N LYS E 16 -8.36 -40.88 -37.95
CA LYS E 16 -9.43 -41.29 -38.84
C LYS E 16 -10.72 -41.29 -38.04
N ILE E 17 -11.73 -40.57 -38.54
CA ILE E 17 -12.94 -40.29 -37.79
C ILE E 17 -14.11 -40.89 -38.56
N GLN E 18 -15.12 -41.35 -37.84
CA GLN E 18 -16.40 -41.64 -38.45
C GLN E 18 -17.48 -41.37 -37.42
N ILE E 19 -18.27 -40.32 -37.65
CA ILE E 19 -19.28 -39.86 -36.70
C ILE E 19 -20.63 -39.91 -37.38
N ALA E 20 -21.53 -40.72 -36.85
CA ALA E 20 -22.92 -40.77 -37.28
C ALA E 20 -23.79 -40.19 -36.18
N ILE E 21 -24.66 -39.25 -36.53
CA ILE E 21 -25.46 -38.53 -35.55
C ILE E 21 -26.92 -38.59 -35.97
N SER E 22 -27.81 -38.54 -34.99
CA SER E 22 -29.22 -38.35 -35.22
C SER E 22 -29.73 -37.42 -34.14
N LEU E 23 -30.19 -36.23 -34.52
CA LEU E 23 -30.57 -35.24 -33.53
C LEU E 23 -31.92 -35.54 -32.90
N LYS E 24 -32.80 -36.19 -33.64
CA LYS E 24 -34.13 -36.51 -33.13
C LYS E 24 -34.15 -37.82 -32.36
N GLY E 25 -33.02 -38.48 -32.17
CA GLY E 25 -32.96 -39.72 -31.44
C GLY E 25 -33.10 -40.92 -32.33
N GLY E 26 -33.73 -41.98 -31.82
CA GLY E 26 -33.96 -43.17 -32.61
C GLY E 26 -32.73 -44.05 -32.72
N PRO E 27 -32.78 -45.03 -33.61
CA PRO E 27 -31.64 -45.94 -33.79
C PRO E 27 -30.62 -45.43 -34.79
N LEU E 28 -29.41 -45.97 -34.65
CA LEU E 28 -28.32 -45.73 -35.59
C LEU E 28 -27.42 -46.95 -35.67
N ALA E 29 -26.83 -47.13 -36.84
CA ALA E 29 -25.83 -48.18 -37.05
C ALA E 29 -24.79 -47.61 -37.99
N ILE E 30 -23.77 -48.42 -38.29
CA ILE E 30 -22.78 -48.08 -39.30
C ILE E 30 -22.66 -49.24 -40.28
N GLU E 31 -22.85 -48.96 -41.56
CA GLU E 31 -22.82 -50.01 -42.57
C GLU E 31 -21.41 -50.54 -42.80
N HIS E 32 -20.38 -49.73 -42.54
CA HIS E 32 -19.00 -50.15 -42.73
C HIS E 32 -18.14 -49.35 -41.74
N SER E 33 -17.79 -49.97 -40.62
CA SER E 33 -17.06 -49.29 -39.57
C SER E 33 -15.56 -49.22 -39.88
N ILE E 34 -14.84 -48.44 -39.08
CA ILE E 34 -13.40 -48.32 -39.24
C ILE E 34 -12.61 -49.15 -38.23
N PHE E 35 -13.23 -49.63 -37.17
CA PHE E 35 -12.53 -50.53 -36.27
C PHE E 35 -12.46 -51.92 -36.89
N PRO E 36 -11.41 -52.70 -36.63
CA PRO E 36 -11.36 -54.07 -37.15
C PRO E 36 -12.38 -54.97 -36.48
N GLU E 37 -13.01 -55.82 -37.30
CA GLU E 37 -14.04 -56.80 -36.90
C GLU E 37 -15.22 -56.11 -36.21
N LYS E 38 -15.87 -55.26 -37.00
CA LYS E 38 -17.05 -54.47 -36.61
C LYS E 38 -16.82 -53.62 -35.36
N ALA E 44 -18.67 -46.01 -22.30
CA ALA E 44 -19.74 -45.05 -22.48
C ALA E 44 -20.65 -45.44 -23.63
N GLU E 45 -21.52 -46.42 -23.39
CA GLU E 45 -22.45 -46.93 -24.40
C GLU E 45 -23.83 -47.06 -23.78
N GLN E 46 -24.78 -46.26 -24.26
CA GLN E 46 -26.17 -46.32 -23.80
C GLN E 46 -27.05 -46.63 -25.00
N ALA E 47 -27.84 -47.68 -24.89
CA ALA E 47 -28.65 -48.14 -26.02
C ALA E 47 -30.06 -48.52 -25.57
N THR E 48 -30.71 -47.65 -24.80
CA THR E 48 -31.94 -48.01 -24.10
C THR E 48 -33.14 -47.53 -24.92
N GLN E 49 -33.33 -48.12 -26.10
CA GLN E 49 -34.61 -48.20 -26.81
C GLN E 49 -35.21 -46.88 -27.30
N SER E 50 -34.59 -45.75 -26.98
CA SER E 50 -35.08 -44.46 -27.43
C SER E 50 -33.99 -43.77 -28.22
N GLN E 51 -32.78 -43.81 -27.68
CA GLN E 51 -31.59 -43.28 -28.34
C GLN E 51 -30.43 -44.24 -28.11
N VAL E 52 -29.55 -44.34 -29.09
CA VAL E 52 -28.35 -45.17 -28.98
C VAL E 52 -27.13 -44.27 -29.11
N ILE E 53 -26.33 -44.21 -28.05
CA ILE E 53 -25.12 -43.40 -28.04
C ILE E 53 -23.95 -44.28 -27.64
N ASN E 54 -22.96 -44.36 -28.53
CA ASN E 54 -21.84 -45.28 -28.40
C ASN E 54 -20.61 -44.55 -28.94
N VAL E 55 -19.81 -44.03 -28.03
CA VAL E 55 -18.63 -43.25 -28.39
C VAL E 55 -17.39 -44.08 -28.11
N HIS E 56 -16.52 -44.19 -29.09
CA HIS E 56 -15.27 -44.92 -28.94
C HIS E 56 -14.16 -44.04 -29.49
N THR E 57 -13.62 -43.17 -28.64
CA THR E 57 -12.36 -42.52 -28.88
C THR E 57 -11.30 -43.19 -28.02
N GLY E 58 -10.04 -42.84 -28.28
CA GLY E 58 -8.98 -43.40 -27.48
C GLY E 58 -8.90 -42.84 -26.08
N ILE E 59 -9.56 -41.72 -25.84
CA ILE E 59 -9.55 -41.04 -24.55
C ILE E 59 -10.82 -41.42 -23.81
N GLY E 60 -10.69 -41.92 -22.59
CA GLY E 60 -11.85 -42.38 -21.86
C GLY E 60 -12.67 -41.27 -21.24
N PHE E 61 -12.01 -40.21 -20.79
CA PHE E 61 -12.74 -39.10 -20.21
C PHE E 61 -13.40 -38.24 -21.26
N LEU E 62 -12.83 -38.19 -22.46
CA LEU E 62 -13.46 -37.50 -23.58
C LEU E 62 -14.59 -38.32 -24.18
N ASP E 63 -14.59 -39.64 -23.99
CA ASP E 63 -15.78 -40.43 -24.26
C ASP E 63 -16.92 -40.03 -23.36
N HIS E 64 -16.62 -39.78 -22.08
CA HIS E 64 -17.65 -39.50 -21.10
C HIS E 64 -18.25 -38.11 -21.28
N MET E 65 -17.54 -37.20 -21.91
CA MET E 65 -18.08 -35.86 -22.11
C MET E 65 -18.94 -35.76 -23.35
N ILE E 66 -18.60 -36.52 -24.40
CA ILE E 66 -19.48 -36.60 -25.55
C ILE E 66 -20.72 -37.43 -25.22
N HIS E 67 -20.57 -38.39 -24.31
CA HIS E 67 -21.70 -39.23 -23.90
C HIS E 67 -22.72 -38.42 -23.12
N ALA E 68 -22.27 -37.63 -22.15
CA ALA E 68 -23.16 -36.78 -21.37
C ALA E 68 -23.73 -35.64 -22.21
N LEU E 69 -23.02 -35.25 -23.27
CA LEU E 69 -23.55 -34.28 -24.20
C LEU E 69 -24.71 -34.85 -25.00
N ALA E 70 -24.56 -36.07 -25.50
CA ALA E 70 -25.60 -36.64 -26.34
C ALA E 70 -26.71 -37.28 -25.52
N LYS E 71 -26.46 -37.63 -24.26
CA LYS E 71 -27.52 -38.22 -23.45
C LYS E 71 -28.56 -37.18 -23.09
N HIS E 72 -28.14 -35.97 -22.77
CA HIS E 72 -29.07 -34.93 -22.34
C HIS E 72 -29.45 -33.99 -23.48
N SER E 73 -29.10 -34.35 -24.72
CA SER E 73 -29.57 -33.63 -25.89
C SER E 73 -30.65 -34.35 -26.66
N GLY E 74 -30.93 -35.61 -26.34
CA GLY E 74 -31.83 -36.38 -27.14
C GLY E 74 -31.22 -36.93 -28.40
N TRP E 75 -29.89 -36.98 -28.46
CA TRP E 75 -29.20 -37.42 -29.65
C TRP E 75 -29.02 -38.93 -29.66
N SER E 76 -28.91 -39.48 -30.86
CA SER E 76 -28.27 -40.76 -31.09
C SER E 76 -26.95 -40.46 -31.77
N LEU E 77 -25.86 -41.02 -31.27
CA LEU E 77 -24.54 -40.59 -31.71
C LEU E 77 -23.55 -41.73 -31.61
N ILE E 78 -22.93 -42.07 -32.73
CA ILE E 78 -21.85 -43.06 -32.77
C ILE E 78 -20.58 -42.34 -33.18
N VAL E 79 -19.55 -42.45 -32.34
CA VAL E 79 -18.27 -41.77 -32.58
C VAL E 79 -17.18 -42.83 -32.63
N GLU E 80 -16.41 -42.83 -33.71
CA GLU E 80 -15.28 -43.73 -33.88
C GLU E 80 -14.07 -42.90 -34.26
N CYS E 81 -13.08 -42.86 -33.38
CA CYS E 81 -11.88 -42.13 -33.66
C CYS E 81 -10.67 -43.00 -33.46
N ILE E 82 -9.95 -43.23 -34.54
CA ILE E 82 -8.68 -43.95 -34.50
C ILE E 82 -7.59 -42.88 -34.56
N GLY E 83 -7.05 -42.52 -33.41
CA GLY E 83 -6.09 -41.44 -33.35
C GLY E 83 -4.77 -41.84 -32.75
N ASP E 84 -3.75 -41.01 -32.97
CA ASP E 84 -2.41 -41.29 -32.45
C ASP E 84 -2.33 -40.91 -30.98
N LEU E 85 -2.01 -41.89 -30.15
CA LEU E 85 -1.92 -41.68 -28.72
C LEU E 85 -0.53 -41.89 -28.16
N HIS E 86 0.45 -42.20 -29.01
CA HIS E 86 1.84 -42.18 -28.54
C HIS E 86 2.34 -40.74 -28.45
N ILE E 87 1.77 -39.86 -29.28
CA ILE E 87 1.82 -38.40 -29.16
C ILE E 87 0.75 -38.05 -28.13
N ASP E 88 0.66 -36.79 -27.71
CA ASP E 88 -0.37 -36.44 -26.73
C ASP E 88 -1.78 -36.50 -27.34
N ASP E 89 -2.76 -36.17 -26.51
CA ASP E 89 -4.17 -36.27 -26.85
C ASP E 89 -4.74 -35.04 -27.53
N HIS E 90 -3.91 -34.09 -27.98
CA HIS E 90 -4.46 -32.91 -28.61
C HIS E 90 -5.00 -33.25 -29.99
N HIS E 91 -4.21 -33.95 -30.80
CA HIS E 91 -4.57 -34.17 -32.19
C HIS E 91 -5.76 -35.11 -32.33
N THR E 92 -6.07 -35.87 -31.30
CA THR E 92 -7.23 -36.76 -31.32
C THR E 92 -8.39 -36.23 -30.50
N THR E 93 -8.30 -35.03 -29.97
CA THR E 93 -9.46 -34.40 -29.36
C THR E 93 -9.92 -33.20 -30.17
N GLU E 94 -8.97 -32.44 -30.70
CA GLU E 94 -9.29 -31.36 -31.64
C GLU E 94 -9.94 -31.92 -32.91
N ASP E 95 -9.38 -33.00 -33.47
CA ASP E 95 -9.95 -33.56 -34.69
C ASP E 95 -11.28 -34.24 -34.43
N CYS E 96 -11.50 -34.80 -33.25
CA CYS E 96 -12.78 -35.40 -32.91
C CYS E 96 -13.79 -34.38 -32.42
N GLY E 97 -13.47 -33.09 -32.48
CA GLY E 97 -14.40 -32.04 -32.18
C GLY E 97 -14.77 -31.27 -33.41
N ILE E 98 -13.84 -31.20 -34.36
CA ILE E 98 -14.13 -30.62 -35.66
C ILE E 98 -15.13 -31.48 -36.41
N ALA E 99 -14.91 -32.79 -36.43
CA ALA E 99 -15.83 -33.66 -37.13
C ALA E 99 -17.14 -33.82 -36.39
N LEU E 100 -17.17 -33.56 -35.10
CA LEU E 100 -18.42 -33.64 -34.34
C LEU E 100 -19.22 -32.35 -34.42
N GLY E 101 -18.57 -31.24 -34.78
CA GLY E 101 -19.32 -30.06 -35.14
C GLY E 101 -19.85 -30.12 -36.56
N GLN E 102 -19.12 -30.77 -37.46
CA GLN E 102 -19.61 -30.93 -38.82
C GLN E 102 -20.80 -31.87 -38.90
N ALA E 103 -20.82 -32.90 -38.07
CA ALA E 103 -21.94 -33.83 -38.08
C ALA E 103 -23.19 -33.18 -37.50
N PHE E 104 -23.02 -32.31 -36.50
CA PHE E 104 -24.15 -31.54 -36.00
C PHE E 104 -24.60 -30.49 -37.01
N LYS E 105 -23.67 -29.97 -37.82
CA LYS E 105 -24.04 -28.96 -38.79
C LYS E 105 -24.81 -29.56 -39.96
N GLU E 106 -24.38 -30.72 -40.45
CA GLU E 106 -25.05 -31.34 -41.58
C GLU E 106 -26.36 -31.99 -41.18
N ALA E 107 -26.58 -32.22 -39.90
CA ALA E 107 -27.83 -32.85 -39.47
C ALA E 107 -28.98 -31.85 -39.43
N LEU E 108 -28.69 -30.57 -39.27
CA LEU E 108 -29.71 -29.54 -39.40
C LEU E 108 -29.27 -28.60 -40.52
N GLY E 109 -29.83 -28.77 -41.70
CA GLY E 109 -29.45 -27.93 -42.81
C GLY E 109 -30.06 -26.55 -42.72
N ALA E 110 -31.39 -26.47 -42.85
CA ALA E 110 -32.09 -25.20 -42.85
C ALA E 110 -32.32 -24.76 -41.41
N VAL E 111 -31.67 -23.69 -41.00
CA VAL E 111 -31.95 -23.10 -39.70
C VAL E 111 -33.16 -22.21 -39.90
N ARG E 112 -34.35 -22.78 -39.78
CA ARG E 112 -35.58 -22.01 -39.82
C ARG E 112 -36.64 -22.78 -39.05
N GLY E 113 -37.54 -22.04 -38.41
CA GLY E 113 -38.51 -22.65 -37.53
C GLY E 113 -37.94 -23.13 -36.22
N VAL E 114 -36.79 -22.60 -35.80
CA VAL E 114 -36.16 -23.00 -34.56
C VAL E 114 -36.09 -21.79 -33.64
N LYS E 115 -35.90 -22.07 -32.35
CA LYS E 115 -35.82 -21.02 -31.34
C LYS E 115 -34.61 -20.13 -31.53
N ARG E 116 -33.49 -20.71 -32.00
CA ARG E 116 -32.20 -20.13 -32.31
C ARG E 116 -31.40 -19.71 -31.07
N PHE E 117 -32.05 -19.61 -29.92
CA PHE E 117 -31.40 -19.16 -28.68
C PHE E 117 -31.70 -20.19 -27.61
N GLY E 118 -30.71 -20.99 -27.26
CA GLY E 118 -30.81 -21.91 -26.15
C GLY E 118 -29.85 -21.47 -25.04
N SER E 119 -30.35 -21.48 -23.82
CA SER E 119 -29.54 -21.26 -22.64
C SER E 119 -29.74 -22.42 -21.70
N GLY E 120 -28.65 -22.96 -21.19
CA GLY E 120 -28.77 -24.08 -20.29
C GLY E 120 -27.88 -23.97 -19.09
N PHE E 121 -28.47 -23.98 -17.90
CA PHE E 121 -27.74 -24.17 -16.66
C PHE E 121 -27.80 -25.64 -16.28
N ALA E 122 -26.70 -26.14 -15.78
CA ALA E 122 -26.69 -27.51 -15.26
C ALA E 122 -25.72 -27.59 -14.11
N PRO E 123 -26.14 -28.09 -12.95
CA PRO E 123 -25.22 -28.30 -11.85
C PRO E 123 -24.70 -29.73 -11.84
N LEU E 124 -23.57 -29.91 -11.18
CA LEU E 124 -23.13 -31.25 -10.80
C LEU E 124 -22.34 -31.06 -9.51
N ASP E 125 -23.05 -31.11 -8.38
CA ASP E 125 -22.49 -31.40 -7.06
C ASP E 125 -21.41 -30.37 -6.68
N GLU E 126 -21.88 -29.12 -6.50
CA GLU E 126 -21.26 -27.82 -6.20
C GLU E 126 -20.65 -27.14 -7.40
N ALA E 127 -20.60 -27.78 -8.56
CA ALA E 127 -20.19 -27.09 -9.78
C ALA E 127 -21.42 -26.58 -10.50
N LEU E 128 -21.30 -25.42 -11.15
CA LEU E 128 -22.42 -24.81 -11.84
C LEU E 128 -21.93 -24.17 -13.12
N SER E 129 -22.44 -24.62 -14.25
CA SER E 129 -22.04 -24.13 -15.55
C SER E 129 -23.27 -23.69 -16.33
N ARG E 130 -23.15 -22.55 -17.01
CA ARG E 130 -24.15 -22.17 -17.99
C ARG E 130 -23.56 -22.26 -19.38
N ALA E 131 -24.43 -22.49 -20.35
CA ALA E 131 -24.02 -22.51 -21.74
C ALA E 131 -25.11 -21.85 -22.54
N VAL E 132 -24.75 -20.86 -23.33
CA VAL E 132 -25.69 -20.29 -24.28
C VAL E 132 -25.20 -20.66 -25.67
N VAL E 133 -26.12 -20.72 -26.62
CA VAL E 133 -25.82 -21.14 -27.98
C VAL E 133 -26.69 -20.30 -28.91
N ASP E 134 -26.22 -20.10 -30.15
CA ASP E 134 -26.82 -19.06 -30.97
C ASP E 134 -27.27 -19.54 -32.34
N LEU E 135 -26.68 -20.61 -32.88
CA LEU E 135 -27.04 -21.20 -34.18
C LEU E 135 -26.96 -20.22 -35.35
N SER E 136 -26.17 -19.15 -35.23
CA SER E 136 -25.96 -18.20 -36.31
C SER E 136 -24.67 -18.54 -37.04
N ASN E 137 -24.67 -18.43 -38.36
CA ASN E 137 -23.60 -19.04 -39.17
C ASN E 137 -22.24 -18.39 -39.00
N ARG E 138 -22.00 -17.47 -38.12
CA ARG E 138 -20.63 -17.15 -37.77
C ARG E 138 -20.21 -17.98 -36.55
N PRO E 139 -19.09 -18.69 -36.60
CA PRO E 139 -18.66 -19.46 -35.45
C PRO E 139 -17.98 -18.58 -34.41
N TYR E 140 -18.26 -18.87 -33.14
CA TYR E 140 -17.57 -18.17 -32.08
C TYR E 140 -17.62 -19.02 -30.83
N ALA E 141 -16.59 -18.92 -29.99
CA ALA E 141 -16.50 -19.77 -28.80
C ALA E 141 -15.81 -19.01 -27.67
N VAL E 142 -16.56 -18.75 -26.60
CA VAL E 142 -16.03 -18.12 -25.40
C VAL E 142 -16.17 -19.13 -24.28
N VAL E 143 -15.13 -19.93 -24.05
CA VAL E 143 -15.18 -21.04 -23.12
C VAL E 143 -14.29 -20.70 -21.93
N GLU E 144 -14.91 -20.48 -20.78
CA GLU E 144 -14.20 -20.02 -19.60
C GLU E 144 -14.34 -21.00 -18.44
N LEU E 145 -14.14 -22.28 -18.71
CA LEU E 145 -14.02 -23.30 -17.68
C LEU E 145 -12.76 -23.07 -16.87
N GLY E 146 -12.89 -22.67 -15.61
CA GLY E 146 -11.67 -22.43 -14.86
C GLY E 146 -11.20 -23.70 -14.17
N LEU E 147 -10.32 -24.43 -14.84
CA LEU E 147 -9.89 -25.75 -14.40
C LEU E 147 -8.50 -25.65 -13.83
N GLN E 148 -8.35 -25.98 -12.54
CA GLN E 148 -7.07 -25.91 -11.84
C GLN E 148 -6.42 -27.26 -11.73
N ARG E 149 -6.53 -28.05 -12.79
CA ARG E 149 -5.99 -29.39 -12.89
C ARG E 149 -5.23 -29.47 -14.21
N GLU E 150 -4.28 -30.39 -14.31
CA GLU E 150 -3.57 -30.56 -15.57
C GLU E 150 -4.07 -31.71 -16.42
N LYS E 151 -4.51 -32.81 -15.82
CA LYS E 151 -5.08 -33.93 -16.55
C LYS E 151 -6.20 -34.53 -15.71
N VAL E 152 -7.29 -34.94 -16.35
CA VAL E 152 -8.39 -35.48 -15.56
C VAL E 152 -8.25 -36.99 -15.41
N GLY E 153 -8.44 -37.75 -16.49
CA GLY E 153 -7.97 -39.11 -16.43
C GLY E 153 -7.05 -39.45 -17.58
N ASP E 154 -7.42 -39.00 -18.76
CA ASP E 154 -6.58 -39.01 -19.95
C ASP E 154 -6.63 -37.71 -20.73
N LEU E 155 -7.73 -36.97 -20.68
CA LEU E 155 -7.75 -35.62 -21.22
C LEU E 155 -6.77 -34.73 -20.49
N SER E 156 -6.17 -33.83 -21.24
CA SER E 156 -5.16 -32.95 -20.70
C SER E 156 -5.73 -31.64 -20.19
N CYS E 157 -7.05 -31.55 -20.02
CA CYS E 157 -7.73 -30.54 -19.19
C CYS E 157 -7.60 -29.10 -19.69
N GLU E 158 -6.79 -28.87 -20.71
CA GLU E 158 -6.80 -27.68 -21.51
C GLU E 158 -7.40 -27.96 -22.87
N MET E 159 -7.59 -29.24 -23.18
CA MET E 159 -8.30 -29.63 -24.38
C MET E 159 -9.80 -29.60 -24.21
N ILE E 160 -10.30 -29.61 -22.99
CA ILE E 160 -11.72 -29.48 -22.71
C ILE E 160 -12.26 -28.12 -23.17
N PRO E 161 -11.56 -26.98 -23.01
CA PRO E 161 -12.02 -25.80 -23.74
C PRO E 161 -11.72 -25.85 -25.22
N HIS E 162 -10.66 -26.55 -25.61
CA HIS E 162 -10.24 -26.60 -26.99
C HIS E 162 -11.14 -27.51 -27.81
N PHE E 163 -11.81 -28.46 -27.17
CA PHE E 163 -12.82 -29.26 -27.82
C PHE E 163 -14.04 -28.42 -28.15
N LEU E 164 -14.51 -27.63 -27.18
CA LEU E 164 -15.68 -26.80 -27.39
C LEU E 164 -15.37 -25.63 -28.30
N GLU E 165 -14.11 -25.22 -28.37
CA GLU E 165 -13.69 -24.21 -29.34
C GLU E 165 -13.86 -24.72 -30.76
N SER E 166 -13.34 -25.92 -31.05
CA SER E 166 -13.44 -26.48 -32.39
C SER E 166 -14.81 -27.02 -32.70
N PHE E 167 -15.61 -27.33 -31.68
CA PHE E 167 -16.99 -27.73 -31.92
C PHE E 167 -17.80 -26.56 -32.44
N ALA E 168 -17.72 -25.41 -31.78
CA ALA E 168 -18.42 -24.22 -32.26
C ALA E 168 -17.84 -23.70 -33.56
N GLU E 169 -16.56 -23.94 -33.80
CA GLU E 169 -15.89 -23.49 -35.01
C GLU E 169 -16.44 -24.21 -36.23
N ALA E 170 -16.48 -25.54 -36.19
CA ALA E 170 -16.88 -26.32 -37.34
C ALA E 170 -18.39 -26.51 -37.46
N SER E 171 -19.14 -26.22 -36.40
CA SER E 171 -20.59 -26.29 -36.46
C SER E 171 -21.24 -24.96 -36.79
N ARG E 172 -20.45 -23.88 -36.89
CA ARG E 172 -20.92 -22.54 -37.24
C ARG E 172 -21.97 -22.04 -36.25
N ILE E 173 -21.65 -22.14 -34.95
CA ILE E 173 -22.51 -21.62 -33.91
C ILE E 173 -21.67 -20.72 -33.01
N THR E 174 -22.37 -19.80 -32.32
CA THR E 174 -21.75 -18.96 -31.32
C THR E 174 -22.06 -19.53 -29.95
N LEU E 175 -21.05 -19.65 -29.11
CA LEU E 175 -21.13 -20.44 -27.89
C LEU E 175 -20.40 -19.75 -26.77
N HIS E 176 -21.09 -19.59 -25.64
CA HIS E 176 -20.51 -19.06 -24.40
C HIS E 176 -20.74 -20.10 -23.32
N VAL E 177 -19.68 -20.81 -22.93
CA VAL E 177 -19.75 -21.75 -21.82
C VAL E 177 -18.86 -21.24 -20.71
N ASP E 178 -19.43 -21.10 -19.51
CA ASP E 178 -18.75 -20.48 -18.38
C ASP E 178 -19.15 -21.23 -17.12
N CYS E 179 -18.17 -21.81 -16.43
CA CYS E 179 -18.43 -22.46 -15.15
C CYS E 179 -18.43 -21.43 -14.05
N LEU E 180 -19.53 -21.33 -13.33
CA LEU E 180 -19.72 -20.26 -12.38
C LEU E 180 -19.06 -20.55 -11.04
N ARG E 181 -19.01 -21.81 -10.64
CA ARG E 181 -18.38 -22.20 -9.38
C ARG E 181 -18.04 -23.67 -9.48
N GLY E 182 -17.37 -24.17 -8.45
CA GLY E 182 -17.01 -25.58 -8.36
C GLY E 182 -15.54 -25.73 -8.05
N LYS E 183 -15.21 -26.81 -7.35
CA LYS E 183 -13.81 -27.03 -7.00
C LYS E 183 -13.39 -28.48 -7.23
N ASN E 184 -14.18 -29.23 -7.98
CA ASN E 184 -13.83 -30.55 -8.49
C ASN E 184 -13.93 -30.47 -9.99
N ASP E 185 -12.84 -30.79 -10.68
CA ASP E 185 -12.78 -30.52 -12.11
C ASP E 185 -13.35 -31.62 -12.98
N HIS E 186 -13.62 -32.80 -12.43
CA HIS E 186 -14.53 -33.71 -13.11
C HIS E 186 -15.93 -33.13 -13.08
N HIS E 187 -16.34 -32.63 -11.91
CA HIS E 187 -17.64 -31.98 -11.75
C HIS E 187 -17.74 -30.72 -12.58
N ARG E 188 -16.66 -29.96 -12.64
CA ARG E 188 -16.69 -28.68 -13.32
C ARG E 188 -16.74 -28.86 -14.83
N SER E 189 -16.11 -29.90 -15.35
CA SER E 189 -16.10 -30.09 -16.81
C SER E 189 -17.31 -30.88 -17.29
N GLU E 190 -17.86 -31.76 -16.45
CA GLU E 190 -19.03 -32.51 -16.88
C GLU E 190 -20.28 -31.64 -16.84
N SER E 191 -20.33 -30.70 -15.92
CA SER E 191 -21.46 -29.79 -15.85
C SER E 191 -21.48 -28.85 -17.04
N ALA E 192 -20.33 -28.59 -17.65
CA ALA E 192 -20.28 -27.77 -18.85
C ALA E 192 -20.87 -28.51 -20.05
N PHE E 193 -20.58 -29.79 -20.17
CA PHE E 193 -21.16 -30.57 -21.25
C PHE E 193 -22.62 -30.89 -21.00
N LYS E 194 -23.03 -30.97 -19.74
CA LYS E 194 -24.45 -31.13 -19.45
C LYS E 194 -25.22 -29.83 -19.64
N ALA E 195 -24.56 -28.69 -19.50
CA ALA E 195 -25.21 -27.41 -19.75
C ALA E 195 -25.34 -27.13 -21.23
N LEU E 196 -24.34 -27.53 -22.02
CA LEU E 196 -24.42 -27.41 -23.47
C LEU E 196 -25.50 -28.30 -24.05
N ALA E 197 -25.74 -29.45 -23.42
CA ALA E 197 -26.80 -30.33 -23.88
C ALA E 197 -28.17 -29.73 -23.66
N VAL E 198 -28.34 -28.91 -22.63
CA VAL E 198 -29.61 -28.23 -22.42
C VAL E 198 -29.79 -27.10 -23.43
N ALA E 199 -28.71 -26.43 -23.79
CA ALA E 199 -28.80 -25.25 -24.65
C ALA E 199 -29.07 -25.64 -26.10
N ILE E 200 -28.39 -26.68 -26.60
CA ILE E 200 -28.62 -27.15 -27.97
C ILE E 200 -30.03 -27.72 -28.10
N ARG E 201 -30.51 -28.40 -27.07
CA ARG E 201 -31.88 -28.90 -27.05
C ARG E 201 -32.89 -27.75 -27.09
N GLU E 202 -32.55 -26.63 -26.48
CA GLU E 202 -33.46 -25.49 -26.42
C GLU E 202 -33.39 -24.64 -27.68
N ALA E 203 -32.22 -24.55 -28.30
CA ALA E 203 -32.10 -23.76 -29.53
C ALA E 203 -32.65 -24.50 -30.73
N THR E 204 -32.33 -25.78 -30.86
CA THR E 204 -32.94 -26.60 -31.91
C THR E 204 -34.23 -27.13 -31.32
N SER E 205 -35.31 -26.38 -31.54
CA SER E 205 -36.60 -26.72 -30.96
C SER E 205 -37.67 -26.28 -31.94
N PRO E 206 -38.82 -26.92 -31.95
CA PRO E 206 -39.88 -26.50 -32.87
C PRO E 206 -40.53 -25.19 -32.45
N ASN E 207 -39.94 -24.08 -32.90
CA ASN E 207 -40.55 -22.76 -32.73
C ASN E 207 -41.92 -22.69 -33.38
N GLY E 208 -42.08 -23.32 -34.53
CA GLY E 208 -43.30 -23.14 -35.31
C GLY E 208 -43.20 -21.95 -36.21
N THR E 209 -44.25 -21.79 -37.03
CA THR E 209 -44.55 -20.72 -37.97
C THR E 209 -43.62 -20.63 -39.18
N ASN E 210 -42.54 -21.43 -39.24
CA ASN E 210 -41.70 -21.65 -40.42
C ASN E 210 -41.09 -20.35 -40.94
N ASP E 211 -40.22 -19.78 -40.12
CA ASP E 211 -39.56 -18.53 -40.49
C ASP E 211 -38.13 -18.55 -39.99
N VAL E 212 -37.21 -18.10 -40.85
CA VAL E 212 -35.80 -18.01 -40.48
C VAL E 212 -35.61 -16.86 -39.49
N PRO E 213 -35.18 -17.15 -38.26
CA PRO E 213 -35.26 -16.13 -37.19
C PRO E 213 -34.07 -15.18 -37.20
N SER E 214 -34.06 -14.26 -38.15
CA SER E 214 -32.95 -13.31 -38.24
C SER E 214 -33.43 -12.01 -38.85
N THR E 215 -32.75 -10.93 -38.48
CA THR E 215 -32.98 -9.63 -39.10
C THR E 215 -32.53 -9.64 -40.56
N LYS E 216 -31.32 -10.15 -40.81
CA LYS E 216 -30.76 -10.16 -42.16
C LYS E 216 -31.33 -11.26 -43.03
N GLY E 217 -32.22 -12.11 -42.49
CA GLY E 217 -32.93 -13.09 -43.27
C GLY E 217 -32.12 -14.29 -43.72
N VAL E 218 -30.85 -14.39 -43.35
CA VAL E 218 -29.97 -15.45 -43.81
C VAL E 218 -29.43 -16.19 -42.60
N LEU E 219 -29.85 -17.44 -42.43
CA LEU E 219 -29.25 -18.34 -41.47
C LEU E 219 -29.16 -19.72 -42.10
N GLU F 3 25.91 1.68 -59.97
CA GLU F 3 24.55 2.20 -60.08
C GLU F 3 24.16 3.06 -58.90
N GLN F 4 24.12 2.45 -57.71
CA GLN F 4 23.69 3.11 -56.50
C GLN F 4 24.93 3.57 -55.72
N LYS F 5 25.51 4.67 -56.19
CA LYS F 5 26.69 5.26 -55.57
C LYS F 5 26.46 6.73 -55.32
N ALA F 6 27.08 7.24 -54.27
CA ALA F 6 27.00 8.65 -53.94
C ALA F 6 28.22 9.02 -53.09
N LEU F 7 28.64 10.28 -53.19
CA LEU F 7 29.68 10.82 -52.33
C LEU F 7 29.22 12.14 -51.76
N VAL F 8 29.41 12.32 -50.46
CA VAL F 8 28.92 13.49 -49.73
C VAL F 8 30.08 14.10 -48.97
N LYS F 9 30.39 15.36 -49.24
CA LYS F 9 31.45 16.09 -48.57
C LYS F 9 30.78 17.19 -47.76
N ARG F 10 30.59 16.94 -46.47
CA ARG F 10 29.90 17.88 -45.58
C ARG F 10 30.93 18.62 -44.76
N ILE F 11 31.00 19.94 -44.93
CA ILE F 11 32.06 20.77 -44.37
C ILE F 11 31.41 21.82 -43.48
N THR F 12 31.65 21.73 -42.18
CA THR F 12 31.18 22.73 -41.23
C THR F 12 32.35 23.12 -40.33
N ASN F 13 32.11 24.10 -39.45
CA ASN F 13 33.19 24.62 -38.62
C ASN F 13 33.51 23.72 -37.43
N GLU F 14 32.81 22.60 -37.29
CA GLU F 14 33.10 21.61 -36.27
C GLU F 14 33.77 20.36 -36.84
N THR F 15 33.19 19.80 -37.90
CA THR F 15 33.71 18.59 -38.52
C THR F 15 33.87 18.81 -40.02
N LYS F 16 34.73 17.99 -40.62
CA LYS F 16 34.82 17.88 -42.07
C LYS F 16 34.60 16.41 -42.42
N ILE F 17 33.63 16.16 -43.30
CA ILE F 17 33.16 14.81 -43.57
C ILE F 17 33.41 14.52 -45.05
N GLN F 18 33.70 13.26 -45.36
CA GLN F 18 33.65 12.80 -46.74
C GLN F 18 33.22 11.35 -46.73
N ILE F 19 32.01 11.08 -47.20
CA ILE F 19 31.42 9.74 -47.17
C ILE F 19 31.11 9.31 -48.58
N ALA F 20 31.74 8.24 -49.02
CA ALA F 20 31.45 7.60 -50.29
C ALA F 20 30.79 6.26 -50.02
N ILE F 21 29.65 6.01 -50.66
CA ILE F 21 28.85 4.82 -50.39
C ILE F 21 28.56 4.13 -51.72
N SER F 22 28.39 2.81 -51.65
CA SER F 22 27.87 2.03 -52.76
C SER F 22 26.94 0.98 -52.17
N LEU F 23 25.65 1.07 -52.49
CA LEU F 23 24.70 0.18 -51.87
C LEU F 23 24.74 -1.22 -52.44
N LYS F 24 25.11 -1.36 -53.72
CA LYS F 24 25.17 -2.66 -54.34
C LYS F 24 26.50 -3.35 -54.13
N GLY F 25 27.39 -2.77 -53.34
CA GLY F 25 28.69 -3.39 -53.08
C GLY F 25 29.75 -2.95 -54.05
N GLY F 26 30.68 -3.84 -54.37
CA GLY F 26 31.71 -3.55 -55.32
C GLY F 26 32.83 -2.71 -54.74
N PRO F 27 33.71 -2.19 -55.59
CA PRO F 27 34.82 -1.37 -55.12
C PRO F 27 34.48 0.11 -54.98
N LEU F 28 35.28 0.79 -54.16
CA LEU F 28 35.21 2.23 -53.98
C LEU F 28 36.59 2.77 -53.68
N ALA F 29 36.81 4.01 -54.10
CA ALA F 29 38.01 4.75 -53.78
C ALA F 29 37.62 6.21 -53.57
N ILE F 30 38.61 7.03 -53.25
CA ILE F 30 38.42 8.48 -53.17
C ILE F 30 39.49 9.15 -54.00
N GLU F 31 39.06 9.98 -54.96
CA GLU F 31 40.01 10.64 -55.86
C GLU F 31 40.81 11.72 -55.14
N HIS F 32 40.28 12.31 -54.07
CA HIS F 32 40.98 13.34 -53.32
C HIS F 32 40.48 13.29 -51.88
N SER F 33 41.26 12.66 -51.00
CA SER F 33 40.84 12.45 -49.62
C SER F 33 41.08 13.71 -48.78
N ILE F 34 40.56 13.69 -47.56
CA ILE F 34 40.74 14.80 -46.64
C ILE F 34 41.79 14.53 -45.58
N PHE F 35 42.21 13.29 -45.40
CA PHE F 35 43.32 13.04 -44.49
C PHE F 35 44.64 13.39 -45.17
N PRO F 36 45.65 13.85 -44.43
CA PRO F 36 46.94 14.13 -45.03
C PRO F 36 47.66 12.86 -45.49
N GLU F 37 48.27 12.95 -46.68
CA GLU F 37 49.02 11.87 -47.33
C GLU F 37 48.15 10.63 -47.54
N LYS F 38 47.11 10.83 -48.34
CA LYS F 38 46.11 9.82 -48.73
C LYS F 38 45.45 9.15 -47.54
N ALA F 44 38.73 -0.86 -38.24
CA ALA F 44 37.54 -1.37 -38.90
C ALA F 44 37.62 -1.21 -40.42
N GLU F 45 38.39 -2.07 -41.06
CA GLU F 45 38.60 -2.01 -42.50
C GLU F 45 38.48 -3.41 -43.07
N GLN F 46 37.45 -3.63 -43.89
CA GLN F 46 37.24 -4.91 -44.56
C GLN F 46 37.24 -4.68 -46.07
N ALA F 47 38.10 -5.40 -46.78
CA ALA F 47 38.27 -5.17 -48.21
C ALA F 47 38.37 -6.50 -48.96
N THR F 48 37.44 -7.41 -48.69
CA THR F 48 37.57 -8.79 -49.16
C THR F 48 36.76 -8.98 -50.45
N GLN F 49 37.20 -8.30 -51.52
CA GLN F 49 36.95 -8.67 -52.92
C GLN F 49 35.49 -8.60 -53.38
N SER F 50 34.56 -8.31 -52.49
CA SER F 50 33.15 -8.19 -52.85
C SER F 50 32.65 -6.80 -52.47
N GLN F 51 33.02 -6.37 -51.27
CA GLN F 51 32.71 -5.04 -50.78
C GLN F 51 33.91 -4.51 -50.02
N VAL F 52 34.12 -3.21 -50.09
CA VAL F 52 35.20 -2.55 -49.37
C VAL F 52 34.60 -1.53 -48.41
N ILE F 53 34.81 -1.74 -47.12
CA ILE F 53 34.28 -0.86 -46.11
C ILE F 53 35.42 -0.42 -45.19
N ASN F 54 35.65 0.89 -45.13
CA ASN F 54 36.80 1.47 -44.45
C ASN F 54 36.34 2.76 -43.81
N VAL F 55 36.07 2.70 -42.52
CA VAL F 55 35.55 3.82 -41.77
C VAL F 55 36.65 4.39 -40.89
N HIS F 56 36.87 5.70 -40.98
CA HIS F 56 37.87 6.38 -40.17
C HIS F 56 37.22 7.61 -39.57
N THR F 57 36.57 7.43 -38.43
CA THR F 57 36.19 8.53 -37.57
C THR F 57 37.14 8.57 -36.40
N GLY F 58 37.06 9.64 -35.61
CA GLY F 58 37.91 9.74 -34.45
C GLY F 58 37.50 8.83 -33.32
N ILE F 59 36.28 8.31 -33.37
CA ILE F 59 35.74 7.44 -32.34
C ILE F 59 35.89 6.01 -32.81
N GLY F 60 36.50 5.17 -31.99
CA GLY F 60 36.75 3.80 -32.40
C GLY F 60 35.55 2.90 -32.30
N PHE F 61 34.70 3.11 -31.31
CA PHE F 61 33.50 2.30 -31.18
C PHE F 61 32.43 2.70 -32.17
N LEU F 62 32.41 3.96 -32.58
CA LEU F 62 31.51 4.41 -33.63
C LEU F 62 32.00 4.00 -35.01
N ASP F 63 33.30 3.73 -35.16
CA ASP F 63 33.78 3.05 -36.36
C ASP F 63 33.22 1.65 -36.45
N HIS F 64 33.15 0.95 -35.31
CA HIS F 64 32.72 -0.44 -35.29
C HIS F 64 31.24 -0.59 -35.53
N MET F 65 30.44 0.44 -35.28
CA MET F 65 29.01 0.35 -35.50
C MET F 65 28.62 0.67 -36.92
N ILE F 66 29.35 1.59 -37.56
CA ILE F 66 29.13 1.82 -38.99
C ILE F 66 29.69 0.65 -39.79
N HIS F 67 30.74 0.01 -39.28
CA HIS F 67 31.32 -1.14 -39.97
C HIS F 67 30.38 -2.33 -39.98
N ALA F 68 29.80 -2.65 -38.82
CA ALA F 68 28.84 -3.74 -38.74
C ALA F 68 27.55 -3.41 -39.45
N LEU F 69 27.23 -2.13 -39.59
CA LEU F 69 26.08 -1.72 -40.39
C LEU F 69 26.31 -1.98 -41.87
N ALA F 70 27.49 -1.63 -42.37
CA ALA F 70 27.75 -1.79 -43.79
C ALA F 70 28.19 -3.19 -44.15
N LYS F 71 28.69 -3.97 -43.19
CA LYS F 71 29.09 -5.33 -43.49
C LYS F 71 27.89 -6.21 -43.75
N HIS F 72 26.82 -6.04 -42.98
CA HIS F 72 25.65 -6.88 -43.11
C HIS F 72 24.56 -6.23 -43.95
N SER F 73 24.87 -5.14 -44.63
CA SER F 73 23.98 -4.53 -45.60
C SER F 73 24.37 -4.78 -47.04
N GLY F 74 25.56 -5.32 -47.28
CA GLY F 74 26.04 -5.43 -48.64
C GLY F 74 26.62 -4.14 -49.17
N TRP F 75 26.94 -3.20 -48.31
CA TRP F 75 27.44 -1.90 -48.74
C TRP F 75 28.94 -1.92 -48.94
N SER F 76 29.40 -1.03 -49.81
CA SER F 76 30.76 -0.54 -49.80
C SER F 76 30.71 0.88 -49.28
N LEU F 77 31.53 1.20 -48.30
CA LEU F 77 31.38 2.47 -47.59
C LEU F 77 32.71 2.96 -47.06
N ILE F 78 33.09 4.18 -47.47
CA ILE F 78 34.28 4.84 -46.98
C ILE F 78 33.84 6.06 -46.20
N VAL F 79 34.23 6.15 -44.94
CA VAL F 79 33.85 7.25 -44.06
C VAL F 79 35.11 7.94 -43.57
N GLU F 80 35.18 9.25 -43.76
CA GLU F 80 36.30 10.05 -43.29
C GLU F 80 35.73 11.24 -42.52
N CYS F 81 35.98 11.27 -41.23
CA CYS F 81 35.53 12.36 -40.43
C CYS F 81 36.65 12.96 -39.62
N ILE F 82 36.94 14.22 -39.91
CA ILE F 82 37.92 14.98 -39.16
C ILE F 82 37.13 15.86 -38.21
N GLY F 83 37.00 15.44 -36.97
CA GLY F 83 36.17 16.16 -36.03
C GLY F 83 36.89 16.58 -34.77
N ASP F 84 36.29 17.52 -34.03
CA ASP F 84 36.91 18.03 -32.81
C ASP F 84 36.69 17.05 -31.66
N LEU F 85 37.77 16.56 -31.08
CA LEU F 85 37.70 15.60 -30.01
C LEU F 85 38.26 16.14 -28.70
N HIS F 86 38.72 17.38 -28.65
CA HIS F 86 39.04 18.00 -27.37
C HIS F 86 37.76 18.40 -26.65
N ILE F 87 36.71 18.70 -27.40
CA ILE F 87 35.32 18.79 -26.98
C ILE F 87 34.82 17.34 -26.95
N ASP F 88 33.61 17.09 -26.45
CA ASP F 88 33.12 15.72 -26.43
C ASP F 88 32.82 15.18 -27.84
N ASP F 89 32.34 13.95 -27.88
CA ASP F 89 32.11 13.23 -29.12
C ASP F 89 30.73 13.45 -29.71
N HIS F 90 29.96 14.43 -29.23
CA HIS F 90 28.63 14.62 -29.79
C HIS F 90 28.73 15.23 -31.19
N HIS F 91 29.51 16.30 -31.33
CA HIS F 91 29.54 17.03 -32.59
C HIS F 91 30.16 16.24 -33.71
N THR F 92 30.92 15.20 -33.40
CA THR F 92 31.52 14.34 -34.42
C THR F 92 30.83 13.01 -34.55
N THR F 93 29.73 12.80 -33.86
CA THR F 93 28.90 11.62 -34.12
C THR F 93 27.57 12.01 -34.73
N GLU F 94 26.99 13.11 -34.26
CA GLU F 94 25.81 13.68 -34.89
C GLU F 94 26.09 14.11 -36.33
N ASP F 95 27.22 14.79 -36.56
CA ASP F 95 27.53 15.23 -37.91
C ASP F 95 27.92 14.07 -38.81
N CYS F 96 28.52 13.02 -38.28
CA CYS F 96 28.84 11.84 -39.07
C CYS F 96 27.68 10.89 -39.22
N GLY F 97 26.48 11.28 -38.76
CA GLY F 97 25.28 10.51 -38.98
C GLY F 97 24.34 11.24 -39.90
N ILE F 98 24.41 12.56 -39.88
CA ILE F 98 23.67 13.37 -40.85
C ILE F 98 24.23 13.15 -42.24
N ALA F 99 25.54 13.19 -42.39
CA ALA F 99 26.13 12.99 -43.70
C ALA F 99 26.06 11.54 -44.15
N LEU F 100 25.90 10.60 -43.23
CA LEU F 100 25.77 9.20 -43.60
C LEU F 100 24.33 8.84 -43.93
N GLY F 101 23.36 9.64 -43.48
CA GLY F 101 22.01 9.51 -44.00
C GLY F 101 21.85 10.15 -45.34
N GLN F 102 22.56 11.25 -45.59
CA GLN F 102 22.49 11.90 -46.90
C GLN F 102 23.14 11.06 -47.99
N ALA F 103 24.21 10.34 -47.66
CA ALA F 103 24.86 9.50 -48.65
C ALA F 103 24.00 8.29 -48.98
N PHE F 104 23.28 7.75 -47.99
CA PHE F 104 22.31 6.70 -48.27
C PHE F 104 21.11 7.23 -49.05
N LYS F 105 20.75 8.49 -48.83
CA LYS F 105 19.60 9.05 -49.54
C LYS F 105 19.92 9.30 -51.01
N GLU F 106 21.10 9.85 -51.29
CA GLU F 106 21.46 10.16 -52.67
C GLU F 106 21.82 8.91 -53.45
N ALA F 107 22.11 7.80 -52.78
CA ALA F 107 22.49 6.59 -53.48
C ALA F 107 21.27 5.87 -54.04
N LEU F 108 20.10 6.06 -53.46
CA LEU F 108 18.85 5.56 -54.04
C LEU F 108 17.95 6.76 -54.28
N GLY F 109 17.89 7.22 -55.53
CA GLY F 109 17.06 8.36 -55.83
C GLY F 109 15.59 8.02 -55.90
N ALA F 110 15.22 7.22 -56.88
CA ALA F 110 13.83 6.85 -57.11
C ALA F 110 13.48 5.69 -56.19
N VAL F 111 12.61 5.94 -55.22
CA VAL F 111 12.08 4.85 -54.40
C VAL F 111 10.92 4.26 -55.18
N ARG F 112 11.22 3.32 -56.06
CA ARG F 112 10.20 2.57 -56.78
C ARG F 112 10.77 1.22 -57.15
N GLY F 113 9.90 0.22 -57.19
CA GLY F 113 10.36 -1.14 -57.39
C GLY F 113 11.06 -1.75 -56.21
N VAL F 114 10.83 -1.22 -55.01
CA VAL F 114 11.47 -1.72 -53.80
C VAL F 114 10.39 -2.24 -52.86
N LYS F 115 10.81 -3.07 -51.90
CA LYS F 115 9.89 -3.65 -50.95
C LYS F 115 9.28 -2.61 -50.03
N ARG F 116 10.05 -1.56 -49.69
CA ARG F 116 9.74 -0.39 -48.88
C ARG F 116 9.63 -0.71 -47.39
N PHE F 117 9.48 -1.99 -47.03
CA PHE F 117 9.29 -2.39 -45.64
C PHE F 117 10.31 -3.47 -45.33
N GLY F 118 11.34 -3.12 -44.58
CA GLY F 118 12.30 -4.09 -44.09
C GLY F 118 12.17 -4.20 -42.58
N SER F 119 12.18 -5.43 -42.09
CA SER F 119 12.24 -5.71 -40.66
C SER F 119 13.40 -6.64 -40.41
N GLY F 120 14.21 -6.31 -39.42
CA GLY F 120 15.34 -7.15 -39.14
C GLY F 120 15.53 -7.41 -37.67
N PHE F 121 15.51 -8.67 -37.28
CA PHE F 121 15.96 -9.10 -35.96
C PHE F 121 17.41 -9.55 -36.06
N ALA F 122 18.18 -9.21 -35.06
CA ALA F 122 19.54 -9.70 -34.99
C ALA F 122 19.94 -9.90 -33.55
N PRO F 123 20.42 -11.07 -33.17
CA PRO F 123 20.93 -11.26 -31.82
C PRO F 123 22.45 -11.05 -31.77
N LEU F 124 22.92 -10.78 -30.57
CA LEU F 124 24.34 -10.87 -30.29
C LEU F 124 24.45 -11.25 -28.82
N ASP F 125 24.43 -12.57 -28.55
CA ASP F 125 24.94 -13.16 -27.32
C ASP F 125 24.22 -12.61 -26.09
N GLU F 126 22.92 -12.94 -26.01
CA GLU F 126 21.82 -12.62 -25.09
C GLU F 126 21.19 -11.26 -25.34
N ALA F 127 21.71 -10.44 -26.24
CA ALA F 127 21.04 -9.23 -26.63
C ALA F 127 20.22 -9.49 -27.88
N LEU F 128 19.07 -8.82 -27.98
CA LEU F 128 18.17 -9.02 -29.10
C LEU F 128 17.54 -7.70 -29.48
N SER F 129 17.77 -7.28 -30.72
CA SER F 129 17.28 -6.01 -31.22
C SER F 129 16.51 -6.24 -32.50
N ARG F 130 15.39 -5.56 -32.65
CA ARG F 130 14.71 -5.50 -33.93
C ARG F 130 14.81 -4.10 -34.49
N ALA F 131 14.76 -4.01 -35.81
CA ALA F 131 14.75 -2.72 -36.47
C ALA F 131 13.81 -2.82 -37.64
N VAL F 132 12.86 -1.91 -37.71
CA VAL F 132 12.01 -1.81 -38.90
C VAL F 132 12.36 -0.50 -39.58
N VAL F 133 12.15 -0.44 -40.89
CA VAL F 133 12.51 0.71 -41.71
C VAL F 133 11.42 0.88 -42.75
N ASP F 134 11.23 2.10 -43.23
CA ASP F 134 10.01 2.39 -43.99
C ASP F 134 10.27 3.04 -45.34
N LEU F 135 11.39 3.73 -45.52
CA LEU F 135 11.78 4.38 -46.79
C LEU F 135 10.74 5.37 -47.32
N SER F 136 9.90 5.93 -46.46
CA SER F 136 8.93 6.94 -46.84
C SER F 136 9.48 8.32 -46.51
N ASN F 137 9.27 9.28 -47.40
CA ASN F 137 10.03 10.55 -47.33
C ASN F 137 9.72 11.41 -46.13
N ARG F 138 8.94 11.02 -45.16
CA ARG F 138 8.97 11.73 -43.89
C ARG F 138 9.97 11.05 -42.95
N PRO F 139 10.90 11.79 -42.36
CA PRO F 139 11.85 11.17 -41.44
C PRO F 139 11.23 10.97 -40.07
N TYR F 140 11.55 9.82 -39.45
CA TYR F 140 11.11 9.59 -38.09
C TYR F 140 12.03 8.56 -37.45
N ALA F 141 12.23 8.67 -36.15
CA ALA F 141 13.17 7.79 -35.46
C ALA F 141 12.69 7.51 -34.05
N VAL F 142 12.35 6.25 -33.77
CA VAL F 142 11.96 5.80 -32.45
C VAL F 142 13.01 4.79 -32.00
N VAL F 143 14.02 5.27 -31.29
CA VAL F 143 15.18 4.45 -30.93
C VAL F 143 15.14 4.22 -29.43
N GLU F 144 14.89 2.98 -29.03
CA GLU F 144 14.69 2.66 -27.62
C GLU F 144 15.70 1.63 -27.14
N LEU F 145 16.97 1.84 -27.47
CA LEU F 145 18.08 1.07 -26.90
C LEU F 145 18.19 1.37 -25.41
N GLY F 146 17.88 0.41 -24.57
CA GLY F 146 17.99 0.71 -23.15
C GLY F 146 19.37 0.42 -22.63
N LEU F 147 20.23 1.43 -22.63
CA LEU F 147 21.65 1.28 -22.33
C LEU F 147 21.90 1.83 -20.93
N GLN F 148 22.36 0.96 -20.03
CA GLN F 148 22.63 1.33 -18.65
C GLN F 148 24.12 1.57 -18.41
N ARG F 149 24.76 2.19 -19.37
CA ARG F 149 26.17 2.50 -19.36
C ARG F 149 26.31 3.96 -19.75
N GLU F 150 27.41 4.61 -19.35
CA GLU F 150 27.62 5.99 -19.76
C GLU F 150 28.56 6.15 -20.93
N LYS F 151 29.58 5.31 -21.06
CA LYS F 151 30.47 5.35 -22.21
C LYS F 151 30.87 3.92 -22.55
N VAL F 152 30.98 3.61 -23.84
CA VAL F 152 31.34 2.23 -24.17
C VAL F 152 32.85 2.08 -24.31
N GLY F 153 33.45 2.66 -25.35
CA GLY F 153 34.89 2.81 -25.28
C GLY F 153 35.32 4.24 -25.49
N ASP F 154 34.69 4.88 -26.45
CA ASP F 154 34.80 6.32 -26.68
C ASP F 154 33.47 6.98 -26.97
N LEU F 155 32.50 6.26 -27.55
CA LEU F 155 31.15 6.76 -27.64
C LEU F 155 30.57 6.98 -26.26
N SER F 156 29.76 8.02 -26.14
CA SER F 156 29.16 8.41 -24.89
C SER F 156 27.81 7.77 -24.65
N CYS F 157 27.44 6.75 -25.43
CA CYS F 157 26.39 5.78 -25.12
C CYS F 157 24.98 6.37 -25.06
N GLU F 158 24.85 7.68 -25.14
CA GLU F 158 23.61 8.36 -25.44
C GLU F 158 23.65 8.92 -26.84
N MET F 159 24.82 8.90 -27.47
CA MET F 159 24.94 9.24 -28.86
C MET F 159 24.59 8.11 -29.80
N ILE F 160 24.59 6.88 -29.30
CA ILE F 160 24.17 5.71 -30.08
C ILE F 160 22.70 5.81 -30.47
N PRO F 161 21.76 6.27 -29.63
CA PRO F 161 20.44 6.60 -30.19
C PRO F 161 20.44 7.88 -31.00
N HIS F 162 21.32 8.81 -30.68
CA HIS F 162 21.35 10.10 -31.35
C HIS F 162 21.97 10.01 -32.74
N PHE F 163 22.79 8.98 -32.96
CA PHE F 163 23.30 8.68 -34.29
C PHE F 163 22.18 8.18 -35.18
N LEU F 164 21.40 7.24 -34.68
CA LEU F 164 20.30 6.66 -35.45
C LEU F 164 19.15 7.64 -35.60
N GLU F 165 19.04 8.59 -34.69
CA GLU F 165 18.07 9.68 -34.83
C GLU F 165 18.42 10.55 -36.04
N SER F 166 19.66 11.00 -36.12
CA SER F 166 20.07 11.85 -37.22
C SER F 166 20.27 11.08 -38.53
N PHE F 167 20.48 9.77 -38.45
CA PHE F 167 20.54 8.98 -39.66
C PHE F 167 19.18 8.91 -40.34
N ALA F 168 18.13 8.59 -39.57
CA ALA F 168 16.79 8.57 -40.13
C ALA F 168 16.29 9.95 -40.49
N GLU F 169 16.80 10.98 -39.82
CA GLU F 169 16.41 12.36 -40.09
C GLU F 169 16.89 12.81 -41.46
N ALA F 170 18.16 12.62 -41.75
CA ALA F 170 18.76 13.11 -42.99
C ALA F 170 18.59 12.15 -44.15
N SER F 171 18.22 10.91 -43.90
CA SER F 171 17.96 9.95 -44.95
C SER F 171 16.50 9.87 -45.35
N ARG F 172 15.62 10.58 -44.63
CA ARG F 172 14.18 10.64 -44.90
C ARG F 172 13.54 9.25 -44.85
N ILE F 173 13.82 8.52 -43.77
CA ILE F 173 13.21 7.22 -43.53
C ILE F 173 12.60 7.23 -42.15
N THR F 174 11.62 6.34 -41.96
CA THR F 174 11.01 6.12 -40.66
C THR F 174 11.61 4.85 -40.07
N LEU F 175 12.02 4.93 -38.82
CA LEU F 175 12.87 3.91 -38.22
C LEU F 175 12.46 3.66 -36.78
N HIS F 176 12.24 2.38 -36.45
CA HIS F 176 11.96 1.93 -35.09
C HIS F 176 13.01 0.89 -34.74
N VAL F 177 13.97 1.26 -33.90
CA VAL F 177 14.96 0.32 -33.39
C VAL F 177 14.75 0.17 -31.90
N ASP F 178 14.60 -1.08 -31.45
CA ASP F 178 14.24 -1.37 -30.07
C ASP F 178 14.98 -2.63 -29.64
N CYS F 179 15.82 -2.52 -28.62
CA CYS F 179 16.49 -3.68 -28.07
C CYS F 179 15.57 -4.39 -27.08
N LEU F 180 15.30 -5.65 -27.35
CA LEU F 180 14.30 -6.37 -26.60
C LEU F 180 14.83 -6.92 -25.29
N ARG F 181 16.10 -7.29 -25.25
CA ARG F 181 16.73 -7.82 -24.04
C ARG F 181 18.23 -7.65 -24.19
N GLY F 182 18.94 -7.99 -23.12
CA GLY F 182 20.39 -7.94 -23.12
C GLY F 182 20.89 -7.18 -21.91
N LYS F 183 22.07 -7.57 -21.44
CA LYS F 183 22.63 -6.89 -20.27
C LYS F 183 24.11 -6.57 -20.44
N ASN F 184 24.60 -6.63 -21.68
CA ASN F 184 25.92 -6.15 -22.06
C ASN F 184 25.69 -5.12 -23.14
N ASP F 185 26.20 -3.90 -22.94
CA ASP F 185 25.82 -2.80 -23.80
C ASP F 185 26.69 -2.66 -25.04
N HIS F 186 27.83 -3.35 -25.10
CA HIS F 186 28.45 -3.58 -26.40
C HIS F 186 27.58 -4.49 -27.23
N HIS F 187 27.10 -5.58 -26.61
CA HIS F 187 26.20 -6.51 -27.26
C HIS F 187 24.88 -5.85 -27.62
N ARG F 188 24.38 -5.01 -26.74
CA ARG F 188 23.07 -4.42 -26.96
C ARG F 188 23.11 -3.37 -28.06
N SER F 189 24.22 -2.65 -28.21
CA SER F 189 24.27 -1.62 -29.24
C SER F 189 24.75 -2.16 -30.58
N GLU F 190 25.55 -3.22 -30.58
CA GLU F 190 25.98 -3.78 -31.86
C GLU F 190 24.86 -4.57 -32.51
N SER F 191 24.02 -5.20 -31.71
CA SER F 191 22.88 -5.92 -32.26
C SER F 191 21.87 -4.99 -32.88
N ALA F 192 21.82 -3.74 -32.42
CA ALA F 192 20.93 -2.75 -33.04
C ALA F 192 21.41 -2.37 -34.43
N PHE F 193 22.72 -2.20 -34.59
CA PHE F 193 23.26 -1.88 -35.90
C PHE F 193 23.27 -3.09 -36.82
N LYS F 194 23.36 -4.30 -36.26
CA LYS F 194 23.21 -5.48 -37.09
C LYS F 194 21.77 -5.74 -37.47
N ALA F 195 20.82 -5.29 -36.66
CA ALA F 195 19.41 -5.43 -37.01
C ALA F 195 18.99 -4.41 -38.05
N LEU F 196 19.55 -3.20 -37.98
CA LEU F 196 19.28 -2.18 -39.00
C LEU F 196 19.86 -2.59 -40.34
N ALA F 197 20.97 -3.33 -40.34
CA ALA F 197 21.56 -3.79 -41.57
C ALA F 197 20.68 -4.82 -42.26
N VAL F 198 19.93 -5.61 -41.49
CA VAL F 198 19.01 -6.57 -42.09
C VAL F 198 17.80 -5.86 -42.66
N ALA F 199 17.35 -4.79 -42.00
CA ALA F 199 16.12 -4.12 -42.39
C ALA F 199 16.31 -3.28 -43.65
N ILE F 200 17.43 -2.56 -43.76
CA ILE F 200 17.72 -1.77 -44.95
C ILE F 200 17.95 -2.68 -46.14
N ARG F 201 18.59 -3.82 -45.92
CA ARG F 201 18.77 -4.82 -46.97
C ARG F 201 17.43 -5.37 -47.46
N GLU F 202 16.46 -5.48 -46.55
CA GLU F 202 15.17 -6.04 -46.91
C GLU F 202 14.25 -4.99 -47.53
N ALA F 203 14.37 -3.73 -47.12
CA ALA F 203 13.52 -2.69 -47.70
C ALA F 203 14.03 -2.26 -49.07
N THR F 204 15.33 -2.07 -49.21
CA THR F 204 15.91 -1.81 -50.52
C THR F 204 16.17 -3.16 -51.14
N SER F 205 15.20 -3.67 -51.88
CA SER F 205 15.29 -4.99 -52.47
C SER F 205 14.53 -4.97 -53.78
N PRO F 206 14.91 -5.81 -54.73
CA PRO F 206 14.18 -5.82 -56.01
C PRO F 206 12.80 -6.45 -55.89
N ASN F 207 11.82 -5.62 -55.54
CA ASN F 207 10.41 -6.02 -55.56
C ASN F 207 9.99 -6.49 -56.95
N GLY F 208 10.47 -5.82 -57.99
CA GLY F 208 9.97 -6.07 -59.32
C GLY F 208 8.75 -5.23 -59.62
N THR F 209 8.30 -5.34 -60.87
CA THR F 209 7.10 -4.76 -61.49
C THR F 209 7.13 -3.24 -61.64
N ASN F 210 8.15 -2.55 -61.11
CA ASN F 210 8.45 -1.13 -61.38
C ASN F 210 7.27 -0.21 -61.02
N ASP F 211 6.97 -0.15 -59.73
CA ASP F 211 5.88 0.68 -59.26
C ASP F 211 6.26 1.28 -57.91
N VAL F 212 5.96 2.57 -57.76
CA VAL F 212 6.21 3.28 -56.51
C VAL F 212 5.22 2.79 -55.45
N PRO F 213 5.70 2.17 -54.37
CA PRO F 213 4.79 1.43 -53.48
C PRO F 213 4.12 2.35 -52.44
N SER F 214 3.14 3.13 -52.89
CA SER F 214 2.46 4.03 -51.97
C SER F 214 1.05 4.27 -52.44
N THR F 215 0.18 4.57 -51.48
CA THR F 215 -1.18 4.99 -51.78
C THR F 215 -1.20 6.35 -52.46
N LYS F 216 -0.45 7.31 -51.90
CA LYS F 216 -0.44 8.66 -52.43
C LYS F 216 0.43 8.81 -53.68
N GLY F 217 1.11 7.74 -54.10
CA GLY F 217 1.84 7.73 -55.34
C GLY F 217 3.14 8.49 -55.35
N VAL F 218 3.55 9.08 -54.23
CA VAL F 218 4.75 9.92 -54.16
C VAL F 218 5.69 9.33 -53.12
N LEU F 219 6.82 8.79 -53.57
CA LEU F 219 7.91 8.43 -52.69
C LEU F 219 9.22 8.82 -53.36
N GLU G 3 -0.74 61.38 -22.50
CA GLU G 3 -1.55 60.58 -23.41
C GLU G 3 -2.38 59.53 -22.69
N GLN G 4 -1.69 58.58 -22.04
CA GLN G 4 -2.34 57.47 -21.36
C GLN G 4 -2.45 57.80 -19.87
N LYS G 5 -3.42 58.64 -19.55
CA LYS G 5 -3.67 59.05 -18.17
C LYS G 5 -5.15 58.84 -17.84
N ALA G 6 -5.42 58.57 -16.58
CA ALA G 6 -6.78 58.39 -16.10
C ALA G 6 -6.79 58.64 -14.60
N LEU G 7 -7.92 59.12 -14.10
CA LEU G 7 -8.15 59.26 -12.67
C LEU G 7 -9.49 58.66 -12.32
N VAL G 8 -9.51 57.85 -11.26
CA VAL G 8 -10.70 57.11 -10.85
C VAL G 8 -10.97 57.41 -9.38
N LYS G 9 -12.15 57.93 -9.08
CA LYS G 9 -12.58 58.24 -7.72
C LYS G 9 -13.73 57.30 -7.39
N ARG G 10 -13.42 56.21 -6.70
CA ARG G 10 -14.41 55.18 -6.38
C ARG G 10 -14.83 55.35 -4.93
N ILE G 11 -16.12 55.65 -4.72
CA ILE G 11 -16.64 56.05 -3.41
C ILE G 11 -17.74 55.07 -3.04
N THR G 12 -17.49 54.27 -2.01
CA THR G 12 -18.48 53.35 -1.47
C THR G 12 -18.54 53.53 0.05
N ASN G 13 -19.47 52.83 0.70
CA ASN G 13 -19.66 53.00 2.14
C ASN G 13 -18.62 52.27 2.97
N GLU G 14 -17.68 51.58 2.34
CA GLU G 14 -16.57 50.95 3.02
C GLU G 14 -15.26 51.70 2.82
N THR G 15 -14.93 52.02 1.58
CA THR G 15 -13.68 52.71 1.26
C THR G 15 -13.98 53.92 0.39
N LYS G 16 -13.05 54.87 0.41
CA LYS G 16 -13.03 55.97 -0.55
C LYS G 16 -11.69 55.94 -1.26
N ILE G 17 -11.73 55.90 -2.59
CA ILE G 17 -10.55 55.64 -3.40
C ILE G 17 -10.32 56.85 -4.29
N GLN G 18 -9.06 57.15 -4.58
CA GLN G 18 -8.75 58.09 -5.65
C GLN G 18 -7.42 57.65 -6.26
N ILE G 19 -7.47 57.14 -7.48
CA ILE G 19 -6.31 56.58 -8.16
C ILE G 19 -6.07 57.36 -9.44
N ALA G 20 -4.92 58.00 -9.53
CA ALA G 20 -4.47 58.67 -10.75
C ALA G 20 -3.29 57.89 -11.31
N ILE G 21 -3.35 57.57 -12.59
CA ILE G 21 -2.36 56.71 -13.23
C ILE G 21 -1.85 57.41 -14.49
N SER G 22 -0.61 57.11 -14.85
CA SER G 22 -0.05 57.49 -16.14
C SER G 22 0.80 56.33 -16.61
N LEU G 23 0.40 55.71 -17.70
CA LEU G 23 1.10 54.50 -18.15
C LEU G 23 2.43 54.83 -18.81
N LYS G 24 2.54 55.98 -19.45
CA LYS G 24 3.76 56.36 -20.12
C LYS G 24 4.76 57.03 -19.20
N GLY G 25 4.46 57.14 -17.91
CA GLY G 25 5.36 57.76 -16.96
C GLY G 25 5.09 59.24 -16.78
N GLY G 26 6.15 60.01 -16.55
CA GLY G 26 6.02 61.44 -16.41
C GLY G 26 5.51 61.85 -15.05
N PRO G 27 5.12 63.12 -14.91
CA PRO G 27 4.61 63.61 -13.63
C PRO G 27 3.11 63.41 -13.45
N LEU G 28 2.70 63.43 -12.18
CA LEU G 28 1.30 63.39 -11.80
C LEU G 28 1.09 64.16 -10.51
N ALA G 29 -0.09 64.74 -10.38
CA ALA G 29 -0.51 65.40 -9.15
C ALA G 29 -1.99 65.11 -8.97
N ILE G 30 -2.55 65.63 -7.88
CA ILE G 30 -3.98 65.59 -7.65
C ILE G 30 -4.47 66.98 -7.32
N GLU G 31 -5.45 67.47 -8.08
CA GLU G 31 -5.96 68.82 -7.89
C GLU G 31 -6.76 68.95 -6.61
N HIS G 32 -7.36 67.86 -6.13
CA HIS G 32 -8.15 67.91 -4.90
C HIS G 32 -8.10 66.51 -4.28
N SER G 33 -7.25 66.34 -3.28
CA SER G 33 -7.02 65.03 -2.67
C SER G 33 -8.11 64.70 -1.66
N ILE G 34 -8.12 63.45 -1.20
CA ILE G 34 -9.09 63.01 -0.20
C ILE G 34 -8.50 62.94 1.20
N PHE G 35 -7.19 62.97 1.35
CA PHE G 35 -6.62 63.05 2.70
C PHE G 35 -6.73 64.47 3.22
N PRO G 36 -6.88 64.65 4.53
CA PRO G 36 -6.92 66.01 5.09
C PRO G 36 -5.57 66.70 4.99
N GLU G 37 -5.61 67.98 4.63
CA GLU G 37 -4.45 68.87 4.48
C GLU G 37 -3.45 68.32 3.46
N LYS G 38 -3.95 68.21 2.23
CA LYS G 38 -3.22 67.72 1.05
C LYS G 38 -2.62 66.33 1.25
N ALA G 44 6.35 54.04 0.72
CA ALA G 44 6.52 53.66 -0.67
C ALA G 44 6.26 54.83 -1.61
N GLU G 45 7.22 55.75 -1.70
CA GLU G 45 7.10 56.94 -2.52
C GLU G 45 8.38 57.13 -3.31
N GLN G 46 8.31 57.01 -4.63
CA GLN G 46 9.45 57.23 -5.51
C GLN G 46 9.11 58.35 -6.48
N ALA G 47 9.93 59.38 -6.52
CA ALA G 47 9.63 60.56 -7.33
C ALA G 47 10.88 61.05 -8.06
N THR G 48 11.58 60.13 -8.73
CA THR G 48 12.92 60.43 -9.26
C THR G 48 12.81 60.80 -10.75
N GLN G 49 12.16 61.94 -11.02
CA GLN G 49 12.35 62.74 -12.23
C GLN G 49 11.92 62.11 -13.55
N SER G 50 11.50 60.84 -13.53
CA SER G 50 11.04 60.16 -14.73
C SER G 50 9.62 59.69 -14.52
N GLN G 51 9.38 59.10 -13.36
CA GLN G 51 8.05 58.66 -12.94
C GLN G 51 7.87 58.98 -11.47
N VAL G 52 6.64 59.30 -11.09
CA VAL G 52 6.31 59.57 -9.70
C VAL G 52 5.26 58.57 -9.24
N ILE G 53 5.61 57.75 -8.27
CA ILE G 53 4.71 56.72 -7.74
C ILE G 53 4.62 56.89 -6.24
N ASN G 54 3.41 57.13 -5.75
CA ASN G 54 3.16 57.48 -4.36
C ASN G 54 1.85 56.80 -3.96
N VAL G 55 1.96 55.68 -3.28
CA VAL G 55 0.81 54.90 -2.89
C VAL G 55 0.57 55.07 -1.40
N HIS G 56 -0.66 55.40 -1.02
CA HIS G 56 -1.02 55.55 0.38
C HIS G 56 -2.32 54.80 0.60
N THR G 57 -2.20 53.51 0.88
CA THR G 57 -3.29 52.72 1.44
C THR G 57 -3.02 52.53 2.92
N GLY G 58 -4.02 52.02 3.63
CA GLY G 58 -3.83 51.75 5.04
C GLY G 58 -2.94 50.56 5.33
N ILE G 59 -2.71 49.72 4.32
CA ILE G 59 -1.91 48.52 4.46
C ILE G 59 -0.52 48.82 3.94
N GLY G 60 0.50 48.56 4.75
CA GLY G 60 1.85 48.89 4.33
C GLY G 60 2.46 47.92 3.37
N PHE G 61 2.15 46.64 3.49
CA PHE G 61 2.69 45.66 2.58
C PHE G 61 1.98 45.68 1.24
N LEU G 62 0.71 46.09 1.22
CA LEU G 62 -0.01 46.29 -0.03
C LEU G 62 0.38 47.59 -0.72
N ASP G 63 0.93 48.55 0.03
CA ASP G 63 1.60 49.69 -0.60
C ASP G 63 2.82 49.22 -1.36
N HIS G 64 3.58 48.29 -0.79
CA HIS G 64 4.83 47.85 -1.37
C HIS G 64 4.63 47.00 -2.61
N MET G 65 3.47 46.38 -2.77
CA MET G 65 3.23 45.56 -3.93
C MET G 65 2.71 46.35 -5.10
N ILE G 66 1.93 47.40 -4.84
CA ILE G 66 1.54 48.32 -5.91
C ILE G 66 2.73 49.18 -6.32
N HIS G 67 3.64 49.45 -5.39
CA HIS G 67 4.82 50.25 -5.69
C HIS G 67 5.77 49.48 -6.61
N ALA G 68 6.04 48.22 -6.29
CA ALA G 68 6.90 47.39 -7.15
C ALA G 68 6.22 47.07 -8.47
N LEU G 69 4.89 47.09 -8.50
CA LEU G 69 4.18 46.92 -9.77
C LEU G 69 4.37 48.13 -10.66
N ALA G 70 4.25 49.33 -10.11
CA ALA G 70 4.35 50.52 -10.94
C ALA G 70 5.78 50.95 -11.17
N LYS G 71 6.72 50.51 -10.34
CA LYS G 71 8.12 50.89 -10.57
C LYS G 71 8.69 50.16 -11.77
N HIS G 72 8.34 48.90 -11.95
CA HIS G 72 8.88 48.11 -13.05
C HIS G 72 7.93 48.04 -14.24
N SER G 73 6.89 48.86 -14.25
CA SER G 73 6.01 49.00 -15.40
C SER G 73 6.23 50.30 -16.16
N GLY G 74 7.01 51.23 -15.61
CA GLY G 74 7.11 52.54 -16.22
C GLY G 74 5.95 53.44 -15.91
N TRP G 75 5.17 53.13 -14.88
CA TRP G 75 3.99 53.89 -14.54
C TRP G 75 4.33 55.06 -13.65
N SER G 76 3.50 56.08 -13.72
CA SER G 76 3.33 57.05 -12.65
C SER G 76 1.97 56.78 -12.03
N LEU G 77 1.93 56.66 -10.71
CA LEU G 77 0.72 56.15 -10.06
C LEU G 77 0.58 56.73 -8.67
N ILE G 78 -0.54 57.41 -8.42
CA ILE G 78 -0.88 57.91 -7.10
C ILE G 78 -2.11 57.16 -6.63
N VAL G 79 -2.01 56.53 -5.47
CA VAL G 79 -3.09 55.74 -4.89
C VAL G 79 -3.44 56.30 -3.53
N GLU G 80 -4.71 56.62 -3.33
CA GLU G 80 -5.20 57.11 -2.05
C GLU G 80 -6.42 56.28 -1.67
N CYS G 81 -6.29 55.52 -0.60
CA CYS G 81 -7.39 54.73 -0.13
C CYS G 81 -7.65 54.97 1.33
N ILE G 82 -8.83 55.50 1.61
CA ILE G 82 -9.30 55.69 2.97
C ILE G 82 -10.25 54.54 3.26
N GLY G 83 -9.76 53.50 3.92
CA GLY G 83 -10.57 52.33 4.14
C GLY G 83 -10.72 51.95 5.59
N ASP G 84 -11.71 51.10 5.88
CA ASP G 84 -11.96 50.67 7.25
C ASP G 84 -10.97 49.59 7.67
N LEU G 85 -10.21 49.87 8.72
CA LEU G 85 -9.21 48.93 9.20
C LEU G 85 -9.49 48.42 10.60
N HIS G 86 -10.61 48.82 11.22
CA HIS G 86 -11.02 48.16 12.44
C HIS G 86 -11.65 46.81 12.14
N ILE G 87 -12.24 46.68 10.95
CA ILE G 87 -12.59 45.43 10.29
C ILE G 87 -11.30 44.92 9.64
N ASP G 88 -11.28 43.71 9.08
CA ASP G 88 -10.06 43.23 8.46
C ASP G 88 -9.72 44.01 7.18
N ASP G 89 -8.63 43.59 6.55
CA ASP G 89 -8.09 44.26 5.39
C ASP G 89 -8.65 43.78 4.06
N HIS G 90 -9.73 43.00 4.06
CA HIS G 90 -10.27 42.53 2.79
C HIS G 90 -10.94 43.65 2.04
N HIS G 91 -11.82 44.40 2.73
CA HIS G 91 -12.63 45.41 2.05
C HIS G 91 -11.81 46.57 1.54
N THR G 92 -10.60 46.76 2.06
CA THR G 92 -9.72 47.83 1.61
C THR G 92 -8.58 47.33 0.74
N THR G 93 -8.58 46.06 0.39
CA THR G 93 -7.64 45.57 -0.62
C THR G 93 -8.36 45.14 -1.87
N GLU G 94 -9.53 44.51 -1.72
CA GLU G 94 -10.39 44.23 -2.86
C GLU G 94 -10.86 45.50 -3.55
N ASP G 95 -11.28 46.50 -2.78
CA ASP G 95 -11.76 47.74 -3.38
C ASP G 95 -10.62 48.55 -3.98
N CYS G 96 -9.42 48.47 -3.42
CA CYS G 96 -8.27 49.16 -3.99
C CYS G 96 -7.61 48.37 -5.12
N GLY G 97 -8.22 47.27 -5.54
CA GLY G 97 -7.76 46.53 -6.70
C GLY G 97 -8.75 46.63 -7.83
N ILE G 98 -10.03 46.80 -7.48
CA ILE G 98 -11.05 47.07 -8.48
C ILE G 98 -10.83 48.44 -9.09
N ALA G 99 -10.58 49.45 -8.26
CA ALA G 99 -10.36 50.78 -8.80
C ALA G 99 -9.01 50.92 -9.47
N LEU G 100 -8.05 50.05 -9.14
CA LEU G 100 -6.75 50.09 -9.80
C LEU G 100 -6.75 49.32 -11.11
N GLY G 101 -7.70 48.41 -11.31
CA GLY G 101 -7.92 47.87 -12.62
C GLY G 101 -8.70 48.79 -13.52
N GLN G 102 -9.63 49.56 -12.95
CA GLN G 102 -10.37 50.53 -13.75
C GLN G 102 -9.50 51.67 -14.22
N ALA G 103 -8.54 52.10 -13.40
CA ALA G 103 -7.65 53.17 -13.81
C ALA G 103 -6.70 52.71 -14.91
N PHE G 104 -6.26 51.46 -14.84
CA PHE G 104 -5.47 50.90 -15.94
C PHE G 104 -6.31 50.70 -17.19
N LYS G 105 -7.61 50.42 -17.03
CA LYS G 105 -8.46 50.20 -18.19
C LYS G 105 -8.75 51.51 -18.91
N GLU G 106 -9.05 52.57 -18.16
CA GLU G 106 -9.37 53.85 -18.79
C GLU G 106 -8.14 54.55 -19.33
N ALA G 107 -6.95 54.15 -18.92
CA ALA G 107 -5.75 54.80 -19.40
C ALA G 107 -5.36 54.31 -20.78
N LEU G 108 -5.76 53.10 -21.17
CA LEU G 108 -5.60 52.64 -22.55
C LEU G 108 -7.00 52.31 -23.07
N GLY G 109 -7.55 53.22 -23.86
CA GLY G 109 -8.87 52.99 -24.40
C GLY G 109 -8.88 52.01 -25.55
N ALA G 110 -8.25 52.39 -26.66
CA ALA G 110 -8.23 51.57 -27.86
C ALA G 110 -7.10 50.55 -27.73
N VAL G 111 -7.46 49.28 -27.63
CA VAL G 111 -6.46 48.22 -27.67
C VAL G 111 -6.21 47.94 -29.14
N ARG G 112 -5.29 48.70 -29.73
CA ARG G 112 -4.86 48.46 -31.10
C ARG G 112 -3.44 48.99 -31.25
N GLY G 113 -2.66 48.33 -32.10
CA GLY G 113 -1.27 48.65 -32.21
C GLY G 113 -0.42 48.21 -31.05
N VAL G 114 -0.89 47.24 -30.27
CA VAL G 114 -0.16 46.73 -29.12
C VAL G 114 0.17 45.27 -29.35
N LYS G 115 1.14 44.78 -28.57
CA LYS G 115 1.59 43.39 -28.69
C LYS G 115 0.51 42.42 -28.27
N ARG G 116 -0.30 42.80 -27.27
CA ARG G 116 -1.46 42.11 -26.68
C ARG G 116 -1.04 40.92 -25.81
N PHE G 117 0.19 40.43 -25.95
CA PHE G 117 0.65 39.26 -25.22
C PHE G 117 1.96 39.62 -24.53
N GLY G 118 1.91 39.81 -23.22
CA GLY G 118 3.11 40.01 -22.43
C GLY G 118 3.30 38.82 -21.51
N SER G 119 4.54 38.35 -21.43
CA SER G 119 4.93 37.32 -20.49
C SER G 119 6.12 37.84 -19.71
N GLY G 120 6.07 37.70 -18.39
CA GLY G 120 7.16 38.19 -17.59
C GLY G 120 7.57 37.23 -16.51
N PHE G 121 8.83 36.80 -16.54
CA PHE G 121 9.44 36.11 -15.42
C PHE G 121 10.19 37.12 -14.58
N ALA G 122 10.12 36.96 -13.28
CA ALA G 122 10.91 37.79 -12.39
C ALA G 122 11.30 36.99 -11.17
N PRO G 123 12.59 36.93 -10.82
CA PRO G 123 12.98 36.28 -9.58
C PRO G 123 13.12 37.28 -8.45
N LEU G 124 13.05 36.76 -7.24
CA LEU G 124 13.49 37.51 -6.08
C LEU G 124 14.01 36.47 -5.09
N ASP G 125 15.30 36.15 -5.20
CA ASP G 125 16.10 35.54 -4.13
C ASP G 125 15.49 34.21 -3.68
N GLU G 126 15.53 33.24 -4.61
CA GLU G 126 15.05 31.85 -4.68
C GLU G 126 13.56 31.74 -5.00
N ALA G 127 12.81 32.83 -5.06
CA ALA G 127 11.45 32.77 -5.54
C ALA G 127 11.42 33.09 -7.02
N LEU G 128 10.51 32.45 -7.74
CA LEU G 128 10.41 32.62 -9.18
C LEU G 128 8.96 32.61 -9.60
N SER G 129 8.50 33.71 -10.19
CA SER G 129 7.12 33.86 -10.59
C SER G 129 7.07 34.25 -12.06
N ARG G 130 6.14 33.65 -12.79
CA ARG G 130 5.83 34.13 -14.12
C ARG G 130 4.45 34.74 -14.13
N ALA G 131 4.24 35.67 -15.05
CA ALA G 131 2.94 36.27 -15.22
C ALA G 131 2.72 36.47 -16.71
N VAL G 132 1.62 35.97 -17.22
CA VAL G 132 1.24 36.26 -18.59
C VAL G 132 -0.01 37.13 -18.53
N VAL G 133 -0.23 37.93 -19.56
CA VAL G 133 -1.32 38.88 -19.61
C VAL G 133 -1.80 38.92 -21.05
N ASP G 134 -3.08 39.26 -21.25
CA ASP G 134 -3.70 39.01 -22.54
C ASP G 134 -4.37 40.23 -23.15
N LEU G 135 -4.81 41.19 -22.34
CA LEU G 135 -5.46 42.43 -22.79
C LEU G 135 -6.70 42.22 -23.66
N SER G 136 -7.35 41.07 -23.55
CA SER G 136 -8.59 40.79 -24.26
C SER G 136 -9.77 41.05 -23.35
N ASN G 137 -10.83 41.65 -23.89
CA ASN G 137 -11.89 42.23 -23.04
C ASN G 137 -12.69 41.23 -22.25
N ARG G 138 -12.41 39.96 -22.22
CA ARG G 138 -12.99 39.14 -21.18
C ARG G 138 -12.04 39.06 -19.99
N PRO G 139 -12.49 39.34 -18.78
CA PRO G 139 -11.61 39.24 -17.61
C PRO G 139 -11.44 37.81 -17.16
N TYR G 140 -10.21 37.47 -16.77
CA TYR G 140 -9.97 36.15 -16.20
C TYR G 140 -8.71 36.23 -15.34
N ALA G 141 -8.67 35.42 -14.29
CA ALA G 141 -7.55 35.48 -13.36
C ALA G 141 -7.27 34.09 -12.79
N VAL G 142 -6.10 33.55 -13.11
CA VAL G 142 -5.64 32.27 -12.58
C VAL G 142 -4.39 32.56 -11.75
N VAL G 143 -4.56 32.78 -10.46
CA VAL G 143 -3.50 33.23 -9.60
C VAL G 143 -3.15 32.09 -8.65
N GLU G 144 -1.98 31.50 -8.82
CA GLU G 144 -1.59 30.32 -8.05
C GLU G 144 -0.32 30.55 -7.25
N LEU G 145 -0.27 31.68 -6.54
CA LEU G 145 0.76 31.95 -5.55
C LEU G 145 0.62 30.97 -4.39
N GLY G 146 1.56 30.05 -4.24
CA GLY G 146 1.40 29.12 -3.14
C GLY G 146 2.03 29.66 -1.87
N LEU G 147 1.24 30.34 -1.06
CA LEU G 147 1.73 31.06 0.10
C LEU G 147 1.37 30.27 1.36
N GLN G 148 2.38 29.84 2.10
CA GLN G 148 2.20 29.05 3.33
C GLN G 148 2.32 29.92 4.57
N ARG G 149 1.78 31.12 4.49
CA ARG G 149 1.80 32.10 5.56
C ARG G 149 0.37 32.61 5.71
N GLU G 150 0.03 33.15 6.89
CA GLU G 150 -1.31 33.71 7.06
C GLU G 150 -1.34 35.23 6.94
N LYS G 151 -0.31 35.93 7.39
CA LYS G 151 -0.24 37.38 7.23
C LYS G 151 1.21 37.76 6.97
N VAL G 152 1.44 38.74 6.11
CA VAL G 152 2.83 39.08 5.82
C VAL G 152 3.30 40.20 6.75
N GLY G 153 2.79 41.41 6.59
CA GLY G 153 2.97 42.36 7.68
C GLY G 153 1.66 42.95 8.16
N ASP G 154 0.82 43.28 7.19
CA ASP G 154 -0.57 43.66 7.42
C ASP G 154 -1.53 43.03 6.43
N LEU G 155 -1.10 42.71 5.21
CA LEU G 155 -1.90 41.91 4.32
C LEU G 155 -2.13 40.53 4.89
N SER G 156 -3.32 40.01 4.63
CA SER G 156 -3.72 38.72 5.16
C SER G 156 -3.38 37.57 4.24
N CYS G 157 -2.54 37.79 3.22
CA CYS G 157 -1.80 36.75 2.49
C CYS G 157 -2.69 35.80 1.67
N GLU G 158 -4.00 35.90 1.81
CA GLU G 158 -4.96 35.34 0.89
C GLU G 158 -5.61 36.44 0.09
N MET G 159 -5.37 37.69 0.48
CA MET G 159 -5.79 38.82 -0.31
C MET G 159 -4.84 39.14 -1.45
N ILE G 160 -3.61 38.67 -1.37
CA ILE G 160 -2.63 38.85 -2.45
C ILE G 160 -3.09 38.14 -3.73
N PRO G 161 -3.68 36.93 -3.71
CA PRO G 161 -4.34 36.48 -4.94
C PRO G 161 -5.65 37.19 -5.21
N HIS G 162 -6.34 37.64 -4.18
CA HIS G 162 -7.63 38.27 -4.33
C HIS G 162 -7.51 39.68 -4.87
N PHE G 163 -6.35 40.31 -4.66
CA PHE G 163 -6.06 41.59 -5.29
C PHE G 163 -5.89 41.44 -6.78
N LEU G 164 -5.10 40.44 -7.20
CA LEU G 164 -4.86 40.21 -8.61
C LEU G 164 -6.08 39.63 -9.31
N GLU G 165 -6.96 38.98 -8.55
CA GLU G 165 -8.23 38.54 -9.09
C GLU G 165 -9.10 39.72 -9.48
N SER G 166 -9.26 40.67 -8.58
CA SER G 166 -10.09 41.84 -8.85
C SER G 166 -9.40 42.85 -9.77
N PHE G 167 -8.08 42.81 -9.86
CA PHE G 167 -7.39 43.66 -10.81
C PHE G 167 -7.68 43.21 -12.24
N ALA G 168 -7.54 41.92 -12.52
CA ALA G 168 -7.86 41.40 -13.84
C ALA G 168 -9.35 41.47 -14.14
N GLU G 169 -10.18 41.42 -13.10
CA GLU G 169 -11.63 41.49 -13.25
C GLU G 169 -12.07 42.85 -13.75
N ALA G 170 -11.63 43.91 -13.10
CA ALA G 170 -12.07 45.26 -13.43
C ALA G 170 -11.27 45.90 -14.55
N SER G 171 -10.12 45.34 -14.91
CA SER G 171 -9.33 45.84 -16.02
C SER G 171 -9.62 45.14 -17.33
N ARG G 172 -10.45 44.08 -17.30
CA ARG G 172 -10.85 43.31 -18.47
C ARG G 172 -9.64 42.70 -19.18
N ILE G 173 -8.78 42.03 -18.41
CA ILE G 173 -7.64 41.32 -18.96
C ILE G 173 -7.66 39.90 -18.43
N THR G 174 -7.02 39.01 -19.18
CA THR G 174 -6.82 37.63 -18.76
C THR G 174 -5.41 37.48 -18.22
N LEU G 175 -5.29 36.86 -17.06
CA LEU G 175 -4.07 36.91 -16.29
C LEU G 175 -3.80 35.55 -15.65
N HIS G 176 -2.58 35.05 -15.85
CA HIS G 176 -2.09 33.82 -15.22
C HIS G 176 -0.82 34.18 -14.47
N VAL G 177 -0.90 34.26 -13.15
CA VAL G 177 0.27 34.47 -12.31
C VAL G 177 0.50 33.23 -11.48
N ASP G 178 1.71 32.67 -11.55
CA ASP G 178 2.03 31.40 -10.93
C ASP G 178 3.45 31.47 -10.39
N CYS G 179 3.61 31.31 -9.08
CA CYS G 179 4.94 31.25 -8.49
C CYS G 179 5.49 29.85 -8.61
N LEU G 180 6.64 29.74 -9.25
CA LEU G 180 7.18 28.44 -9.60
C LEU G 180 7.92 27.80 -8.45
N ARG G 181 8.58 28.60 -7.62
CA ARG G 181 9.33 28.10 -6.48
C ARG G 181 9.49 29.23 -5.48
N GLY G 182 10.06 28.91 -4.34
CA GLY G 182 10.34 29.90 -3.31
C GLY G 182 9.82 29.44 -1.98
N LYS G 183 10.49 29.86 -0.91
CA LYS G 183 10.05 29.46 0.41
C LYS G 183 10.05 30.62 1.40
N ASN G 184 10.12 31.84 0.90
CA ASN G 184 9.92 33.06 1.66
C ASN G 184 8.78 33.80 0.99
N ASP G 185 7.74 34.09 1.74
CA ASP G 185 6.50 34.59 1.13
C ASP G 185 6.47 36.09 0.93
N HIS G 186 7.38 36.84 1.53
CA HIS G 186 7.63 38.18 1.03
C HIS G 186 8.27 38.10 -0.35
N HIS G 187 9.27 37.23 -0.49
CA HIS G 187 9.92 37.00 -1.77
C HIS G 187 8.96 36.42 -2.80
N ARG G 188 8.09 35.52 -2.37
CA ARG G 188 7.21 34.85 -3.30
C ARG G 188 6.11 35.78 -3.79
N SER G 189 5.65 36.71 -2.97
CA SER G 189 4.58 37.60 -3.39
C SER G 189 5.10 38.84 -4.10
N GLU G 190 6.31 39.28 -3.78
CA GLU G 190 6.85 40.45 -4.46
C GLU G 190 7.31 40.09 -5.86
N SER G 191 7.80 38.87 -6.05
CA SER G 191 8.21 38.43 -7.36
C SER G 191 7.02 38.27 -8.30
N ALA G 192 5.83 38.04 -7.75
CA ALA G 192 4.63 37.97 -8.57
C ALA G 192 4.25 39.35 -9.10
N PHE G 193 4.36 40.38 -8.26
CA PHE G 193 4.07 41.73 -8.71
C PHE G 193 5.17 42.28 -9.60
N LYS G 194 6.40 41.82 -9.42
CA LYS G 194 7.46 42.21 -10.33
C LYS G 194 7.36 41.49 -11.66
N ALA G 195 6.77 40.29 -11.68
CA ALA G 195 6.57 39.58 -12.93
C ALA G 195 5.41 40.14 -13.71
N LEU G 196 4.35 40.59 -13.01
CA LEU G 196 3.23 41.25 -13.67
C LEU G 196 3.64 42.58 -14.26
N ALA G 197 4.60 43.25 -13.65
CA ALA G 197 5.09 44.51 -14.18
C ALA G 197 5.84 44.31 -15.49
N VAL G 198 6.50 43.17 -15.66
CA VAL G 198 7.18 42.88 -16.92
C VAL G 198 6.17 42.54 -18.00
N ALA G 199 5.08 41.87 -17.62
CA ALA G 199 4.13 41.38 -18.62
C ALA G 199 3.25 42.50 -19.15
N ILE G 200 2.79 43.41 -18.29
CA ILE G 200 2.00 44.55 -18.73
C ILE G 200 2.83 45.49 -19.58
N ARG G 201 4.10 45.66 -19.23
CA ARG G 201 5.03 46.44 -20.03
C ARG G 201 5.23 45.83 -21.41
N GLU G 202 5.19 44.50 -21.51
CA GLU G 202 5.41 43.82 -22.77
C GLU G 202 4.14 43.76 -23.61
N ALA G 203 2.98 43.65 -22.97
CA ALA G 203 1.73 43.61 -23.73
C ALA G 203 1.31 44.99 -24.22
N THR G 204 1.41 46.00 -23.37
CA THR G 204 1.17 47.37 -23.80
C THR G 204 2.50 47.87 -24.33
N SER G 205 2.72 47.68 -25.63
CA SER G 205 3.97 48.04 -26.25
C SER G 205 3.68 48.50 -27.66
N PRO G 206 4.50 49.36 -28.23
CA PRO G 206 4.26 49.80 -29.62
C PRO G 206 4.56 48.70 -30.63
N ASN G 207 3.55 47.87 -30.90
CA ASN G 207 3.63 46.88 -31.99
C ASN G 207 3.89 47.57 -33.33
N GLY G 208 3.25 48.70 -33.56
CA GLY G 208 3.27 49.31 -34.87
C GLY G 208 2.16 48.77 -35.75
N THR G 209 2.07 49.37 -36.94
CA THR G 209 1.19 49.07 -38.07
C THR G 209 -0.30 49.34 -37.82
N ASN G 210 -0.70 49.71 -36.60
CA ASN G 210 -2.03 50.25 -36.27
C ASN G 210 -3.15 49.28 -36.64
N ASP G 211 -3.16 48.14 -35.96
CA ASP G 211 -4.18 47.14 -36.21
C ASP G 211 -4.59 46.48 -34.91
N VAL G 212 -5.89 46.28 -34.73
CA VAL G 212 -6.43 45.61 -33.55
C VAL G 212 -6.08 44.13 -33.62
N PRO G 213 -5.28 43.61 -32.69
CA PRO G 213 -4.71 42.26 -32.88
C PRO G 213 -5.65 41.15 -32.44
N SER G 214 -6.66 40.88 -33.25
CA SER G 214 -7.61 39.84 -32.91
C SER G 214 -8.21 39.24 -34.17
N THR G 215 -8.62 37.97 -34.05
CA THR G 215 -9.36 37.32 -35.11
C THR G 215 -10.74 37.92 -35.29
N LYS G 216 -11.45 38.13 -34.19
CA LYS G 216 -12.81 38.66 -34.25
C LYS G 216 -12.85 40.16 -34.45
N GLY G 217 -11.70 40.83 -34.50
CA GLY G 217 -11.63 42.22 -34.84
C GLY G 217 -12.08 43.19 -33.77
N VAL G 218 -12.46 42.71 -32.58
CA VAL G 218 -13.00 43.55 -31.52
C VAL G 218 -12.13 43.38 -30.29
N LEU G 219 -11.40 44.42 -29.92
CA LEU G 219 -10.73 44.49 -28.63
C LEU G 219 -10.88 45.90 -28.09
N GLU H 3 -61.55 21.50 -2.58
CA GLU H 3 -61.03 21.53 -3.94
C GLU H 3 -60.14 20.35 -4.24
N GLN H 4 -59.01 20.26 -3.54
CA GLN H 4 -58.01 19.22 -3.76
C GLN H 4 -58.22 18.11 -2.74
N LYS H 5 -59.23 17.28 -3.01
CA LYS H 5 -59.57 16.15 -2.16
C LYS H 5 -59.66 14.90 -3.00
N ALA H 6 -59.33 13.77 -2.38
CA ALA H 6 -59.43 12.47 -3.03
C ALA H 6 -59.54 11.40 -1.96
N LEU H 7 -60.22 10.30 -2.30
CA LEU H 7 -60.28 9.13 -1.44
C LEU H 7 -59.95 7.90 -2.27
N VAL H 8 -59.09 7.04 -1.73
CA VAL H 8 -58.59 5.87 -2.43
C VAL H 8 -58.81 4.66 -1.55
N LYS H 9 -59.56 3.68 -2.06
CA LYS H 9 -59.83 2.42 -1.35
C LYS H 9 -59.14 1.31 -2.12
N ARG H 10 -57.95 0.93 -1.67
CA ARG H 10 -57.15 -0.07 -2.36
C ARG H 10 -57.29 -1.40 -1.63
N ILE H 11 -57.84 -2.41 -2.30
CA ILE H 11 -58.23 -3.67 -1.69
C ILE H 11 -57.47 -4.78 -2.41
N THR H 12 -56.55 -5.43 -1.70
CA THR H 12 -55.83 -6.59 -2.21
C THR H 12 -55.89 -7.71 -1.18
N ASN H 13 -55.36 -8.88 -1.53
CA ASN H 13 -55.44 -10.03 -0.64
C ASN H 13 -54.43 -9.98 0.50
N GLU H 14 -53.62 -8.94 0.57
CA GLU H 14 -52.69 -8.73 1.67
C GLU H 14 -53.16 -7.63 2.60
N THR H 15 -53.51 -6.48 2.06
CA THR H 15 -53.93 -5.32 2.84
C THR H 15 -55.25 -4.78 2.31
N LYS H 16 -55.96 -4.08 3.17
CA LYS H 16 -57.11 -3.27 2.77
C LYS H 16 -56.85 -1.85 3.21
N ILE H 17 -56.93 -0.92 2.26
CA ILE H 17 -56.50 0.46 2.47
C ILE H 17 -57.70 1.36 2.28
N GLN H 18 -57.75 2.46 3.02
CA GLN H 18 -58.67 3.55 2.70
C GLN H 18 -58.00 4.85 3.11
N ILE H 19 -57.62 5.66 2.13
CA ILE H 19 -56.89 6.89 2.35
C ILE H 19 -57.70 8.05 1.80
N ALA H 20 -58.09 8.96 2.68
CA ALA H 20 -58.74 10.21 2.30
C ALA H 20 -57.77 11.35 2.58
N ILE H 21 -57.58 12.20 1.58
CA ILE H 21 -56.59 13.27 1.65
C ILE H 21 -57.25 14.59 1.28
N SER H 22 -56.73 15.67 1.84
CA SER H 22 -57.09 17.02 1.42
C SER H 22 -55.81 17.84 1.45
N LEU H 23 -55.38 18.31 0.27
CA LEU H 23 -54.10 19.00 0.20
C LEU H 23 -54.18 20.42 0.73
N LYS H 24 -55.34 21.06 0.62
CA LYS H 24 -55.49 22.41 1.09
C LYS H 24 -55.85 22.49 2.57
N GLY H 25 -55.90 21.35 3.26
CA GLY H 25 -56.23 21.35 4.67
C GLY H 25 -57.71 21.18 4.93
N GLY H 26 -58.21 21.80 5.99
CA GLY H 26 -59.61 21.74 6.30
C GLY H 26 -60.01 20.44 6.96
N PRO H 27 -61.31 20.19 7.07
CA PRO H 27 -61.80 18.96 7.71
C PRO H 27 -61.92 17.79 6.75
N LEU H 28 -61.91 16.59 7.33
CA LEU H 28 -62.15 15.36 6.61
C LEU H 28 -62.84 14.35 7.52
N ALA H 29 -63.64 13.49 6.91
CA ALA H 29 -64.27 12.38 7.60
C ALA H 29 -64.31 11.20 6.64
N ILE H 30 -64.84 10.09 7.11
CA ILE H 30 -65.08 8.92 6.26
C ILE H 30 -66.53 8.48 6.45
N GLU H 31 -67.27 8.41 5.35
CA GLU H 31 -68.69 8.04 5.43
C GLU H 31 -68.88 6.58 5.78
N HIS H 32 -67.92 5.72 5.44
CA HIS H 32 -68.02 4.30 5.76
C HIS H 32 -66.60 3.76 5.91
N SER H 33 -66.16 3.60 7.16
CA SER H 33 -64.79 3.20 7.44
C SER H 33 -64.62 1.68 7.31
N ILE H 34 -63.37 1.24 7.35
CA ILE H 34 -63.07 -0.18 7.27
C ILE H 34 -62.75 -0.80 8.62
N PHE H 35 -62.48 0.00 9.65
CA PHE H 35 -62.31 -0.58 10.97
C PHE H 35 -63.67 -0.91 11.57
N PRO H 36 -63.77 -1.95 12.40
CA PRO H 36 -65.05 -2.25 13.05
C PRO H 36 -65.44 -1.19 14.08
N GLU H 37 -66.73 -0.84 14.08
CA GLU H 37 -67.35 0.14 14.97
C GLU H 37 -66.68 1.52 14.85
N LYS H 38 -66.79 2.06 13.63
CA LYS H 38 -66.26 3.36 13.23
C LYS H 38 -64.76 3.50 13.48
N ALA H 44 -50.89 8.92 16.69
CA ALA H 44 -50.60 10.01 15.77
C ALA H 44 -51.88 10.61 15.19
N GLU H 45 -52.58 11.41 16.00
CA GLU H 45 -53.83 12.04 15.61
C GLU H 45 -53.80 13.50 16.01
N GLN H 46 -53.81 14.39 15.02
CA GLN H 46 -53.85 15.83 15.25
C GLN H 46 -55.09 16.40 14.59
N ALA H 47 -55.92 17.09 15.36
CA ALA H 47 -57.20 17.57 14.86
C ALA H 47 -57.46 19.01 15.32
N THR H 48 -56.48 19.88 15.16
CA THR H 48 -56.52 21.21 15.78
C THR H 48 -57.04 22.23 14.78
N GLN H 49 -58.30 22.10 14.39
CA GLN H 49 -59.15 23.18 13.86
C GLN H 49 -58.74 23.78 12.51
N SER H 50 -57.59 23.36 11.96
CA SER H 50 -57.14 23.86 10.67
C SER H 50 -56.97 22.68 9.73
N GLN H 51 -56.35 21.62 10.23
CA GLN H 51 -56.18 20.38 9.50
C GLN H 51 -56.41 19.21 10.44
N VAL H 52 -56.95 18.12 9.93
CA VAL H 52 -57.17 16.91 10.70
C VAL H 52 -56.38 15.78 10.06
N ILE H 53 -55.43 15.25 10.81
CA ILE H 53 -54.58 14.16 10.33
C ILE H 53 -54.63 13.03 11.33
N ASN H 54 -55.08 11.85 10.88
CA ASN H 54 -55.36 10.71 11.73
C ASN H 54 -54.96 9.47 10.95
N VAL H 55 -53.79 8.95 11.25
CA VAL H 55 -53.25 7.80 10.53
C VAL H 55 -53.34 6.58 11.45
N HIS H 56 -53.89 5.50 10.91
CA HIS H 56 -54.00 4.25 11.65
C HIS H 56 -53.54 3.13 10.74
N THR H 57 -52.23 2.88 10.75
CA THR H 57 -51.67 1.67 10.20
C THR H 57 -51.28 0.76 11.35
N GLY H 58 -50.93 -0.48 11.04
CA GLY H 58 -50.52 -1.39 12.09
C GLY H 58 -49.15 -1.10 12.64
N ILE H 59 -48.36 -0.29 11.93
CA ILE H 59 -47.01 0.05 12.31
C ILE H 59 -47.04 1.41 12.99
N GLY H 60 -46.50 1.50 14.20
CA GLY H 60 -46.56 2.75 14.93
C GLY H 60 -45.57 3.79 14.47
N PHE H 61 -44.38 3.35 14.07
CA PHE H 61 -43.38 4.31 13.60
C PHE H 61 -43.69 4.79 12.20
N LEU H 62 -44.37 3.98 11.39
CA LEU H 62 -44.81 4.40 10.07
C LEU H 62 -46.04 5.28 10.16
N ASP H 63 -46.80 5.20 11.25
CA ASP H 63 -47.81 6.22 11.53
C ASP H 63 -47.16 7.57 11.77
N HIS H 64 -46.04 7.58 12.49
CA HIS H 64 -45.38 8.83 12.86
C HIS H 64 -44.71 9.51 11.68
N MET H 65 -44.38 8.77 10.64
CA MET H 65 -43.73 9.37 9.49
C MET H 65 -44.71 9.93 8.49
N ILE H 66 -45.88 9.31 8.37
CA ILE H 66 -46.94 9.90 7.56
C ILE H 66 -47.55 11.08 8.29
N HIS H 67 -47.54 11.05 9.63
CA HIS H 67 -48.09 12.16 10.41
C HIS H 67 -47.22 13.40 10.27
N ALA H 68 -45.91 13.25 10.40
CA ALA H 68 -44.99 14.38 10.23
C ALA H 68 -44.93 14.84 8.78
N LEU H 69 -45.23 13.95 7.84
CA LEU H 69 -45.34 14.36 6.44
C LEU H 69 -46.55 15.24 6.22
N ALA H 70 -47.70 14.88 6.78
CA ALA H 70 -48.90 15.65 6.54
C ALA H 70 -49.03 16.84 7.46
N LYS H 71 -48.32 16.84 8.60
CA LYS H 71 -48.40 18.00 9.49
C LYS H 71 -47.69 19.20 8.89
N HIS H 72 -46.54 18.97 8.27
CA HIS H 72 -45.75 20.06 7.71
C HIS H 72 -45.99 20.27 6.22
N SER H 73 -47.01 19.63 5.67
CA SER H 73 -47.44 19.88 4.31
C SER H 73 -48.72 20.69 4.22
N GLY H 74 -49.42 20.92 5.33
CA GLY H 74 -50.71 21.54 5.27
C GLY H 74 -51.82 20.61 4.87
N TRP H 75 -51.60 19.30 4.97
CA TRP H 75 -52.57 18.32 4.54
C TRP H 75 -53.55 18.00 5.65
N SER H 76 -54.74 17.59 5.24
CA SER H 76 -55.63 16.78 6.07
C SER H 76 -55.60 15.38 5.49
N LEU H 77 -55.39 14.38 6.34
CA LEU H 77 -55.09 13.04 5.83
C LEU H 77 -55.58 11.99 6.82
N ILE H 78 -56.45 11.11 6.35
CA ILE H 78 -56.90 9.97 7.14
C ILE H 78 -56.41 8.71 6.44
N VAL H 79 -55.67 7.88 7.18
CA VAL H 79 -55.08 6.65 6.64
C VAL H 79 -55.59 5.49 7.46
N GLU H 80 -56.16 4.49 6.79
CA GLU H 80 -56.64 3.27 7.43
C GLU H 80 -56.07 2.09 6.66
N CYS H 81 -55.21 1.33 7.32
CA CYS H 81 -54.69 0.17 6.69
C CYS H 81 -54.85 -1.01 7.58
N ILE H 82 -55.55 -2.00 7.06
CA ILE H 82 -55.73 -3.28 7.72
C ILE H 82 -54.79 -4.25 7.00
N GLY H 83 -53.62 -4.50 7.57
CA GLY H 83 -52.63 -5.31 6.90
C GLY H 83 -52.17 -6.49 7.72
N ASP H 84 -51.54 -7.45 7.05
CA ASP H 84 -51.07 -8.67 7.72
C ASP H 84 -49.76 -8.38 8.45
N LEU H 85 -49.77 -8.59 9.77
CA LEU H 85 -48.60 -8.33 10.59
C LEU H 85 -48.05 -9.59 11.24
N HIS H 86 -48.63 -10.76 10.98
CA HIS H 86 -47.97 -11.99 11.38
C HIS H 86 -46.82 -12.33 10.45
N ILE H 87 -46.92 -11.88 9.20
CA ILE H 87 -45.84 -11.76 8.23
C ILE H 87 -45.13 -10.45 8.58
N ASP H 88 -44.00 -10.15 7.94
CA ASP H 88 -43.31 -8.90 8.26
C ASP H 88 -44.10 -7.67 7.78
N ASP H 89 -43.52 -6.50 8.02
CA ASP H 89 -44.15 -5.24 7.75
C ASP H 89 -43.91 -4.71 6.33
N HIS H 90 -43.40 -5.52 5.41
CA HIS H 90 -43.15 -5.02 4.07
C HIS H 90 -44.47 -4.84 3.33
N HIS H 91 -45.33 -5.85 3.35
CA HIS H 91 -46.53 -5.84 2.54
C HIS H 91 -47.54 -4.80 3.02
N THR H 92 -47.42 -4.33 4.25
CA THR H 92 -48.29 -3.31 4.78
C THR H 92 -47.63 -1.94 4.87
N THR H 93 -46.42 -1.80 4.36
CA THR H 93 -45.82 -0.47 4.22
C THR H 93 -45.68 -0.09 2.76
N GLU H 94 -45.32 -1.06 1.92
CA GLU H 94 -45.32 -0.86 0.47
C GLU H 94 -46.72 -0.57 -0.05
N ASP H 95 -47.72 -1.33 0.41
CA ASP H 95 -49.07 -1.10 -0.06
C ASP H 95 -49.67 0.18 0.49
N CYS H 96 -49.27 0.60 1.69
CA CYS H 96 -49.74 1.86 2.24
C CYS H 96 -48.93 3.05 1.75
N GLY H 97 -48.03 2.84 0.81
CA GLY H 97 -47.31 3.93 0.16
C GLY H 97 -47.72 4.08 -1.28
N ILE H 98 -48.13 2.96 -1.88
CA ILE H 98 -48.70 3.01 -3.22
C ILE H 98 -50.04 3.73 -3.19
N ALA H 99 -50.89 3.39 -2.23
CA ALA H 99 -52.19 4.05 -2.15
C ALA H 99 -52.08 5.47 -1.65
N LEU H 100 -51.00 5.82 -0.95
CA LEU H 100 -50.82 7.18 -0.49
C LEU H 100 -50.18 8.06 -1.55
N GLY H 101 -49.52 7.46 -2.55
CA GLY H 101 -49.14 8.22 -3.72
C GLY H 101 -50.29 8.42 -4.67
N GLN H 102 -51.20 7.44 -4.76
CA GLN H 102 -52.36 7.60 -5.62
C GLN H 102 -53.33 8.64 -5.09
N ALA H 103 -53.46 8.75 -3.77
CA ALA H 103 -54.35 9.75 -3.20
C ALA H 103 -53.78 11.14 -3.39
N PHE H 104 -52.46 11.29 -3.31
CA PHE H 104 -51.84 12.57 -3.63
C PHE H 104 -51.94 12.87 -5.13
N LYS H 105 -51.94 11.85 -5.97
CA LYS H 105 -52.01 12.09 -7.40
C LYS H 105 -53.41 12.53 -7.82
N GLU H 106 -54.44 11.88 -7.28
CA GLU H 106 -55.80 12.22 -7.66
C GLU H 106 -56.27 13.52 -7.03
N ALA H 107 -55.58 14.00 -6.00
CA ALA H 107 -55.99 15.23 -5.36
C ALA H 107 -55.55 16.45 -6.14
N LEU H 108 -54.50 16.35 -6.95
CA LEU H 108 -54.13 17.41 -7.88
C LEU H 108 -54.16 16.81 -9.28
N GLY H 109 -55.23 17.07 -10.01
CA GLY H 109 -55.34 16.54 -11.35
C GLY H 109 -54.48 17.29 -12.34
N ALA H 110 -54.81 18.55 -12.59
CA ALA H 110 -54.11 19.36 -13.58
C ALA H 110 -52.87 19.94 -12.93
N VAL H 111 -51.71 19.51 -13.38
CA VAL H 111 -50.46 20.13 -12.95
C VAL H 111 -50.26 21.33 -13.84
N ARG H 112 -50.84 22.47 -13.45
CA ARG H 112 -50.63 23.72 -14.13
C ARG H 112 -50.85 24.84 -13.14
N GLY H 113 -50.11 25.93 -13.33
CA GLY H 113 -50.13 27.01 -12.35
C GLY H 113 -49.42 26.71 -11.07
N VAL H 114 -48.50 25.73 -11.08
CA VAL H 114 -47.76 25.35 -9.88
C VAL H 114 -46.28 25.62 -10.12
N LYS H 115 -45.54 25.68 -9.02
CA LYS H 115 -44.10 25.94 -9.10
C LYS H 115 -43.35 24.80 -9.77
N ARG H 116 -43.82 23.57 -9.57
CA ARG H 116 -43.35 22.29 -10.11
C ARG H 116 -42.02 21.84 -9.48
N PHE H 117 -41.29 22.73 -8.83
CA PHE H 117 -39.98 22.41 -8.26
C PHE H 117 -40.00 22.85 -6.81
N GLY H 118 -40.07 21.88 -5.90
CA GLY H 118 -39.94 22.15 -4.48
C GLY H 118 -38.66 21.51 -3.97
N SER H 119 -37.93 22.26 -3.16
CA SER H 119 -36.77 21.76 -2.47
C SER H 119 -36.93 22.06 -0.99
N GLY H 120 -36.71 21.06 -0.16
CA GLY H 120 -36.87 21.27 1.26
C GLY H 120 -35.76 20.69 2.08
N PHE H 121 -35.07 21.53 2.83
CA PHE H 121 -34.17 21.08 3.88
C PHE H 121 -34.91 21.07 5.20
N ALA H 122 -34.66 20.07 6.01
CA ALA H 122 -35.22 20.04 7.35
C ALA H 122 -34.25 19.35 8.28
N PRO H 123 -33.88 19.98 9.40
CA PRO H 123 -33.05 19.30 10.38
C PRO H 123 -33.90 18.67 11.47
N LEU H 124 -33.30 17.70 12.15
CA LEU H 124 -33.84 17.23 13.41
C LEU H 124 -32.64 16.77 14.22
N ASP H 125 -32.05 17.71 14.97
CA ASP H 125 -31.19 17.43 16.12
C ASP H 125 -29.99 16.57 15.73
N GLU H 126 -29.13 17.17 14.90
CA GLU H 126 -27.88 16.77 14.21
C GLU H 126 -28.12 15.97 12.95
N ALA H 127 -29.35 15.61 12.62
CA ALA H 127 -29.64 15.00 11.34
C ALA H 127 -30.07 16.09 10.37
N LEU H 128 -29.72 15.93 9.11
CA LEU H 128 -30.04 16.93 8.08
C LEU H 128 -30.38 16.22 6.78
N SER H 129 -31.59 16.43 6.30
CA SER H 129 -32.07 15.79 5.10
C SER H 129 -32.58 16.85 4.14
N ARG H 130 -32.27 16.69 2.86
CA ARG H 130 -32.92 17.49 1.83
C ARG H 130 -33.81 16.59 1.00
N ALA H 131 -34.84 17.19 0.43
CA ALA H 131 -35.73 16.49 -0.46
C ALA H 131 -36.09 17.44 -1.58
N VAL H 132 -35.89 17.01 -2.81
CA VAL H 132 -36.37 17.76 -3.95
C VAL H 132 -37.48 16.93 -4.59
N VAL H 133 -38.39 17.61 -5.27
CA VAL H 133 -39.57 16.97 -5.87
C VAL H 133 -39.84 17.69 -7.19
N ASP H 134 -40.46 16.99 -8.13
CA ASP H 134 -40.46 17.49 -9.50
C ASP H 134 -41.85 17.57 -10.12
N LEU H 135 -42.82 16.77 -9.67
CA LEU H 135 -44.20 16.77 -10.15
C LEU H 135 -44.33 16.52 -11.66
N SER H 136 -43.35 15.88 -12.29
CA SER H 136 -43.40 15.53 -13.69
C SER H 136 -43.84 14.09 -13.83
N ASN H 137 -44.70 13.80 -14.82
CA ASN H 137 -45.43 12.53 -14.84
C ASN H 137 -44.57 11.31 -15.07
N ARG H 138 -43.26 11.36 -15.13
CA ARG H 138 -42.50 10.14 -14.99
C ARG H 138 -42.12 9.93 -13.54
N PRO H 139 -42.39 8.76 -12.96
CA PRO H 139 -42.01 8.52 -11.57
C PRO H 139 -40.53 8.18 -11.45
N TYR H 140 -39.90 8.70 -10.39
CA TYR H 140 -38.52 8.34 -10.13
C TYR H 140 -38.24 8.58 -8.65
N ALA H 141 -37.35 7.78 -8.06
CA ALA H 141 -37.08 7.89 -6.64
C ALA H 141 -35.63 7.54 -6.35
N VAL H 142 -34.87 8.52 -5.89
CA VAL H 142 -33.48 8.34 -5.48
C VAL H 142 -33.43 8.63 -3.99
N VAL H 143 -33.56 7.59 -3.17
CA VAL H 143 -33.69 7.74 -1.73
C VAL H 143 -32.43 7.19 -1.09
N GLU H 144 -31.61 8.06 -0.52
CA GLU H 144 -30.31 7.67 0.02
C GLU H 144 -30.20 7.98 1.51
N LEU H 145 -31.22 7.60 2.26
CA LEU H 145 -31.17 7.61 3.72
C LEU H 145 -30.16 6.59 4.21
N GLY H 146 -29.04 7.03 4.77
CA GLY H 146 -28.09 6.06 5.21
C GLY H 146 -28.35 5.63 6.63
N LEU H 147 -29.12 4.56 6.79
CA LEU H 147 -29.62 4.12 8.09
C LEU H 147 -28.82 2.89 8.52
N GLN H 148 -28.12 3.01 9.64
CA GLN H 148 -27.29 1.93 10.18
C GLN H 148 -28.00 1.19 11.31
N ARG H 149 -29.29 0.98 11.15
CA ARG H 149 -30.14 0.31 12.10
C ARG H 149 -30.94 -0.73 11.32
N GLU H 150 -31.43 -1.76 12.00
CA GLU H 150 -32.26 -2.75 11.32
C GLU H 150 -33.75 -2.56 11.54
N LYS H 151 -34.18 -2.11 12.71
CA LYS H 151 -35.58 -1.81 12.98
C LYS H 151 -35.65 -0.61 13.88
N VAL H 152 -36.63 0.27 13.65
CA VAL H 152 -36.69 1.46 14.50
C VAL H 152 -37.59 1.21 15.71
N GLY H 153 -38.90 1.09 15.51
CA GLY H 153 -39.68 0.52 16.57
C GLY H 153 -40.50 -0.67 16.13
N ASP H 154 -41.09 -0.53 14.96
CA ASP H 154 -41.74 -1.61 14.23
C ASP H 154 -41.42 -1.61 12.74
N LEU H 155 -41.13 -0.46 12.15
CA LEU H 155 -40.59 -0.44 10.80
C LEU H 155 -39.26 -1.14 10.74
N SER H 156 -39.02 -1.81 9.62
CA SER H 156 -37.82 -2.58 9.42
C SER H 156 -36.71 -1.79 8.77
N CYS H 157 -36.82 -0.45 8.71
CA CYS H 157 -35.71 0.48 8.50
C CYS H 157 -35.06 0.39 7.12
N GLU H 158 -35.43 -0.61 6.33
CA GLU H 158 -35.18 -0.66 4.91
C GLU H 158 -36.46 -0.41 4.14
N MET H 159 -37.58 -0.41 4.84
CA MET H 159 -38.84 -0.03 4.25
C MET H 159 -39.05 1.46 4.20
N ILE H 160 -38.31 2.22 5.00
CA ILE H 160 -38.36 3.67 4.98
C ILE H 160 -37.88 4.22 3.64
N PRO H 161 -36.83 3.69 2.98
CA PRO H 161 -36.64 4.09 1.58
C PRO H 161 -37.64 3.47 0.63
N HIS H 162 -38.14 2.28 0.96
CA HIS H 162 -39.06 1.56 0.09
C HIS H 162 -40.44 2.15 0.12
N PHE H 163 -40.78 2.86 1.20
CA PHE H 163 -42.02 3.63 1.26
C PHE H 163 -41.95 4.82 0.30
N LEU H 164 -40.85 5.56 0.35
CA LEU H 164 -40.70 6.73 -0.50
C LEU H 164 -40.46 6.34 -1.94
N GLU H 165 -39.95 5.14 -2.18
CA GLU H 165 -39.85 4.61 -3.53
C GLU H 165 -41.22 4.41 -4.14
N SER H 166 -42.11 3.72 -3.43
CA SER H 166 -43.45 3.47 -3.93
C SER H 166 -44.35 4.69 -3.88
N PHE H 167 -44.03 5.66 -3.03
CA PHE H 167 -44.79 6.90 -3.02
C PHE H 167 -44.54 7.69 -4.29
N ALA H 168 -43.27 7.86 -4.67
CA ALA H 168 -42.95 8.55 -5.91
C ALA H 168 -43.37 7.75 -7.13
N GLU H 169 -43.42 6.43 -7.01
CA GLU H 169 -43.81 5.56 -8.10
C GLU H 169 -45.27 5.74 -8.47
N ALA H 170 -46.16 5.67 -7.48
CA ALA H 170 -47.59 5.72 -7.72
C ALA H 170 -48.13 7.13 -7.80
N SER H 171 -47.37 8.14 -7.35
CA SER H 171 -47.78 9.52 -7.47
C SER H 171 -47.26 10.20 -8.71
N ARG H 172 -46.42 9.52 -9.49
CA ARG H 172 -45.86 10.02 -10.75
C ARG H 172 -45.05 11.31 -10.52
N ILE H 173 -44.16 11.28 -9.54
CA ILE H 173 -43.26 12.40 -9.28
C ILE H 173 -41.83 11.87 -9.25
N THR H 174 -40.90 12.78 -9.50
CA THR H 174 -39.48 12.49 -9.38
C THR H 174 -38.98 13.05 -8.06
N LEU H 175 -38.25 12.24 -7.32
CA LEU H 175 -37.96 12.51 -5.92
C LEU H 175 -36.54 12.12 -5.59
N HIS H 176 -35.80 13.05 -5.00
CA HIS H 176 -34.45 12.83 -4.49
C HIS H 176 -34.44 13.18 -3.02
N VAL H 177 -34.42 12.18 -2.14
CA VAL H 177 -34.31 12.40 -0.71
C VAL H 177 -32.98 11.84 -0.25
N ASP H 178 -32.19 12.67 0.43
CA ASP H 178 -30.82 12.32 0.80
C ASP H 178 -30.53 12.91 2.17
N CYS H 179 -30.23 12.06 3.14
CA CYS H 179 -29.84 12.54 4.46
C CYS H 179 -28.36 12.88 4.46
N LEU H 180 -28.05 14.12 4.80
CA LEU H 180 -26.71 14.63 4.64
C LEU H 180 -25.82 14.25 5.81
N ARG H 181 -26.39 14.17 7.01
CA ARG H 181 -25.63 13.80 8.20
C ARG H 181 -26.62 13.31 9.24
N GLY H 182 -26.08 12.85 10.36
CA GLY H 182 -26.90 12.38 11.47
C GLY H 182 -26.45 11.02 11.92
N LYS H 183 -26.62 10.74 13.21
CA LYS H 183 -26.21 9.44 13.73
C LYS H 183 -27.26 8.84 14.66
N ASN H 184 -28.48 9.37 14.63
CA ASN H 184 -29.65 8.80 15.28
C ASN H 184 -30.66 8.55 14.18
N ASP H 185 -31.12 7.32 14.03
CA ASP H 185 -31.91 6.96 12.86
C ASP H 185 -33.40 7.22 13.03
N HIS H 186 -33.88 7.48 14.24
CA HIS H 186 -35.18 8.14 14.36
C HIS H 186 -35.07 9.56 13.84
N HIS H 187 -34.02 10.28 14.24
CA HIS H 187 -33.76 11.62 13.76
C HIS H 187 -33.51 11.65 12.27
N ARG H 188 -32.78 10.67 11.77
CA ARG H 188 -32.40 10.68 10.37
C ARG H 188 -33.58 10.36 9.48
N SER H 189 -34.51 9.53 9.93
CA SER H 189 -35.65 9.18 9.08
C SER H 189 -36.80 10.17 9.22
N GLU H 190 -36.94 10.80 10.38
CA GLU H 190 -38.02 11.78 10.54
C GLU H 190 -37.69 13.07 9.83
N SER H 191 -36.41 13.42 9.77
CA SER H 191 -36.00 14.62 9.06
C SER H 191 -36.19 14.46 7.56
N ALA H 192 -36.17 13.23 7.05
CA ALA H 192 -36.45 13.00 5.65
C ALA H 192 -37.91 13.23 5.31
N PHE H 193 -38.81 12.80 6.18
CA PHE H 193 -40.23 13.05 5.96
C PHE H 193 -40.60 14.50 6.25
N LYS H 194 -39.87 15.17 7.12
CA LYS H 194 -40.09 16.59 7.32
C LYS H 194 -39.53 17.42 6.18
N ALA H 195 -38.49 16.92 5.50
CA ALA H 195 -37.95 17.61 4.35
C ALA H 195 -38.82 17.43 3.12
N LEU H 196 -39.42 16.26 2.96
CA LEU H 196 -40.36 16.01 1.87
C LEU H 196 -41.62 16.85 2.05
N ALA H 197 -42.01 17.12 3.28
CA ALA H 197 -43.17 17.95 3.52
C ALA H 197 -42.93 19.39 3.11
N VAL H 198 -41.69 19.87 3.20
CA VAL H 198 -41.37 21.22 2.75
C VAL H 198 -41.35 21.28 1.23
N ALA H 199 -40.90 20.21 0.59
CA ALA H 199 -40.72 20.22 -0.86
C ALA H 199 -42.05 20.11 -1.59
N ILE H 200 -42.96 19.25 -1.12
CA ILE H 200 -44.27 19.13 -1.73
C ILE H 200 -45.08 20.40 -1.53
N ARG H 201 -44.93 21.03 -0.37
CA ARG H 201 -45.57 22.32 -0.11
C ARG H 201 -45.05 23.40 -1.05
N GLU H 202 -43.78 23.31 -1.43
CA GLU H 202 -43.17 24.33 -2.28
C GLU H 202 -43.46 24.05 -3.76
N ALA H 203 -43.57 22.79 -4.16
CA ALA H 203 -43.85 22.47 -5.55
C ALA H 203 -45.32 22.66 -5.88
N THR H 204 -46.21 22.20 -5.01
CA THR H 204 -47.63 22.48 -5.17
C THR H 204 -47.87 23.83 -4.51
N SER H 205 -47.75 24.89 -5.29
CA SER H 205 -47.89 26.23 -4.76
C SER H 205 -48.51 27.09 -5.84
N PRO H 206 -49.22 28.15 -5.48
CA PRO H 206 -49.81 29.02 -6.50
C PRO H 206 -48.78 29.86 -7.23
N ASN H 207 -48.20 29.29 -8.29
CA ASN H 207 -47.32 30.04 -9.19
C ASN H 207 -48.04 31.25 -9.79
N GLY H 208 -49.31 31.08 -10.13
CA GLY H 208 -50.01 32.10 -10.88
C GLY H 208 -49.80 31.92 -12.37
N THR H 209 -50.51 32.78 -13.13
CA THR H 209 -50.50 32.96 -14.58
C THR H 209 -51.06 31.79 -15.38
N ASN H 210 -51.41 30.66 -14.74
CA ASN H 210 -52.20 29.56 -15.32
C ASN H 210 -51.52 28.97 -16.58
N ASP H 211 -50.37 28.37 -16.36
CA ASP H 211 -49.64 27.77 -17.46
C ASP H 211 -48.97 26.49 -16.99
N VAL H 212 -49.05 25.45 -17.81
CA VAL H 212 -48.42 24.17 -17.51
C VAL H 212 -46.91 24.32 -17.65
N PRO H 213 -46.14 24.14 -16.57
CA PRO H 213 -44.73 24.56 -16.58
C PRO H 213 -43.81 23.49 -17.19
N SER H 214 -43.84 23.35 -18.50
CA SER H 214 -43.01 22.36 -19.15
C SER H 214 -42.67 22.81 -20.56
N THR H 215 -41.51 22.33 -21.03
CA THR H 215 -41.13 22.54 -22.42
C THR H 215 -42.03 21.77 -23.37
N LYS H 216 -42.29 20.51 -23.07
CA LYS H 216 -43.11 19.66 -23.94
C LYS H 216 -44.60 19.91 -23.78
N GLY H 217 -44.99 20.81 -22.87
CA GLY H 217 -46.36 21.22 -22.75
C GLY H 217 -47.31 20.23 -22.12
N VAL H 218 -46.82 19.08 -21.67
CA VAL H 218 -47.68 18.02 -21.15
C VAL H 218 -47.21 17.69 -19.73
N LEU H 219 -48.03 18.03 -18.75
CA LEU H 219 -47.84 17.56 -17.38
C LEU H 219 -49.21 17.19 -16.81
N GLU I 3 -22.71 -59.24 15.69
CA GLU I 3 -23.75 -58.28 16.07
C GLU I 3 -23.87 -57.14 15.06
N GLN I 4 -22.80 -56.36 14.92
CA GLN I 4 -22.79 -55.18 14.06
C GLN I 4 -22.14 -55.55 12.73
N LYS I 5 -22.92 -56.24 11.90
CA LYS I 5 -22.46 -56.68 10.58
C LYS I 5 -23.49 -56.24 9.54
N ALA I 6 -22.99 -55.98 8.33
CA ALA I 6 -23.83 -55.62 7.21
C ALA I 6 -23.08 -55.94 5.92
N LEU I 7 -23.85 -56.23 4.87
CA LEU I 7 -23.29 -56.42 3.54
C LEU I 7 -24.12 -55.60 2.55
N VAL I 8 -23.44 -54.86 1.69
CA VAL I 8 -24.08 -53.95 0.75
C VAL I 8 -23.57 -54.27 -0.66
N LYS I 9 -24.49 -54.61 -1.55
CA LYS I 9 -24.17 -54.90 -2.95
C LYS I 9 -24.80 -53.81 -3.80
N ARG I 10 -24.00 -52.81 -4.17
CA ARG I 10 -24.46 -51.66 -4.92
C ARG I 10 -24.08 -51.83 -6.38
N ILE I 11 -25.08 -51.93 -7.25
CA ILE I 11 -24.89 -52.28 -8.65
C ILE I 11 -25.43 -51.15 -9.51
N THR I 12 -24.54 -50.45 -10.21
CA THR I 12 -24.93 -49.41 -11.15
C THR I 12 -24.20 -49.66 -12.47
N ASN I 13 -24.51 -48.85 -13.48
CA ASN I 13 -23.93 -49.06 -14.81
C ASN I 13 -22.51 -48.55 -14.92
N GLU I 14 -21.95 -48.00 -13.85
CA GLU I 14 -20.56 -47.59 -13.81
C GLU I 14 -19.70 -48.53 -12.98
N THR I 15 -20.14 -48.85 -11.78
CA THR I 15 -19.39 -49.71 -10.86
C THR I 15 -20.30 -50.82 -10.35
N LYS I 16 -19.68 -51.91 -9.91
CA LYS I 16 -20.35 -52.95 -9.15
C LYS I 16 -19.61 -53.10 -7.84
N ILE I 17 -20.34 -53.00 -6.73
CA ILE I 17 -19.75 -52.90 -5.40
C ILE I 17 -20.24 -54.09 -4.59
N GLN I 18 -19.39 -54.59 -3.69
CA GLN I 18 -19.86 -55.50 -2.65
C GLN I 18 -19.00 -55.25 -1.42
N ILE I 19 -19.62 -54.69 -0.38
CA ILE I 19 -18.91 -54.30 0.83
C ILE I 19 -19.53 -55.03 2.00
N ALA I 20 -18.72 -55.86 2.66
CA ALA I 20 -19.11 -56.53 3.90
C ALA I 20 -18.30 -55.93 5.04
N ILE I 21 -18.98 -55.54 6.10
CA ILE I 21 -18.35 -54.83 7.21
C ILE I 21 -18.72 -55.54 8.51
N SER I 22 -17.83 -55.44 9.49
CA SER I 22 -18.12 -55.84 10.86
C SER I 22 -17.46 -54.83 11.77
N LEU I 23 -18.27 -54.08 12.51
CA LEU I 23 -17.74 -52.99 13.31
C LEU I 23 -17.04 -53.49 14.56
N LYS I 24 -17.48 -54.62 15.11
CA LYS I 24 -16.87 -55.17 16.32
C LYS I 24 -15.66 -56.04 16.03
N GLY I 25 -15.25 -56.15 14.77
CA GLY I 25 -14.11 -56.96 14.42
C GLY I 25 -14.47 -58.37 14.06
N GLY I 26 -13.60 -59.33 14.38
CA GLY I 26 -13.88 -60.72 14.14
C GLY I 26 -13.65 -61.11 12.69
N PRO I 27 -14.11 -62.30 12.31
CA PRO I 27 -13.93 -62.76 10.92
C PRO I 27 -15.05 -62.33 9.99
N LEU I 28 -14.72 -62.34 8.70
CA LEU I 28 -15.67 -62.09 7.63
C LEU I 28 -15.28 -62.88 6.39
N ALA I 29 -16.30 -63.25 5.62
CA ALA I 29 -16.10 -63.89 4.34
C ALA I 29 -17.18 -63.38 3.40
N ILE I 30 -17.16 -63.84 2.16
CA ILE I 30 -18.21 -63.57 1.20
C ILE I 30 -18.67 -64.88 0.60
N GLU I 31 -19.98 -65.16 0.70
CA GLU I 31 -20.51 -66.42 0.21
C GLU I 31 -20.53 -66.48 -1.32
N HIS I 32 -20.60 -65.33 -1.98
CA HIS I 32 -20.60 -65.31 -3.45
C HIS I 32 -20.00 -63.97 -3.87
N SER I 33 -18.73 -63.98 -4.27
CA SER I 33 -18.00 -62.77 -4.59
C SER I 33 -18.31 -62.32 -6.01
N ILE I 34 -17.86 -61.11 -6.35
CA ILE I 34 -18.06 -60.57 -7.68
C ILE I 34 -16.81 -60.65 -8.56
N PHE I 35 -15.66 -60.91 -7.98
CA PHE I 35 -14.48 -61.14 -8.83
C PHE I 35 -14.53 -62.55 -9.39
N PRO I 36 -13.99 -62.76 -10.59
CA PRO I 36 -13.96 -64.13 -11.14
C PRO I 36 -12.99 -65.02 -10.38
N GLU I 37 -13.43 -66.26 -10.16
CA GLU I 37 -12.70 -67.33 -9.46
C GLU I 37 -12.32 -66.90 -8.04
N LYS I 38 -13.37 -66.64 -7.25
CA LYS I 38 -13.31 -66.23 -5.84
C LYS I 38 -12.48 -64.96 -5.63
N ALA I 44 -3.26 -54.33 0.17
CA ALA I 44 -3.79 -53.91 1.47
C ALA I 44 -4.70 -54.98 2.06
N GLU I 45 -4.11 -56.04 2.60
CA GLU I 45 -4.85 -57.15 3.18
C GLU I 45 -4.22 -57.52 4.52
N GLN I 46 -4.98 -57.32 5.59
CA GLN I 46 -4.53 -57.68 6.94
C GLN I 46 -5.53 -58.68 7.53
N ALA I 47 -5.03 -59.84 7.95
CA ALA I 47 -5.90 -60.90 8.42
C ALA I 47 -5.34 -61.55 9.68
N THR I 48 -4.95 -60.74 10.66
CA THR I 48 -4.18 -61.23 11.80
C THR I 48 -5.12 -61.51 12.98
N GLN I 49 -5.99 -62.50 12.82
CA GLN I 49 -6.61 -63.26 13.90
C GLN I 49 -7.57 -62.49 14.82
N SER I 50 -7.68 -61.18 14.64
CA SER I 50 -8.60 -60.39 15.45
C SER I 50 -9.59 -59.69 14.53
N GLN I 51 -9.08 -59.12 13.45
CA GLN I 51 -9.89 -58.49 12.42
C GLN I 51 -9.30 -58.85 11.06
N VAL I 52 -10.18 -58.98 10.06
CA VAL I 52 -9.76 -59.26 8.69
C VAL I 52 -10.22 -58.11 7.80
N ILE I 53 -9.27 -57.41 7.21
CA ILE I 53 -9.56 -56.29 6.34
C ILE I 53 -8.86 -56.51 5.00
N ASN I 54 -9.66 -56.56 3.94
CA ASN I 54 -9.18 -56.94 2.60
C ASN I 54 -9.95 -56.08 1.61
N VAL I 55 -9.30 -55.02 1.15
CA VAL I 55 -9.93 -54.07 0.24
C VAL I 55 -9.36 -54.28 -1.16
N HIS I 56 -10.23 -54.41 -2.15
CA HIS I 56 -9.83 -54.58 -3.53
C HIS I 56 -10.66 -53.62 -4.37
N THR I 57 -10.19 -52.40 -4.48
CA THR I 57 -10.67 -51.47 -5.50
C THR I 57 -9.62 -51.39 -6.60
N GLY I 58 -9.99 -50.75 -7.70
CA GLY I 58 -9.03 -50.60 -8.78
C GLY I 58 -7.94 -49.58 -8.49
N ILE I 59 -8.15 -48.74 -7.48
CA ILE I 59 -7.21 -47.70 -7.12
C ILE I 59 -6.39 -48.20 -5.94
N GLY I 60 -5.06 -48.15 -6.08
CA GLY I 60 -4.22 -48.69 -5.03
C GLY I 60 -4.06 -47.79 -3.83
N PHE I 61 -4.05 -46.48 -4.05
CA PHE I 61 -3.92 -45.55 -2.94
C PHE I 61 -5.23 -45.40 -2.19
N LEU I 62 -6.36 -45.60 -2.86
CA LEU I 62 -7.65 -45.60 -2.20
C LEU I 62 -7.91 -46.92 -1.47
N ASP I 63 -7.22 -47.99 -1.86
CA ASP I 63 -7.19 -49.18 -1.03
C ASP I 63 -6.49 -48.90 0.29
N HIS I 64 -5.41 -48.13 0.25
CA HIS I 64 -4.60 -47.88 1.43
C HIS I 64 -5.29 -46.95 2.41
N MET I 65 -6.23 -46.14 1.96
CA MET I 65 -6.91 -45.23 2.85
C MET I 65 -8.10 -45.88 3.53
N ILE I 66 -8.79 -46.79 2.85
CA ILE I 66 -9.82 -47.57 3.50
C ILE I 66 -9.20 -48.59 4.43
N HIS I 67 -7.99 -49.06 4.11
CA HIS I 67 -7.31 -50.03 4.97
C HIS I 67 -6.89 -49.39 6.29
N ALA I 68 -6.28 -48.20 6.23
CA ALA I 68 -5.88 -47.49 7.44
C ALA I 68 -7.09 -46.99 8.21
N LEU I 69 -8.22 -46.79 7.53
CA LEU I 69 -9.46 -46.45 8.23
C LEU I 69 -9.98 -47.62 9.04
N ALA I 70 -9.98 -48.81 8.45
CA ALA I 70 -10.54 -49.96 9.13
C ALA I 70 -9.54 -50.61 10.08
N LYS I 71 -8.24 -50.38 9.90
CA LYS I 71 -7.27 -50.96 10.81
C LYS I 71 -7.32 -50.29 12.17
N HIS I 72 -7.49 -48.97 12.19
CA HIS I 72 -7.49 -48.23 13.44
C HIS I 72 -8.90 -47.95 13.95
N SER I 73 -9.91 -48.58 13.36
CA SER I 73 -11.27 -48.52 13.87
C SER I 73 -11.71 -49.80 14.56
N GLY I 74 -10.93 -50.87 14.48
CA GLY I 74 -11.39 -52.15 14.98
C GLY I 74 -12.34 -52.86 14.06
N TRP I 75 -12.39 -52.47 12.79
CA TRP I 75 -13.31 -53.04 11.83
C TRP I 75 -12.75 -54.30 11.19
N SER I 76 -13.65 -55.16 10.77
CA SER I 76 -13.39 -56.15 9.73
C SER I 76 -14.13 -55.68 8.50
N LEU I 77 -13.45 -55.61 7.36
CA LEU I 77 -14.02 -54.95 6.21
C LEU I 77 -13.49 -55.56 4.92
N ILE I 78 -14.41 -56.05 4.08
CA ILE I 78 -14.06 -56.56 2.76
C ILE I 78 -14.71 -55.64 1.74
N VAL I 79 -13.91 -55.08 0.84
CA VAL I 79 -14.37 -54.16 -0.18
C VAL I 79 -14.02 -54.72 -1.54
N GLU I 80 -15.02 -54.84 -2.40
CA GLU I 80 -14.84 -55.30 -3.78
C GLU I 80 -15.50 -54.30 -4.71
N CYS I 81 -14.70 -53.62 -5.50
CA CYS I 81 -15.24 -52.68 -6.44
C CYS I 81 -14.72 -52.95 -7.83
N ILE I 82 -15.63 -53.29 -8.72
CA ILE I 82 -15.32 -53.47 -10.13
C ILE I 82 -15.79 -52.19 -10.82
N GLY I 83 -14.85 -51.28 -11.07
CA GLY I 83 -15.21 -49.99 -11.64
C GLY I 83 -14.51 -49.67 -12.92
N ASP I 84 -15.02 -48.68 -13.65
CA ASP I 84 -14.43 -48.29 -14.93
C ASP I 84 -13.21 -47.42 -14.70
N LEU I 85 -12.07 -47.87 -15.19
CA LEU I 85 -10.82 -47.13 -15.02
C LEU I 85 -10.23 -46.65 -16.33
N HIS I 86 -10.90 -46.88 -17.46
CA HIS I 86 -10.47 -46.22 -18.70
C HIS I 86 -10.93 -44.77 -18.70
N ILE I 87 -12.02 -44.49 -18.01
CA ILE I 87 -12.46 -43.16 -17.57
C ILE I 87 -11.65 -42.86 -16.32
N ASP I 88 -11.73 -41.64 -15.78
CA ASP I 88 -10.96 -41.34 -14.57
C ASP I 88 -11.50 -42.09 -13.35
N ASP I 89 -10.86 -41.84 -12.22
CA ASP I 89 -11.14 -42.53 -10.97
C ASP I 89 -12.24 -41.89 -10.13
N HIS I 90 -13.01 -40.94 -10.67
CA HIS I 90 -14.04 -40.33 -9.86
C HIS I 90 -15.19 -41.30 -9.64
N HIS I 91 -15.68 -41.92 -10.72
CA HIS I 91 -16.88 -42.73 -10.62
C HIS I 91 -16.66 -44.00 -9.82
N THR I 92 -15.41 -44.41 -9.62
CA THR I 92 -15.10 -45.58 -8.82
C THR I 92 -14.54 -45.24 -7.47
N THR I 93 -14.50 -43.97 -7.10
CA THR I 93 -14.18 -43.59 -5.73
C THR I 93 -15.38 -43.00 -5.03
N GLU I 94 -16.16 -42.19 -5.74
CA GLU I 94 -17.43 -41.71 -5.24
C GLU I 94 -18.40 -42.85 -4.97
N ASP I 95 -18.50 -43.81 -5.89
CA ASP I 95 -19.42 -44.92 -5.69
C ASP I 95 -18.93 -45.87 -4.61
N CYS I 96 -17.63 -46.02 -4.44
CA CYS I 96 -17.09 -46.85 -3.38
C CYS I 96 -17.01 -46.14 -2.05
N GLY I 97 -17.56 -44.93 -1.95
CA GLY I 97 -17.68 -44.22 -0.70
C GLY I 97 -19.11 -44.11 -0.27
N ILE I 98 -20.01 -44.07 -1.26
CA ILE I 98 -21.45 -44.13 -0.97
C ILE I 98 -21.81 -45.48 -0.40
N ALA I 99 -21.33 -46.56 -1.01
CA ALA I 99 -21.65 -47.88 -0.51
C ALA I 99 -20.91 -48.20 0.77
N LEU I 100 -19.80 -47.52 1.05
CA LEU I 100 -19.08 -47.75 2.29
C LEU I 100 -19.64 -46.93 3.43
N GLY I 101 -20.39 -45.87 3.14
CA GLY I 101 -21.17 -45.22 4.17
C GLY I 101 -22.46 -45.96 4.47
N GLN I 102 -23.05 -46.60 3.45
CA GLN I 102 -24.26 -47.38 3.68
C GLN I 102 -23.98 -48.63 4.50
N ALA I 103 -22.81 -49.25 4.30
CA ALA I 103 -22.47 -50.44 5.07
C ALA I 103 -22.18 -50.09 6.51
N PHE I 104 -21.58 -48.92 6.76
CA PHE I 104 -21.42 -48.45 8.12
C PHE I 104 -22.75 -48.05 8.74
N LYS I 105 -23.69 -47.57 7.93
CA LYS I 105 -24.97 -47.16 8.48
C LYS I 105 -25.82 -48.37 8.86
N GLU I 106 -25.85 -49.40 8.02
CA GLU I 106 -26.65 -50.58 8.32
C GLU I 106 -26.04 -51.44 9.39
N ALA I 107 -24.76 -51.26 9.70
CA ALA I 107 -24.14 -52.08 10.72
C ALA I 107 -24.47 -51.60 12.12
N LEU I 108 -24.80 -50.32 12.29
CA LEU I 108 -25.32 -49.82 13.55
C LEU I 108 -26.71 -49.24 13.28
N GLY I 109 -27.74 -50.01 13.60
CA GLY I 109 -29.08 -49.54 13.37
C GLY I 109 -29.53 -48.51 14.39
N ALA I 110 -29.67 -48.94 15.64
CA ALA I 110 -30.15 -48.08 16.70
C ALA I 110 -28.98 -47.27 17.25
N VAL I 111 -29.01 -45.97 17.02
CA VAL I 111 -28.03 -45.08 17.64
C VAL I 111 -28.55 -44.78 19.03
N ARG I 112 -28.23 -45.64 19.99
CA ARG I 112 -28.56 -45.41 21.39
C ARG I 112 -27.55 -46.16 22.24
N GLY I 113 -27.24 -45.60 23.40
CA GLY I 113 -26.20 -46.15 24.23
C GLY I 113 -24.80 -45.91 23.71
N VAL I 114 -24.62 -44.91 22.85
CA VAL I 114 -23.32 -44.60 22.28
C VAL I 114 -22.92 -43.19 22.72
N LYS I 115 -21.62 -42.92 22.61
CA LYS I 115 -21.08 -41.61 23.01
C LYS I 115 -21.59 -40.49 22.14
N ARG I 116 -21.80 -40.79 20.84
CA ARG I 116 -22.32 -39.95 19.76
C ARG I 116 -21.32 -38.88 19.30
N PHE I 117 -20.29 -38.60 20.10
CA PHE I 117 -19.32 -37.56 19.78
C PHE I 117 -17.94 -38.16 19.88
N GLY I 118 -17.31 -38.41 18.74
CA GLY I 118 -15.93 -38.84 18.69
C GLY I 118 -15.07 -37.74 18.08
N SER I 119 -13.94 -37.49 18.70
CA SER I 119 -12.93 -36.59 18.16
C SER I 119 -11.62 -37.33 18.11
N GLY I 120 -10.95 -37.25 16.97
CA GLY I 120 -9.69 -37.96 16.85
C GLY I 120 -8.61 -37.13 16.20
N PHE I 121 -7.52 -36.92 16.91
CA PHE I 121 -6.29 -36.40 16.33
C PHE I 121 -5.39 -37.56 15.96
N ALA I 122 -4.73 -37.45 14.84
CA ALA I 122 -3.74 -38.45 14.46
C ALA I 122 -2.63 -37.78 13.68
N PRO I 123 -1.37 -37.94 14.07
CA PRO I 123 -0.28 -37.43 13.26
C PRO I 123 0.27 -38.49 12.33
N LEU I 124 0.95 -38.03 11.31
CA LEU I 124 1.81 -38.91 10.52
C LEU I 124 2.94 -38.02 10.00
N ASP I 125 4.00 -37.91 10.80
CA ASP I 125 5.33 -37.49 10.34
C ASP I 125 5.29 -36.10 9.71
N GLU I 126 4.99 -35.11 10.55
CA GLU I 126 4.78 -33.65 10.43
C GLU I 126 3.40 -33.28 9.91
N ALA I 127 2.57 -34.23 9.52
CA ALA I 127 1.19 -33.92 9.20
C ALA I 127 0.32 -34.16 10.42
N LEU I 128 -0.71 -33.34 10.58
CA LEU I 128 -1.59 -33.43 11.74
C LEU I 128 -3.01 -33.15 11.31
N SER I 129 -3.89 -34.13 11.51
CA SER I 129 -5.27 -34.03 11.11
C SER I 129 -6.17 -34.33 12.31
N ARG I 130 -7.23 -33.55 12.46
CA ARG I 130 -8.27 -33.90 13.40
C ARG I 130 -9.53 -34.28 12.64
N ALA I 131 -10.34 -35.12 13.26
CA ALA I 131 -11.61 -35.49 12.68
C ALA I 131 -12.61 -35.57 13.83
N VAL I 132 -13.72 -34.86 13.69
CA VAL I 132 -14.81 -35.02 14.63
C VAL I 132 -15.97 -35.67 13.88
N VAL I 133 -16.82 -36.39 14.60
CA VAL I 133 -17.92 -37.13 14.01
C VAL I 133 -19.09 -37.01 14.97
N ASP I 134 -20.31 -37.13 14.44
CA ASP I 134 -21.47 -36.72 15.22
C ASP I 134 -22.56 -37.78 15.31
N LEU I 135 -22.66 -38.70 14.35
CA LEU I 135 -23.64 -39.80 14.33
C LEU I 135 -25.09 -39.32 14.42
N SER I 136 -25.38 -38.10 14.02
CA SER I 136 -26.74 -37.58 13.99
C SER I 136 -27.28 -37.69 12.57
N ASN I 137 -28.56 -38.06 12.44
CA ASN I 137 -29.08 -38.51 11.14
C ASN I 137 -29.16 -37.44 10.09
N ARG I 138 -28.69 -36.23 10.27
CA ARG I 138 -28.49 -35.37 9.12
C ARG I 138 -27.04 -35.51 8.63
N PRO I 139 -26.83 -35.77 7.34
CA PRO I 139 -25.46 -35.88 6.84
C PRO I 139 -24.84 -34.52 6.61
N TYR I 140 -23.55 -34.41 6.95
CA TYR I 140 -22.83 -33.18 6.66
C TYR I 140 -21.34 -33.50 6.60
N ALA I 141 -20.61 -32.76 5.77
CA ALA I 141 -19.20 -33.05 5.58
C ALA I 141 -18.43 -31.76 5.31
N VAL I 142 -17.54 -31.40 6.23
CA VAL I 142 -16.67 -30.24 6.09
C VAL I 142 -15.24 -30.78 6.04
N VAL I 143 -14.73 -31.03 4.84
CA VAL I 143 -13.46 -31.69 4.66
C VAL I 143 -12.48 -30.68 4.09
N GLU I 144 -11.50 -30.28 4.89
CA GLU I 144 -10.57 -29.22 4.50
C GLU I 144 -9.13 -29.70 4.49
N LEU I 145 -8.90 -30.85 3.86
CA LEU I 145 -7.55 -31.33 3.56
C LEU I 145 -6.90 -30.41 2.54
N GLY I 146 -5.89 -29.66 2.96
CA GLY I 146 -5.27 -28.78 1.99
C GLY I 146 -4.16 -29.46 1.24
N LEU I 147 -4.50 -30.05 0.10
CA LEU I 147 -3.59 -30.90 -0.66
C LEU I 147 -3.11 -30.12 -1.87
N GLN I 148 -1.79 -29.90 -1.95
CA GLN I 148 -1.17 -29.16 -3.03
C GLN I 148 -0.55 -30.09 -4.07
N ARG I 149 -1.23 -31.18 -4.35
CA ARG I 149 -0.82 -32.20 -5.29
C ARG I 149 -2.00 -32.48 -6.20
N GLU I 150 -1.75 -33.00 -7.39
CA GLU I 150 -2.86 -33.35 -8.29
C GLU I 150 -3.20 -34.82 -8.29
N LYS I 151 -2.23 -35.71 -8.14
CA LYS I 151 -2.49 -37.14 -8.03
C LYS I 151 -1.49 -37.74 -7.07
N VAL I 152 -1.93 -38.70 -6.26
CA VAL I 152 -0.99 -39.27 -5.30
C VAL I 152 -0.28 -40.48 -5.89
N GLY I 153 -0.99 -41.59 -6.08
CA GLY I 153 -0.43 -42.60 -6.95
C GLY I 153 -1.36 -42.99 -8.06
N ASP I 154 -2.62 -43.13 -7.72
CA ASP I 154 -3.72 -43.28 -8.67
C ASP I 154 -4.93 -42.46 -8.32
N LEU I 155 -5.17 -42.16 -7.04
CA LEU I 155 -6.18 -41.19 -6.67
C LEU I 155 -5.83 -39.82 -7.22
N SER I 156 -6.87 -39.09 -7.60
CA SER I 156 -6.71 -37.78 -8.20
C SER I 156 -6.73 -36.66 -7.19
N CYS I 157 -6.60 -36.97 -5.89
CA CYS I 157 -6.21 -36.03 -4.83
C CYS I 157 -7.23 -34.92 -4.56
N GLU I 158 -8.25 -34.80 -5.39
CA GLU I 158 -9.45 -34.05 -5.09
C GLU I 158 -10.60 -34.98 -4.81
N MET I 159 -10.40 -36.26 -5.07
CA MET I 159 -11.36 -37.28 -4.68
C MET I 159 -11.23 -37.69 -3.23
N ILE I 160 -10.08 -37.43 -2.61
CA ILE I 160 -9.88 -37.71 -1.19
C ILE I 160 -10.82 -36.88 -0.32
N PRO I 161 -11.10 -35.60 -0.60
CA PRO I 161 -12.23 -34.97 0.11
C PRO I 161 -13.57 -35.45 -0.38
N HIS I 162 -13.67 -35.83 -1.64
CA HIS I 162 -14.94 -36.23 -2.24
C HIS I 162 -15.35 -37.61 -1.78
N PHE I 163 -14.38 -38.44 -1.37
CA PHE I 163 -14.68 -39.71 -0.75
C PHE I 163 -15.31 -39.51 0.61
N LEU I 164 -14.72 -38.65 1.43
CA LEU I 164 -15.23 -38.39 2.77
C LEU I 164 -16.52 -37.59 2.73
N GLU I 165 -16.74 -36.83 1.66
CA GLU I 165 -18.00 -36.15 1.46
C GLU I 165 -19.13 -37.17 1.27
N SER I 166 -18.95 -38.12 0.37
CA SER I 166 -19.97 -39.12 0.11
C SER I 166 -20.06 -40.17 1.20
N PHE I 167 -19.00 -40.35 1.98
CA PHE I 167 -19.08 -41.25 3.12
C PHE I 167 -20.00 -40.70 4.19
N ALA I 168 -19.82 -39.43 4.56
CA ALA I 168 -20.70 -38.81 5.53
C ALA I 168 -22.11 -38.62 4.98
N GLU I 169 -22.24 -38.48 3.67
CA GLU I 169 -23.53 -38.29 3.02
C GLU I 169 -24.39 -39.54 3.15
N ALA I 170 -23.85 -40.69 2.78
CA ALA I 170 -24.62 -41.92 2.76
C ALA I 170 -24.66 -42.63 4.11
N SER I 171 -23.79 -42.27 5.04
CA SER I 171 -23.82 -42.83 6.37
C SER I 171 -24.63 -42.02 7.37
N ARG I 172 -25.13 -40.86 6.95
CA ARG I 172 -25.96 -39.97 7.76
C ARG I 172 -25.23 -39.53 9.04
N ILE I 173 -24.00 -39.05 8.87
CA ILE I 173 -23.21 -38.52 9.98
C ILE I 173 -22.73 -37.13 9.59
N THR I 174 -22.43 -36.33 10.61
CA THR I 174 -21.83 -35.02 10.44
C THR I 174 -20.35 -35.14 10.73
N LEU I 175 -19.52 -34.60 9.84
CA LEU I 175 -18.10 -34.90 9.83
C LEU I 175 -17.31 -33.64 9.50
N HIS I 176 -16.33 -33.32 10.35
CA HIS I 176 -15.39 -32.23 10.13
C HIS I 176 -13.99 -32.83 10.15
N VAL I 177 -13.36 -32.96 8.99
CA VAL I 177 -11.98 -33.41 8.90
C VAL I 177 -11.13 -32.26 8.37
N ASP I 178 -10.08 -31.91 9.10
CA ASP I 178 -9.27 -30.74 8.81
C ASP I 178 -7.82 -31.07 9.10
N CYS I 179 -6.97 -31.01 8.10
CA CYS I 179 -5.54 -31.20 8.30
C CYS I 179 -4.91 -29.91 8.76
N LEU I 180 -4.27 -29.95 9.92
CA LEU I 180 -3.80 -28.74 10.57
C LEU I 180 -2.46 -28.30 10.02
N ARG I 181 -1.61 -29.23 9.63
CA ARG I 181 -0.30 -28.92 9.09
C ARG I 181 0.19 -30.12 8.28
N GLY I 182 1.33 -29.95 7.63
CA GLY I 182 1.94 -31.02 6.86
C GLY I 182 2.28 -30.55 5.48
N LYS I 183 3.33 -31.12 4.91
CA LYS I 183 3.75 -30.71 3.57
C LYS I 183 4.08 -31.91 2.69
N ASN I 184 3.67 -33.11 3.10
CA ASN I 184 3.70 -34.32 2.29
C ASN I 184 2.26 -34.81 2.21
N ASP I 185 1.75 -34.97 1.00
CA ASP I 185 0.33 -35.22 0.84
C ASP I 185 -0.06 -36.68 0.92
N HIS I 186 0.89 -37.60 0.87
CA HIS I 186 0.61 -38.95 1.36
C HIS I 186 0.42 -38.90 2.86
N HIS I 187 1.32 -38.20 3.56
CA HIS I 187 1.21 -38.02 4.99
C HIS I 187 -0.03 -37.25 5.37
N ARG I 188 -0.37 -36.24 4.60
CA ARG I 188 -1.49 -35.38 4.95
C ARG I 188 -2.83 -36.09 4.74
N SER I 189 -2.91 -36.96 3.75
CA SER I 189 -4.19 -37.63 3.50
C SER I 189 -4.33 -38.91 4.31
N GLU I 190 -3.23 -39.57 4.66
CA GLU I 190 -3.33 -40.77 5.47
C GLU I 190 -3.64 -40.43 6.92
N SER I 191 -3.13 -39.30 7.39
CA SER I 191 -3.42 -38.87 8.75
C SER I 191 -4.87 -38.48 8.91
N ALA I 192 -5.54 -38.08 7.83
CA ALA I 192 -6.96 -37.77 7.88
C ALA I 192 -7.79 -39.03 8.06
N PHE I 193 -7.41 -40.10 7.36
CA PHE I 193 -8.12 -41.36 7.52
C PHE I 193 -7.77 -42.05 8.83
N LYS I 194 -6.57 -41.80 9.35
CA LYS I 194 -6.24 -42.33 10.68
C LYS I 194 -6.91 -41.52 11.78
N ALA I 195 -7.21 -40.25 11.54
CA ALA I 195 -7.93 -39.45 12.52
C ALA I 195 -9.41 -39.78 12.54
N LEU I 196 -9.98 -40.07 11.38
CA LEU I 196 -11.37 -40.50 11.29
C LEU I 196 -11.58 -41.86 11.96
N ALA I 197 -10.56 -42.70 11.91
CA ALA I 197 -10.65 -44.00 12.56
C ALA I 197 -10.69 -43.87 14.08
N VAL I 198 -10.04 -42.85 14.62
CA VAL I 198 -10.09 -42.62 16.06
C VAL I 198 -11.45 -42.05 16.46
N ALA I 199 -12.04 -41.23 15.59
CA ALA I 199 -13.28 -40.55 15.95
C ALA I 199 -14.48 -41.48 15.88
N ILE I 200 -14.55 -42.34 14.86
CA ILE I 200 -15.64 -43.31 14.75
C ILE I 200 -15.55 -44.33 15.87
N ARG I 201 -14.34 -44.72 16.26
CA ARG I 201 -14.12 -45.61 17.39
C ARG I 201 -14.59 -44.97 18.69
N GLU I 202 -14.46 -43.65 18.80
CA GLU I 202 -14.83 -42.96 20.02
C GLU I 202 -16.33 -42.65 20.06
N ALA I 203 -16.93 -42.39 18.91
CA ALA I 203 -18.36 -42.09 18.89
C ALA I 203 -19.20 -43.36 19.02
N THR I 204 -18.84 -44.41 18.30
CA THR I 204 -19.49 -45.71 18.48
C THR I 204 -18.75 -46.39 19.60
N SER I 205 -19.23 -46.18 20.83
CA SER I 205 -18.58 -46.71 22.00
C SER I 205 -19.65 -47.04 23.02
N PRO I 206 -19.41 -47.99 23.90
CA PRO I 206 -20.43 -48.31 24.92
C PRO I 206 -20.53 -47.25 25.99
N ASN I 207 -21.37 -46.23 25.72
CA ASN I 207 -21.71 -45.23 26.73
C ASN I 207 -22.34 -45.87 27.97
N GLY I 208 -23.17 -46.89 27.77
CA GLY I 208 -23.96 -47.42 28.86
C GLY I 208 -25.25 -46.66 29.03
N THR I 209 -26.06 -47.19 29.96
CA THR I 209 -27.34 -46.68 30.47
C THR I 209 -28.49 -46.71 29.45
N ASN I 210 -28.24 -47.07 28.19
CA ASN I 210 -29.25 -47.40 27.17
C ASN I 210 -30.22 -46.23 26.94
N ASP I 211 -29.68 -45.15 26.41
CA ASP I 211 -30.49 -43.98 26.14
C ASP I 211 -30.03 -43.32 24.85
N VAL I 212 -30.99 -42.92 24.01
CA VAL I 212 -30.68 -42.23 22.77
C VAL I 212 -30.19 -40.82 23.07
N PRO I 213 -28.94 -40.49 22.74
CA PRO I 213 -28.34 -39.26 23.27
C PRO I 213 -28.71 -38.02 22.45
N SER I 214 -29.94 -37.54 22.60
CA SER I 214 -30.38 -36.38 21.86
C SER I 214 -31.44 -35.63 22.63
N THR I 215 -31.51 -34.32 22.38
CA THR I 215 -32.57 -33.50 22.92
C THR I 215 -33.91 -33.86 22.31
N LYS I 216 -33.96 -33.99 20.98
CA LYS I 216 -35.20 -34.28 20.28
C LYS I 216 -35.59 -35.74 20.36
N GLY I 217 -34.78 -36.59 20.99
CA GLY I 217 -35.13 -37.96 21.25
C GLY I 217 -35.09 -38.90 20.06
N VAL I 218 -34.70 -38.41 18.88
CA VAL I 218 -34.73 -39.22 17.65
C VAL I 218 -33.33 -39.24 17.08
N LEU I 219 -32.69 -40.41 17.10
CA LEU I 219 -31.46 -40.66 16.37
C LEU I 219 -31.53 -42.04 15.76
N GLU J 3 -56.15 -11.05 -31.58
CA GLU J 3 -56.45 -11.10 -30.15
C GLU J 3 -55.67 -10.06 -29.36
N GLN J 4 -54.35 -10.19 -29.36
CA GLN J 4 -53.46 -9.32 -28.59
C GLN J 4 -52.93 -8.22 -29.51
N LYS J 5 -53.78 -7.23 -29.77
CA LYS J 5 -53.42 -6.10 -30.62
C LYS J 5 -53.75 -4.81 -29.90
N ALA J 6 -52.97 -3.78 -30.19
CA ALA J 6 -53.19 -2.46 -29.63
C ALA J 6 -52.55 -1.44 -30.55
N LEU J 7 -53.11 -0.23 -30.55
CA LEU J 7 -52.53 0.91 -31.26
C LEU J 7 -52.50 2.10 -30.33
N VAL J 8 -51.36 2.78 -30.28
CA VAL J 8 -51.13 3.90 -29.37
C VAL J 8 -50.65 5.08 -30.17
N LYS J 9 -51.38 6.19 -30.09
CA LYS J 9 -51.04 7.44 -30.77
C LYS J 9 -50.70 8.46 -29.70
N ARG J 10 -49.42 8.63 -29.42
CA ARG J 10 -48.95 9.52 -28.38
C ARG J 10 -48.46 10.82 -29.01
N ILE J 11 -49.13 11.92 -28.67
CA ILE J 11 -48.92 13.20 -29.33
C ILE J 11 -48.50 14.21 -28.28
N THR J 12 -47.25 14.67 -28.36
CA THR J 12 -46.75 15.72 -27.48
C THR J 12 -46.07 16.79 -28.34
N ASN J 13 -45.63 17.87 -27.70
CA ASN J 13 -45.04 18.99 -28.45
C ASN J 13 -43.61 18.73 -28.87
N GLU J 14 -43.05 17.57 -28.55
CA GLU J 14 -41.73 17.18 -29.00
C GLU J 14 -41.80 16.11 -30.09
N THR J 15 -42.57 15.05 -29.87
CA THR J 15 -42.69 13.95 -30.82
C THR J 15 -44.15 13.66 -31.09
N LYS J 16 -44.40 13.03 -32.24
CA LYS J 16 -45.69 12.45 -32.55
C LYS J 16 -45.46 10.97 -32.84
N ILE J 17 -46.18 10.11 -32.13
CA ILE J 17 -45.93 8.68 -32.14
C ILE J 17 -47.18 7.99 -32.65
N GLN J 18 -46.99 6.88 -33.37
CA GLN J 18 -48.10 5.97 -33.64
C GLN J 18 -47.54 4.57 -33.70
N ILE J 19 -47.88 3.75 -32.71
CA ILE J 19 -47.34 2.40 -32.56
C ILE J 19 -48.49 1.41 -32.59
N ALA J 20 -48.49 0.54 -33.58
CA ALA J 20 -49.42 -0.57 -33.67
C ALA J 20 -48.66 -1.87 -33.44
N ILE J 21 -49.16 -2.70 -32.53
CA ILE J 21 -48.47 -3.91 -32.12
C ILE J 21 -49.42 -5.08 -32.24
N SER J 22 -48.86 -6.26 -32.48
CA SER J 22 -49.60 -7.52 -32.38
C SER J 22 -48.67 -8.53 -31.76
N LEU J 23 -49.00 -9.01 -30.57
CA LEU J 23 -48.08 -9.88 -29.86
C LEU J 23 -48.08 -11.29 -30.42
N LYS J 24 -49.21 -11.74 -30.97
CA LYS J 24 -49.30 -13.08 -31.52
C LYS J 24 -48.84 -13.16 -32.97
N GLY J 25 -48.32 -12.06 -33.53
CA GLY J 25 -47.85 -12.06 -34.89
C GLY J 25 -48.92 -11.66 -35.88
N GLY J 26 -48.87 -12.24 -37.07
CA GLY J 26 -49.87 -11.97 -38.08
C GLY J 26 -49.64 -10.66 -38.79
N PRO J 27 -50.63 -10.21 -39.56
CA PRO J 27 -50.50 -8.95 -40.29
C PRO J 27 -50.92 -7.73 -39.48
N LEU J 28 -50.42 -6.57 -39.92
CA LEU J 28 -50.81 -5.28 -39.38
C LEU J 28 -50.74 -4.22 -40.46
N ALA J 29 -51.59 -3.22 -40.32
CA ALA J 29 -51.57 -2.06 -41.19
C ALA J 29 -51.93 -0.85 -40.34
N ILE J 30 -51.94 0.32 -40.96
CA ILE J 30 -52.42 1.54 -40.32
C ILE J 30 -53.44 2.20 -41.22
N GLU J 31 -54.64 2.44 -40.68
CA GLU J 31 -55.72 3.02 -41.48
C GLU J 31 -55.46 4.48 -41.81
N HIS J 32 -54.70 5.19 -40.98
CA HIS J 32 -54.39 6.60 -41.22
C HIS J 32 -53.05 6.90 -40.57
N SER J 33 -51.99 6.93 -41.39
CA SER J 33 -50.63 7.08 -40.88
C SER J 33 -50.33 8.56 -40.60
N ILE J 34 -49.19 8.80 -39.96
CA ILE J 34 -48.76 10.16 -39.66
C ILE J 34 -47.68 10.66 -40.61
N PHE J 35 -47.04 9.78 -41.37
CA PHE J 35 -46.11 10.27 -42.38
C PHE J 35 -46.87 10.78 -43.59
N PRO J 36 -46.35 11.79 -44.30
CA PRO J 36 -47.02 12.26 -45.50
C PRO J 36 -46.96 11.24 -46.63
N GLU J 37 -48.09 11.10 -47.33
CA GLU J 37 -48.29 10.18 -48.47
C GLU J 37 -48.01 8.74 -48.07
N LYS J 38 -48.84 8.27 -47.13
CA LYS J 38 -48.81 6.91 -46.56
C LYS J 38 -47.46 6.53 -45.99
N ALA J 44 -35.07 -1.17 -41.63
CA ALA J 44 -35.48 -2.26 -40.75
C ALA J 44 -36.94 -2.62 -40.97
N GLU J 45 -37.22 -3.34 -42.06
CA GLU J 45 -38.58 -3.73 -42.42
C GLU J 45 -38.57 -5.20 -42.81
N GLN J 46 -39.25 -6.03 -42.03
CA GLN J 46 -39.39 -7.45 -42.32
C GLN J 46 -40.86 -7.79 -42.44
N ALA J 47 -41.26 -8.37 -43.57
CA ALA J 47 -42.67 -8.62 -43.85
C ALA J 47 -42.86 -10.01 -44.45
N THR J 48 -42.26 -11.03 -43.83
CA THR J 48 -42.17 -12.36 -44.44
C THR J 48 -43.30 -13.25 -43.92
N GLN J 49 -44.55 -12.89 -44.24
CA GLN J 49 -45.70 -13.79 -44.30
C GLN J 49 -46.16 -14.39 -42.98
N SER J 50 -45.44 -14.14 -41.88
CA SER J 50 -45.82 -14.64 -40.58
C SER J 50 -46.00 -13.47 -39.63
N GLN J 51 -45.05 -12.54 -39.67
CA GLN J 51 -45.10 -11.32 -38.89
C GLN J 51 -44.60 -10.18 -39.77
N VAL J 52 -45.16 -8.99 -39.57
CA VAL J 52 -44.73 -7.80 -40.28
C VAL J 52 -44.23 -6.77 -39.27
N ILE J 53 -42.95 -6.43 -39.36
CA ILE J 53 -42.35 -5.48 -38.46
C ILE J 53 -41.67 -4.39 -39.27
N ASN J 54 -42.11 -3.15 -39.07
CA ASN J 54 -41.70 -2.01 -39.89
C ASN J 54 -41.59 -0.81 -38.95
N VAL J 55 -40.36 -0.50 -38.56
CA VAL J 55 -40.11 0.57 -37.62
C VAL J 55 -39.51 1.75 -38.36
N HIS J 56 -40.08 2.94 -38.16
CA HIS J 56 -39.59 4.15 -38.79
C HIS J 56 -39.50 5.22 -37.71
N THR J 57 -38.38 5.24 -37.01
CA THR J 57 -38.00 6.38 -36.19
C THR J 57 -36.93 7.16 -36.93
N GLY J 58 -36.61 8.34 -36.41
CA GLY J 58 -35.56 9.13 -37.03
C GLY J 58 -34.17 8.59 -36.79
N ILE J 59 -34.02 7.71 -35.81
CA ILE J 59 -32.74 7.14 -35.44
C ILE J 59 -32.63 5.77 -36.09
N GLY J 60 -31.55 5.55 -36.83
CA GLY J 60 -31.42 4.29 -37.54
C GLY J 60 -30.99 3.12 -36.69
N PHE J 61 -30.15 3.38 -35.69
CA PHE J 61 -29.71 2.31 -34.81
C PHE J 61 -30.79 1.94 -33.80
N LEU J 62 -31.66 2.89 -33.44
CA LEU J 62 -32.79 2.59 -32.59
C LEU J 62 -33.92 1.92 -33.36
N ASP J 63 -33.95 2.07 -34.67
CA ASP J 63 -34.80 1.21 -35.50
C ASP J 63 -34.35 -0.23 -35.42
N HIS J 64 -33.04 -0.45 -35.43
CA HIS J 64 -32.49 -1.79 -35.47
C HIS J 64 -32.66 -2.52 -34.14
N MET J 65 -32.82 -1.80 -33.05
CA MET J 65 -32.98 -2.45 -31.76
C MET J 65 -34.42 -2.81 -31.47
N ILE J 66 -35.37 -2.00 -31.95
CA ILE J 66 -36.76 -2.38 -31.86
C ILE J 66 -37.08 -3.48 -32.85
N HIS J 67 -36.36 -3.52 -33.97
CA HIS J 67 -36.57 -4.55 -34.98
C HIS J 67 -36.12 -5.92 -34.46
N ALA J 68 -34.93 -5.97 -33.87
CA ALA J 68 -34.43 -7.22 -33.30
C ALA J 68 -35.23 -7.63 -32.07
N LEU J 69 -35.84 -6.67 -31.38
CA LEU J 69 -36.74 -6.98 -30.27
C LEU J 69 -38.01 -7.66 -30.77
N ALA J 70 -38.60 -7.13 -31.83
CA ALA J 70 -39.85 -7.70 -32.31
C ALA J 70 -39.65 -8.89 -33.21
N LYS J 71 -38.48 -9.05 -33.80
CA LYS J 71 -38.24 -10.22 -34.66
C LYS J 71 -38.15 -11.49 -33.83
N HIS J 72 -37.49 -11.42 -32.68
CA HIS J 72 -37.30 -12.60 -31.85
C HIS J 72 -38.33 -12.70 -30.73
N SER J 73 -39.37 -11.88 -30.77
CA SER J 73 -40.50 -12.01 -29.86
C SER J 73 -41.73 -12.59 -30.50
N GLY J 74 -41.75 -12.75 -31.81
CA GLY J 74 -42.97 -13.16 -32.48
C GLY J 74 -43.96 -12.04 -32.69
N TRP J 75 -43.51 -10.80 -32.59
CA TRP J 75 -44.39 -9.65 -32.69
C TRP J 75 -44.57 -9.23 -34.13
N SER J 76 -45.71 -8.62 -34.40
CA SER J 76 -45.88 -7.71 -35.53
C SER J 76 -45.94 -6.30 -34.96
N LEU J 77 -45.16 -5.40 -35.51
CA LEU J 77 -44.97 -4.10 -34.87
C LEU J 77 -44.69 -3.03 -35.91
N ILE J 78 -45.52 -2.00 -35.93
CA ILE J 78 -45.30 -0.83 -36.78
C ILE J 78 -45.06 0.36 -35.87
N VAL J 79 -43.92 1.02 -36.05
CA VAL J 79 -43.52 2.16 -35.23
C VAL J 79 -43.32 3.36 -36.13
N GLU J 80 -44.00 4.46 -35.82
CA GLU J 80 -43.87 5.71 -36.56
C GLU J 80 -43.61 6.82 -35.55
N CYS J 81 -42.42 7.39 -35.62
CA CYS J 81 -42.08 8.48 -34.74
C CYS J 81 -41.58 9.66 -35.51
N ILE J 82 -42.32 10.76 -35.41
CA ILE J 82 -41.91 12.02 -36.00
C ILE J 82 -41.36 12.85 -34.85
N GLY J 83 -40.05 12.88 -34.70
CA GLY J 83 -39.45 13.56 -33.56
C GLY J 83 -38.45 14.62 -33.96
N ASP J 84 -38.12 15.49 -33.01
CA ASP J 84 -37.18 16.58 -33.26
C ASP J 84 -35.75 16.07 -33.22
N LEU J 85 -35.03 16.22 -34.32
CA LEU J 85 -33.66 15.74 -34.41
C LEU J 85 -32.65 16.86 -34.60
N HIS J 86 -33.08 18.11 -34.63
CA HIS J 86 -32.13 19.21 -34.57
C HIS J 86 -31.62 19.39 -33.15
N ILE J 87 -32.43 19.02 -32.17
CA ILE J 87 -32.07 18.78 -30.78
C ILE J 87 -31.50 17.35 -30.76
N ASP J 88 -30.94 16.90 -29.63
CA ASP J 88 -30.39 15.54 -29.60
C ASP J 88 -31.51 14.49 -29.68
N ASP J 89 -31.07 13.23 -29.62
CA ASP J 89 -31.95 12.08 -29.79
C ASP J 89 -32.58 11.59 -28.49
N HIS J 90 -32.51 12.34 -27.40
CA HIS J 90 -33.10 11.87 -26.16
C HIS J 90 -34.62 11.94 -26.24
N HIS J 91 -35.16 13.07 -26.67
CA HIS J 91 -36.60 13.28 -26.62
C HIS J 91 -37.34 12.40 -27.61
N THR J 92 -36.67 11.87 -28.60
CA THR J 92 -37.27 10.97 -29.57
C THR J 92 -36.89 9.52 -29.36
N THR J 93 -36.18 9.20 -28.30
CA THR J 93 -35.96 7.82 -27.92
C THR J 93 -36.68 7.47 -26.63
N GLU J 94 -36.67 8.41 -25.68
CA GLU J 94 -37.47 8.28 -24.47
C GLU J 94 -38.95 8.24 -24.78
N ASP J 95 -39.42 9.12 -25.66
CA ASP J 95 -40.85 9.14 -25.99
C ASP J 95 -41.25 7.94 -26.84
N CYS J 96 -40.35 7.42 -27.66
CA CYS J 96 -40.64 6.22 -28.44
C CYS J 96 -40.42 4.95 -27.65
N GLY J 97 -40.13 5.05 -26.36
CA GLY J 97 -40.05 3.89 -25.49
C GLY J 97 -41.18 3.87 -24.50
N ILE J 98 -41.67 5.06 -24.15
CA ILE J 98 -42.86 5.17 -23.32
C ILE J 98 -44.07 4.66 -24.09
N ALA J 99 -44.22 5.10 -25.34
CA ALA J 99 -45.37 4.65 -26.13
C ALA J 99 -45.23 3.20 -26.57
N LEU J 100 -44.01 2.67 -26.61
CA LEU J 100 -43.83 1.27 -26.96
C LEU J 100 -44.01 0.35 -25.77
N GLY J 101 -43.89 0.87 -24.55
CA GLY J 101 -44.31 0.11 -23.39
C GLY J 101 -45.81 0.15 -23.20
N GLN J 102 -46.46 1.26 -23.56
CA GLN J 102 -47.91 1.33 -23.45
C GLN J 102 -48.60 0.44 -24.47
N ALA J 103 -48.02 0.30 -25.66
CA ALA J 103 -48.62 -0.58 -26.67
C ALA J 103 -48.47 -2.04 -26.28
N PHE J 104 -47.35 -2.40 -25.65
CA PHE J 104 -47.21 -3.74 -25.10
C PHE J 104 -48.13 -3.97 -23.91
N LYS J 105 -48.41 -2.91 -23.14
CA LYS J 105 -49.28 -3.08 -21.98
C LYS J 105 -50.72 -3.26 -22.39
N GLU J 106 -51.20 -2.49 -23.36
CA GLU J 106 -52.59 -2.60 -23.78
C GLU J 106 -52.85 -3.83 -24.62
N ALA J 107 -51.80 -4.45 -25.15
CA ALA J 107 -52.00 -5.63 -25.97
C ALA J 107 -52.24 -6.88 -25.13
N LEU J 108 -51.77 -6.90 -23.89
CA LEU J 108 -52.13 -7.97 -22.95
C LEU J 108 -52.80 -7.31 -21.75
N GLY J 109 -54.12 -7.37 -21.72
CA GLY J 109 -54.84 -6.77 -20.62
C GLY J 109 -54.77 -7.60 -19.35
N ALA J 110 -55.39 -8.78 -19.38
CA ALA J 110 -55.45 -9.64 -18.22
C ALA J 110 -54.17 -10.45 -18.14
N VAL J 111 -53.36 -10.19 -17.11
CA VAL J 111 -52.20 -11.01 -16.86
C VAL J 111 -52.70 -12.20 -16.05
N ARG J 112 -53.15 -13.24 -16.74
CA ARG J 112 -53.53 -14.48 -16.12
C ARG J 112 -53.37 -15.60 -17.12
N GLY J 113 -53.01 -16.78 -16.63
CA GLY J 113 -52.70 -17.89 -17.51
C GLY J 113 -51.37 -17.75 -18.20
N VAL J 114 -50.46 -16.94 -17.67
CA VAL J 114 -49.16 -16.73 -18.27
C VAL J 114 -48.09 -17.21 -17.30
N LYS J 115 -46.89 -17.45 -17.84
CA LYS J 115 -45.77 -17.93 -17.02
C LYS J 115 -45.33 -16.91 -16.00
N ARG J 116 -45.41 -15.62 -16.36
CA ARG J 116 -45.10 -14.41 -15.60
C ARG J 116 -43.60 -14.20 -15.40
N PHE J 117 -42.78 -15.24 -15.61
CA PHE J 117 -41.34 -15.15 -15.38
C PHE J 117 -40.66 -15.64 -16.64
N GLY J 118 -40.08 -14.72 -17.41
CA GLY J 118 -39.27 -15.06 -18.54
C GLY J 118 -37.82 -14.65 -18.27
N SER J 119 -36.91 -15.55 -18.60
CA SER J 119 -35.48 -15.27 -18.55
C SER J 119 -34.89 -15.60 -19.91
N GLY J 120 -34.10 -14.69 -20.44
CA GLY J 120 -33.53 -14.93 -21.74
C GLY J 120 -32.06 -14.57 -21.81
N PHE J 121 -31.23 -15.54 -22.14
CA PHE J 121 -29.85 -15.29 -22.52
C PHE J 121 -29.77 -15.22 -24.03
N ALA J 122 -28.97 -14.31 -24.53
CA ALA J 122 -28.73 -14.25 -25.96
C ALA J 122 -27.31 -13.77 -26.21
N PRO J 123 -26.51 -14.49 -26.98
CA PRO J 123 -25.20 -13.99 -27.34
C PRO J 123 -25.22 -13.28 -28.68
N LEU J 124 -24.22 -12.45 -28.89
CA LEU J 124 -23.92 -11.95 -30.23
C LEU J 124 -22.41 -11.74 -30.26
N ASP J 125 -21.67 -12.78 -30.62
CA ASP J 125 -20.30 -12.69 -31.13
C ASP J 125 -19.37 -12.03 -30.11
N GLU J 126 -19.19 -12.72 -28.99
CA GLU J 126 -18.46 -12.49 -27.74
C GLU J 126 -19.20 -11.61 -26.74
N ALA J 127 -20.34 -11.04 -27.10
CA ALA J 127 -21.16 -10.35 -26.13
C ALA J 127 -22.21 -11.31 -25.60
N LEU J 128 -22.56 -11.15 -24.33
CA LEU J 128 -23.52 -12.03 -23.69
C LEU J 128 -24.38 -11.23 -22.72
N SER J 129 -25.68 -11.23 -22.97
CA SER J 129 -26.62 -10.46 -22.18
C SER J 129 -27.73 -11.38 -21.69
N ARG J 130 -28.12 -11.23 -20.43
CA ARG J 130 -29.32 -11.86 -19.95
C ARG J 130 -30.37 -10.80 -19.67
N ALA J 131 -31.63 -11.21 -19.77
CA ALA J 131 -32.72 -10.33 -19.44
C ALA J 131 -33.78 -11.15 -18.73
N VAL J 132 -34.19 -10.71 -17.56
CA VAL J 132 -35.32 -11.32 -16.89
C VAL J 132 -36.45 -10.31 -16.89
N VAL J 133 -37.68 -10.80 -16.84
CA VAL J 133 -38.87 -9.96 -16.93
C VAL J 133 -39.91 -10.56 -15.98
N ASP J 134 -40.81 -9.73 -15.48
CA ASP J 134 -41.62 -10.16 -14.35
C ASP J 134 -43.12 -9.99 -14.55
N LEU J 135 -43.55 -9.07 -15.41
CA LEU J 135 -44.97 -8.82 -15.74
C LEU J 135 -45.83 -8.50 -14.52
N SER J 136 -45.25 -8.00 -13.44
CA SER J 136 -45.99 -7.58 -12.26
C SER J 136 -46.20 -6.08 -12.31
N ASN J 137 -47.39 -5.63 -11.92
CA ASN J 137 -47.81 -4.24 -12.22
C ASN J 137 -47.01 -3.17 -11.50
N ARG J 138 -45.97 -3.43 -10.76
CA ARG J 138 -45.07 -2.35 -10.41
C ARG J 138 -43.94 -2.27 -11.44
N PRO J 139 -43.68 -1.10 -12.01
CA PRO J 139 -42.57 -0.99 -12.97
C PRO J 139 -41.23 -0.89 -12.29
N TYR J 140 -40.23 -1.56 -12.86
CA TYR J 140 -38.88 -1.43 -12.34
C TYR J 140 -37.91 -1.77 -13.45
N ALA J 141 -36.73 -1.15 -13.44
CA ALA J 141 -35.77 -1.36 -14.51
C ALA J 141 -34.35 -1.26 -13.97
N VAL J 142 -33.63 -2.37 -14.01
CA VAL J 142 -32.22 -2.43 -13.61
C VAL J 142 -31.43 -2.79 -14.86
N VAL J 143 -30.95 -1.78 -15.57
CA VAL J 143 -30.32 -1.97 -16.87
C VAL J 143 -28.84 -1.65 -16.71
N GLU J 144 -28.00 -2.67 -16.81
CA GLU J 144 -26.57 -2.51 -16.55
C GLU J 144 -25.73 -2.90 -17.76
N LEU J 145 -26.12 -2.40 -18.93
CA LEU J 145 -25.31 -2.49 -20.14
C LEU J 145 -24.05 -1.66 -19.97
N GLY J 146 -22.89 -2.31 -19.87
CA GLY J 146 -21.70 -1.50 -19.69
C GLY J 146 -21.10 -1.10 -21.02
N LEU J 147 -21.48 0.07 -21.50
CA LEU J 147 -21.14 0.53 -22.85
C LEU J 147 -20.06 1.59 -22.73
N GLN J 148 -18.90 1.31 -23.31
CA GLN J 148 -17.75 2.22 -23.28
C GLN J 148 -17.62 3.01 -24.57
N ARG J 149 -18.75 3.43 -25.10
CA ARG J 149 -18.86 4.19 -26.33
C ARG J 149 -19.77 5.38 -26.04
N GLU J 150 -19.65 6.44 -26.83
CA GLU J 150 -20.54 7.59 -26.64
C GLU J 150 -21.70 7.62 -27.63
N LYS J 151 -21.50 7.19 -28.87
CA LYS J 151 -22.57 7.12 -29.85
C LYS J 151 -22.35 5.90 -30.72
N VAL J 152 -23.42 5.20 -31.08
CA VAL J 152 -23.21 4.01 -31.89
C VAL J 152 -23.29 4.34 -33.38
N GLY J 153 -24.45 4.68 -33.89
CA GLY J 153 -24.46 5.32 -35.19
C GLY J 153 -25.18 6.64 -35.18
N ASP J 154 -26.33 6.64 -34.51
CA ASP J 154 -27.08 7.85 -34.19
C ASP J 154 -27.60 7.86 -32.76
N LEU J 155 -27.85 6.71 -32.15
CA LEU J 155 -28.14 6.66 -30.73
C LEU J 155 -26.94 7.14 -29.94
N SER J 156 -27.23 7.80 -28.83
CA SER J 156 -26.20 8.39 -27.99
C SER J 156 -25.75 7.45 -26.89
N CYS J 157 -26.09 6.16 -26.96
CA CYS J 157 -25.43 5.07 -26.25
C CYS J 157 -25.60 5.12 -24.71
N GLU J 158 -26.17 6.19 -24.19
CA GLU J 158 -26.71 6.26 -22.86
C GLU J 158 -28.21 6.26 -22.90
N MET J 159 -28.78 6.41 -24.09
CA MET J 159 -30.21 6.26 -24.27
C MET J 159 -30.63 4.82 -24.41
N ILE J 160 -29.72 3.92 -24.74
CA ILE J 160 -30.00 2.50 -24.81
C ILE J 160 -30.40 1.93 -23.45
N PRO J 161 -29.80 2.32 -22.31
CA PRO J 161 -30.44 1.96 -21.05
C PRO J 161 -31.67 2.78 -20.74
N HIS J 162 -31.73 4.01 -21.23
CA HIS J 162 -32.83 4.91 -20.94
C HIS J 162 -34.07 4.53 -21.73
N PHE J 163 -33.90 3.84 -22.86
CA PHE J 163 -35.02 3.29 -23.60
C PHE J 163 -35.66 2.15 -22.83
N LEU J 164 -34.83 1.24 -22.32
CA LEU J 164 -35.33 0.09 -21.57
C LEU J 164 -35.85 0.50 -20.20
N GLU J 165 -35.36 1.61 -19.67
CA GLU J 165 -35.90 2.18 -18.45
C GLU J 165 -37.34 2.63 -18.64
N SER J 166 -37.59 3.41 -19.68
CA SER J 166 -38.94 3.90 -19.95
C SER J 166 -39.84 2.84 -20.54
N PHE J 167 -39.29 1.79 -21.15
CA PHE J 167 -40.11 0.69 -21.61
C PHE J 167 -40.70 -0.07 -20.44
N ALA J 168 -39.88 -0.43 -19.46
CA ALA J 168 -40.38 -1.11 -18.27
C ALA J 168 -41.25 -0.20 -17.42
N GLU J 169 -41.01 1.10 -17.48
CA GLU J 169 -41.78 2.08 -16.73
C GLU J 169 -43.22 2.15 -17.20
N ALA J 170 -43.41 2.31 -18.50
CA ALA J 170 -44.74 2.50 -19.05
C ALA J 170 -45.46 1.20 -19.34
N SER J 171 -44.75 0.08 -19.37
CA SER J 171 -45.38 -1.22 -19.56
C SER J 171 -45.71 -1.92 -18.26
N ARG J 172 -45.32 -1.35 -17.12
CA ARG J 172 -45.59 -1.89 -15.79
C ARG J 172 -45.01 -3.29 -15.61
N ILE J 173 -43.74 -3.44 -15.96
CA ILE J 173 -43.03 -4.70 -15.77
C ILE J 173 -41.74 -4.42 -15.02
N THR J 174 -41.24 -5.46 -14.35
CA THR J 174 -39.95 -5.39 -13.68
C THR J 174 -38.92 -6.08 -14.57
N LEU J 175 -37.79 -5.43 -14.77
CA LEU J 175 -36.85 -5.81 -15.81
C LEU J 175 -35.42 -5.66 -15.31
N HIS J 176 -34.64 -6.74 -15.46
CA HIS J 176 -33.22 -6.74 -15.17
C HIS J 176 -32.48 -7.16 -16.44
N VAL J 177 -31.85 -6.21 -17.12
CA VAL J 177 -31.03 -6.51 -18.29
C VAL J 177 -29.59 -6.19 -17.94
N ASP J 178 -28.70 -7.16 -18.13
CA ASP J 178 -27.31 -7.05 -17.71
C ASP J 178 -26.44 -7.75 -18.74
N CYS J 179 -25.54 -7.00 -19.36
CA CYS J 179 -24.59 -7.59 -20.30
C CYS J 179 -23.41 -8.16 -19.53
N LEU J 180 -23.17 -9.45 -19.71
CA LEU J 180 -22.21 -10.15 -18.89
C LEU J 180 -20.79 -9.98 -19.40
N ARG J 181 -20.62 -9.85 -20.71
CA ARG J 181 -19.30 -9.67 -21.30
C ARG J 181 -19.49 -9.07 -22.68
N GLY J 182 -18.37 -8.75 -23.32
CA GLY J 182 -18.39 -8.20 -24.68
C GLY J 182 -17.57 -6.95 -24.75
N LYS J 183 -16.98 -6.71 -25.92
CA LYS J 183 -16.16 -5.51 -26.08
C LYS J 183 -16.44 -4.79 -27.39
N ASN J 184 -17.55 -5.11 -28.03
CA ASN J 184 -18.10 -4.39 -29.17
C ASN J 184 -19.49 -3.95 -28.77
N ASP J 185 -19.75 -2.65 -28.83
CA ASP J 185 -20.98 -2.12 -28.24
C ASP J 185 -22.16 -2.14 -29.19
N HIS J 186 -21.96 -2.37 -30.47
CA HIS J 186 -23.08 -2.82 -31.30
C HIS J 186 -23.51 -4.21 -30.87
N HIS J 187 -22.52 -5.10 -30.69
CA HIS J 187 -22.78 -6.46 -30.21
C HIS J 187 -23.35 -6.46 -28.82
N ARG J 188 -22.86 -5.58 -27.95
CA ARG J 188 -23.28 -5.60 -26.57
C ARG J 188 -24.70 -5.06 -26.42
N SER J 189 -25.11 -4.11 -27.26
CA SER J 189 -26.44 -3.55 -27.12
C SER J 189 -27.49 -4.34 -27.90
N GLU J 190 -27.09 -4.99 -29.00
CA GLU J 190 -28.05 -5.79 -29.74
C GLU J 190 -28.35 -7.09 -29.02
N SER J 191 -27.38 -7.63 -28.31
CA SER J 191 -27.61 -8.85 -27.56
C SER J 191 -28.54 -8.60 -26.38
N ALA J 192 -28.60 -7.37 -25.89
CA ALA J 192 -29.54 -7.03 -24.83
C ALA J 192 -30.96 -7.02 -25.33
N PHE J 193 -31.19 -6.48 -26.53
CA PHE J 193 -32.52 -6.50 -27.10
C PHE J 193 -32.91 -7.87 -27.61
N LYS J 194 -31.94 -8.69 -27.99
CA LYS J 194 -32.25 -10.07 -28.36
C LYS J 194 -32.52 -10.93 -27.12
N ALA J 195 -31.94 -10.57 -25.98
CA ALA J 195 -32.20 -11.29 -24.75
C ALA J 195 -33.55 -10.92 -24.17
N LEU J 196 -33.95 -9.65 -24.29
CA LEU J 196 -35.27 -9.22 -23.86
C LEU J 196 -36.36 -9.85 -24.70
N ALA J 197 -36.07 -10.11 -25.97
CA ALA J 197 -37.05 -10.75 -26.83
C ALA J 197 -37.29 -12.20 -26.42
N VAL J 198 -36.29 -12.86 -25.87
CA VAL J 198 -36.47 -14.22 -25.39
C VAL J 198 -37.27 -14.22 -24.09
N ALA J 199 -37.07 -13.20 -23.25
CA ALA J 199 -37.69 -13.18 -21.94
C ALA J 199 -39.16 -12.84 -22.01
N ILE J 200 -39.53 -11.86 -22.85
CA ILE J 200 -40.93 -11.50 -23.03
C ILE J 200 -41.71 -12.64 -23.69
N ARG J 201 -41.06 -13.34 -24.62
CA ARG J 201 -41.66 -14.52 -25.24
C ARG J 201 -41.89 -15.62 -24.22
N GLU J 202 -41.03 -15.73 -23.22
CA GLU J 202 -41.14 -16.78 -22.22
C GLU J 202 -42.12 -16.41 -21.11
N ALA J 203 -42.21 -15.12 -20.77
CA ALA J 203 -43.13 -14.71 -19.73
C ALA J 203 -44.57 -14.65 -20.24
N THR J 204 -44.78 -14.09 -21.43
CA THR J 204 -46.09 -14.13 -22.06
C THR J 204 -46.15 -15.44 -22.81
N SER J 205 -46.63 -16.47 -22.14
CA SER J 205 -46.68 -17.81 -22.72
C SER J 205 -47.90 -18.51 -22.18
N PRO J 206 -48.47 -19.45 -22.91
CA PRO J 206 -49.65 -20.17 -22.40
C PRO J 206 -49.30 -21.13 -21.28
N ASN J 207 -49.29 -20.62 -20.05
CA ASN J 207 -49.15 -21.46 -18.87
C ASN J 207 -50.27 -22.51 -18.79
N GLY J 208 -51.47 -22.13 -19.16
CA GLY J 208 -52.63 -22.98 -18.94
C GLY J 208 -53.21 -22.78 -17.57
N THR J 209 -54.33 -23.47 -17.34
CA THR J 209 -55.12 -23.60 -16.12
C THR J 209 -55.84 -22.32 -15.69
N ASN J 210 -55.61 -21.17 -16.35
CA ASN J 210 -56.39 -19.94 -16.23
C ASN J 210 -56.40 -19.41 -14.78
N ASP J 211 -55.23 -19.01 -14.32
CA ASP J 211 -55.11 -18.48 -12.97
C ASP J 211 -54.10 -17.35 -12.95
N VAL J 212 -54.45 -16.27 -12.25
CA VAL J 212 -53.55 -15.13 -12.10
C VAL J 212 -52.39 -15.52 -11.19
N PRO J 213 -51.15 -15.51 -11.70
CA PRO J 213 -50.05 -16.14 -10.95
C PRO J 213 -49.44 -15.21 -9.90
N SER J 214 -50.14 -15.02 -8.80
CA SER J 214 -49.63 -14.14 -7.76
C SER J 214 -50.17 -14.58 -6.41
N THR J 215 -49.38 -14.27 -5.38
CA THR J 215 -49.83 -14.48 -4.00
C THR J 215 -50.97 -13.54 -3.65
N LYS J 216 -50.82 -12.25 -3.97
CA LYS J 216 -51.82 -11.26 -3.62
C LYS J 216 -53.02 -11.28 -4.57
N GLY J 217 -53.01 -12.13 -5.59
CA GLY J 217 -54.16 -12.33 -6.44
C GLY J 217 -54.45 -11.23 -7.43
N VAL J 218 -53.63 -10.18 -7.49
CA VAL J 218 -53.89 -9.02 -8.34
C VAL J 218 -52.70 -8.84 -9.26
N LEU J 219 -52.92 -9.08 -10.56
CA LEU J 219 -51.96 -8.71 -11.58
C LEU J 219 -52.73 -8.16 -12.78
N GLU K 3 -44.05 45.13 17.17
CA GLU K 3 -44.59 43.83 17.56
C GLU K 3 -43.51 42.90 18.10
N GLN K 4 -42.56 42.55 17.24
CA GLN K 4 -41.51 41.60 17.59
C GLN K 4 -40.25 42.38 17.98
N LYS K 5 -40.27 42.89 19.20
CA LYS K 5 -39.16 43.65 19.75
C LYS K 5 -38.77 43.08 21.11
N ALA K 6 -37.49 43.20 21.43
CA ALA K 6 -36.98 42.76 22.72
C ALA K 6 -35.70 43.51 23.01
N LEU K 7 -35.41 43.71 24.29
CA LEU K 7 -34.14 44.28 24.73
C LEU K 7 -33.57 43.40 25.84
N VAL K 8 -32.29 43.08 25.75
CA VAL K 8 -31.63 42.17 26.68
C VAL K 8 -30.38 42.85 27.21
N LYS K 9 -30.31 43.01 28.52
CA LYS K 9 -29.17 43.62 29.20
C LYS K 9 -28.51 42.53 30.03
N ARG K 10 -27.45 41.93 29.48
CA ARG K 10 -26.76 40.83 30.12
C ARG K 10 -25.48 41.34 30.77
N ILE K 11 -25.40 41.24 32.09
CA ILE K 11 -24.35 41.87 32.87
C ILE K 11 -23.62 40.77 33.63
N THR K 12 -22.36 40.53 33.29
CA THR K 12 -21.51 39.59 34.00
C THR K 12 -20.18 40.27 34.30
N ASN K 13 -19.32 39.57 35.04
CA ASN K 13 -18.05 40.16 35.46
C ASN K 13 -17.00 40.18 34.36
N GLU K 14 -17.32 39.69 33.17
CA GLU K 14 -16.45 39.76 32.01
C GLU K 14 -16.92 40.78 31.00
N THR K 15 -18.20 40.74 30.63
CA THR K 15 -18.76 41.65 29.64
C THR K 15 -20.02 42.29 30.19
N LYS K 16 -20.37 43.44 29.62
CA LYS K 16 -21.67 44.06 29.83
C LYS K 16 -22.31 44.24 28.47
N ILE K 17 -23.53 43.71 28.32
CA ILE K 17 -24.19 43.61 27.03
C ILE K 17 -25.47 44.43 27.08
N GLN K 18 -25.85 45.02 25.96
CA GLN K 18 -27.20 45.55 25.82
C GLN K 18 -27.60 45.41 24.36
N ILE K 19 -28.54 44.51 24.09
CA ILE K 19 -28.95 44.18 22.73
C ILE K 19 -30.44 44.48 22.58
N ALA K 20 -30.76 45.41 21.70
CA ALA K 20 -32.14 45.70 21.33
C ALA K 20 -32.37 45.23 19.90
N ILE K 21 -33.43 44.46 19.69
CA ILE K 21 -33.69 43.84 18.41
C ILE K 21 -35.13 44.17 17.99
N SER K 22 -35.35 44.21 16.68
CA SER K 22 -36.69 44.27 16.12
C SER K 22 -36.68 43.39 14.88
N LEU K 23 -37.46 42.31 14.91
CA LEU K 23 -37.41 41.35 13.82
C LEU K 23 -38.15 41.85 12.59
N LYS K 24 -39.19 42.66 12.77
CA LYS K 24 -39.95 43.17 11.65
C LYS K 24 -39.35 44.43 11.05
N GLY K 25 -38.20 44.88 11.54
CA GLY K 25 -37.55 46.06 11.01
C GLY K 25 -37.95 47.32 11.75
N GLY K 26 -38.03 48.43 11.03
CA GLY K 26 -38.45 49.68 11.63
C GLY K 26 -37.34 50.35 12.42
N PRO K 27 -37.70 51.37 13.20
CA PRO K 27 -36.69 52.08 14.00
C PRO K 27 -36.46 51.46 15.37
N LEU K 28 -35.29 51.79 15.92
CA LEU K 28 -34.92 51.40 17.27
C LEU K 28 -34.02 52.46 17.89
N ALA K 29 -34.11 52.61 19.20
CA ALA K 29 -33.23 53.47 19.96
C ALA K 29 -32.95 52.78 21.29
N ILE K 30 -32.14 53.44 22.12
CA ILE K 30 -31.90 52.98 23.47
C ILE K 30 -32.13 54.15 24.42
N GLU K 31 -33.02 53.96 25.39
CA GLU K 31 -33.35 55.03 26.32
C GLU K 31 -32.22 55.33 27.29
N HIS K 32 -31.36 54.34 27.57
CA HIS K 32 -30.23 54.55 28.48
C HIS K 32 -29.14 53.58 28.07
N SER K 33 -28.14 54.08 27.34
CA SER K 33 -27.08 53.23 26.80
C SER K 33 -26.03 52.94 27.85
N ILE K 34 -25.12 52.02 27.51
CA ILE K 34 -24.03 51.66 28.41
C ILE K 34 -22.70 52.30 28.02
N PHE K 35 -22.58 52.83 26.81
CA PHE K 35 -21.37 53.57 26.48
C PHE K 35 -21.42 54.96 27.10
N PRO K 36 -20.28 55.53 27.48
CA PRO K 36 -20.28 56.89 28.01
C PRO K 36 -20.63 57.93 26.95
N GLU K 37 -21.45 58.90 27.35
CA GLU K 37 -21.94 60.01 26.52
C GLU K 37 -22.67 59.51 25.28
N LYS K 38 -23.77 58.80 25.55
CA LYS K 38 -24.67 58.21 24.57
C LYS K 38 -23.95 57.28 23.58
N ALA K 44 -19.79 49.49 11.18
CA ALA K 44 -20.93 48.73 10.71
C ALA K 44 -22.25 49.31 11.21
N GLU K 45 -22.68 50.42 10.59
CA GLU K 45 -23.90 51.11 10.98
C GLU K 45 -24.70 51.44 9.73
N GLN K 46 -25.87 50.84 9.59
CA GLN K 46 -26.77 51.10 8.47
C GLN K 46 -28.10 51.61 9.03
N ALA K 47 -28.53 52.77 8.57
CA ALA K 47 -29.72 53.41 9.13
C ALA K 47 -30.59 53.99 8.02
N THR K 48 -30.86 53.20 6.98
CA THR K 48 -31.46 53.73 5.75
C THR K 48 -32.97 53.49 5.78
N GLN K 49 -33.66 54.16 6.71
CA GLN K 49 -35.09 54.49 6.64
C GLN K 49 -36.07 53.31 6.67
N SER K 50 -35.56 52.08 6.66
CA SER K 50 -36.42 50.90 6.72
C SER K 50 -36.04 50.08 7.94
N GLN K 51 -34.74 49.90 8.13
CA GLN K 51 -34.20 49.20 9.28
C GLN K 51 -32.95 49.95 9.74
N VAL K 52 -32.71 49.94 11.06
CA VAL K 52 -31.53 50.56 11.64
C VAL K 52 -30.73 49.49 12.36
N ILE K 53 -29.51 49.24 11.89
CA ILE K 53 -28.64 48.25 12.47
C ILE K 53 -27.31 48.90 12.80
N ASN K 54 -26.94 48.85 14.09
CA ASN K 54 -25.79 49.57 14.61
C ASN K 54 -25.17 48.68 15.68
N VAL K 55 -24.12 47.98 15.31
CA VAL K 55 -23.45 47.04 16.20
C VAL K 55 -22.13 47.64 16.66
N HIS K 56 -21.91 47.65 17.97
CA HIS K 56 -20.67 48.15 18.54
C HIS K 56 -20.18 47.12 19.54
N THR K 57 -19.43 46.16 19.06
CA THR K 57 -18.61 45.30 19.91
C THR K 57 -17.17 45.75 19.78
N GLY K 58 -16.31 45.21 20.64
CA GLY K 58 -14.91 45.56 20.56
C GLY K 58 -14.19 44.93 19.39
N ILE K 59 -14.80 43.91 18.78
CA ILE K 59 -14.22 43.19 17.65
C ILE K 59 -14.82 43.75 16.38
N GLY K 60 -13.97 44.16 15.45
CA GLY K 60 -14.48 44.77 14.23
C GLY K 60 -15.02 43.79 13.21
N PHE K 61 -14.40 42.61 13.13
CA PHE K 61 -14.88 41.62 12.19
C PHE K 61 -16.14 40.92 12.69
N LEU K 62 -16.30 40.84 14.01
CA LEU K 62 -17.53 40.31 14.59
C LEU K 62 -18.66 41.32 14.54
N ASP K 63 -18.34 42.61 14.43
CA ASP K 63 -19.36 43.60 14.08
C ASP K 63 -19.88 43.36 12.68
N HIS K 64 -18.99 43.01 11.76
CA HIS K 64 -19.37 42.85 10.36
C HIS K 64 -20.19 41.60 10.12
N MET K 65 -20.10 40.61 10.99
CA MET K 65 -20.86 39.39 10.81
C MET K 65 -22.26 39.48 11.40
N ILE K 66 -22.41 40.23 12.50
CA ILE K 66 -23.74 40.50 13.01
C ILE K 66 -24.45 41.51 12.12
N HIS K 67 -23.69 42.39 11.47
CA HIS K 67 -24.28 43.38 10.58
C HIS K 67 -24.85 42.72 9.33
N ALA K 68 -24.08 41.82 8.71
CA ALA K 68 -24.55 41.10 7.53
C ALA K 68 -25.65 40.11 7.89
N LEU K 69 -25.68 39.66 9.14
CA LEU K 69 -26.78 38.82 9.60
C LEU K 69 -28.07 39.61 9.69
N ALA K 70 -28.02 40.81 10.25
CA ALA K 70 -29.23 41.58 10.43
C ALA K 70 -29.62 42.36 9.19
N LYS K 71 -28.68 42.60 8.28
CA LYS K 71 -29.04 43.32 7.05
C LYS K 71 -29.89 42.47 6.14
N HIS K 72 -29.57 41.18 6.03
CA HIS K 72 -30.27 40.29 5.14
C HIS K 72 -31.35 39.48 5.85
N SER K 73 -31.67 39.83 7.10
CA SER K 73 -32.79 39.24 7.80
C SER K 73 -33.99 40.18 7.92
N GLY K 74 -33.83 41.44 7.55
CA GLY K 74 -34.90 42.39 7.80
C GLY K 74 -34.95 42.90 9.21
N TRP K 75 -33.87 42.73 9.97
CA TRP K 75 -33.85 43.10 11.37
C TRP K 75 -33.46 44.55 11.55
N SER K 76 -33.92 45.14 12.64
CA SER K 76 -33.30 46.30 13.25
C SER K 76 -32.62 45.82 14.51
N LEU K 77 -31.35 46.16 14.69
CA LEU K 77 -30.57 45.54 15.74
C LEU K 77 -29.50 46.50 16.24
N ILE K 78 -29.51 46.78 17.54
CA ILE K 78 -28.49 47.58 18.19
C ILE K 78 -27.76 46.68 19.18
N VAL K 79 -26.45 46.57 19.03
CA VAL K 79 -25.62 45.71 19.86
C VAL K 79 -24.56 46.58 20.53
N GLU K 80 -24.46 46.45 21.84
CA GLU K 80 -23.45 47.18 22.59
C GLU K 80 -22.72 46.15 23.40
N CYS K 81 -21.41 46.28 23.51
CA CYS K 81 -20.66 45.32 24.28
C CYS K 81 -19.39 45.93 24.80
N ILE K 82 -19.28 45.96 26.12
CA ILE K 82 -18.11 46.48 26.79
C ILE K 82 -17.47 45.24 27.34
N GLY K 83 -16.60 44.64 26.56
CA GLY K 83 -15.95 43.41 26.97
C GLY K 83 -14.46 43.55 27.17
N ASP K 84 -13.86 42.59 27.86
CA ASP K 84 -12.44 42.62 28.15
C ASP K 84 -11.65 42.16 26.93
N LEU K 85 -10.78 43.05 26.44
CA LEU K 85 -9.98 42.74 25.26
C LEU K 85 -8.50 42.70 25.54
N HIS K 86 -8.08 42.89 26.79
CA HIS K 86 -6.69 42.61 27.13
C HIS K 86 -6.46 41.11 27.25
N ILE K 87 -7.50 40.37 27.61
CA ILE K 87 -7.64 38.93 27.46
C ILE K 87 -8.04 38.71 26.00
N ASP K 88 -8.10 37.46 25.53
CA ASP K 88 -8.50 37.24 24.14
C ASP K 88 -9.98 37.56 23.91
N ASP K 89 -10.41 37.35 22.67
CA ASP K 89 -11.74 37.71 22.22
C ASP K 89 -12.78 36.62 22.43
N HIS K 90 -12.49 35.57 23.20
CA HIS K 90 -13.48 34.52 23.39
C HIS K 90 -14.60 35.01 24.29
N HIS K 91 -14.25 35.60 25.43
CA HIS K 91 -15.26 35.95 26.43
C HIS K 91 -16.16 37.07 25.96
N THR K 92 -15.76 37.83 24.96
CA THR K 92 -16.59 38.90 24.41
C THR K 92 -17.20 38.54 23.07
N THR K 93 -17.05 37.32 22.61
CA THR K 93 -17.78 36.85 21.45
C THR K 93 -18.79 35.78 21.82
N GLU K 94 -18.41 34.90 22.74
CA GLU K 94 -19.34 33.94 23.32
C GLU K 94 -20.47 34.64 24.07
N ASP K 95 -20.13 35.64 24.89
CA ASP K 95 -21.16 36.35 25.65
C ASP K 95 -22.03 37.22 24.76
N CYS K 96 -21.48 37.76 23.68
CA CYS K 96 -22.27 38.55 22.74
C CYS K 96 -23.01 37.69 21.73
N GLY K 97 -22.98 36.37 21.89
CA GLY K 97 -23.78 35.48 21.08
C GLY K 97 -24.86 34.82 21.90
N ILE K 98 -24.60 34.65 23.19
CA ILE K 98 -25.62 34.18 24.12
C ILE K 98 -26.72 35.23 24.26
N ALA K 99 -26.33 36.48 24.46
CA ALA K 99 -27.33 37.53 24.61
C ALA K 99 -28.00 37.87 23.29
N LEU K 100 -27.38 37.56 22.16
CA LEU K 100 -28.00 37.80 20.87
C LEU K 100 -28.92 36.67 20.45
N GLY K 101 -28.76 35.48 21.03
CA GLY K 101 -29.77 34.47 20.89
C GLY K 101 -30.95 34.68 21.80
N GLN K 102 -30.71 35.23 22.99
CA GLN K 102 -31.82 35.53 23.89
C GLN K 102 -32.69 36.66 23.39
N ALA K 103 -32.09 37.65 22.71
CA ALA K 103 -32.89 38.74 22.17
C ALA K 103 -33.72 38.27 20.99
N PHE K 104 -33.18 37.35 20.19
CA PHE K 104 -33.99 36.76 19.13
C PHE K 104 -35.07 35.85 19.70
N LYS K 105 -34.81 35.21 20.84
CA LYS K 105 -35.80 34.32 21.42
C LYS K 105 -36.96 35.09 22.02
N GLU K 106 -36.67 36.19 22.74
CA GLU K 106 -37.74 36.96 23.37
C GLU K 106 -38.51 37.80 22.37
N ALA K 107 -37.97 38.00 21.18
CA ALA K 107 -38.68 38.81 20.18
C ALA K 107 -39.77 38.02 19.49
N LEU K 108 -39.67 36.70 19.43
CA LEU K 108 -40.76 35.86 18.95
C LEU K 108 -41.12 34.90 20.09
N GLY K 109 -42.19 35.22 20.81
CA GLY K 109 -42.60 34.38 21.90
C GLY K 109 -43.29 33.11 21.43
N ALA K 110 -44.47 33.27 20.83
CA ALA K 110 -45.27 32.13 20.39
C ALA K 110 -44.77 31.68 19.03
N VAL K 111 -44.18 30.49 18.98
CA VAL K 111 -43.82 29.90 17.70
C VAL K 111 -45.08 29.21 17.18
N ARG K 112 -45.91 29.98 16.48
CA ARG K 112 -47.08 29.42 15.82
C ARG K 112 -47.42 30.32 14.64
N GLY K 113 -47.96 29.71 13.59
CA GLY K 113 -48.20 30.43 12.37
C GLY K 113 -46.95 30.75 11.58
N VAL K 114 -45.86 30.02 11.81
CA VAL K 114 -44.60 30.25 11.12
C VAL K 114 -44.26 29.02 10.31
N LYS K 115 -43.37 29.21 9.34
CA LYS K 115 -42.95 28.10 8.47
C LYS K 115 -42.18 27.04 9.22
N ARG K 116 -41.41 27.44 10.24
CA ARG K 116 -40.59 26.67 11.18
C ARG K 116 -39.33 26.08 10.52
N PHE K 117 -39.29 26.03 9.19
CA PHE K 117 -38.16 25.43 8.48
C PHE K 117 -37.67 26.44 7.46
N GLY K 118 -36.52 27.06 7.73
CA GLY K 118 -35.87 27.91 6.77
C GLY K 118 -34.56 27.28 6.33
N SER K 119 -34.32 27.33 5.03
CA SER K 119 -33.06 26.91 4.45
C SER K 119 -32.54 28.04 3.60
N GLY K 120 -31.27 28.37 3.77
CA GLY K 120 -30.71 29.46 3.01
C GLY K 120 -29.35 29.15 2.46
N PHE K 121 -29.21 29.21 1.14
CA PHE K 121 -27.92 29.22 0.48
C PHE K 121 -27.53 30.65 0.21
N ALA K 122 -26.25 30.95 0.40
CA ALA K 122 -25.76 32.26 0.03
C ALA K 122 -24.32 32.14 -0.44
N PRO K 123 -23.98 32.64 -1.61
CA PRO K 123 -22.59 32.66 -2.04
C PRO K 123 -21.93 33.98 -1.71
N LEU K 124 -20.60 33.94 -1.66
CA LEU K 124 -19.81 35.16 -1.68
C LEU K 124 -18.50 34.80 -2.35
N ASP K 125 -18.48 34.91 -3.69
CA ASP K 125 -17.27 35.04 -4.49
C ASP K 125 -16.34 33.83 -4.30
N GLU K 126 -16.83 32.67 -4.75
CA GLU K 126 -16.37 31.27 -4.75
C GLU K 126 -16.62 30.56 -3.43
N ALA K 127 -17.09 31.22 -2.40
CA ALA K 127 -17.50 30.53 -1.18
C ALA K 127 -19.00 30.27 -1.25
N LEU K 128 -19.42 29.14 -0.69
CA LEU K 128 -20.82 28.75 -0.74
C LEU K 128 -21.20 28.09 0.58
N SER K 129 -22.15 28.68 1.28
CA SER K 129 -22.59 28.19 2.58
C SER K 129 -24.09 27.98 2.55
N ARG K 130 -24.54 26.89 3.14
CA ARG K 130 -25.96 26.71 3.41
C ARG K 130 -26.19 26.76 4.91
N ALA K 131 -27.39 27.18 5.28
CA ALA K 131 -27.78 27.20 6.67
C ALA K 131 -29.23 26.76 6.74
N VAL K 132 -29.51 25.77 7.56
CA VAL K 132 -30.89 25.40 7.83
C VAL K 132 -31.16 25.74 9.29
N VAL K 133 -32.42 26.00 9.60
CA VAL K 133 -32.83 26.43 10.93
C VAL K 133 -34.18 25.78 11.22
N ASP K 134 -34.48 25.57 12.50
CA ASP K 134 -35.58 24.68 12.83
C ASP K 134 -36.60 25.29 13.77
N LEU K 135 -36.22 26.26 14.60
CA LEU K 135 -37.12 26.96 15.55
C LEU K 135 -37.84 26.04 16.52
N SER K 136 -37.28 24.85 16.79
CA SER K 136 -37.84 23.93 17.77
C SER K 136 -37.10 24.08 19.07
N ASN K 137 -37.82 24.03 20.19
CA ASN K 137 -37.26 24.48 21.48
C ASN K 137 -36.15 23.62 22.03
N ARG K 138 -35.64 22.63 21.35
CA ARG K 138 -34.36 22.08 21.78
C ARG K 138 -33.23 22.77 21.00
N PRO K 139 -32.21 23.29 21.68
CA PRO K 139 -31.11 23.92 20.97
C PRO K 139 -30.14 22.91 20.41
N TYR K 140 -29.65 23.17 19.20
CA TYR K 140 -28.62 22.32 18.63
C TYR K 140 -27.86 23.11 17.58
N ALA K 141 -26.57 22.80 17.42
CA ALA K 141 -25.73 23.57 16.50
C ALA K 141 -24.69 22.66 15.87
N VAL K 142 -24.78 22.48 14.56
CA VAL K 142 -23.81 21.72 13.80
C VAL K 142 -23.15 22.69 12.82
N VAL K 143 -22.05 23.29 13.22
CA VAL K 143 -21.41 24.36 12.47
C VAL K 143 -20.11 23.82 11.91
N GLU K 144 -20.03 23.65 10.60
CA GLU K 144 -18.89 23.03 9.96
C GLU K 144 -18.23 23.96 8.95
N LEU K 145 -18.01 25.20 9.34
CA LEU K 145 -17.19 26.15 8.58
C LEU K 145 -15.74 25.66 8.56
N GLY K 146 -15.26 25.24 7.41
CA GLY K 146 -13.88 24.78 7.40
C GLY K 146 -12.92 25.91 7.14
N LEU K 147 -12.43 26.52 8.20
CA LEU K 147 -11.62 27.73 8.12
C LEU K 147 -10.16 27.37 8.37
N GLN K 148 -9.32 27.61 7.38
CA GLN K 148 -7.89 27.30 7.46
C GLN K 148 -7.06 28.53 7.77
N ARG K 149 -7.59 29.37 8.66
CA ARG K 149 -6.97 30.60 9.10
C ARG K 149 -7.04 30.61 10.61
N GLU K 150 -6.14 31.37 11.26
CA GLU K 150 -6.19 31.47 12.71
C GLU K 150 -6.87 32.73 13.22
N LYS K 151 -6.73 33.86 12.53
CA LYS K 151 -7.42 35.09 12.90
C LYS K 151 -7.81 35.82 11.63
N VAL K 152 -8.99 36.43 11.61
CA VAL K 152 -9.38 37.12 10.39
C VAL K 152 -8.95 38.58 10.42
N GLY K 153 -9.56 39.41 11.26
CA GLY K 153 -8.91 40.67 11.53
C GLY K 153 -8.70 40.91 13.01
N ASP K 154 -9.71 40.57 13.78
CA ASP K 154 -9.64 40.50 15.24
C ASP K 154 -10.31 39.27 15.81
N LEU K 155 -11.32 38.71 15.14
CA LEU K 155 -11.85 37.41 15.53
C LEU K 155 -10.79 36.35 15.39
N SER K 156 -10.82 35.39 16.28
CA SER K 156 -9.85 34.32 16.33
C SER K 156 -10.27 33.11 15.53
N CYS K 157 -11.28 33.22 14.67
CA CYS K 157 -11.57 32.32 13.56
C CYS K 157 -11.97 30.89 13.98
N GLU K 158 -11.88 30.58 15.26
CA GLU K 158 -12.51 29.43 15.88
C GLU K 158 -13.68 29.88 16.72
N MET K 159 -13.80 31.18 16.94
CA MET K 159 -14.95 31.74 17.60
C MET K 159 -16.12 31.94 16.67
N ILE K 160 -15.88 31.98 15.37
CA ILE K 160 -16.94 32.08 14.37
C ILE K 160 -17.86 30.85 14.40
N PRO K 161 -17.37 29.60 14.58
CA PRO K 161 -18.34 28.54 14.90
C PRO K 161 -18.86 28.61 16.31
N HIS K 162 -18.08 29.14 17.24
CA HIS K 162 -18.45 29.19 18.64
C HIS K 162 -19.48 30.27 18.90
N PHE K 163 -19.54 31.28 18.04
CA PHE K 163 -20.60 32.28 18.09
C PHE K 163 -21.93 31.67 17.69
N LEU K 164 -21.94 30.93 16.58
CA LEU K 164 -23.16 30.30 16.10
C LEU K 164 -23.57 29.13 16.97
N GLU K 165 -22.63 28.53 17.68
CA GLU K 165 -22.95 27.52 18.67
C GLU K 165 -23.76 28.11 19.81
N SER K 166 -23.29 29.21 20.39
CA SER K 166 -23.99 29.84 21.50
C SER K 166 -25.22 30.61 21.06
N PHE K 167 -25.29 31.01 19.79
CA PHE K 167 -26.50 31.64 19.29
C PHE K 167 -27.64 30.64 19.23
N ALA K 168 -27.40 29.46 18.66
CA ALA K 168 -28.44 28.43 18.62
C ALA K 168 -28.73 27.87 20.01
N GLU K 169 -27.75 27.92 20.91
CA GLU K 169 -27.91 27.43 22.27
C GLU K 169 -28.90 28.27 23.05
N ALA K 170 -28.71 29.58 23.05
CA ALA K 170 -29.52 30.48 23.86
C ALA K 170 -30.80 30.91 23.17
N SER K 171 -30.91 30.70 21.86
CA SER K 171 -32.14 31.01 21.14
C SER K 171 -33.07 29.82 21.01
N ARG K 172 -32.64 28.64 21.46
CA ARG K 172 -33.44 27.41 21.44
C ARG K 172 -33.86 27.04 20.02
N ILE K 173 -32.89 27.03 19.09
CA ILE K 173 -33.14 26.62 17.72
C ILE K 173 -32.12 25.55 17.36
N THR K 174 -32.47 24.74 16.38
CA THR K 174 -31.57 23.75 15.81
C THR K 174 -31.01 24.30 14.51
N LEU K 175 -29.70 24.22 14.35
CA LEU K 175 -28.99 24.96 13.31
C LEU K 175 -27.89 24.10 12.71
N HIS K 176 -27.90 24.01 11.39
CA HIS K 176 -26.85 23.34 10.61
C HIS K 176 -26.28 24.35 9.63
N VAL K 177 -25.09 24.86 9.90
CA VAL K 177 -24.41 25.75 8.97
C VAL K 177 -23.16 25.04 8.47
N ASP K 178 -23.01 24.96 7.16
CA ASP K 178 -21.95 24.18 6.53
C ASP K 178 -21.49 24.92 5.28
N CYS K 179 -20.22 25.30 5.26
CA CYS K 179 -19.66 25.93 4.07
C CYS K 179 -19.23 24.85 3.08
N LEU K 180 -19.78 24.92 1.88
CA LEU K 180 -19.62 23.84 0.92
C LEU K 180 -18.31 23.96 0.16
N ARG K 181 -17.84 25.18 -0.09
CA ARG K 181 -16.60 25.41 -0.80
C ARG K 181 -16.12 26.80 -0.47
N GLY K 182 -14.93 27.14 -0.96
CA GLY K 182 -14.36 28.46 -0.77
C GLY K 182 -12.94 28.35 -0.25
N LYS K 183 -12.12 29.33 -0.62
CA LYS K 183 -10.74 29.30 -0.16
C LYS K 183 -10.27 30.66 0.33
N ASN K 184 -11.21 31.57 0.59
CA ASN K 184 -10.96 32.84 1.26
C ASN K 184 -11.87 32.84 2.49
N ASP K 185 -11.28 33.01 3.67
CA ASP K 185 -12.02 32.80 4.90
C ASP K 185 -12.78 34.01 5.38
N HIS K 186 -12.51 35.20 4.84
CA HIS K 186 -13.49 36.28 4.96
C HIS K 186 -14.73 35.94 4.17
N HIS K 187 -14.54 35.46 2.93
CA HIS K 187 -15.64 35.02 2.07
C HIS K 187 -16.36 33.84 2.66
N ARG K 188 -15.61 32.91 3.25
CA ARG K 188 -16.22 31.69 3.74
C ARG K 188 -17.02 31.94 5.01
N SER K 189 -16.61 32.88 5.84
CA SER K 189 -17.35 33.13 7.08
C SER K 189 -18.47 34.13 6.89
N GLU K 190 -18.35 35.06 5.94
CA GLU K 190 -19.42 36.01 5.71
C GLU K 190 -20.58 35.36 4.98
N SER K 191 -20.28 34.40 4.12
CA SER K 191 -21.34 33.68 3.41
C SER K 191 -22.15 32.82 4.37
N ALA K 192 -21.55 32.39 5.48
CA ALA K 192 -22.28 31.63 6.49
C ALA K 192 -23.28 32.51 7.22
N PHE K 193 -22.91 33.73 7.54
CA PHE K 193 -23.84 34.64 8.18
C PHE K 193 -24.86 35.19 7.21
N LYS K 194 -24.52 35.28 5.93
CA LYS K 194 -25.52 35.65 4.94
C LYS K 194 -26.48 34.52 4.63
N ALA K 195 -26.04 33.27 4.80
CA ALA K 195 -26.91 32.13 4.61
C ALA K 195 -27.86 31.94 5.78
N LEU K 196 -27.38 32.21 7.00
CA LEU K 196 -28.23 32.17 8.17
C LEU K 196 -29.29 33.25 8.14
N ALA K 197 -28.98 34.39 7.53
CA ALA K 197 -29.95 35.45 7.40
C ALA K 197 -31.09 35.07 6.47
N VAL K 198 -30.82 34.25 5.47
CA VAL K 198 -31.86 33.79 4.58
C VAL K 198 -32.73 32.75 5.27
N ALA K 199 -32.14 31.93 6.12
CA ALA K 199 -32.86 30.82 6.74
C ALA K 199 -33.79 31.31 7.85
N ILE K 200 -33.33 32.25 8.68
CA ILE K 200 -34.16 32.81 9.74
C ILE K 200 -35.32 33.60 9.14
N ARG K 201 -35.06 34.31 8.04
CA ARG K 201 -36.10 35.03 7.32
C ARG K 201 -37.14 34.06 6.76
N GLU K 202 -36.72 32.87 6.37
CA GLU K 202 -37.63 31.90 5.78
C GLU K 202 -38.38 31.11 6.84
N ALA K 203 -37.76 30.86 7.99
CA ALA K 203 -38.44 30.11 9.04
C ALA K 203 -39.42 30.99 9.80
N THR K 204 -39.01 32.20 10.16
CA THR K 204 -39.93 33.16 10.75
C THR K 204 -40.61 33.86 9.60
N SER K 205 -41.74 33.31 9.16
CA SER K 205 -42.46 33.83 8.02
C SER K 205 -43.94 33.62 8.26
N PRO K 206 -44.80 34.44 7.69
CA PRO K 206 -46.24 34.25 7.88
C PRO K 206 -46.77 33.04 7.11
N ASN K 207 -46.69 31.86 7.76
CA ASN K 207 -47.33 30.66 7.23
C ASN K 207 -48.83 30.85 7.04
N GLY K 208 -49.47 31.54 7.96
CA GLY K 208 -50.91 31.61 7.97
C GLY K 208 -51.52 30.45 8.73
N THR K 209 -52.84 30.51 8.85
CA THR K 209 -53.78 29.54 9.43
C THR K 209 -53.66 29.36 10.94
N ASN K 210 -52.65 29.97 11.60
CA ASN K 210 -52.55 30.11 13.06
C ASN K 210 -52.53 28.75 13.76
N ASP K 211 -51.46 27.99 13.50
CA ASP K 211 -51.32 26.68 14.11
C ASP K 211 -49.86 26.43 14.44
N VAL K 212 -49.62 25.89 15.63
CA VAL K 212 -48.27 25.54 16.07
C VAL K 212 -47.77 24.34 15.26
N PRO K 213 -46.71 24.50 14.47
CA PRO K 213 -46.38 23.47 13.47
C PRO K 213 -45.54 22.32 14.06
N SER K 214 -46.20 21.46 14.83
CA SER K 214 -45.47 20.35 15.43
C SER K 214 -46.42 19.18 15.64
N THR K 215 -45.83 17.98 15.63
CA THR K 215 -46.56 16.77 15.98
C THR K 215 -46.96 16.77 17.45
N LYS K 216 -46.00 17.08 18.33
CA LYS K 216 -46.26 17.06 19.76
C LYS K 216 -47.02 18.28 20.26
N GLY K 217 -47.33 19.23 19.37
CA GLY K 217 -48.17 20.35 19.70
C GLY K 217 -47.54 21.42 20.58
N VAL K 218 -46.27 21.29 20.93
CA VAL K 218 -45.60 22.22 21.85
C VAL K 218 -44.40 22.81 21.14
N LEU K 219 -44.46 24.09 20.83
CA LEU K 219 -43.29 24.85 20.39
C LEU K 219 -43.32 26.21 21.04
N GLU L 3 -10.62 -3.07 64.42
CA GLU L 3 -11.89 -3.35 63.76
C GLU L 3 -11.72 -4.19 62.51
N GLN L 4 -11.02 -3.64 61.51
CA GLN L 4 -10.84 -4.28 60.23
C GLN L 4 -9.48 -4.98 60.21
N LYS L 5 -9.42 -6.13 60.86
CA LYS L 5 -8.22 -6.93 60.94
C LYS L 5 -8.53 -8.35 60.52
N ALA L 6 -7.52 -9.02 59.95
CA ALA L 6 -7.64 -10.41 59.56
C ALA L 6 -6.25 -11.00 59.46
N LEU L 7 -6.15 -12.31 59.71
CA LEU L 7 -4.92 -13.06 59.52
C LEU L 7 -5.22 -14.31 58.72
N VAL L 8 -4.40 -14.57 57.71
CA VAL L 8 -4.61 -15.68 56.78
C VAL L 8 -3.34 -16.51 56.72
N LYS L 9 -3.45 -17.79 57.06
CA LYS L 9 -2.34 -18.72 57.02
C LYS L 9 -2.63 -19.73 55.92
N ARG L 10 -2.06 -19.52 54.74
CA ARG L 10 -2.31 -20.37 53.58
C ARG L 10 -1.14 -21.31 53.40
N ILE L 11 -1.40 -22.61 53.52
CA ILE L 11 -0.35 -23.63 53.56
C ILE L 11 -0.60 -24.60 52.42
N THR L 12 0.30 -24.61 51.44
CA THR L 12 0.26 -25.56 50.34
C THR L 12 1.63 -26.19 50.18
N ASN L 13 1.75 -27.15 49.27
CA ASN L 13 3.00 -27.88 49.11
C ASN L 13 4.05 -27.10 48.32
N GLU L 14 3.72 -25.89 47.88
CA GLU L 14 4.68 -25.01 47.21
C GLU L 14 5.13 -23.87 48.12
N THR L 15 4.18 -23.16 48.74
CA THR L 15 4.48 -22.03 49.60
C THR L 15 3.78 -22.20 50.94
N LYS L 16 4.31 -21.51 51.94
CA LYS L 16 3.63 -21.34 53.22
C LYS L 16 3.50 -19.86 53.47
N ILE L 17 2.28 -19.40 53.72
CA ILE L 17 1.96 -17.98 53.77
C ILE L 17 1.44 -17.66 55.15
N GLN L 18 1.71 -16.46 55.63
CA GLN L 18 1.02 -15.93 56.80
C GLN L 18 0.91 -14.43 56.63
N ILE L 19 -0.30 -13.94 56.40
CA ILE L 19 -0.56 -12.53 56.12
C ILE L 19 -1.50 -11.99 57.17
N ALA L 20 -1.03 -11.01 57.93
CA ALA L 20 -1.85 -10.28 58.88
C ALA L 20 -2.02 -8.86 58.36
N ILE L 21 -3.26 -8.40 58.32
CA ILE L 21 -3.59 -7.10 57.73
C ILE L 21 -4.43 -6.30 58.72
N SER L 22 -4.31 -4.99 58.64
CA SER L 22 -5.21 -4.09 59.34
C SER L 22 -5.49 -2.92 58.40
N LEU L 23 -6.75 -2.78 57.98
CA LEU L 23 -7.08 -1.78 56.98
C LEU L 23 -7.11 -0.38 57.57
N LYS L 24 -7.45 -0.24 58.83
CA LYS L 24 -7.52 1.06 59.48
C LYS L 24 -6.19 1.52 60.03
N GLY L 25 -5.12 0.76 59.81
CA GLY L 25 -3.81 1.14 60.30
C GLY L 25 -3.51 0.58 61.67
N GLY L 26 -2.76 1.32 62.47
CA GLY L 26 -2.46 0.90 63.83
C GLY L 26 -1.36 -0.13 63.88
N PRO L 27 -1.17 -0.75 65.04
CA PRO L 27 -0.13 -1.77 65.19
C PRO L 27 -0.58 -3.16 64.81
N LEU L 28 0.41 -4.00 64.51
CA LEU L 28 0.21 -5.42 64.26
C LEU L 28 1.43 -6.21 64.71
N ALA L 29 1.18 -7.45 65.13
CA ALA L 29 2.23 -8.39 65.46
C ALA L 29 1.78 -9.77 65.00
N ILE L 30 2.63 -10.75 65.21
CA ILE L 30 2.28 -12.15 64.98
C ILE L 30 2.61 -12.95 66.22
N GLU L 31 1.62 -13.65 66.76
CA GLU L 31 1.82 -14.42 67.98
C GLU L 31 2.69 -15.65 67.75
N HIS L 32 2.71 -16.19 66.54
CA HIS L 32 3.53 -17.35 66.23
C HIS L 32 3.88 -17.30 64.75
N SER L 33 5.10 -16.84 64.45
CA SER L 33 5.52 -16.63 63.07
C SER L 33 5.96 -17.94 62.42
N ILE L 34 6.17 -17.89 61.11
CA ILE L 34 6.63 -19.07 60.38
C ILE L 34 8.11 -19.03 60.05
N PHE L 35 8.76 -17.88 60.18
CA PHE L 35 10.22 -17.85 60.01
C PHE L 35 10.88 -18.40 61.27
N PRO L 36 12.05 -19.05 61.15
CA PRO L 36 12.75 -19.51 62.35
C PRO L 36 13.31 -18.36 63.17
N GLU L 37 13.17 -18.49 64.50
CA GLU L 37 13.63 -17.53 65.51
C GLU L 37 13.00 -16.15 65.28
N LYS L 38 11.68 -16.13 65.40
CA LYS L 38 10.81 -14.96 65.25
C LYS L 38 11.00 -14.24 63.90
N ALA L 44 12.01 -3.71 52.96
CA ALA L 44 10.75 -2.98 52.91
C ALA L 44 9.98 -3.09 54.22
N GLU L 45 10.43 -2.33 55.23
CA GLU L 45 9.83 -2.35 56.56
C GLU L 45 9.65 -0.92 57.04
N GLN L 46 8.40 -0.50 57.20
CA GLN L 46 8.08 0.83 57.71
C GLN L 46 7.24 0.67 58.97
N ALA L 47 7.69 1.26 60.07
CA ALA L 47 7.04 1.08 61.37
C ALA L 47 6.94 2.41 62.11
N THR L 48 6.46 3.46 61.43
CA THR L 48 6.55 4.82 61.96
C THR L 48 5.22 5.19 62.64
N GLN L 49 4.91 4.50 63.75
CA GLN L 49 4.01 4.97 64.81
C GLN L 49 2.54 5.16 64.42
N SER L 50 2.20 4.99 63.15
CA SER L 50 0.82 5.12 62.71
C SER L 50 0.38 3.82 62.06
N GLN L 51 1.24 3.27 61.22
CA GLN L 51 1.02 2.00 60.57
C GLN L 51 2.34 1.24 60.55
N VAL L 52 2.27 -0.09 60.65
CA VAL L 52 3.44 -0.95 60.59
C VAL L 52 3.28 -1.89 59.40
N ILE L 53 4.17 -1.77 58.43
CA ILE L 53 4.13 -2.61 57.25
C ILE L 53 5.48 -3.27 57.07
N ASN L 54 5.50 -4.60 57.07
CA ASN L 54 6.71 -5.39 57.09
C ASN L 54 6.46 -6.62 56.23
N VAL L 55 6.93 -6.57 54.99
CA VAL L 55 6.71 -7.63 54.04
C VAL L 55 8.01 -8.42 53.85
N HIS L 56 7.92 -9.74 53.98
CA HIS L 56 9.07 -10.60 53.79
C HIS L 56 8.65 -11.74 52.87
N THR L 57 8.75 -11.51 51.58
CA THR L 57 8.70 -12.58 50.59
C THR L 57 10.11 -12.83 50.10
N GLY L 58 10.28 -13.91 49.35
CA GLY L 58 11.60 -14.20 48.82
C GLY L 58 12.00 -13.29 47.68
N ILE L 59 11.05 -12.57 47.09
CA ILE L 59 11.29 -11.68 45.98
C ILE L 59 11.40 -10.27 46.52
N GLY L 60 12.48 -9.58 46.19
CA GLY L 60 12.70 -8.25 46.74
C GLY L 60 11.89 -7.16 46.07
N PHE L 61 11.68 -7.29 44.76
CA PHE L 61 10.90 -6.30 44.06
C PHE L 61 9.40 -6.46 44.31
N LEU L 62 8.97 -7.69 44.59
CA LEU L 62 7.59 -7.92 44.97
C LEU L 62 7.32 -7.54 46.42
N ASP L 63 8.37 -7.48 47.25
CA ASP L 63 8.24 -6.83 48.55
C ASP L 63 7.96 -5.36 48.39
N HIS L 64 8.62 -4.72 47.43
CA HIS L 64 8.51 -3.28 47.25
C HIS L 64 7.16 -2.87 46.67
N MET L 65 6.47 -3.77 45.99
CA MET L 65 5.19 -3.43 45.42
C MET L 65 4.06 -3.62 46.40
N ILE L 66 4.16 -4.60 47.29
CA ILE L 66 3.19 -4.73 48.37
C ILE L 66 3.42 -3.64 49.40
N HIS L 67 4.67 -3.19 49.56
CA HIS L 67 4.97 -2.13 50.51
C HIS L 67 4.38 -0.80 50.07
N ALA L 68 4.57 -0.45 48.80
CA ALA L 68 4.00 0.78 48.26
C ALA L 68 2.48 0.71 48.17
N LEU L 69 1.93 -0.51 48.05
CA LEU L 69 0.49 -0.68 48.10
C LEU L 69 -0.05 -0.39 49.48
N ALA L 70 0.59 -0.91 50.52
CA ALA L 70 0.08 -0.72 51.87
C ALA L 70 0.49 0.60 52.47
N LYS L 71 1.55 1.24 51.96
CA LYS L 71 1.94 2.54 52.51
C LYS L 71 0.94 3.62 52.13
N HIS L 72 0.45 3.59 50.90
CA HIS L 72 -0.47 4.61 50.42
C HIS L 72 -1.92 4.18 50.53
N SER L 73 -2.20 3.08 51.22
CA SER L 73 -3.57 2.69 51.52
C SER L 73 -3.95 2.93 52.97
N GLY L 74 -3.01 3.28 53.83
CA GLY L 74 -3.31 3.38 55.24
C GLY L 74 -3.33 2.04 55.94
N TRP L 75 -2.76 1.01 55.34
CA TRP L 75 -2.78 -0.32 55.88
C TRP L 75 -1.65 -0.54 56.86
N SER L 76 -1.87 -1.46 57.79
CA SER L 76 -0.81 -2.16 58.49
C SER L 76 -0.82 -3.58 57.95
N LEU L 77 0.35 -4.08 57.55
CA LEU L 77 0.38 -5.33 56.80
C LEU L 77 1.68 -6.07 57.05
N ILE L 78 1.58 -7.30 57.54
CA ILE L 78 2.73 -8.17 57.71
C ILE L 78 2.56 -9.35 56.77
N VAL L 79 3.56 -9.56 55.91
CA VAL L 79 3.51 -10.62 54.90
C VAL L 79 4.72 -11.52 55.12
N GLU L 80 4.46 -12.83 55.26
CA GLU L 80 5.51 -13.83 55.42
C GLU L 80 5.24 -14.94 54.40
N CYS L 81 6.16 -15.10 53.47
CA CYS L 81 6.05 -16.16 52.50
C CYS L 81 7.33 -16.96 52.41
N ILE L 82 7.21 -18.27 52.62
CA ILE L 82 8.32 -19.19 52.53
C ILE L 82 7.98 -19.94 51.28
N GLY L 83 8.56 -19.54 50.18
CA GLY L 83 8.25 -20.16 48.91
C GLY L 83 9.45 -20.75 48.21
N ASP L 84 9.19 -21.61 47.22
CA ASP L 84 10.26 -22.27 46.49
C ASP L 84 10.85 -21.33 45.45
N LEU L 85 12.14 -21.06 45.56
CA LEU L 85 12.81 -20.15 44.65
C LEU L 85 13.89 -20.83 43.82
N HIS L 86 14.07 -22.14 43.96
CA HIS L 86 14.93 -22.86 43.01
C HIS L 86 14.18 -23.08 41.71
N ILE L 87 12.86 -23.17 41.78
CA ILE L 87 11.91 -23.04 40.67
C ILE L 87 11.75 -21.53 40.45
N ASP L 88 11.06 -21.11 39.40
CA ASP L 88 10.89 -19.67 39.19
C ASP L 88 9.98 -19.04 40.24
N ASP L 89 9.76 -17.74 40.09
CA ASP L 89 9.03 -16.93 41.04
C ASP L 89 7.52 -16.90 40.81
N HIS L 90 6.97 -17.74 39.94
CA HIS L 90 5.54 -17.70 39.70
C HIS L 90 4.79 -18.25 40.90
N HIS L 91 5.19 -19.41 41.39
CA HIS L 91 4.42 -20.09 42.43
C HIS L 91 4.47 -19.35 43.76
N THR L 92 5.44 -18.47 43.95
CA THR L 92 5.55 -17.68 45.16
C THR L 92 5.12 -16.24 44.98
N THR L 93 4.60 -15.88 43.82
CA THR L 93 3.97 -14.58 43.64
C THR L 93 2.48 -14.71 43.44
N GLU L 94 2.06 -15.73 42.69
CA GLU L 94 0.65 -16.06 42.57
C GLU L 94 0.05 -16.46 43.91
N ASP L 95 0.76 -17.30 44.67
CA ASP L 95 0.23 -17.73 45.96
C ASP L 95 0.25 -16.61 47.00
N CYS L 96 1.17 -15.69 46.81
CA CYS L 96 1.34 -14.57 47.69
C CYS L 96 0.38 -13.44 47.34
N GLY L 97 -0.44 -13.63 46.31
CA GLY L 97 -1.44 -12.66 45.90
C GLY L 97 -2.83 -13.17 46.14
N ILE L 98 -2.98 -14.50 46.10
CA ILE L 98 -4.24 -15.13 46.48
C ILE L 98 -4.49 -14.93 47.97
N ALA L 99 -3.47 -15.18 48.79
CA ALA L 99 -3.65 -15.01 50.23
C ALA L 99 -3.71 -13.55 50.64
N LEU L 100 -3.19 -12.64 49.81
CA LEU L 100 -3.27 -11.23 50.12
C LEU L 100 -4.58 -10.62 49.65
N GLY L 101 -5.27 -11.27 48.73
CA GLY L 101 -6.65 -10.89 48.45
C GLY L 101 -7.61 -11.44 49.48
N GLN L 102 -7.34 -12.63 50.01
CA GLN L 102 -8.20 -13.20 51.04
C GLN L 102 -8.09 -12.42 52.35
N ALA L 103 -6.91 -11.90 52.68
CA ALA L 103 -6.76 -11.13 53.90
C ALA L 103 -7.46 -9.79 53.78
N PHE L 104 -7.43 -9.19 52.59
CA PHE L 104 -8.21 -7.98 52.35
C PHE L 104 -9.71 -8.26 52.35
N LYS L 105 -10.11 -9.45 51.92
CA LYS L 105 -11.52 -9.78 51.88
C LYS L 105 -12.08 -10.02 53.28
N GLU L 106 -11.34 -10.73 54.12
CA GLU L 106 -11.83 -11.02 55.46
C GLU L 106 -11.74 -9.82 56.39
N ALA L 107 -10.95 -8.81 56.01
CA ALA L 107 -10.82 -7.65 56.87
C ALA L 107 -12.01 -6.70 56.74
N LEU L 108 -12.71 -6.73 55.60
CA LEU L 108 -13.97 -6.01 55.46
C LEU L 108 -15.04 -7.04 55.12
N GLY L 109 -15.82 -7.42 56.13
CA GLY L 109 -16.87 -8.39 55.89
C GLY L 109 -18.06 -7.80 55.18
N ALA L 110 -18.77 -6.90 55.86
CA ALA L 110 -19.98 -6.30 55.32
C ALA L 110 -19.60 -5.14 54.42
N VAL L 111 -19.84 -5.29 53.13
CA VAL L 111 -19.67 -4.17 52.20
C VAL L 111 -20.95 -3.36 52.28
N ARG L 112 -21.01 -2.44 53.22
CA ARG L 112 -22.12 -1.51 53.33
C ARG L 112 -21.61 -0.25 54.02
N GLY L 113 -22.20 0.88 53.62
CA GLY L 113 -21.70 2.15 54.12
C GLY L 113 -20.39 2.59 53.51
N VAL L 114 -20.03 2.04 52.35
CA VAL L 114 -18.78 2.38 51.69
C VAL L 114 -19.09 3.02 50.35
N LYS L 115 -18.09 3.72 49.80
CA LYS L 115 -18.26 4.40 48.52
C LYS L 115 -18.45 3.43 47.37
N ARG L 116 -17.81 2.26 47.46
CA ARG L 116 -17.82 1.11 46.54
C ARG L 116 -17.07 1.38 45.24
N PHE L 117 -16.79 2.64 44.91
CA PHE L 117 -16.14 3.00 43.66
C PHE L 117 -14.95 3.89 44.00
N GLY L 118 -13.75 3.34 43.89
CA GLY L 118 -12.54 4.11 44.02
C GLY L 118 -11.82 4.16 42.69
N SER L 119 -11.35 5.35 42.34
CA SER L 119 -10.51 5.55 41.17
C SER L 119 -9.25 6.27 41.62
N GLY L 120 -8.11 5.76 41.20
CA GLY L 120 -6.87 6.39 41.61
C GLY L 120 -5.89 6.55 40.48
N PHE L 121 -5.50 7.78 40.19
CA PHE L 121 -4.36 8.06 39.35
C PHE L 121 -3.14 8.26 40.22
N ALA L 122 -2.00 7.75 39.77
CA ALA L 122 -0.76 8.02 40.46
C ALA L 122 0.37 8.07 39.45
N PRO L 123 1.16 9.13 39.44
CA PRO L 123 2.35 9.16 38.58
C PRO L 123 3.59 8.71 39.33
N LEU L 124 4.58 8.30 38.55
CA LEU L 124 5.92 8.15 39.07
C LEU L 124 6.85 8.44 37.91
N ASP L 125 7.20 9.72 37.74
CA ASP L 125 8.37 10.16 36.99
C ASP L 125 8.33 9.68 35.53
N GLU L 126 7.35 10.22 34.80
CA GLU L 126 6.87 10.04 33.42
C GLU L 126 5.99 8.82 33.25
N ALA L 127 5.81 7.97 34.24
CA ALA L 127 4.84 6.89 34.15
C ALA L 127 3.54 7.35 34.77
N LEU L 128 2.43 6.89 34.23
CA LEU L 128 1.11 7.30 34.70
C LEU L 128 0.17 6.11 34.63
N SER L 129 -0.36 5.71 35.78
CA SER L 129 -1.25 4.57 35.88
C SER L 129 -2.53 4.99 36.57
N ARG L 130 -3.65 4.50 36.06
CA ARG L 130 -4.91 4.62 36.78
C ARG L 130 -5.36 3.24 37.24
N ALA L 131 -6.10 3.23 38.32
CA ALA L 131 -6.67 1.99 38.82
C ALA L 131 -8.07 2.31 39.31
N VAL L 132 -9.05 1.56 38.83
CA VAL L 132 -10.39 1.65 39.37
C VAL L 132 -10.68 0.34 40.07
N VAL L 133 -11.57 0.39 41.06
CA VAL L 133 -11.89 -0.77 41.89
C VAL L 133 -13.37 -0.70 42.20
N ASP L 134 -14.00 -1.85 42.44
CA ASP L 134 -15.45 -1.91 42.42
C ASP L 134 -16.06 -2.52 43.67
N LEU L 135 -15.34 -3.38 44.38
CA LEU L 135 -15.80 -4.02 45.63
C LEU L 135 -17.11 -4.81 45.48
N SER L 136 -17.45 -5.25 44.27
CA SER L 136 -18.62 -6.07 44.03
C SER L 136 -18.21 -7.53 43.98
N ASN L 137 -19.01 -8.41 44.57
CA ASN L 137 -18.56 -9.79 44.85
C ASN L 137 -18.32 -10.64 43.64
N ARG L 138 -18.38 -10.17 42.42
CA ARG L 138 -17.80 -10.94 41.33
C ARG L 138 -16.36 -10.48 41.09
N PRO L 139 -15.39 -11.39 41.06
CA PRO L 139 -14.01 -10.98 40.81
C PRO L 139 -13.77 -10.74 39.33
N TYR L 140 -12.99 -9.70 39.04
CA TYR L 140 -12.60 -9.46 37.66
C TYR L 140 -11.32 -8.63 37.66
N ALA L 141 -10.48 -8.83 36.65
CA ALA L 141 -9.19 -8.15 36.62
C ALA L 141 -8.79 -7.85 35.18
N VAL L 142 -8.72 -6.57 34.84
CA VAL L 142 -8.27 -6.13 33.52
C VAL L 142 -6.99 -5.33 33.74
N VAL L 143 -5.84 -5.99 33.66
CA VAL L 143 -4.57 -5.40 34.02
C VAL L 143 -3.76 -5.24 32.74
N GLU L 144 -3.56 -4.00 32.32
CA GLU L 144 -2.91 -3.72 31.04
C GLU L 144 -1.64 -2.89 31.22
N LEU L 145 -0.80 -3.29 32.17
CA LEU L 145 0.55 -2.75 32.30
C LEU L 145 1.39 -3.13 31.10
N GLY L 146 1.73 -2.17 30.26
CA GLY L 146 2.52 -2.55 29.11
C GLY L 146 4.00 -2.51 29.42
N LEU L 147 4.54 -3.65 29.82
CA LEU L 147 5.91 -3.75 30.32
C LEU L 147 6.77 -4.40 29.25
N GLN L 148 7.77 -3.66 28.77
CA GLN L 148 8.68 -4.14 27.73
C GLN L 148 9.99 -4.62 28.30
N ARG L 149 9.92 -5.31 29.43
CA ARG L 149 11.05 -5.85 30.16
C ARG L 149 10.71 -7.29 30.49
N GLU L 150 11.73 -8.13 30.71
CA GLU L 150 11.47 -9.50 31.10
C GLU L 150 11.59 -9.76 32.58
N LYS L 151 12.51 -9.10 33.28
CA LYS L 151 12.64 -9.22 34.72
C LYS L 151 13.03 -7.86 35.28
N VAL L 152 12.49 -7.52 36.45
CA VAL L 152 12.82 -6.21 36.98
C VAL L 152 14.04 -6.30 37.92
N GLY L 153 13.89 -6.92 39.08
CA GLY L 153 15.09 -7.31 39.78
C GLY L 153 15.11 -8.77 40.12
N ASP L 154 13.96 -9.26 40.57
CA ASP L 154 13.70 -10.68 40.75
C ASP L 154 12.33 -11.09 40.26
N LEU L 155 11.34 -10.20 40.26
CA LEU L 155 10.08 -10.48 39.60
C LEU L 155 10.29 -10.65 38.12
N SER L 156 9.51 -11.55 37.54
CA SER L 156 9.62 -11.89 36.14
C SER L 156 8.72 -11.06 35.26
N CYS L 157 8.17 -9.96 35.76
CA CYS L 157 7.62 -8.84 34.99
C CYS L 157 6.38 -9.18 34.16
N GLU L 158 6.02 -10.45 34.09
CA GLU L 158 4.72 -10.91 33.66
C GLU L 158 3.91 -11.40 34.83
N MET L 159 4.56 -11.54 35.99
CA MET L 159 3.86 -11.83 37.22
C MET L 159 3.27 -10.61 37.87
N ILE L 160 3.73 -9.42 37.52
CA ILE L 160 3.16 -8.16 38.01
C ILE L 160 1.71 -8.00 37.55
N PRO L 161 1.30 -8.35 36.31
CA PRO L 161 -0.15 -8.43 36.08
C PRO L 161 -0.79 -9.65 36.70
N HIS L 162 -0.04 -10.73 36.86
CA HIS L 162 -0.59 -11.97 37.37
C HIS L 162 -0.79 -11.91 38.87
N PHE L 163 -0.06 -11.03 39.56
CA PHE L 163 -0.30 -10.76 40.96
C PHE L 163 -1.62 -10.03 41.15
N LEU L 164 -1.85 -8.99 40.35
CA LEU L 164 -3.07 -8.21 40.45
C LEU L 164 -4.27 -8.98 39.93
N GLU L 165 -4.03 -9.94 39.04
CA GLU L 165 -5.09 -10.85 38.60
C GLU L 165 -5.59 -11.70 39.76
N SER L 166 -4.67 -12.35 40.47
CA SER L 166 -5.05 -13.21 41.59
C SER L 166 -5.46 -12.42 42.81
N PHE L 167 -5.02 -11.16 42.94
CA PHE L 167 -5.49 -10.33 44.03
C PHE L 167 -6.96 -10.00 43.88
N ALA L 168 -7.38 -9.56 42.70
CA ALA L 168 -8.79 -9.29 42.45
C ALA L 168 -9.62 -10.56 42.43
N GLU L 169 -9.01 -11.68 42.08
CA GLU L 169 -9.70 -12.97 42.04
C GLU L 169 -10.11 -13.42 43.42
N ALA L 170 -9.18 -13.43 44.36
CA ALA L 170 -9.42 -13.95 45.69
C ALA L 170 -10.03 -12.92 46.63
N SER L 171 -9.99 -11.65 46.29
CA SER L 171 -10.61 -10.61 47.09
C SER L 171 -12.01 -10.28 46.66
N ARG L 172 -12.48 -10.86 45.55
CA ARG L 172 -13.83 -10.67 45.01
C ARG L 172 -14.11 -9.21 44.68
N ILE L 173 -13.18 -8.58 43.95
CA ILE L 173 -13.34 -7.21 43.50
C ILE L 173 -13.12 -7.18 41.99
N THR L 174 -13.68 -6.16 41.36
CA THR L 174 -13.47 -5.90 39.95
C THR L 174 -12.45 -4.77 39.83
N LEU L 175 -11.45 -4.98 38.98
CA LEU L 175 -10.26 -4.15 38.98
C LEU L 175 -9.79 -3.89 37.56
N HIS L 176 -9.60 -2.62 37.22
CA HIS L 176 -9.03 -2.18 35.95
C HIS L 176 -7.80 -1.36 36.25
N VAL L 177 -6.62 -1.92 36.04
CA VAL L 177 -5.37 -1.19 36.18
C VAL L 177 -4.73 -1.06 34.80
N ASP L 178 -4.41 0.16 34.41
CA ASP L 178 -3.92 0.45 33.07
C ASP L 178 -2.88 1.54 33.16
N CYS L 179 -1.66 1.25 32.73
CA CYS L 179 -0.61 2.26 32.69
C CYS L 179 -0.73 3.05 31.39
N LEU L 180 -0.89 4.36 31.53
CA LEU L 180 -1.22 5.20 30.40
C LEU L 180 0.03 5.58 29.61
N ARG L 181 1.16 5.74 30.27
CA ARG L 181 2.40 6.09 29.60
C ARG L 181 3.55 5.70 30.51
N GLY L 182 4.77 5.86 30.01
CA GLY L 182 5.97 5.57 30.77
C GLY L 182 6.89 4.68 29.99
N LYS L 183 8.19 4.84 30.23
CA LYS L 183 9.16 4.03 29.50
C LYS L 183 10.25 3.48 30.42
N ASN L 184 10.01 3.52 31.73
CA ASN L 184 10.83 2.85 32.74
C ASN L 184 9.89 1.92 33.47
N ASP L 185 10.21 0.62 33.50
CA ASP L 185 9.27 -0.36 33.99
C ASP L 185 9.31 -0.58 35.49
N HIS L 186 10.33 -0.08 36.19
CA HIS L 186 10.20 0.09 37.62
C HIS L 186 9.19 1.18 37.90
N HIS L 187 9.30 2.31 37.18
CA HIS L 187 8.35 3.40 37.30
C HIS L 187 6.96 2.99 36.87
N ARG L 188 6.86 2.20 35.81
CA ARG L 188 5.56 1.85 35.27
C ARG L 188 4.84 0.86 36.17
N SER L 189 5.57 -0.03 36.86
CA SER L 189 4.90 -1.00 37.71
C SER L 189 4.67 -0.49 39.11
N GLU L 190 5.51 0.43 39.60
CA GLU L 190 5.29 0.97 40.93
C GLU L 190 4.14 1.96 40.93
N SER L 191 3.96 2.68 39.83
CA SER L 191 2.84 3.62 39.73
C SER L 191 1.52 2.88 39.67
N ALA L 192 1.51 1.64 39.20
CA ALA L 192 0.29 0.84 39.20
C ALA L 192 -0.11 0.45 40.61
N PHE L 193 0.86 0.07 41.43
CA PHE L 193 0.56 -0.27 42.82
C PHE L 193 0.28 0.97 43.66
N LYS L 194 0.84 2.11 43.29
CA LYS L 194 0.49 3.35 43.98
C LYS L 194 -0.88 3.86 43.54
N ALA L 195 -1.32 3.54 42.33
CA ALA L 195 -2.65 3.92 41.89
C ALA L 195 -3.72 3.04 42.50
N LEU L 196 -3.42 1.75 42.67
CA LEU L 196 -4.34 0.84 43.34
C LEU L 196 -4.51 1.20 44.80
N ALA L 197 -3.47 1.74 45.42
CA ALA L 197 -3.56 2.17 46.80
C ALA L 197 -4.48 3.36 46.97
N VAL L 198 -4.56 4.22 45.96
CA VAL L 198 -5.49 5.34 46.02
C VAL L 198 -6.92 4.88 45.82
N ALA L 199 -7.11 3.87 44.98
CA ALA L 199 -8.45 3.43 44.63
C ALA L 199 -9.10 2.62 45.75
N ILE L 200 -8.35 1.74 46.40
CA ILE L 200 -8.87 0.97 47.52
C ILE L 200 -9.16 1.88 48.70
N ARG L 201 -8.32 2.90 48.91
CA ARG L 201 -8.57 3.90 49.94
C ARG L 201 -9.84 4.68 49.66
N GLU L 202 -10.16 4.91 48.39
CA GLU L 202 -11.33 5.69 48.03
C GLU L 202 -12.59 4.84 48.02
N ALA L 203 -12.48 3.56 47.68
CA ALA L 203 -13.67 2.70 47.67
C ALA L 203 -14.04 2.26 49.06
N THR L 204 -13.07 1.86 49.87
CA THR L 204 -13.33 1.56 51.28
C THR L 204 -13.22 2.89 52.01
N SER L 205 -14.34 3.58 52.13
CA SER L 205 -14.36 4.90 52.74
C SER L 205 -15.69 5.07 53.46
N PRO L 206 -15.74 5.87 54.50
CA PRO L 206 -17.02 6.07 55.19
C PRO L 206 -18.00 6.91 54.39
N ASN L 207 -18.77 6.24 53.53
CA ASN L 207 -19.88 6.87 52.83
C ASN L 207 -20.89 7.46 53.79
N GLY L 208 -21.16 6.77 54.90
CA GLY L 208 -22.24 7.16 55.77
C GLY L 208 -23.55 6.55 55.33
N THR L 209 -24.57 6.79 56.16
CA THR L 209 -25.99 6.45 56.02
C THR L 209 -26.30 4.96 56.09
N ASN L 210 -25.28 4.07 56.14
CA ASN L 210 -25.41 2.65 56.47
C ASN L 210 -26.35 1.92 55.49
N ASP L 211 -25.92 1.85 54.24
CA ASP L 211 -26.71 1.19 53.22
C ASP L 211 -25.80 0.46 52.26
N VAL L 212 -26.17 -0.76 51.90
CA VAL L 212 -25.41 -1.56 50.94
C VAL L 212 -25.59 -0.97 49.55
N PRO L 213 -24.52 -0.49 48.92
CA PRO L 213 -24.67 0.35 47.71
C PRO L 213 -24.83 -0.48 46.44
N SER L 214 -26.01 -1.07 46.26
CA SER L 214 -26.23 -1.90 45.08
C SER L 214 -27.71 -1.88 44.71
N THR L 215 -27.96 -2.08 43.42
CA THR L 215 -29.33 -2.24 42.94
C THR L 215 -29.92 -3.56 43.44
N LYS L 216 -29.17 -4.65 43.32
CA LYS L 216 -29.66 -5.96 43.71
C LYS L 216 -29.61 -6.19 45.21
N GLY L 217 -29.11 -5.23 45.98
CA GLY L 217 -29.15 -5.27 47.42
C GLY L 217 -28.20 -6.25 48.09
N VAL L 218 -27.36 -6.93 47.33
CA VAL L 218 -26.47 -7.96 47.87
C VAL L 218 -25.04 -7.59 47.50
N LEU L 219 -24.25 -7.23 48.52
CA LEU L 219 -22.81 -7.09 48.37
C LEU L 219 -22.15 -7.67 49.61
N GLU M 3 36.92 -53.71 4.73
CA GLU M 3 36.90 -53.10 6.05
C GLU M 3 35.54 -52.50 6.40
N GLN M 4 35.12 -51.50 5.63
CA GLN M 4 33.88 -50.79 5.88
C GLN M 4 32.79 -51.37 4.98
N LYS M 5 32.26 -52.52 5.38
CA LYS M 5 31.21 -53.21 4.66
C LYS M 5 30.09 -53.56 5.60
N ALA M 6 28.87 -53.59 5.06
CA ALA M 6 27.70 -53.95 5.83
C ALA M 6 26.63 -54.43 4.86
N LEU M 7 25.76 -55.33 5.34
CA LEU M 7 24.60 -55.76 4.60
C LEU M 7 23.38 -55.70 5.51
N VAL M 8 22.30 -55.13 4.98
CA VAL M 8 21.08 -54.89 5.76
C VAL M 8 19.91 -55.50 5.00
N LYS M 9 19.20 -56.42 5.63
CA LYS M 9 18.02 -57.06 5.06
C LYS M 9 16.82 -56.61 5.89
N ARG M 10 16.11 -55.61 5.40
CA ARG M 10 14.97 -55.04 6.11
C ARG M 10 13.69 -55.57 5.50
N ILE M 11 12.92 -56.30 6.30
CA ILE M 11 11.76 -57.05 5.83
C ILE M 11 10.54 -56.56 6.59
N THR M 12 9.62 -55.90 5.88
CA THR M 12 8.36 -55.46 6.45
C THR M 12 7.23 -55.90 5.51
N ASN M 13 5.99 -55.65 5.94
CA ASN M 13 4.84 -56.10 5.16
C ASN M 13 4.54 -55.22 3.96
N GLU M 14 5.32 -54.16 3.74
CA GLU M 14 5.20 -53.32 2.56
C GLU M 14 6.32 -53.56 1.56
N THR M 15 7.57 -53.56 2.04
CA THR M 15 8.73 -53.74 1.19
C THR M 15 9.64 -54.83 1.76
N LYS M 16 10.45 -55.40 0.87
CA LYS M 16 11.54 -56.26 1.28
C LYS M 16 12.82 -55.67 0.71
N ILE M 17 13.80 -55.44 1.57
CA ILE M 17 14.99 -54.69 1.22
C ILE M 17 16.20 -55.60 1.41
N GLN M 18 17.21 -55.42 0.58
CA GLN M 18 18.52 -56.00 0.86
C GLN M 18 19.57 -55.06 0.30
N ILE M 19 20.32 -54.41 1.18
CA ILE M 19 21.30 -53.40 0.80
C ILE M 19 22.66 -53.84 1.29
N ALA M 20 23.59 -54.05 0.37
CA ALA M 20 24.98 -54.32 0.68
C ALA M 20 25.81 -53.12 0.25
N ILE M 21 26.65 -52.63 1.16
CA ILE M 21 27.40 -51.41 0.93
C ILE M 21 28.87 -51.69 1.21
N SER M 22 29.74 -50.95 0.53
CA SER M 22 31.16 -50.91 0.86
C SER M 22 31.62 -49.47 0.69
N LEU M 23 32.03 -48.84 1.78
CA LEU M 23 32.35 -47.43 1.71
C LEU M 23 33.70 -47.18 1.05
N LYS M 24 34.64 -48.11 1.19
CA LYS M 24 35.97 -47.96 0.61
C LYS M 24 36.03 -48.41 -0.84
N GLY M 25 34.91 -48.81 -1.43
CA GLY M 25 34.88 -49.25 -2.81
C GLY M 25 35.09 -50.74 -2.95
N GLY M 26 35.75 -51.16 -4.03
CA GLY M 26 36.05 -52.55 -4.24
C GLY M 26 34.85 -53.33 -4.77
N PRO M 27 34.95 -54.65 -4.77
CA PRO M 27 33.84 -55.49 -5.26
C PRO M 27 32.82 -55.81 -4.19
N LEU M 28 31.62 -56.17 -4.67
CA LEU M 28 30.54 -56.66 -3.83
C LEU M 28 29.69 -57.66 -4.59
N ALA M 29 29.12 -58.60 -3.86
CA ALA M 29 28.16 -59.55 -4.41
C ALA M 29 27.12 -59.80 -3.35
N ILE M 30 26.14 -60.64 -3.69
CA ILE M 30 25.15 -61.10 -2.72
C ILE M 30 25.09 -62.62 -2.78
N GLU M 31 25.29 -63.26 -1.64
CA GLU M 31 25.30 -64.73 -1.59
C GLU M 31 23.92 -65.32 -1.79
N HIS M 32 22.86 -64.58 -1.46
CA HIS M 32 21.50 -65.07 -1.63
C HIS M 32 20.60 -63.86 -1.83
N SER M 33 20.24 -63.58 -3.08
CA SER M 33 19.48 -62.39 -3.42
C SER M 33 17.99 -62.61 -3.17
N ILE M 34 17.23 -61.52 -3.25
CA ILE M 34 15.78 -61.59 -3.07
C ILE M 34 15.01 -61.56 -4.39
N PHE M 35 15.64 -61.19 -5.49
CA PHE M 35 14.95 -61.28 -6.76
C PHE M 35 14.95 -62.73 -7.25
N PRO M 36 13.93 -63.16 -7.97
CA PRO M 36 13.93 -64.53 -8.51
C PRO M 36 14.98 -64.71 -9.59
N GLU M 37 15.66 -65.87 -9.54
CA GLU M 37 16.70 -66.29 -10.48
C GLU M 37 17.85 -65.28 -10.52
N LYS M 38 18.49 -65.14 -9.35
CA LYS M 38 19.63 -64.26 -9.09
C LYS M 38 19.35 -62.80 -9.45
N ALA M 44 20.71 -48.34 -14.02
CA ALA M 44 21.75 -47.69 -13.22
C ALA M 44 22.69 -48.72 -12.61
N GLU M 45 23.60 -49.25 -13.44
CA GLU M 45 24.55 -50.27 -13.03
C GLU M 45 25.93 -49.91 -13.55
N GLN M 46 26.86 -49.60 -12.64
CA GLN M 46 28.24 -49.29 -13.00
C GLN M 46 29.15 -50.28 -12.31
N ALA M 47 29.99 -50.96 -13.08
CA ALA M 47 30.82 -52.03 -12.54
C ALA M 47 32.24 -51.95 -13.11
N THR M 48 32.84 -50.77 -13.09
CA THR M 48 34.08 -50.52 -13.83
C THR M 48 35.28 -50.66 -12.88
N GLN M 49 35.50 -51.89 -12.40
CA GLN M 49 36.79 -52.38 -11.90
C GLN M 49 37.35 -51.71 -10.65
N SER M 50 36.69 -50.67 -10.15
CA SER M 50 37.13 -50.00 -8.94
C SER M 50 36.02 -50.06 -7.90
N GLN M 51 34.80 -49.78 -8.35
CA GLN M 51 33.62 -49.86 -7.52
C GLN M 51 32.50 -50.47 -8.35
N VAL M 52 31.61 -51.22 -7.70
CA VAL M 52 30.45 -51.82 -8.36
C VAL M 52 29.20 -51.29 -7.68
N ILE M 53 28.39 -50.57 -8.43
CA ILE M 53 27.15 -50.00 -7.91
C ILE M 53 26.00 -50.42 -8.81
N ASN M 54 25.03 -51.12 -8.22
CA ASN M 54 23.94 -51.76 -8.95
C ASN M 54 22.69 -51.63 -8.09
N VAL M 55 21.86 -50.65 -8.42
CA VAL M 55 20.67 -50.36 -7.65
C VAL M 55 19.45 -50.84 -8.44
N HIS M 56 18.59 -51.61 -7.78
CA HIS M 56 17.37 -52.11 -8.41
C HIS M 56 16.23 -51.85 -7.43
N THR M 57 15.66 -50.67 -7.50
CA THR M 57 14.37 -50.39 -6.89
C THR M 57 13.33 -50.35 -7.99
N GLY M 58 12.06 -50.31 -7.59
CA GLY M 58 11.01 -50.24 -8.57
C GLY M 58 10.89 -48.89 -9.23
N ILE M 59 11.50 -47.86 -8.65
CA ILE M 59 11.45 -46.50 -9.16
C ILE M 59 12.72 -46.25 -9.94
N GLY M 60 12.59 -45.80 -11.18
CA GLY M 60 13.75 -45.61 -12.02
C GLY M 60 14.52 -44.34 -11.72
N PHE M 61 13.82 -43.28 -11.36
CA PHE M 61 14.50 -42.03 -11.04
C PHE M 61 15.15 -42.08 -9.66
N LEU M 62 14.59 -42.87 -8.75
CA LEU M 62 15.21 -43.08 -7.45
C LEU M 62 16.37 -44.04 -7.52
N ASP M 63 16.43 -44.89 -8.56
CA ASP M 63 17.65 -45.62 -8.86
C ASP M 63 18.76 -44.67 -9.25
N HIS M 64 18.43 -43.65 -10.04
CA HIS M 64 19.43 -42.73 -10.57
C HIS M 64 19.99 -41.81 -9.50
N MET M 65 19.26 -41.58 -8.42
CA MET M 65 19.74 -40.71 -7.36
C MET M 65 20.61 -41.43 -6.37
N ILE M 66 20.32 -42.70 -6.10
CA ILE M 66 21.23 -43.50 -5.28
C ILE M 66 22.47 -43.85 -6.07
N HIS M 67 22.36 -43.96 -7.40
CA HIS M 67 23.52 -44.26 -8.24
C HIS M 67 24.49 -43.10 -8.27
N ALA M 68 23.99 -41.88 -8.47
CA ALA M 68 24.85 -40.70 -8.46
C ALA M 68 25.37 -40.40 -7.07
N LEU M 69 24.66 -40.84 -6.03
CA LEU M 69 25.17 -40.72 -4.67
C LEU M 69 26.36 -41.63 -4.44
N ALA M 70 26.27 -42.88 -4.89
CA ALA M 70 27.35 -43.82 -4.64
C ALA M 70 28.47 -43.71 -5.66
N LYS M 71 28.21 -43.14 -6.83
CA LYS M 71 29.27 -42.98 -7.82
C LYS M 71 30.28 -41.94 -7.37
N HIS M 72 29.81 -40.84 -6.80
CA HIS M 72 30.68 -39.75 -6.41
C HIS M 72 31.04 -39.81 -4.93
N SER M 73 30.74 -40.92 -4.25
CA SER M 73 31.19 -41.14 -2.89
C SER M 73 32.31 -42.16 -2.79
N GLY M 74 32.63 -42.85 -3.87
CA GLY M 74 33.58 -43.94 -3.78
C GLY M 74 33.00 -45.21 -3.23
N TRP M 75 31.68 -45.34 -3.23
CA TRP M 75 31.01 -46.50 -2.65
C TRP M 75 30.89 -47.61 -3.66
N SER M 76 30.83 -48.83 -3.14
CA SER M 76 30.23 -49.96 -3.84
C SER M 76 28.92 -50.25 -3.14
N LEU M 77 27.84 -50.37 -3.92
CA LEU M 77 26.52 -50.39 -3.32
C LEU M 77 25.56 -51.21 -4.17
N ILE M 78 24.97 -52.24 -3.57
CA ILE M 78 23.94 -53.04 -4.22
C ILE M 78 22.64 -52.82 -3.46
N VAL M 79 21.60 -52.38 -4.16
CA VAL M 79 20.32 -52.10 -3.56
C VAL M 79 19.26 -52.95 -4.25
N GLU M 80 18.50 -53.70 -3.45
CA GLU M 80 17.41 -54.53 -3.95
C GLU M 80 16.17 -54.22 -3.12
N CYS M 81 15.18 -53.63 -3.77
CA CYS M 81 13.96 -53.33 -3.09
C CYS M 81 12.77 -53.88 -3.84
N ILE M 82 12.07 -54.81 -3.20
CA ILE M 82 10.84 -55.36 -3.73
C ILE M 82 9.71 -54.65 -2.98
N GLY M 83 9.14 -53.63 -3.61
CA GLY M 83 8.13 -52.83 -2.93
C GLY M 83 6.82 -52.77 -3.67
N ASP M 84 5.77 -52.34 -2.97
CA ASP M 84 4.44 -52.25 -3.55
C ASP M 84 4.31 -50.99 -4.40
N LEU M 85 4.02 -51.16 -5.68
CA LEU M 85 3.91 -50.05 -6.61
C LEU M 85 2.51 -49.89 -7.18
N HIS M 86 1.56 -50.72 -6.77
CA HIS M 86 0.17 -50.45 -7.12
C HIS M 86 -0.38 -49.35 -6.23
N ILE M 87 0.15 -49.22 -5.02
CA ILE M 87 0.05 -48.06 -4.13
C ILE M 87 1.09 -47.08 -4.64
N ASP M 88 1.13 -45.85 -4.11
CA ASP M 88 2.13 -44.90 -4.58
C ASP M 88 3.56 -45.30 -4.16
N ASP M 89 4.50 -44.46 -4.53
CA ASP M 89 5.91 -44.71 -4.33
C ASP M 89 6.46 -44.22 -3.00
N HIS M 90 5.60 -43.86 -2.04
CA HIS M 90 6.12 -43.39 -0.76
C HIS M 90 6.68 -44.54 0.04
N HIS M 91 5.92 -45.63 0.16
CA HIS M 91 6.31 -46.72 1.05
C HIS M 91 7.54 -47.46 0.54
N THR M 92 7.88 -47.33 -0.73
CA THR M 92 9.06 -47.96 -1.28
C THR M 92 10.19 -46.97 -1.53
N THR M 93 10.05 -45.73 -1.12
CA THR M 93 11.18 -44.80 -1.14
C THR M 93 11.60 -44.44 0.27
N GLU M 94 10.64 -44.27 1.17
CA GLU M 94 10.92 -44.09 2.59
C GLU M 94 11.60 -45.32 3.17
N ASP M 95 11.11 -46.51 2.85
CA ASP M 95 11.71 -47.73 3.39
C ASP M 95 13.07 -48.01 2.77
N CYS M 96 13.24 -47.53 1.55
CA CYS M 96 14.45 -47.66 0.77
C CYS M 96 15.49 -46.65 1.16
N GLY M 97 15.17 -45.78 2.12
CA GLY M 97 16.07 -44.76 2.61
C GLY M 97 16.42 -44.99 4.05
N ILE M 98 15.50 -45.62 4.78
CA ILE M 98 15.78 -46.05 6.14
C ILE M 98 16.83 -47.15 6.14
N ALA M 99 16.66 -48.14 5.28
CA ALA M 99 17.63 -49.22 5.22
C ALA M 99 18.94 -48.80 4.59
N LEU M 100 18.94 -47.72 3.79
CA LEU M 100 20.16 -47.23 3.20
C LEU M 100 20.92 -46.31 4.13
N GLY M 101 20.24 -45.75 5.14
CA GLY M 101 20.95 -45.08 6.21
C GLY M 101 21.51 -46.06 7.22
N GLN M 102 20.81 -47.17 7.45
CA GLN M 102 21.32 -48.19 8.37
C GLN M 102 22.54 -48.89 7.81
N ALA M 103 22.59 -49.10 6.50
CA ALA M 103 23.76 -49.75 5.90
C ALA M 103 24.96 -48.83 5.93
N PHE M 104 24.75 -47.52 5.75
CA PHE M 104 25.83 -46.57 5.93
C PHE M 104 26.25 -46.46 7.39
N LYS M 105 25.32 -46.65 8.32
CA LYS M 105 25.68 -46.54 9.73
C LYS M 105 26.49 -47.74 10.19
N GLU M 106 26.10 -48.94 9.78
CA GLU M 106 26.81 -50.13 10.21
C GLU M 106 28.14 -50.30 9.51
N ALA M 107 28.35 -49.60 8.39
CA ALA M 107 29.61 -49.73 7.68
C ALA M 107 30.72 -48.93 8.32
N LEU M 108 30.39 -47.87 9.06
CA LEU M 108 31.38 -47.16 9.87
C LEU M 108 30.90 -47.23 11.32
N GLY M 109 31.49 -48.12 12.09
CA GLY M 109 31.10 -48.26 13.47
C GLY M 109 31.66 -47.16 14.35
N ALA M 110 32.97 -47.13 14.51
CA ALA M 110 33.64 -46.17 15.37
C ALA M 110 33.83 -44.87 14.59
N VAL M 111 33.13 -43.82 15.00
CA VAL M 111 33.37 -42.50 14.44
C VAL M 111 34.54 -41.93 15.21
N ARG M 112 35.76 -42.23 14.76
CA ARG M 112 36.96 -41.63 15.31
C ARG M 112 38.03 -41.65 14.23
N GLY M 113 38.89 -40.64 14.28
CA GLY M 113 39.88 -40.47 13.23
C GLY M 113 39.30 -39.96 11.93
N VAL M 114 38.13 -39.33 11.97
CA VAL M 114 37.49 -38.82 10.77
C VAL M 114 37.36 -37.31 10.88
N LYS M 115 37.16 -36.66 9.73
CA LYS M 115 37.04 -35.21 9.69
C LYS M 115 35.80 -34.72 10.40
N ARG M 116 34.71 -35.51 10.35
CA ARG M 116 33.40 -35.34 10.96
C ARG M 116 32.57 -34.24 10.30
N PHE M 117 33.20 -33.35 9.51
CA PHE M 117 32.50 -32.23 8.90
C PHE M 117 32.83 -32.25 7.41
N GLY M 118 31.86 -32.65 6.59
CA GLY M 118 31.98 -32.57 5.16
C GLY M 118 31.00 -31.55 4.63
N SER M 119 31.48 -30.73 3.71
CA SER M 119 30.64 -29.79 2.98
C SER M 119 30.88 -30.01 1.50
N GLY M 120 29.79 -30.12 0.75
CA GLY M 120 29.95 -30.34 -0.67
C GLY M 120 29.04 -29.49 -1.51
N PHE M 121 29.61 -28.68 -2.38
CA PHE M 121 28.88 -28.01 -3.43
C PHE M 121 28.98 -28.85 -4.71
N ALA M 122 27.89 -28.93 -5.43
CA ALA M 122 27.92 -29.59 -6.73
C ALA M 122 26.94 -28.92 -7.66
N PRO M 123 27.37 -28.50 -8.84
CA PRO M 123 26.43 -27.96 -9.82
C PRO M 123 25.97 -29.03 -10.79
N LEU M 124 24.84 -28.76 -11.41
CA LEU M 124 24.44 -29.52 -12.59
C LEU M 124 23.63 -28.54 -13.45
N ASP M 125 24.33 -27.80 -14.31
CA ASP M 125 23.76 -27.14 -15.48
C ASP M 125 22.64 -26.17 -15.10
N GLU M 126 23.05 -25.10 -14.39
CA GLU M 126 22.38 -23.96 -13.75
C GLU M 126 21.77 -24.29 -12.40
N ALA M 127 21.76 -25.54 -11.96
CA ALA M 127 21.33 -25.85 -10.62
C ALA M 127 22.56 -25.92 -9.72
N LEU M 128 22.39 -25.50 -8.46
CA LEU M 128 23.51 -25.46 -7.52
C LEU M 128 23.01 -25.85 -6.15
N SER M 129 23.56 -26.94 -5.61
CA SER M 129 23.16 -27.47 -4.32
C SER M 129 24.37 -27.60 -3.43
N ARG M 130 24.22 -27.23 -2.17
CA ARG M 130 25.23 -27.56 -1.17
C ARG M 130 24.66 -28.58 -0.20
N ALA M 131 25.55 -29.37 0.37
CA ALA M 131 25.16 -30.33 1.39
C ALA M 131 26.24 -30.33 2.44
N VAL M 132 25.85 -30.14 3.68
CA VAL M 132 26.79 -30.33 4.79
C VAL M 132 26.33 -31.54 5.57
N VAL M 133 27.26 -32.19 6.24
CA VAL M 133 27.00 -33.43 6.96
C VAL M 133 27.85 -33.40 8.23
N ASP M 134 27.40 -34.09 9.27
CA ASP M 134 27.97 -33.85 10.59
C ASP M 134 28.45 -35.11 11.29
N LEU M 135 27.91 -36.28 10.97
CA LEU M 135 28.31 -37.58 11.54
C LEU M 135 28.21 -37.64 13.07
N SER M 136 27.38 -36.80 13.68
CA SER M 136 27.15 -36.82 15.12
C SER M 136 25.88 -37.61 15.41
N ASN M 137 25.89 -38.42 16.47
CA ASN M 137 24.86 -39.44 16.65
C ASN M 137 23.48 -38.91 16.93
N ARG M 138 23.20 -37.64 16.90
CA ARG M 138 21.80 -37.23 16.82
C ARG M 138 21.40 -37.04 15.36
N PRO M 139 20.32 -37.64 14.92
CA PRO M 139 19.89 -37.46 13.52
C PRO M 139 19.16 -36.14 13.34
N TYR M 140 19.43 -35.49 12.20
CA TYR M 140 18.70 -34.28 11.87
C TYR M 140 18.77 -34.07 10.38
N ALA M 141 17.72 -33.47 9.81
CA ALA M 141 17.65 -33.31 8.36
C ALA M 141 16.92 -32.03 8.01
N VAL M 142 17.63 -31.08 7.41
CA VAL M 142 17.06 -29.83 6.93
C VAL M 142 17.23 -29.82 5.42
N VAL M 143 16.22 -30.30 4.71
CA VAL M 143 16.29 -30.51 3.27
C VAL M 143 15.39 -29.49 2.60
N GLU M 144 15.97 -28.53 1.90
CA GLU M 144 15.22 -27.42 1.33
C GLU M 144 15.38 -27.36 -0.18
N LEU M 145 15.24 -28.50 -0.85
CA LEU M 145 15.14 -28.58 -2.30
C LEU M 145 13.85 -27.91 -2.76
N GLY M 146 13.95 -26.77 -3.43
CA GLY M 146 12.73 -26.14 -3.85
C GLY M 146 12.29 -26.62 -5.21
N LEU M 147 11.44 -27.65 -5.22
CA LEU M 147 11.07 -28.35 -6.44
C LEU M 147 9.66 -27.94 -6.81
N GLN M 148 9.51 -27.33 -7.99
CA GLN M 148 8.22 -26.85 -8.48
C GLN M 148 7.61 -27.82 -9.49
N ARG M 149 7.77 -29.11 -9.22
CA ARG M 149 7.28 -30.18 -10.05
C ARG M 149 6.55 -31.15 -9.14
N GLU M 150 5.63 -31.95 -9.70
CA GLU M 150 4.94 -32.94 -8.88
C GLU M 150 5.50 -34.34 -9.02
N LYS M 151 5.97 -34.74 -10.20
CA LYS M 151 6.60 -36.04 -10.39
C LYS M 151 7.73 -35.87 -11.39
N VAL M 152 8.84 -36.56 -11.18
CA VAL M 152 9.94 -36.40 -12.12
C VAL M 152 9.86 -37.43 -13.24
N GLY M 153 10.09 -38.70 -12.94
CA GLY M 153 9.68 -39.70 -13.91
C GLY M 153 8.78 -40.75 -13.30
N ASP M 154 9.16 -41.18 -12.10
CA ASP M 154 8.34 -42.02 -11.26
C ASP M 154 8.35 -41.60 -9.80
N LEU M 155 9.42 -40.95 -9.32
CA LEU M 155 9.40 -40.33 -8.02
C LEU M 155 8.38 -39.21 -7.98
N SER M 156 7.74 -39.07 -6.83
CA SER M 156 6.70 -38.09 -6.64
C SER M 156 7.21 -36.76 -6.14
N CYS M 157 8.52 -36.52 -6.19
CA CYS M 157 9.15 -35.20 -6.13
C CYS M 157 8.98 -34.47 -4.78
N GLU M 158 8.17 -35.01 -3.89
CA GLU M 158 8.15 -34.66 -2.49
C GLU M 158 8.78 -35.76 -1.68
N MET M 159 9.02 -36.91 -2.29
CA MET M 159 9.76 -37.97 -1.66
C MET M 159 11.26 -37.78 -1.73
N ILE M 160 11.74 -36.95 -2.64
CA ILE M 160 13.15 -36.61 -2.74
C ILE M 160 13.65 -35.89 -1.48
N PRO M 161 12.91 -34.97 -0.84
CA PRO M 161 13.32 -34.56 0.50
C PRO M 161 13.05 -35.60 1.55
N HIS M 162 12.02 -36.42 1.36
CA HIS M 162 11.63 -37.41 2.35
C HIS M 162 12.57 -38.60 2.36
N PHE M 163 13.26 -38.84 1.25
CA PHE M 163 14.32 -39.83 1.21
C PHE M 163 15.51 -39.38 2.04
N LEU M 164 15.94 -38.14 1.86
CA LEU M 164 17.07 -37.61 2.59
C LEU M 164 16.74 -37.36 4.04
N GLU M 165 15.46 -37.16 4.35
CA GLU M 165 15.01 -37.08 5.74
C GLU M 165 15.23 -38.40 6.45
N SER M 166 14.75 -39.50 5.85
CA SER M 166 14.89 -40.80 6.47
C SER M 166 16.30 -41.36 6.37
N PHE M 167 17.09 -40.88 5.41
CA PHE M 167 18.48 -41.29 5.35
C PHE M 167 19.26 -40.74 6.53
N ALA M 168 19.12 -39.45 6.80
CA ALA M 168 19.79 -38.86 7.96
C ALA M 168 19.21 -39.35 9.27
N GLU M 169 17.94 -39.76 9.27
CA GLU M 169 17.27 -40.26 10.46
C GLU M 169 17.86 -41.60 10.90
N ALA M 170 17.96 -42.55 9.98
CA ALA M 170 18.40 -43.89 10.31
C ALA M 170 19.91 -44.04 10.29
N SER M 171 20.65 -43.09 9.72
CA SER M 171 22.09 -43.12 9.73
C SER M 171 22.69 -42.34 10.88
N ARG M 172 21.87 -41.63 11.66
CA ARG M 172 22.29 -40.86 12.82
C ARG M 172 23.30 -39.78 12.44
N ILE M 173 22.97 -39.00 11.41
CA ILE M 173 23.80 -37.88 10.99
C ILE M 173 22.91 -36.64 10.92
N THR M 174 23.56 -35.49 11.02
CA THR M 174 22.89 -34.20 10.84
C THR M 174 23.21 -33.70 9.45
N LEU M 175 22.19 -33.26 8.73
CA LEU M 175 22.29 -33.03 7.30
C LEU M 175 21.51 -31.79 6.92
N HIS M 176 22.18 -30.88 6.20
CA HIS M 176 21.56 -29.69 5.62
C HIS M 176 21.81 -29.72 4.13
N VAL M 177 20.79 -30.03 3.35
CA VAL M 177 20.87 -29.99 1.89
C VAL M 177 19.95 -28.89 1.40
N ASP M 178 20.49 -27.97 0.61
CA ASP M 178 19.78 -26.78 0.17
C ASP M 178 20.18 -26.47 -1.26
N CYS M 179 19.22 -26.48 -2.18
CA CYS M 179 19.48 -26.10 -3.55
C CYS M 179 19.42 -24.58 -3.68
N LEU M 180 20.51 -24.00 -4.13
CA LEU M 180 20.66 -22.55 -4.11
C LEU M 180 19.98 -21.89 -5.31
N ARG M 181 19.97 -22.57 -6.45
CA ARG M 181 19.34 -22.04 -7.66
C ARG M 181 19.05 -23.20 -8.58
N GLY M 182 18.39 -22.91 -9.69
CA GLY M 182 18.09 -23.90 -10.70
C GLY M 182 16.62 -23.86 -11.06
N LYS M 183 16.32 -24.21 -12.31
CA LYS M 183 14.93 -24.19 -12.73
C LYS M 183 14.55 -25.43 -13.54
N ASN M 184 15.38 -26.46 -13.47
CA ASN M 184 15.09 -27.79 -13.99
C ASN M 184 15.21 -28.74 -12.81
N ASP M 185 14.15 -29.49 -12.53
CA ASP M 185 14.09 -30.24 -11.29
C ASP M 185 14.72 -31.62 -11.38
N HIS M 186 15.02 -32.12 -12.57
CA HIS M 186 15.99 -33.21 -12.67
C HIS M 186 17.36 -32.71 -12.27
N HIS M 187 17.73 -31.54 -12.81
CA HIS M 187 19.00 -30.90 -12.46
C HIS M 187 19.06 -30.52 -11.01
N ARG M 188 17.96 -30.03 -10.46
CA ARG M 188 17.97 -29.53 -9.10
C ARG M 188 18.03 -30.68 -8.10
N SER M 189 17.44 -31.83 -8.42
CA SER M 189 17.47 -32.94 -7.47
C SER M 189 18.71 -33.80 -7.63
N GLU M 190 19.28 -33.89 -8.82
CA GLU M 190 20.49 -34.68 -8.99
C GLU M 190 21.69 -33.97 -8.42
N SER M 191 21.70 -32.64 -8.48
CA SER M 191 22.79 -31.88 -7.90
C SER M 191 22.80 -31.97 -6.39
N ALA M 192 21.64 -32.23 -5.78
CA ALA M 192 21.58 -32.43 -4.34
C ALA M 192 22.21 -33.75 -3.93
N PHE M 193 21.98 -34.81 -4.70
CA PHE M 193 22.61 -36.09 -4.41
C PHE M 193 24.08 -36.10 -4.80
N LYS M 194 24.47 -35.30 -5.77
CA LYS M 194 25.89 -35.16 -6.08
C LYS M 194 26.61 -34.31 -5.05
N ALA M 195 25.91 -33.39 -4.40
CA ALA M 195 26.50 -32.59 -3.36
C ALA M 195 26.65 -33.37 -2.06
N LEU M 196 25.67 -34.24 -1.77
CA LEU M 196 25.77 -35.11 -0.61
C LEU M 196 26.89 -36.12 -0.76
N ALA M 197 27.17 -36.53 -1.99
CA ALA M 197 28.26 -37.45 -2.22
C ALA M 197 29.62 -36.81 -1.95
N VAL M 198 29.73 -35.51 -2.16
CA VAL M 198 30.98 -34.82 -1.86
C VAL M 198 31.13 -34.65 -0.35
N ALA M 199 30.02 -34.44 0.35
CA ALA M 199 30.09 -34.14 1.77
C ALA M 199 30.38 -35.39 2.61
N ILE M 200 29.76 -36.51 2.27
CA ILE M 200 30.03 -37.77 2.96
C ILE M 200 31.45 -38.23 2.72
N ARG M 201 31.95 -38.02 1.49
CA ARG M 201 33.34 -38.33 1.17
C ARG M 201 34.30 -37.47 1.97
N GLU M 202 33.91 -36.23 2.28
CA GLU M 202 34.78 -35.32 3.00
C GLU M 202 34.69 -35.54 4.51
N ALA M 203 33.53 -35.93 5.01
CA ALA M 203 33.40 -36.17 6.45
C ALA M 203 33.99 -37.51 6.85
N THR M 204 33.73 -38.55 6.09
CA THR M 204 34.38 -39.84 6.32
C THR M 204 35.68 -39.78 5.56
N SER M 205 36.73 -39.33 6.23
CA SER M 205 38.03 -39.16 5.60
C SER M 205 39.10 -39.44 6.64
N PRO M 206 40.27 -39.89 6.23
CA PRO M 206 41.33 -40.15 7.21
C PRO M 206 41.92 -38.87 7.78
N ASN M 207 41.28 -38.37 8.86
CA ASN M 207 41.84 -37.26 9.62
C ASN M 207 43.23 -37.59 10.17
N GLY M 208 43.43 -38.81 10.61
CA GLY M 208 44.64 -39.17 11.32
C GLY M 208 44.52 -38.88 12.80
N THR M 209 45.57 -39.28 13.51
CA THR M 209 45.85 -39.10 14.94
C THR M 209 44.92 -39.88 15.88
N ASN M 210 43.88 -40.55 15.37
CA ASN M 210 43.07 -41.54 16.09
C ASN M 210 42.42 -40.95 17.34
N ASP M 211 41.51 -40.01 17.11
CA ASP M 211 40.82 -39.36 18.20
C ASP M 211 39.37 -39.09 17.80
N VAL M 212 38.45 -39.36 18.72
CA VAL M 212 37.04 -39.11 18.49
C VAL M 212 36.79 -37.60 18.52
N PRO M 213 36.35 -37.01 17.40
CA PRO M 213 36.37 -35.53 17.29
C PRO M 213 35.15 -34.87 17.92
N SER M 214 35.12 -34.83 19.24
CA SER M 214 33.98 -34.23 19.93
C SER M 214 34.42 -33.66 21.25
N THR M 215 33.69 -32.63 21.70
CA THR M 215 33.87 -32.08 23.03
C THR M 215 33.44 -33.08 24.11
N LYS M 216 32.27 -33.67 23.93
CA LYS M 216 31.73 -34.59 24.92
C LYS M 216 32.35 -35.98 24.84
N GLY M 217 33.26 -36.21 23.88
CA GLY M 217 34.02 -37.44 23.81
C GLY M 217 33.27 -38.66 23.34
N VAL M 218 31.99 -38.53 22.97
CA VAL M 218 31.16 -39.67 22.59
C VAL M 218 30.63 -39.42 21.18
N LEU M 219 31.10 -40.22 20.23
CA LEU M 219 30.52 -40.26 18.90
C LEU M 219 30.48 -41.72 18.44
N GLU N 3 -25.10 -39.93 45.26
CA GLU N 3 -23.75 -39.57 45.70
C GLU N 3 -23.41 -38.12 45.40
N GLN N 4 -23.37 -37.78 44.11
CA GLN N 4 -22.99 -36.45 43.66
C GLN N 4 -24.25 -35.64 43.38
N LYS N 5 -24.87 -35.16 44.46
CA LYS N 5 -26.08 -34.36 44.37
C LYS N 5 -25.90 -33.09 45.18
N ALA N 6 -26.56 -32.03 44.73
CA ALA N 6 -26.55 -30.76 45.42
C ALA N 6 -27.78 -29.97 45.02
N LEU N 7 -28.24 -29.11 45.93
CA LEU N 7 -29.33 -28.18 45.64
C LEU N 7 -28.92 -26.80 46.11
N VAL N 8 -29.13 -25.80 45.26
CA VAL N 8 -28.70 -24.43 45.51
C VAL N 8 -29.90 -23.52 45.33
N LYS N 9 -30.24 -22.77 46.38
CA LYS N 9 -31.34 -21.81 46.36
C LYS N 9 -30.73 -20.43 46.50
N ARG N 10 -30.55 -19.75 45.38
CA ARG N 10 -29.91 -18.43 45.35
C ARG N 10 -30.98 -17.37 45.22
N ILE N 11 -31.10 -16.51 46.23
CA ILE N 11 -32.19 -15.56 46.35
C ILE N 11 -31.59 -14.16 46.41
N THR N 12 -31.84 -13.37 45.38
CA THR N 12 -31.43 -11.97 45.34
C THR N 12 -32.62 -11.12 44.94
N ASN N 13 -32.44 -9.80 44.94
CA ASN N 13 -33.55 -8.90 44.65
C ASN N 13 -33.85 -8.78 43.16
N GLU N 14 -33.11 -9.49 42.31
CA GLU N 14 -33.38 -9.55 40.89
C GLU N 14 -33.98 -10.88 40.47
N THR N 15 -33.39 -11.98 40.89
CA THR N 15 -33.85 -13.32 40.53
C THR N 15 -33.98 -14.17 41.78
N LYS N 16 -34.81 -15.21 41.67
CA LYS N 16 -34.87 -16.27 42.67
C LYS N 16 -34.59 -17.58 41.96
N ILE N 17 -33.60 -18.32 42.45
CA ILE N 17 -33.07 -19.48 41.76
C ILE N 17 -33.30 -20.70 42.65
N GLN N 18 -33.53 -21.85 42.04
CA GLN N 18 -33.45 -23.11 42.77
C GLN N 18 -32.96 -24.17 41.78
N ILE N 19 -31.73 -24.64 41.97
CA ILE N 19 -31.10 -25.58 41.06
C ILE N 19 -30.75 -26.84 41.83
N ALA N 20 -31.33 -27.96 41.43
CA ALA N 20 -30.98 -29.27 41.95
C ALA N 20 -30.29 -30.05 40.85
N ILE N 21 -29.13 -30.63 41.18
CA ILE N 21 -28.29 -31.30 40.20
C ILE N 21 -27.95 -32.68 40.71
N SER N 22 -27.74 -33.61 39.79
CA SER N 22 -27.17 -34.92 40.10
C SER N 22 -26.21 -35.27 38.98
N LEU N 23 -24.92 -35.36 39.30
CA LEU N 23 -23.93 -35.57 38.24
C LEU N 23 -23.93 -36.99 37.73
N LYS N 24 -24.26 -37.96 38.58
CA LYS N 24 -24.26 -39.36 38.18
C LYS N 24 -25.57 -39.78 37.53
N GLY N 25 -26.50 -38.85 37.32
CA GLY N 25 -27.78 -39.17 36.70
C GLY N 25 -28.84 -39.54 37.70
N GLY N 26 -29.73 -40.45 37.32
CA GLY N 26 -30.76 -40.91 38.21
C GLY N 26 -31.92 -39.94 38.32
N PRO N 27 -32.80 -40.16 39.29
CA PRO N 27 -33.95 -39.28 39.48
C PRO N 27 -33.67 -38.08 40.36
N LEU N 28 -34.50 -37.06 40.19
CA LEU N 28 -34.49 -35.87 41.03
C LEU N 28 -35.89 -35.31 41.16
N ALA N 29 -36.15 -34.69 42.30
CA ALA N 29 -37.39 -33.97 42.54
C ALA N 29 -37.06 -32.73 43.35
N ILE N 30 -38.09 -31.94 43.65
CA ILE N 30 -37.95 -30.81 44.56
C ILE N 30 -39.04 -30.90 45.62
N GLU N 31 -38.63 -30.91 46.89
CA GLU N 31 -39.58 -31.05 47.98
C GLU N 31 -40.44 -29.81 48.16
N HIS N 32 -39.93 -28.64 47.77
CA HIS N 32 -40.69 -27.40 47.89
C HIS N 32 -40.21 -26.46 46.81
N SER N 33 -40.97 -26.35 45.72
CA SER N 33 -40.57 -25.58 44.56
C SER N 33 -40.87 -24.10 44.77
N ILE N 34 -40.35 -23.27 43.85
CA ILE N 34 -40.60 -21.83 43.91
C ILE N 34 -41.66 -21.36 42.93
N PHE N 35 -42.04 -22.18 41.95
CA PHE N 35 -43.15 -21.80 41.10
C PHE N 35 -44.47 -22.04 41.83
N PRO N 36 -45.51 -21.24 41.56
CA PRO N 36 -46.80 -21.49 42.19
C PRO N 36 -47.46 -22.76 41.66
N GLU N 37 -48.06 -23.51 42.59
CA GLU N 37 -48.76 -24.78 42.35
C GLU N 37 -47.84 -25.81 41.68
N LYS N 38 -46.79 -26.16 42.43
CA LYS N 38 -45.75 -27.13 42.06
C LYS N 38 -45.08 -26.81 40.73
N ALA N 44 -38.12 -27.74 27.22
CA ALA N 44 -36.89 -28.52 27.39
C ALA N 44 -36.96 -29.42 28.62
N GLU N 45 -37.70 -30.52 28.52
CA GLU N 45 -37.89 -31.45 29.62
C GLU N 45 -37.70 -32.87 29.11
N GLN N 46 -36.65 -33.54 29.58
CA GLN N 46 -36.39 -34.93 29.22
C GLN N 46 -36.37 -35.76 30.49
N ALA N 47 -37.19 -36.81 30.53
CA ALA N 47 -37.36 -37.61 31.75
C ALA N 47 -37.39 -39.10 31.41
N THR N 48 -36.43 -39.56 30.61
CA THR N 48 -36.50 -40.90 30.03
C THR N 48 -35.67 -41.86 30.88
N GLN N 49 -36.12 -42.11 32.12
CA GLN N 49 -35.83 -43.30 32.92
C GLN N 49 -34.37 -43.50 33.34
N SER N 50 -33.46 -42.65 32.87
CA SER N 50 -32.05 -42.76 33.25
C SER N 50 -31.62 -41.46 33.90
N GLN N 51 -32.02 -40.34 33.29
CA GLN N 51 -31.76 -39.01 33.83
C GLN N 51 -33.00 -38.16 33.60
N VAL N 52 -33.26 -37.25 34.53
CA VAL N 52 -34.37 -36.31 34.41
C VAL N 52 -33.82 -34.90 34.39
N ILE N 53 -34.03 -34.20 33.28
CA ILE N 53 -33.56 -32.83 33.12
C ILE N 53 -34.73 -31.96 32.73
N ASN N 54 -35.01 -30.95 33.55
CA ASN N 54 -36.20 -30.11 33.43
C ASN N 54 -35.78 -28.70 33.82
N VAL N 55 -35.53 -27.87 32.82
CA VAL N 55 -35.06 -26.52 33.03
C VAL N 55 -36.21 -25.55 32.74
N HIS N 56 -36.47 -24.64 33.68
CA HIS N 56 -37.51 -23.64 33.52
C HIS N 56 -36.91 -22.30 33.90
N THR N 57 -36.27 -21.64 32.95
CA THR N 57 -35.94 -20.23 33.05
C THR N 57 -36.91 -19.45 32.19
N GLY N 58 -36.89 -18.13 32.33
CA GLY N 58 -37.77 -17.31 31.52
C GLY N 58 -37.33 -17.22 30.07
N ILE N 59 -36.09 -17.59 29.78
CA ILE N 59 -35.52 -17.52 28.44
C ILE N 59 -35.62 -18.90 27.84
N GLY N 60 -36.22 -19.01 26.65
CA GLY N 60 -36.41 -20.30 26.03
C GLY N 60 -35.17 -20.86 25.38
N PHE N 61 -34.34 -20.00 24.80
CA PHE N 61 -33.12 -20.48 24.17
C PHE N 61 -32.05 -20.81 25.19
N LEU N 62 -32.07 -20.15 26.34
CA LEU N 62 -31.17 -20.48 27.43
C LEU N 62 -31.62 -21.72 28.18
N ASP N 63 -32.91 -22.07 28.10
CA ASP N 63 -33.35 -23.40 28.52
C ASP N 63 -32.73 -24.48 27.65
N HIS N 64 -32.65 -24.22 26.35
CA HIS N 64 -32.18 -25.22 25.41
C HIS N 64 -30.68 -25.45 25.51
N MET N 65 -29.93 -24.48 26.02
CA MET N 65 -28.50 -24.64 26.14
C MET N 65 -28.10 -25.34 27.41
N ILE N 66 -28.84 -25.13 28.50
CA ILE N 66 -28.62 -25.89 29.71
C ILE N 66 -29.12 -27.32 29.53
N HIS N 67 -30.15 -27.50 28.69
CA HIS N 67 -30.69 -28.83 28.44
C HIS N 67 -29.69 -29.69 27.65
N ALA N 68 -29.12 -29.13 26.59
CA ALA N 68 -28.12 -29.83 25.80
C ALA N 68 -26.82 -30.03 26.58
N LEU N 69 -26.56 -29.15 27.55
CA LEU N 69 -25.42 -29.34 28.44
C LEU N 69 -25.61 -30.53 29.35
N ALA N 70 -26.79 -30.66 29.94
CA ALA N 70 -27.02 -31.73 30.88
C ALA N 70 -27.41 -33.03 30.21
N LYS N 71 -27.90 -32.98 28.97
CA LYS N 71 -28.25 -34.22 28.27
C LYS N 71 -27.00 -35.00 27.89
N HIS N 72 -25.96 -34.32 27.45
CA HIS N 72 -24.75 -34.98 27.00
C HIS N 72 -23.67 -35.01 28.08
N SER N 73 -24.02 -34.67 29.32
CA SER N 73 -23.13 -34.83 30.45
C SER N 73 -23.50 -36.00 31.35
N GLY N 74 -24.66 -36.61 31.14
CA GLY N 74 -25.12 -37.61 32.07
C GLY N 74 -25.73 -37.05 33.32
N TRP N 75 -26.11 -35.78 33.31
CA TRP N 75 -26.65 -35.11 34.49
C TRP N 75 -28.15 -35.33 34.60
N SER N 76 -28.62 -35.27 35.84
CA SER N 76 -30.00 -34.94 36.13
C SER N 76 -30.01 -33.54 36.70
N LEU N 77 -30.87 -32.67 36.17
CA LEU N 77 -30.76 -31.26 36.49
C LEU N 77 -32.12 -30.59 36.43
N ILE N 78 -32.54 -29.99 37.53
CA ILE N 78 -33.77 -29.21 37.58
C ILE N 78 -33.37 -27.76 37.85
N VAL N 79 -33.80 -26.86 36.96
CA VAL N 79 -33.46 -25.45 37.05
C VAL N 79 -34.76 -24.66 37.12
N GLU N 80 -34.88 -23.81 38.15
CA GLU N 80 -36.03 -22.94 38.32
C GLU N 80 -35.52 -21.53 38.55
N CYS N 81 -35.80 -20.65 37.61
CA CYS N 81 -35.40 -19.29 37.76
C CYS N 81 -36.56 -18.35 37.54
N ILE N 82 -36.89 -17.62 38.60
CA ILE N 82 -37.91 -16.58 38.52
C ILE N 82 -37.16 -15.27 38.43
N GLY N 83 -37.02 -14.74 37.22
CA GLY N 83 -36.24 -13.54 37.01
C GLY N 83 -36.99 -12.42 36.36
N ASP N 84 -36.45 -11.21 36.44
CA ASP N 84 -37.09 -10.04 35.87
C ASP N 84 -36.85 -9.98 34.36
N LEU N 85 -37.93 -10.00 33.59
CA LEU N 85 -37.84 -9.98 32.15
C LEU N 85 -38.44 -8.73 31.53
N HIS N 86 -38.93 -7.79 32.33
CA HIS N 86 -39.30 -6.49 31.78
C HIS N 86 -38.05 -5.65 31.53
N ILE N 87 -37.00 -5.91 32.31
CA ILE N 87 -35.62 -5.51 32.07
C ILE N 87 -35.07 -6.53 31.09
N ASP N 88 -33.85 -6.34 30.56
CA ASP N 88 -33.31 -7.33 29.63
C ASP N 88 -32.98 -8.66 30.33
N ASP N 89 -32.45 -9.58 29.54
CA ASP N 89 -32.17 -10.93 29.98
C ASP N 89 -30.78 -11.12 30.59
N HIS N 90 -30.06 -10.05 30.90
CA HIS N 90 -28.74 -10.22 31.48
C HIS N 90 -28.83 -10.71 32.91
N HIS N 91 -29.66 -10.05 33.72
CA HIS N 91 -29.69 -10.34 35.15
C HIS N 91 -30.28 -11.71 35.44
N THR N 92 -31.01 -12.30 34.50
CA THR N 92 -31.56 -13.63 34.67
C THR N 92 -30.81 -14.70 33.89
N THR N 93 -29.71 -14.35 33.25
CA THR N 93 -28.83 -15.35 32.67
C THR N 93 -27.51 -15.43 33.40
N GLU N 94 -26.98 -14.28 33.80
CA GLU N 94 -25.81 -14.23 34.66
C GLU N 94 -26.09 -14.88 36.01
N ASP N 95 -27.11 -14.39 36.69
CA ASP N 95 -27.46 -14.84 38.02
C ASP N 95 -27.68 -16.31 37.95
N CYS N 96 -28.31 -16.74 36.88
CA CYS N 96 -28.62 -18.13 36.66
C CYS N 96 -27.42 -19.00 36.33
N GLY N 97 -26.34 -18.40 35.86
CA GLY N 97 -25.12 -19.12 35.51
C GLY N 97 -24.25 -19.30 36.74
N ILE N 98 -24.30 -18.35 37.64
CA ILE N 98 -23.58 -18.37 38.92
C ILE N 98 -24.11 -19.49 39.79
N ALA N 99 -25.42 -19.61 39.91
CA ALA N 99 -25.98 -20.66 40.74
C ALA N 99 -25.84 -22.03 40.10
N LEU N 100 -25.67 -22.10 38.79
CA LEU N 100 -25.47 -23.38 38.13
C LEU N 100 -24.02 -23.82 38.15
N GLY N 101 -23.09 -22.89 38.37
CA GLY N 101 -21.73 -23.28 38.68
C GLY N 101 -21.57 -23.69 40.13
N GLN N 102 -22.31 -23.07 41.04
CA GLN N 102 -22.25 -23.47 42.44
C GLN N 102 -22.85 -24.84 42.67
N ALA N 103 -23.90 -25.20 41.93
CA ALA N 103 -24.50 -26.52 42.09
C ALA N 103 -23.58 -27.59 41.55
N PHE N 104 -22.87 -27.30 40.46
CA PHE N 104 -21.86 -28.24 39.97
C PHE N 104 -20.67 -28.32 40.92
N LYS N 105 -20.35 -27.23 41.62
CA LYS N 105 -19.22 -27.24 42.53
C LYS N 105 -19.53 -28.04 43.78
N GLU N 106 -20.72 -27.88 44.34
CA GLU N 106 -21.07 -28.59 45.56
C GLU N 106 -21.39 -30.04 45.31
N ALA N 107 -21.64 -30.43 44.06
CA ALA N 107 -21.95 -31.81 43.77
C ALA N 107 -20.70 -32.69 43.72
N LEU N 108 -19.54 -32.10 43.43
CA LEU N 108 -18.27 -32.82 43.55
C LEU N 108 -17.41 -32.04 44.55
N GLY N 109 -17.36 -32.54 45.78
CA GLY N 109 -16.57 -31.87 46.78
C GLY N 109 -15.09 -32.11 46.62
N ALA N 110 -14.67 -33.36 46.82
CA ALA N 110 -13.26 -33.72 46.76
C ALA N 110 -12.88 -33.96 45.31
N VAL N 111 -12.04 -33.08 44.77
CA VAL N 111 -11.47 -33.32 43.44
C VAL N 111 -10.28 -34.24 43.64
N ARG N 112 -10.54 -35.55 43.65
CA ARG N 112 -9.48 -36.54 43.71
C ARG N 112 -9.99 -37.82 43.07
N GLY N 113 -9.08 -38.54 42.44
CA GLY N 113 -9.49 -39.70 41.67
C GLY N 113 -10.18 -39.39 40.37
N VAL N 114 -9.99 -38.18 39.84
CA VAL N 114 -10.62 -37.77 38.60
C VAL N 114 -9.54 -37.49 37.58
N LYS N 115 -9.94 -37.47 36.30
CA LYS N 115 -9.01 -37.24 35.21
C LYS N 115 -8.45 -35.82 35.25
N ARG N 116 -9.27 -34.85 35.69
CA ARG N 116 -9.02 -33.43 35.87
C ARG N 116 -8.91 -32.67 34.54
N PHE N 117 -8.72 -33.36 33.43
CA PHE N 117 -8.54 -32.72 32.13
C PHE N 117 -9.52 -33.36 31.17
N GLY N 118 -10.58 -32.63 30.82
CA GLY N 118 -11.49 -33.06 29.79
C GLY N 118 -11.39 -32.12 28.60
N SER N 119 -11.36 -32.70 27.42
CA SER N 119 -11.42 -31.95 26.17
C SER N 119 -12.55 -32.52 25.33
N GLY N 120 -13.40 -31.66 24.81
CA GLY N 120 -14.50 -32.13 24.03
C GLY N 120 -14.70 -31.34 22.75
N PHE N 121 -14.64 -32.02 21.62
CA PHE N 121 -15.08 -31.47 20.36
C PHE N 121 -16.51 -31.93 20.10
N ALA N 122 -17.32 -31.03 19.57
CA ALA N 122 -18.66 -31.40 19.18
C ALA N 122 -19.08 -30.59 17.97
N PRO N 123 -19.52 -31.23 16.89
CA PRO N 123 -20.04 -30.48 15.76
C PRO N 123 -21.55 -30.35 15.83
N LEU N 124 -22.05 -29.36 15.12
CA LEU N 124 -23.48 -29.30 14.83
C LEU N 124 -23.59 -28.60 13.48
N ASP N 125 -23.53 -29.39 12.40
CA ASP N 125 -24.03 -29.03 11.07
C ASP N 125 -23.34 -27.78 10.55
N GLU N 126 -22.03 -27.92 10.29
CA GLU N 126 -20.96 -27.02 9.83
C GLU N 126 -20.38 -26.16 10.95
N ALA N 127 -20.93 -26.18 12.15
CA ALA N 127 -20.29 -25.50 13.27
C ALA N 127 -19.44 -26.50 14.02
N LEU N 128 -18.32 -26.03 14.56
CA LEU N 128 -17.39 -26.90 15.27
C LEU N 128 -16.81 -26.16 16.46
N SER N 129 -17.04 -26.67 17.65
CA SER N 129 -16.59 -26.06 18.88
C SER N 129 -15.79 -27.06 19.68
N ARG N 130 -14.69 -26.60 20.27
CA ARG N 130 -14.00 -27.39 21.27
C ARG N 130 -14.15 -26.73 22.63
N ALA N 131 -14.08 -27.54 23.66
CA ALA N 131 -14.12 -27.03 25.02
C ALA N 131 -13.15 -27.85 25.83
N VAL N 132 -12.23 -27.19 26.52
CA VAL N 132 -11.38 -27.88 27.47
C VAL N 132 -11.77 -27.37 28.85
N VAL N 133 -11.53 -28.20 29.86
CA VAL N 133 -11.93 -27.91 31.23
C VAL N 133 -10.83 -28.45 32.14
N ASP N 134 -10.68 -27.85 33.31
CA ASP N 134 -9.47 -28.09 34.10
C ASP N 134 -9.73 -28.53 35.53
N LEU N 135 -10.88 -28.18 36.11
CA LEU N 135 -11.27 -28.57 37.48
C LEU N 135 -10.26 -28.14 38.56
N SER N 136 -9.45 -27.12 38.29
CA SER N 136 -8.51 -26.59 39.27
C SER N 136 -9.13 -25.37 39.94
N ASN N 137 -8.94 -25.23 41.26
CA ASN N 137 -9.74 -24.29 42.04
C ASN N 137 -9.48 -22.83 41.73
N ARG N 138 -8.70 -22.44 40.76
CA ARG N 138 -8.78 -21.06 40.29
C ARG N 138 -9.77 -20.98 39.13
N PRO N 139 -10.73 -20.07 39.17
CA PRO N 139 -11.68 -19.94 38.05
C PRO N 139 -11.07 -19.16 36.91
N TYR N 140 -11.35 -19.60 35.68
CA TYR N 140 -10.92 -18.85 34.52
C TYR N 140 -11.81 -19.22 33.35
N ALA N 141 -12.03 -18.27 32.44
CA ALA N 141 -12.95 -18.50 31.33
C ALA N 141 -12.48 -17.74 30.10
N VAL N 142 -12.10 -18.48 29.06
CA VAL N 142 -11.71 -17.92 27.78
C VAL N 142 -12.72 -18.40 26.76
N VAL N 143 -13.76 -17.61 26.53
CA VAL N 143 -14.89 -18.02 25.70
C VAL N 143 -14.87 -17.18 24.44
N GLU N 144 -14.56 -17.82 23.31
CA GLU N 144 -14.39 -17.11 22.05
C GLU N 144 -15.37 -17.59 20.99
N LEU N 145 -16.64 -17.71 21.35
CA LEU N 145 -17.72 -17.93 20.41
C LEU N 145 -17.87 -16.72 19.50
N GLY N 146 -17.54 -16.85 18.23
CA GLY N 146 -17.68 -15.70 17.38
C GLY N 146 -19.05 -15.61 16.77
N LEU N 147 -19.95 -14.89 17.44
CA LEU N 147 -21.36 -14.85 17.09
C LEU N 147 -21.65 -13.52 16.41
N GLN N 148 -22.09 -13.58 15.16
CA GLN N 148 -22.40 -12.38 14.37
C GLN N 148 -23.89 -12.11 14.34
N ARG N 149 -24.55 -12.32 15.47
CA ARG N 149 -25.97 -12.13 15.63
C ARG N 149 -26.15 -11.30 16.91
N GLU N 150 -27.28 -10.62 17.03
CA GLU N 150 -27.55 -9.86 18.25
C GLU N 150 -28.47 -10.56 19.22
N LYS N 151 -29.46 -11.32 18.74
CA LYS N 151 -30.34 -12.10 19.60
C LYS N 151 -30.68 -13.39 18.89
N VAL N 152 -30.75 -14.49 19.64
CA VAL N 152 -31.05 -15.75 18.96
C VAL N 152 -32.56 -16.01 18.94
N GLY N 153 -33.16 -16.29 20.08
CA GLY N 153 -34.60 -16.20 20.11
C GLY N 153 -35.10 -15.29 21.22
N ASP N 154 -34.48 -15.44 22.38
CA ASP N 154 -34.64 -14.53 23.51
C ASP N 154 -33.32 -14.19 24.18
N LEU N 155 -32.32 -15.07 24.14
CA LEU N 155 -30.98 -14.70 24.57
C LEU N 155 -30.43 -13.59 23.70
N SER N 156 -29.66 -12.71 24.32
CA SER N 156 -29.10 -11.57 23.65
C SER N 156 -27.73 -11.83 23.08
N CYS N 157 -27.31 -13.10 22.98
CA CYS N 157 -26.23 -13.57 22.11
C CYS N 157 -24.83 -13.05 22.49
N GLU N 158 -24.76 -12.11 23.42
CA GLU N 158 -23.54 -11.76 24.12
C GLU N 158 -23.59 -12.29 25.53
N MET N 159 -24.75 -12.77 25.96
CA MET N 159 -24.87 -13.45 27.23
C MET N 159 -24.45 -14.90 27.16
N ILE N 160 -24.42 -15.49 25.97
CA ILE N 160 -23.94 -16.86 25.78
C ILE N 160 -22.47 -16.99 26.16
N PRO N 161 -21.55 -16.05 25.86
CA PRO N 161 -20.24 -16.13 26.51
C PRO N 161 -20.28 -15.73 27.97
N HIS N 162 -21.19 -14.85 28.35
CA HIS N 162 -21.27 -14.34 29.71
C HIS N 162 -21.86 -15.37 30.66
N PHE N 163 -22.65 -16.31 30.13
CA PHE N 163 -23.12 -17.43 30.91
C PHE N 163 -21.98 -18.36 31.25
N LEU N 164 -21.16 -18.70 30.26
CA LEU N 164 -20.03 -19.60 30.47
C LEU N 164 -18.92 -18.93 31.25
N GLU N 165 -18.85 -17.61 31.20
CA GLU N 165 -17.93 -16.87 32.05
C GLU N 165 -18.29 -17.04 33.53
N SER N 166 -19.55 -16.81 33.87
CA SER N 166 -19.98 -16.94 35.26
C SER N 166 -20.12 -18.38 35.71
N PHE N 167 -20.28 -19.31 34.77
CA PHE N 167 -20.29 -20.71 35.14
C PHE N 167 -18.92 -21.16 35.61
N ALA N 168 -17.88 -20.85 34.84
CA ALA N 168 -16.53 -21.18 35.26
C ALA N 168 -16.08 -20.39 36.48
N GLU N 169 -16.64 -19.19 36.65
CA GLU N 169 -16.30 -18.33 37.78
C GLU N 169 -16.77 -18.93 39.10
N ALA N 170 -18.03 -19.32 39.16
CA ALA N 170 -18.62 -19.81 40.40
C ALA N 170 -18.40 -21.30 40.63
N SER N 171 -18.00 -22.03 39.61
CA SER N 171 -17.68 -23.44 39.76
C SER N 171 -16.22 -23.71 40.03
N ARG N 172 -15.37 -22.67 39.98
CA ARG N 172 -13.93 -22.75 40.24
C ARG N 172 -13.25 -23.72 39.27
N ILE N 173 -13.51 -23.55 37.98
CA ILE N 173 -12.86 -24.33 36.94
C ILE N 173 -12.25 -23.38 35.93
N THR N 174 -11.26 -23.87 35.21
CA THR N 174 -10.65 -23.15 34.10
C THR N 174 -11.21 -23.71 32.80
N LEU N 175 -11.65 -22.83 31.91
CA LEU N 175 -12.47 -23.21 30.79
C LEU N 175 -12.06 -22.42 29.55
N HIS N 176 -11.80 -23.14 28.46
CA HIS N 176 -11.52 -22.56 27.15
C HIS N 176 -12.53 -23.13 26.17
N VAL N 177 -13.52 -22.32 25.79
CA VAL N 177 -14.48 -22.72 24.76
C VAL N 177 -14.29 -21.83 23.56
N ASP N 178 -14.09 -22.45 22.39
CA ASP N 178 -13.74 -21.72 21.18
C ASP N 178 -14.44 -22.40 20.00
N CYS N 179 -15.30 -21.66 19.31
CA CYS N 179 -15.94 -22.19 18.11
C CYS N 179 -15.02 -22.01 16.92
N LEU N 180 -14.68 -23.11 16.27
CA LEU N 180 -13.66 -23.12 15.25
C LEU N 180 -14.20 -22.65 13.91
N ARG N 181 -15.46 -22.96 13.61
CA ARG N 181 -16.08 -22.57 12.36
C ARG N 181 -17.58 -22.59 12.54
N GLY N 182 -18.29 -22.15 11.51
CA GLY N 182 -19.75 -22.18 11.52
C GLY N 182 -20.29 -20.83 11.13
N LYS N 183 -21.46 -20.84 10.51
CA LYS N 183 -22.06 -19.57 10.08
C LYS N 183 -23.55 -19.51 10.40
N ASN N 184 -24.02 -20.40 11.27
CA ASN N 184 -25.35 -20.35 11.86
C ASN N 184 -25.15 -20.29 13.36
N ASP N 185 -25.70 -19.28 14.00
CA ASP N 185 -25.35 -19.02 15.40
C ASP N 185 -26.21 -19.78 16.40
N HIS N 186 -27.32 -20.38 15.97
CA HIS N 186 -27.92 -21.44 16.76
C HIS N 186 -27.00 -22.65 16.78
N HIS N 187 -26.49 -23.02 15.60
CA HIS N 187 -25.54 -24.11 15.47
C HIS N 187 -24.24 -23.82 16.20
N ARG N 188 -23.78 -22.58 16.12
CA ARG N 188 -22.50 -22.24 16.70
C ARG N 188 -22.56 -22.20 18.22
N SER N 189 -23.69 -21.80 18.79
CA SER N 189 -23.78 -21.73 20.23
C SER N 189 -24.21 -23.05 20.87
N GLU N 190 -24.97 -23.87 20.15
CA GLU N 190 -25.36 -25.15 20.71
C GLU N 190 -24.20 -26.14 20.69
N SER N 191 -23.34 -26.03 19.69
CA SER N 191 -22.18 -26.90 19.62
C SER N 191 -21.19 -26.58 20.73
N ALA N 192 -21.20 -25.35 21.24
CA ALA N 192 -20.34 -24.99 22.36
C ALA N 192 -20.81 -25.65 23.64
N PHE N 193 -22.13 -25.68 23.86
CA PHE N 193 -22.65 -26.35 25.04
C PHE N 193 -22.60 -27.86 24.90
N LYS N 194 -22.65 -28.38 23.68
CA LYS N 194 -22.46 -29.82 23.50
C LYS N 194 -21.01 -30.21 23.64
N ALA N 195 -20.08 -29.30 23.35
CA ALA N 195 -18.66 -29.58 23.54
C ALA N 195 -18.26 -29.51 25.00
N LEU N 196 -18.86 -28.59 25.74
CA LEU N 196 -18.62 -28.50 27.19
C LEU N 196 -19.17 -29.72 27.90
N ALA N 197 -20.24 -30.30 27.39
CA ALA N 197 -20.80 -31.50 27.99
C ALA N 197 -19.87 -32.70 27.82
N VAL N 198 -19.11 -32.74 26.73
CA VAL N 198 -18.15 -33.81 26.55
C VAL N 198 -16.94 -33.62 27.46
N ALA N 199 -16.56 -32.37 27.70
CA ALA N 199 -15.34 -32.10 28.46
C ALA N 199 -15.55 -32.32 29.95
N ILE N 200 -16.69 -31.89 30.50
CA ILE N 200 -17.00 -32.12 31.91
C ILE N 200 -17.18 -33.60 32.18
N ARG N 201 -17.77 -34.33 31.24
CA ARG N 201 -17.90 -35.77 31.35
C ARG N 201 -16.54 -36.46 31.36
N GLU N 202 -15.57 -35.89 30.63
CA GLU N 202 -14.26 -36.49 30.54
C GLU N 202 -13.37 -36.10 31.72
N ALA N 203 -13.55 -34.90 32.25
CA ALA N 203 -12.73 -34.48 33.39
C ALA N 203 -13.22 -35.10 34.69
N THR N 204 -14.53 -35.11 34.90
CA THR N 204 -15.10 -35.81 36.06
C THR N 204 -15.31 -37.24 35.60
N SER N 205 -14.30 -38.07 35.82
CA SER N 205 -14.33 -39.45 35.36
C SER N 205 -13.56 -40.28 36.37
N PRO N 206 -13.89 -41.56 36.51
CA PRO N 206 -13.14 -42.40 37.46
C PRO N 206 -11.75 -42.72 36.98
N ASN N 207 -10.80 -41.84 37.28
CA ASN N 207 -9.38 -42.11 37.04
C ASN N 207 -8.92 -43.36 37.77
N GLY N 208 -9.40 -43.57 38.98
CA GLY N 208 -8.88 -44.63 39.82
C GLY N 208 -7.68 -44.16 40.62
N THR N 209 -7.22 -45.08 41.48
CA THR N 209 -6.04 -45.02 42.34
C THR N 209 -6.12 -43.99 43.47
N ASN N 210 -7.16 -43.15 43.53
CA ASN N 210 -7.52 -42.29 44.67
C ASN N 210 -6.38 -41.33 45.03
N ASP N 211 -6.10 -40.42 44.11
CA ASP N 211 -5.06 -39.43 44.34
C ASP N 211 -5.47 -38.10 43.75
N VAL N 212 -5.22 -37.03 44.50
CA VAL N 212 -5.52 -35.67 44.05
C VAL N 212 -4.53 -35.29 42.95
N PRO N 213 -5.00 -35.06 41.72
CA PRO N 213 -4.08 -34.96 40.57
C PRO N 213 -3.46 -33.57 40.42
N SER N 214 -2.51 -33.25 41.29
CA SER N 214 -1.87 -31.95 41.23
C SER N 214 -0.46 -32.02 41.76
N THR N 215 0.39 -31.13 41.26
CA THR N 215 1.73 -30.97 41.78
C THR N 215 1.70 -30.40 43.21
N LYS N 216 0.92 -29.35 43.42
CA LYS N 216 0.86 -28.71 44.72
C LYS N 216 -0.01 -29.46 45.72
N GLY N 217 -0.63 -30.57 45.31
CA GLY N 217 -1.34 -31.43 46.22
C GLY N 217 -2.67 -30.93 46.72
N VAL N 218 -3.12 -29.76 46.27
CA VAL N 218 -4.35 -29.14 46.77
C VAL N 218 -5.27 -28.91 45.58
N LEU N 219 -6.37 -29.65 45.54
CA LEU N 219 -7.47 -29.37 44.63
C LEU N 219 -8.79 -29.57 45.37
N GLU O 3 -1.25 30.42 57.83
CA GLU O 3 -0.39 29.24 57.99
C GLU O 3 0.46 28.98 56.76
N GLN O 4 -0.20 28.69 55.63
CA GLN O 4 0.49 28.35 54.39
C GLN O 4 0.55 29.59 53.51
N LYS O 5 1.49 30.47 53.84
CA LYS O 5 1.71 31.70 53.11
C LYS O 5 3.18 31.83 52.76
N ALA O 6 3.45 32.48 51.63
CA ALA O 6 4.81 32.73 51.17
C ALA O 6 4.78 33.92 50.23
N LEU O 7 5.89 34.65 50.19
CA LEU O 7 6.09 35.73 49.24
C LEU O 7 7.45 35.56 48.59
N VAL O 8 7.49 35.68 47.26
CA VAL O 8 8.69 35.45 46.47
C VAL O 8 8.92 36.66 45.59
N LYS O 9 10.09 37.29 45.74
CA LYS O 9 10.48 38.44 44.94
C LYS O 9 11.66 38.02 44.09
N ARG O 10 11.39 37.66 42.83
CA ARG O 10 12.41 37.16 41.92
C ARG O 10 12.81 38.28 40.97
N ILE O 11 14.07 38.69 41.03
CA ILE O 11 14.55 39.87 40.34
C ILE O 11 15.68 39.44 39.41
N THR O 12 15.46 39.52 38.11
CA THR O 12 16.47 39.25 37.10
C THR O 12 16.50 40.40 36.11
N ASN O 13 17.45 40.35 35.17
CA ASN O 13 17.61 41.45 34.22
C ASN O 13 16.59 41.43 33.10
N GLU O 14 15.67 40.46 33.09
CA GLU O 14 14.58 40.41 32.14
C GLU O 14 13.25 40.78 32.77
N THR O 15 12.93 40.18 33.91
CA THR O 15 11.67 40.42 34.59
C THR O 15 11.92 40.75 36.05
N LYS O 16 10.95 41.43 36.66
CA LYS O 16 10.91 41.60 38.11
C LYS O 16 9.59 41.05 38.60
N ILE O 17 9.64 40.14 39.56
CA ILE O 17 8.48 39.35 39.97
C ILE O 17 8.23 39.65 41.44
N GLN O 18 6.96 39.63 41.83
CA GLN O 18 6.62 39.58 43.25
C GLN O 18 5.33 38.80 43.38
N ILE O 19 5.41 37.61 43.96
CA ILE O 19 4.28 36.69 44.07
C ILE O 19 4.03 36.41 45.53
N ALA O 20 2.86 36.78 46.02
CA ALA O 20 2.41 36.44 47.36
C ALA O 20 1.26 35.44 47.23
N ILE O 21 1.36 34.34 47.97
CA ILE O 21 0.40 33.24 47.85
C ILE O 21 -0.11 32.89 49.25
N SER O 22 -1.33 32.39 49.30
CA SER O 22 -1.88 31.79 50.50
C SER O 22 -2.69 30.58 50.06
N LEU O 23 -2.25 29.39 50.45
CA LEU O 23 -2.90 28.18 49.97
C LEU O 23 -4.22 27.93 50.66
N LYS O 24 -4.37 28.34 51.90
CA LYS O 24 -5.60 28.13 52.65
C LYS O 24 -6.63 29.21 52.39
N GLY O 25 -6.35 30.17 51.51
CA GLY O 25 -7.30 31.23 51.21
C GLY O 25 -7.08 32.44 52.08
N GLY O 26 -8.17 33.14 52.41
CA GLY O 26 -8.09 34.30 53.27
C GLY O 26 -7.61 35.53 52.55
N PRO O 27 -7.28 36.58 53.29
CA PRO O 27 -6.81 37.82 52.68
C PRO O 27 -5.31 37.85 52.44
N LEU O 28 -4.92 38.72 51.52
CA LEU O 28 -3.52 39.01 51.23
C LEU O 28 -3.36 40.45 50.80
N ALA O 29 -2.20 41.01 51.10
CA ALA O 29 -1.82 42.34 50.64
C ALA O 29 -0.33 42.31 50.33
N ILE O 30 0.19 43.44 49.89
CA ILE O 30 1.62 43.61 49.69
C ILE O 30 2.05 44.90 50.39
N GLU O 31 3.02 44.77 51.30
CA GLU O 31 3.47 45.93 52.07
C GLU O 31 4.25 46.92 51.23
N HIS O 32 4.89 46.46 50.15
CA HIS O 32 5.65 47.34 49.27
C HIS O 32 5.65 46.72 47.88
N SER O 33 4.79 47.24 47.00
CA SER O 33 4.60 46.66 45.67
C SER O 33 5.69 47.14 44.72
N ILE O 34 5.73 46.52 43.55
CA ILE O 34 6.70 46.90 42.52
C ILE O 34 6.10 47.77 41.42
N PHE O 35 4.78 47.85 41.32
CA PHE O 35 4.19 48.77 40.37
C PHE O 35 4.25 50.19 40.92
N PRO O 36 4.37 51.21 40.08
CA PRO O 36 4.35 52.59 40.58
C PRO O 36 2.98 52.99 41.09
N GLU O 37 2.97 53.70 42.23
CA GLU O 37 1.78 54.21 42.92
C GLU O 37 0.82 53.08 43.29
N LYS O 38 1.34 52.19 44.13
CA LYS O 38 0.64 51.00 44.67
C LYS O 38 0.09 50.09 43.58
N ALA O 44 -8.41 40.30 35.60
CA ALA O 44 -8.55 39.08 36.38
C ALA O 44 -8.31 39.33 37.85
N GLU O 45 -9.29 39.91 38.53
CA GLU O 45 -9.21 40.25 39.95
C GLU O 45 -10.49 39.81 40.64
N GLN O 46 -10.39 38.84 41.53
CA GLN O 46 -11.52 38.36 42.32
C GLN O 46 -11.20 38.55 43.79
N ALA O 47 -12.08 39.26 44.50
CA ALA O 47 -11.81 39.60 45.90
C ALA O 47 -13.06 39.42 46.75
N THR O 48 -13.72 38.27 46.62
CA THR O 48 -15.06 38.09 47.20
C THR O 48 -14.94 37.37 48.55
N GLN O 49 -14.34 38.06 49.52
CA GLN O 49 -14.54 37.83 50.95
C GLN O 49 -14.06 36.48 51.51
N SER O 50 -13.60 35.58 50.66
CA SER O 50 -13.09 34.29 51.10
C SER O 50 -11.65 34.14 50.64
N GLN O 51 -11.40 34.49 49.39
CA GLN O 51 -10.08 34.48 48.81
C GLN O 51 -9.93 35.72 47.94
N VAL O 52 -8.71 36.26 47.87
CA VAL O 52 -8.41 37.41 47.04
C VAL O 52 -7.33 37.00 46.04
N ILE O 53 -7.67 37.04 44.76
CA ILE O 53 -6.74 36.67 43.70
C ILE O 53 -6.69 37.81 42.69
N ASN O 54 -5.48 38.35 42.51
CA ASN O 54 -5.27 39.56 41.71
C ASN O 54 -3.94 39.37 40.99
N VAL O 55 -4.02 39.00 39.73
CA VAL O 55 -2.84 38.72 38.94
C VAL O 55 -2.63 39.86 37.94
N HIS O 56 -1.42 40.40 37.91
CA HIS O 56 -1.08 41.46 36.97
C HIS O 56 0.24 41.10 36.32
N THR O 57 0.16 40.34 35.24
CA THR O 57 1.27 40.17 34.33
C THR O 57 0.98 41.01 33.09
N GLY O 58 1.99 41.14 32.23
CA GLY O 58 1.78 41.88 31.01
C GLY O 58 0.94 41.16 29.98
N ILE O 59 0.76 39.85 30.16
CA ILE O 59 0.01 39.02 29.24
C ILE O 59 -1.39 38.84 29.81
N GLY O 60 -2.41 39.16 29.02
CA GLY O 60 -3.77 39.08 29.52
C GLY O 60 -4.33 37.69 29.59
N PHE O 61 -3.97 36.84 28.63
CA PHE O 61 -4.46 35.47 28.65
C PHE O 61 -3.73 34.62 29.68
N LEU O 62 -2.48 34.96 29.99
CA LEU O 62 -1.74 34.29 31.05
C LEU O 62 -2.18 34.78 32.42
N ASP O 63 -2.76 35.97 32.51
CA ASP O 63 -3.47 36.36 33.73
C ASP O 63 -4.67 35.47 33.96
N HIS O 64 -5.39 35.13 32.90
CA HIS O 64 -6.62 34.38 33.02
C HIS O 64 -6.37 32.92 33.37
N MET O 65 -5.19 32.40 33.08
CA MET O 65 -4.90 31.01 33.40
C MET O 65 -4.39 30.84 34.82
N ILE O 66 -3.66 31.82 35.34
CA ILE O 66 -3.28 31.79 36.74
C ILE O 66 -4.50 32.11 37.61
N HIS O 67 -5.44 32.90 37.08
CA HIS O 67 -6.64 33.24 37.83
C HIS O 67 -7.54 32.02 37.99
N ALA O 68 -7.77 31.29 36.90
CA ALA O 68 -8.59 30.08 36.96
C ALA O 68 -7.88 28.97 37.74
N LEU O 69 -6.56 29.01 37.79
CA LEU O 69 -5.81 28.08 38.63
C LEU O 69 -6.03 28.36 40.11
N ALA O 70 -5.97 29.62 40.50
CA ALA O 70 -6.10 29.95 41.91
C ALA O 70 -7.55 30.04 42.35
N LYS O 71 -8.48 30.25 41.42
CA LYS O 71 -9.89 30.32 41.83
C LYS O 71 -10.41 28.96 42.23
N HIS O 72 -10.01 27.91 41.51
CA HIS O 72 -10.51 26.57 41.79
C HIS O 72 -9.54 25.76 42.64
N SER O 73 -8.53 26.40 43.21
CA SER O 73 -7.64 25.76 44.17
C SER O 73 -7.90 26.21 45.61
N GLY O 74 -8.71 27.24 45.82
CA GLY O 74 -8.86 27.79 47.14
C GLY O 74 -7.74 28.71 47.54
N TRP O 75 -6.96 29.19 46.57
CA TRP O 75 -5.81 30.03 46.85
C TRP O 75 -6.20 31.49 46.96
N SER O 76 -5.42 32.24 47.72
CA SER O 76 -5.30 33.67 47.59
C SER O 76 -3.94 33.93 46.96
N LEU O 77 -3.91 34.74 45.89
CA LEU O 77 -2.70 34.84 45.10
C LEU O 77 -2.60 36.21 44.46
N ILE O 78 -1.50 36.91 44.73
CA ILE O 78 -1.21 38.19 44.10
C ILE O 78 0.04 38.01 43.26
N VAL O 79 -0.05 38.31 41.97
CA VAL O 79 1.05 38.14 41.04
C VAL O 79 1.35 39.49 40.40
N GLU O 80 2.61 39.91 40.49
CA GLU O 80 3.06 41.15 39.88
C GLU O 80 4.31 40.84 39.05
N CYS O 81 4.18 40.98 37.75
CA CYS O 81 5.32 40.76 36.89
C CYS O 81 5.54 41.92 35.98
N ILE O 82 6.70 42.55 36.13
CA ILE O 82 7.13 43.62 35.26
C ILE O 82 8.14 43.00 34.29
N GLY O 83 7.68 42.65 33.10
CA GLY O 83 8.52 41.95 32.15
C GLY O 83 8.67 42.66 30.83
N ASP O 84 9.67 42.26 30.06
CA ASP O 84 9.93 42.87 28.76
C ASP O 84 8.97 42.31 27.71
N LEU O 85 8.18 43.19 27.10
CA LEU O 85 7.21 42.79 26.11
C LEU O 85 7.49 43.36 24.73
N HIS O 86 8.58 44.11 24.55
CA HIS O 86 9.01 44.46 23.21
C HIS O 86 9.69 43.28 22.54
N ILE O 87 10.29 42.41 23.33
CA ILE O 87 10.71 41.05 22.99
C ILE O 87 9.44 40.20 23.12
N ASP O 88 9.48 38.93 22.72
CA ASP O 88 8.27 38.10 22.85
C ASP O 88 7.93 37.80 24.31
N ASP O 89 6.88 37.04 24.48
CA ASP O 89 6.31 36.72 25.79
C ASP O 89 6.92 35.50 26.45
N HIS O 90 8.03 34.97 25.94
CA HIS O 90 8.61 33.78 26.58
C HIS O 90 9.25 34.14 27.90
N HIS O 91 10.08 35.19 27.90
CA HIS O 91 10.86 35.50 29.09
C HIS O 91 10.00 36.00 30.24
N THR O 92 8.79 36.44 29.97
CA THR O 92 7.88 36.89 31.01
C THR O 92 6.77 35.89 31.29
N THR O 93 6.82 34.71 30.70
CA THR O 93 5.91 33.65 31.10
C THR O 93 6.66 32.51 31.76
N GLU O 94 7.86 32.20 31.24
CA GLU O 94 8.74 31.26 31.91
C GLU O 94 9.18 31.76 33.28
N ASP O 95 9.77 32.94 33.29
CA ASP O 95 10.31 33.53 34.49
C ASP O 95 9.20 33.59 35.49
N CYS O 96 8.03 33.92 35.01
CA CYS O 96 6.85 34.04 35.84
C CYS O 96 6.30 32.72 36.36
N GLY O 97 6.62 31.62 35.69
CA GLY O 97 6.16 30.31 36.08
C GLY O 97 7.07 29.70 37.11
N ILE O 98 8.35 30.04 37.05
CA ILE O 98 9.38 29.62 37.99
C ILE O 98 9.12 30.21 39.37
N ALA O 99 8.81 31.50 39.42
CA ALA O 99 8.55 32.12 40.70
C ALA O 99 7.21 31.72 41.27
N LEU O 100 6.28 31.26 40.44
CA LEU O 100 5.00 30.80 40.93
C LEU O 100 5.04 29.35 41.38
N GLY O 101 6.03 28.59 40.93
CA GLY O 101 6.28 27.30 41.55
C GLY O 101 7.04 27.42 42.85
N GLN O 102 7.93 28.40 42.95
CA GLN O 102 8.65 28.61 44.21
C GLN O 102 7.75 29.11 45.31
N ALA O 103 6.75 29.93 44.98
CA ALA O 103 5.83 30.43 45.99
C ALA O 103 4.92 29.32 46.48
N PHE O 104 4.52 28.41 45.58
CA PHE O 104 3.78 27.23 46.01
C PHE O 104 4.64 26.28 46.82
N LYS O 105 5.94 26.23 46.52
CA LYS O 105 6.82 25.32 47.25
C LYS O 105 7.08 25.82 48.67
N GLU O 106 7.31 27.12 48.83
CA GLU O 106 7.60 27.65 50.15
C GLU O 106 6.36 27.76 51.02
N ALA O 107 5.18 27.70 50.41
CA ALA O 107 3.95 27.81 51.20
C ALA O 107 3.60 26.51 51.89
N LEU O 108 4.06 25.37 51.36
CA LEU O 108 3.94 24.10 52.07
C LEU O 108 5.34 23.55 52.26
N GLY O 109 5.88 23.72 53.46
CA GLY O 109 7.22 23.23 53.73
C GLY O 109 7.27 21.73 53.92
N ALA O 110 6.65 21.25 55.00
CA ALA O 110 6.67 19.84 55.34
C ALA O 110 5.58 19.13 54.55
N VAL O 111 5.98 18.27 53.61
CA VAL O 111 5.03 17.42 52.93
C VAL O 111 4.81 16.22 53.83
N ARG O 112 3.87 16.34 54.76
CA ARG O 112 3.46 15.23 55.60
C ARG O 112 2.03 15.48 56.04
N GLY O 113 1.30 14.39 56.21
CA GLY O 113 -0.11 14.50 56.50
C GLY O 113 -0.95 14.91 55.34
N VAL O 114 -0.46 14.73 54.11
CA VAL O 114 -1.19 15.11 52.92
C VAL O 114 -1.46 13.87 52.09
N LYS O 115 -2.44 13.98 51.18
CA LYS O 115 -2.81 12.87 50.32
C LYS O 115 -1.71 12.46 49.37
N ARG O 116 -0.92 13.44 48.90
CA ARG O 116 0.24 13.38 48.02
C ARG O 116 -0.14 13.06 46.57
N PHE O 117 -1.35 12.56 46.33
CA PHE O 117 -1.77 12.16 44.99
C PHE O 117 -3.11 12.85 44.71
N GLY O 118 -3.08 13.86 43.86
CA GLY O 118 -4.30 14.50 43.39
C GLY O 118 -4.46 14.23 41.91
N SER O 119 -5.68 13.88 41.52
CA SER O 119 -6.05 13.73 40.13
C SER O 119 -7.27 14.59 39.87
N GLY O 120 -7.23 15.39 38.81
CA GLY O 120 -8.35 16.25 38.53
C GLY O 120 -8.75 16.24 37.08
N PHE O 121 -9.98 15.86 36.79
CA PHE O 121 -10.59 16.07 35.49
C PHE O 121 -11.39 17.37 35.53
N ALA O 122 -11.33 18.11 34.46
CA ALA O 122 -12.16 19.30 34.35
C ALA O 122 -12.54 19.51 32.90
N PRO O 123 -13.82 19.65 32.59
CA PRO O 123 -14.22 19.98 31.23
C PRO O 123 -14.41 21.48 31.06
N LEU O 124 -14.35 21.90 29.81
CA LEU O 124 -14.83 23.24 29.45
C LEU O 124 -15.32 23.11 28.01
N ASP O 125 -16.59 22.75 27.86
CA ASP O 125 -17.38 22.98 26.64
C ASP O 125 -16.74 22.31 25.42
N GLU O 126 -16.72 20.98 25.46
CA GLU O 126 -16.19 19.92 24.59
C GLU O 126 -14.70 19.68 24.78
N ALA O 127 -13.99 20.47 25.56
CA ALA O 127 -12.61 20.16 25.90
C ALA O 127 -12.58 19.40 27.21
N LEU O 128 -11.63 18.47 27.33
CA LEU O 128 -11.52 17.64 28.51
C LEU O 128 -10.06 17.41 28.83
N SER O 129 -9.64 17.85 30.01
CA SER O 129 -8.26 17.74 30.44
C SER O 129 -8.20 17.04 31.78
N ARG O 130 -7.24 16.14 31.94
CA ARG O 130 -6.92 15.61 33.25
C ARG O 130 -5.56 16.11 33.69
N ALA O 131 -5.38 16.20 34.99
CA ALA O 131 -4.10 16.58 35.54
C ALA O 131 -3.88 15.73 36.78
N VAL O 132 -2.74 15.06 36.84
CA VAL O 132 -2.35 14.37 38.06
C VAL O 132 -1.13 15.10 38.60
N VAL O 133 -0.95 15.01 39.91
CA VAL O 133 0.12 15.72 40.61
C VAL O 133 0.63 14.80 41.71
N ASP O 134 1.90 14.97 42.10
CA ASP O 134 2.54 13.93 42.90
C ASP O 134 3.18 14.45 44.18
N LEU O 135 3.56 15.73 44.23
CA LEU O 135 4.18 16.37 45.41
C LEU O 135 5.43 15.67 45.93
N SER O 136 6.13 14.92 45.08
CA SER O 136 7.38 14.28 45.43
C SER O 136 8.54 15.14 44.96
N ASN O 137 9.58 15.25 45.77
CA ASN O 137 10.61 16.29 45.55
C ASN O 137 11.44 16.11 44.31
N ARG O 138 11.20 15.19 43.42
CA ARG O 138 11.80 15.29 42.10
C ARG O 138 10.82 16.00 41.16
N PRO O 139 11.26 17.04 40.46
CA PRO O 139 10.36 17.71 39.52
C PRO O 139 10.24 16.95 38.21
N TYR O 140 9.02 16.92 37.68
CA TYR O 140 8.82 16.32 36.37
C TYR O 140 7.55 16.90 35.77
N ALA O 141 7.52 17.00 34.44
CA ALA O 141 6.38 17.63 33.77
C ALA O 141 6.14 16.97 32.42
N VAL O 142 5.00 16.31 32.28
CA VAL O 142 4.58 15.70 31.02
C VAL O 142 3.31 16.42 30.58
N VAL O 143 3.46 17.46 29.79
CA VAL O 143 2.36 18.34 29.42
C VAL O 143 2.05 18.12 27.94
N GLU O 144 0.89 17.51 27.66
CA GLU O 144 0.54 17.14 26.31
C GLU O 144 -0.75 17.81 25.84
N LEU O 145 -0.85 19.12 26.07
CA LEU O 145 -1.90 19.93 25.50
C LEU O 145 -1.74 20.00 24.00
N GLY O 146 -2.64 19.39 23.24
CA GLY O 146 -2.47 19.45 21.81
C GLY O 146 -3.15 20.67 21.22
N LEU O 147 -2.40 21.74 21.08
CA LEU O 147 -2.93 23.05 20.70
C LEU O 147 -2.55 23.31 19.25
N GLN O 148 -3.56 23.46 18.39
CA GLN O 148 -3.36 23.70 16.97
C GLN O 148 -3.53 25.16 16.62
N ARG O 149 -3.04 26.03 17.49
CA ARG O 149 -3.10 27.47 17.35
C ARG O 149 -1.70 28.00 17.61
N GLU O 150 -1.39 29.20 17.09
CA GLU O 150 -0.09 29.78 17.37
C GLU O 150 -0.10 30.83 18.46
N LYS O 151 -1.17 31.61 18.60
CA LYS O 151 -1.30 32.58 19.68
C LYS O 151 -2.75 32.63 20.10
N VAL O 152 -3.00 32.76 21.41
CA VAL O 152 -4.39 32.78 21.83
C VAL O 152 -4.93 34.21 21.88
N GLY O 153 -4.46 35.02 22.83
CA GLY O 153 -4.69 36.44 22.65
C GLY O 153 -3.41 37.24 22.72
N ASP O 154 -2.57 36.89 23.66
CA ASP O 154 -1.20 37.37 23.77
C ASP O 154 -0.20 36.27 24.08
N LEU O 155 -0.61 35.20 24.78
CA LEU O 155 0.25 34.04 24.91
C LEU O 155 0.51 33.41 23.56
N SER O 156 1.72 32.88 23.42
CA SER O 156 2.16 32.31 22.16
C SER O 156 1.88 30.83 22.09
N CYS O 157 1.05 30.28 22.96
CA CYS O 157 0.37 28.99 22.80
C CYS O 157 1.29 27.77 22.79
N GLU O 158 2.60 27.99 22.76
CA GLU O 158 3.59 27.00 23.09
C GLU O 158 4.20 27.29 24.43
N MET O 159 3.92 28.46 24.98
CA MET O 159 4.31 28.79 26.33
C MET O 159 3.37 28.24 27.37
N ILE O 160 2.15 27.89 26.99
CA ILE O 160 1.19 27.25 27.88
C ILE O 160 1.68 25.89 28.36
N PRO O 161 2.32 25.03 27.54
CA PRO O 161 3.02 23.90 28.16
C PRO O 161 4.30 24.29 28.86
N HIS O 162 4.96 25.34 28.41
CA HIS O 162 6.24 25.76 28.97
C HIS O 162 6.06 26.44 30.30
N PHE O 163 4.88 26.99 30.56
CA PHE O 163 4.55 27.51 31.88
C PHE O 163 4.40 26.38 32.89
N LEU O 164 3.66 25.34 32.51
CA LEU O 164 3.44 24.21 33.40
C LEU O 164 4.69 23.37 33.55
N GLU O 165 5.58 23.42 32.56
CA GLU O 165 6.89 22.78 32.68
C GLU O 165 7.71 23.43 33.78
N SER O 166 7.83 24.76 33.75
CA SER O 166 8.62 25.46 34.75
C SER O 166 7.91 25.56 36.09
N PHE O 167 6.59 25.43 36.11
CA PHE O 167 5.88 25.38 37.38
C PHE O 167 6.21 24.11 38.14
N ALA O 168 6.12 22.96 37.48
CA ALA O 168 6.49 21.70 38.12
C ALA O 168 7.97 21.62 38.40
N GLU O 169 8.79 22.30 37.61
CA GLU O 169 10.24 22.30 37.79
C GLU O 169 10.64 22.99 39.08
N ALA O 170 10.14 24.20 39.30
CA ALA O 170 10.54 24.99 40.46
C ALA O 170 9.74 24.68 41.71
N SER O 171 8.60 24.00 41.58
CA SER O 171 7.83 23.59 42.73
C SER O 171 8.15 22.20 43.23
N ARG O 172 9.01 21.47 42.51
CA ARG O 172 9.46 20.12 42.87
C ARG O 172 8.29 19.15 42.97
N ILE O 173 7.44 19.14 41.93
CA ILE O 173 6.34 18.21 41.84
C ILE O 173 6.41 17.49 40.51
N THR O 174 5.80 16.32 40.45
CA THR O 174 5.65 15.56 39.22
C THR O 174 4.24 15.77 38.70
N LEU O 175 4.12 16.08 37.42
CA LEU O 175 2.90 16.59 36.85
C LEU O 175 2.66 16.00 35.47
N HIS O 176 1.48 15.44 35.27
CA HIS O 176 1.02 14.95 33.98
C HIS O 176 -0.27 15.66 33.63
N VAL O 177 -0.22 16.61 32.71
CA VAL O 177 -1.41 17.28 32.22
C VAL O 177 -1.60 16.92 30.75
N ASP O 178 -2.79 16.41 30.43
CA ASP O 178 -3.07 15.88 29.10
C ASP O 178 -4.50 16.23 28.73
N CYS O 179 -4.67 16.99 27.65
CA CYS O 179 -6.00 17.30 27.16
C CYS O 179 -6.50 16.16 26.30
N LEU O 180 -7.64 15.60 26.67
CA LEU O 180 -8.12 14.38 26.06
C LEU O 180 -8.86 14.65 24.77
N ARG O 181 -9.56 15.78 24.68
CA ARG O 181 -10.31 16.14 23.49
C ARG O 181 -10.52 17.64 23.50
N GLY O 182 -11.11 18.16 22.43
CA GLY O 182 -11.44 19.56 22.33
C GLY O 182 -10.91 20.13 21.05
N LYS O 183 -11.62 21.14 20.53
CA LYS O 183 -11.18 21.75 19.27
C LYS O 183 -11.24 23.28 19.32
N ASN O 184 -11.35 23.83 20.52
CA ASN O 184 -11.21 25.26 20.78
C ASN O 184 -10.08 25.40 21.78
N ASP O 185 -9.05 26.17 21.44
CA ASP O 185 -7.84 26.16 22.24
C ASP O 185 -7.85 27.14 23.40
N HIS O 186 -8.81 28.07 23.44
CA HIS O 186 -9.10 28.72 24.71
C HIS O 186 -9.71 27.71 25.68
N HIS O 187 -10.67 26.93 25.18
CA HIS O 187 -11.30 25.86 25.97
C HIS O 187 -10.30 24.80 26.36
N ARG O 188 -9.41 24.46 25.44
CA ARG O 188 -8.49 23.36 25.69
C ARG O 188 -7.42 23.76 26.70
N SER O 189 -7.00 25.02 26.71
CA SER O 189 -5.96 25.42 27.64
C SER O 189 -6.51 25.85 28.99
N GLU O 190 -7.74 26.36 29.03
CA GLU O 190 -8.32 26.74 30.32
C GLU O 190 -8.76 25.52 31.10
N SER O 191 -9.18 24.47 30.41
CA SER O 191 -9.56 23.24 31.09
C SER O 191 -8.36 22.55 31.70
N ALA O 192 -7.16 22.79 31.15
CA ALA O 192 -5.94 22.24 31.74
C ALA O 192 -5.60 22.92 33.05
N PHE O 193 -5.77 24.23 33.12
CA PHE O 193 -5.52 24.93 34.36
C PHE O 193 -6.63 24.71 35.38
N LYS O 194 -7.85 24.45 34.91
CA LYS O 194 -8.92 24.09 35.84
C LYS O 194 -8.76 22.65 36.34
N ALA O 195 -8.13 21.79 35.57
CA ALA O 195 -7.88 20.42 36.00
C ALA O 195 -6.72 20.36 36.99
N LEU O 196 -5.71 21.19 36.78
CA LEU O 196 -4.60 21.28 37.72
C LEU O 196 -5.05 21.85 39.06
N ALA O 197 -6.04 22.73 39.03
CA ALA O 197 -6.57 23.29 40.27
C ALA O 197 -7.29 22.24 41.10
N VAL O 198 -7.90 21.25 40.45
CA VAL O 198 -8.55 20.18 41.17
C VAL O 198 -7.52 19.22 41.76
N ALA O 199 -6.41 19.02 41.04
CA ALA O 199 -5.43 18.03 41.47
C ALA O 199 -4.58 18.53 42.64
N ILE O 200 -4.18 19.81 42.60
CA ILE O 200 -3.42 20.39 43.70
C ILE O 200 -4.27 20.47 44.96
N ARG O 201 -5.56 20.79 44.80
CA ARG O 201 -6.49 20.80 45.90
C ARG O 201 -6.65 19.41 46.51
N GLU O 202 -6.56 18.36 45.69
CA GLU O 202 -6.74 17.01 46.17
C GLU O 202 -5.45 16.44 46.77
N ALA O 203 -4.30 16.84 46.25
CA ALA O 203 -3.04 16.35 46.79
C ALA O 203 -2.67 17.05 48.08
N THR O 204 -2.81 18.36 48.13
CA THR O 204 -2.62 19.10 49.38
C THR O 204 -3.96 19.06 50.09
N SER O 205 -4.15 18.04 50.92
CA SER O 205 -5.41 17.85 51.60
C SER O 205 -5.11 17.25 52.96
N PRO O 206 -5.95 17.47 53.95
CA PRO O 206 -5.70 16.87 55.26
C PRO O 206 -5.95 15.38 55.29
N ASN O 207 -4.92 14.60 54.94
CA ASN O 207 -4.95 13.15 55.08
C ASN O 207 -5.20 12.74 56.52
N GLY O 208 -4.61 13.46 57.47
CA GLY O 208 -4.63 13.03 58.85
C GLY O 208 -3.49 12.09 59.16
N THR O 209 -3.39 11.73 60.45
CA THR O 209 -2.50 10.79 61.09
C THR O 209 -1.03 11.21 61.11
N ASN O 210 -0.65 12.31 60.46
CA ASN O 210 0.65 12.99 60.59
C ASN O 210 1.81 12.06 60.23
N ASP O 211 1.86 11.68 58.96
CA ASP O 211 2.92 10.80 58.50
C ASP O 211 3.33 11.20 57.09
N VAL O 212 4.63 11.22 56.85
CA VAL O 212 5.18 11.54 55.53
C VAL O 212 4.89 10.38 54.59
N PRO O 213 4.10 10.59 53.53
CA PRO O 213 3.57 9.46 52.76
C PRO O 213 4.55 8.95 51.70
N SER O 214 5.59 8.25 52.14
CA SER O 214 6.57 7.74 51.19
C SER O 214 7.20 6.48 51.74
N THR O 215 7.66 5.63 50.80
CA THR O 215 8.44 4.46 51.17
C THR O 215 9.80 4.85 51.72
N LYS O 216 10.49 5.75 51.05
CA LYS O 216 11.82 6.16 51.47
C LYS O 216 11.81 7.14 52.62
N GLY O 217 10.64 7.55 53.10
CA GLY O 217 10.52 8.36 54.29
C GLY O 217 10.91 9.81 54.14
N VAL O 218 11.30 10.27 52.96
CA VAL O 218 11.79 11.62 52.74
C VAL O 218 10.92 12.29 51.69
N LEU O 219 10.14 13.28 52.11
CA LEU O 219 9.45 14.17 51.19
C LEU O 219 9.53 15.58 51.73
N GLU P 3 60.78 16.62 17.33
CA GLU P 3 60.27 15.72 18.36
C GLU P 3 59.43 14.59 17.78
N GLN P 4 58.30 14.96 17.17
CA GLN P 4 57.35 14.00 16.62
C GLN P 4 57.60 13.85 15.13
N LYS P 5 58.64 13.10 14.79
CA LYS P 5 59.01 12.85 13.41
C LYS P 5 59.18 11.35 13.20
N ALA P 6 58.89 10.91 11.98
CA ALA P 6 59.05 9.52 11.60
C ALA P 6 59.19 9.45 10.09
N LEU P 7 59.92 8.43 9.63
CA LEU P 7 60.02 8.13 8.20
C LEU P 7 59.76 6.64 7.99
N VAL P 8 58.92 6.34 7.00
CA VAL P 8 58.49 4.98 6.73
C VAL P 8 58.75 4.67 5.27
N LYS P 9 59.55 3.64 5.01
CA LYS P 9 59.86 3.19 3.66
C LYS P 9 59.22 1.81 3.47
N ARG P 10 58.05 1.78 2.86
CA ARG P 10 57.30 0.54 2.68
C ARG P 10 57.48 0.05 1.26
N ILE P 11 58.09 -1.12 1.11
CA ILE P 11 58.52 -1.64 -0.19
C ILE P 11 57.82 -2.97 -0.41
N THR P 12 56.93 -3.02 -1.40
CA THR P 12 56.27 -4.25 -1.79
C THR P 12 56.36 -4.38 -3.31
N ASN P 13 55.88 -5.51 -3.83
CA ASN P 13 56.00 -5.77 -5.27
C ASN P 13 54.98 -5.02 -6.10
N GLU P 14 54.12 -4.23 -5.48
CA GLU P 14 53.18 -3.38 -6.18
C GLU P 14 53.57 -1.91 -6.13
N THR P 15 53.89 -1.41 -4.95
CA THR P 15 54.25 -0.02 -4.75
C THR P 15 55.55 0.08 -3.97
N LYS P 16 56.22 1.22 -4.12
CA LYS P 16 57.34 1.59 -3.27
C LYS P 16 57.01 2.93 -2.65
N ILE P 17 57.06 3.00 -1.31
CA ILE P 17 56.57 4.13 -0.56
C ILE P 17 57.74 4.73 0.21
N GLN P 18 57.73 6.04 0.39
CA GLN P 18 58.61 6.67 1.36
C GLN P 18 57.87 7.89 1.91
N ILE P 19 57.48 7.83 3.18
CA ILE P 19 56.69 8.86 3.82
C ILE P 19 57.45 9.39 5.02
N ALA P 20 57.79 10.68 4.98
CA ALA P 20 58.39 11.37 6.11
C ALA P 20 57.36 12.36 6.65
N ILE P 21 57.16 12.32 7.96
CA ILE P 21 56.11 13.12 8.59
C ILE P 21 56.73 13.88 9.75
N SER P 22 56.15 15.04 10.06
CA SER P 22 56.46 15.78 11.28
C SER P 22 55.15 16.36 11.78
N LEU P 23 54.71 15.90 12.95
CA LEU P 23 53.41 16.31 13.45
C LEU P 23 53.41 17.72 13.99
N LYS P 24 54.55 18.17 14.53
CA LYS P 24 54.64 19.51 15.09
C LYS P 24 54.97 20.56 14.05
N GLY P 25 55.07 20.19 12.77
CA GLY P 25 55.38 21.13 11.73
C GLY P 25 56.86 21.23 11.45
N GLY P 26 57.32 22.42 11.09
CA GLY P 26 58.73 22.65 10.84
C GLY P 26 59.16 22.14 9.48
N PRO P 27 60.48 22.08 9.27
CA PRO P 27 61.00 21.60 7.98
C PRO P 27 61.19 20.10 7.92
N LEU P 28 61.23 19.60 6.69
CA LEU P 28 61.53 18.21 6.40
C LEU P 28 62.25 18.09 5.07
N ALA P 29 63.09 17.08 4.97
CA ALA P 29 63.76 16.73 3.72
C ALA P 29 63.86 15.22 3.65
N ILE P 30 64.43 14.73 2.57
CA ILE P 30 64.74 13.31 2.42
C ILE P 30 66.19 13.17 2.01
N GLU P 31 66.96 12.41 2.80
CA GLU P 31 68.39 12.25 2.53
C GLU P 31 68.64 11.40 1.30
N HIS P 32 67.71 10.50 0.95
CA HIS P 32 67.87 9.65 -0.22
C HIS P 32 66.48 9.29 -0.74
N SER P 33 66.03 9.99 -1.78
CA SER P 33 64.68 9.84 -2.29
C SER P 33 64.58 8.61 -3.19
N ILE P 34 63.34 8.26 -3.55
CA ILE P 34 63.11 7.13 -4.44
C ILE P 34 62.79 7.56 -5.87
N PHE P 35 62.48 8.83 -6.10
CA PHE P 35 62.32 9.28 -7.48
C PHE P 35 63.68 9.48 -8.12
N PRO P 36 63.82 9.27 -9.43
CA PRO P 36 65.11 9.54 -10.09
C PRO P 36 65.43 11.02 -10.14
N GLU P 37 66.70 11.34 -9.88
CA GLU P 37 67.27 12.69 -9.87
C GLU P 37 66.54 13.60 -8.88
N LYS P 38 66.65 13.19 -7.61
CA LYS P 38 66.05 13.87 -6.45
C LYS P 38 64.55 14.08 -6.57
N ALA P 44 50.44 19.70 -5.63
CA ALA P 44 50.10 19.89 -4.22
C ALA P 44 51.36 19.99 -3.36
N GLU P 45 52.01 21.16 -3.41
CA GLU P 45 53.25 21.41 -2.68
C GLU P 45 53.15 22.76 -1.99
N GLN P 46 53.14 22.77 -0.66
CA GLN P 46 53.11 24.00 0.12
C GLN P 46 54.33 24.02 1.02
N ALA P 47 55.12 25.09 0.92
CA ALA P 47 56.38 25.16 1.64
C ALA P 47 56.58 26.55 2.27
N THR P 48 55.56 27.06 2.95
CA THR P 48 55.54 28.46 3.37
C THR P 48 56.02 28.57 4.81
N GLN P 49 57.30 28.26 5.04
CA GLN P 49 58.10 28.73 6.17
C GLN P 49 57.67 28.26 7.56
N SER P 50 56.56 27.55 7.67
CA SER P 50 56.10 27.04 8.95
C SER P 50 56.00 25.53 8.87
N GLN P 51 55.42 25.04 7.77
CA GLN P 51 55.31 23.62 7.49
C GLN P 51 55.57 23.41 6.02
N VAL P 52 56.16 22.27 5.67
CA VAL P 52 56.44 21.90 4.29
C VAL P 52 55.70 20.60 4.00
N ILE P 53 54.76 20.66 3.07
CA ILE P 53 53.98 19.49 2.68
C ILE P 53 54.06 19.32 1.18
N ASN P 54 54.56 18.17 0.75
CA ASN P 54 54.89 17.90 -0.64
C ASN P 54 54.55 16.43 -0.89
N VAL P 55 53.39 16.20 -1.49
CA VAL P 55 52.91 14.85 -1.74
C VAL P 55 53.03 14.55 -3.23
N HIS P 56 53.65 13.42 -3.54
CA HIS P 56 53.81 12.99 -4.93
C HIS P 56 53.39 11.53 -5.00
N THR P 57 52.10 11.30 -5.19
CA THR P 57 51.60 10.01 -5.60
C THR P 57 51.24 10.10 -7.08
N GLY P 58 50.95 8.95 -7.68
CA GLY P 58 50.57 8.95 -9.08
C GLY P 58 49.17 9.47 -9.32
N ILE P 59 48.36 9.57 -8.28
CA ILE P 59 46.98 10.03 -8.36
C ILE P 59 46.96 11.49 -7.95
N GLY P 60 46.39 12.34 -8.80
CA GLY P 60 46.39 13.76 -8.51
C GLY P 60 45.36 14.19 -7.50
N PHE P 61 44.20 13.55 -7.50
CA PHE P 61 43.17 13.90 -6.54
C PHE P 61 43.46 13.34 -5.17
N LEU P 62 44.19 12.22 -5.10
CA LEU P 62 44.63 11.68 -3.83
C LEU P 62 45.83 12.43 -3.28
N ASP P 63 46.57 13.14 -4.12
CA ASP P 63 47.53 14.12 -3.64
C ASP P 63 46.82 15.26 -2.93
N HIS P 64 45.69 15.70 -3.48
CA HIS P 64 44.99 16.85 -2.94
C HIS P 64 44.29 16.54 -1.62
N MET P 65 44.00 15.29 -1.35
CA MET P 65 43.34 14.94 -0.10
C MET P 65 44.31 14.73 1.03
N ILE P 66 45.51 14.22 0.74
CA ILE P 66 46.55 14.17 1.75
C ILE P 66 47.11 15.56 2.01
N HIS P 67 47.08 16.43 1.00
CA HIS P 67 47.57 17.80 1.17
C HIS P 67 46.65 18.60 2.09
N ALA P 68 45.33 18.52 1.85
CA ALA P 68 44.38 19.21 2.71
C ALA P 68 44.32 18.58 4.10
N LEU P 69 44.67 17.30 4.22
CA LEU P 69 44.77 16.68 5.53
C LEU P 69 45.95 17.24 6.31
N ALA P 70 47.10 17.39 5.67
CA ALA P 70 48.28 17.84 6.39
C ALA P 70 48.34 19.36 6.50
N LYS P 71 47.63 20.09 5.64
CA LYS P 71 47.65 21.54 5.75
C LYS P 71 46.88 22.00 6.98
N HIS P 72 45.75 21.37 7.27
CA HIS P 72 44.93 21.79 8.40
C HIS P 72 45.18 20.96 9.65
N SER P 73 46.24 20.15 9.65
CA SER P 73 46.67 19.45 10.85
C SER P 73 47.91 20.04 11.48
N GLY P 74 48.58 20.98 10.82
CA GLY P 74 49.85 21.45 11.31
C GLY P 74 51.00 20.53 11.00
N TRP P 75 50.84 19.62 10.05
CA TRP P 75 51.85 18.64 9.73
C TRP P 75 52.83 19.18 8.71
N SER P 76 54.05 18.65 8.77
CA SER P 76 54.95 18.64 7.63
C SER P 76 54.99 17.22 7.12
N LEU P 77 54.81 17.03 5.81
CA LEU P 77 54.59 15.69 5.30
C LEU P 77 55.10 15.58 3.87
N ILE P 78 56.02 14.64 3.64
CA ILE P 78 56.51 14.34 2.31
C ILE P 78 56.08 12.92 1.97
N VAL P 79 55.36 12.76 0.86
CA VAL P 79 54.84 11.47 0.44
C VAL P 79 55.38 11.18 -0.95
N GLU P 80 56.00 10.01 -1.10
CA GLU P 80 56.53 9.54 -2.37
C GLU P 80 56.02 8.14 -2.61
N CYS P 81 55.19 7.99 -3.62
CA CYS P 81 54.68 6.69 -3.95
C CYS P 81 54.88 6.37 -5.40
N ILE P 82 55.67 5.34 -5.65
CA ILE P 82 55.89 4.82 -6.99
C ILE P 82 55.01 3.59 -7.11
N GLY P 83 53.85 3.75 -7.73
CA GLY P 83 52.90 2.66 -7.79
C GLY P 83 52.48 2.30 -9.20
N ASP P 84 51.90 1.11 -9.36
CA ASP P 84 51.47 0.64 -10.67
C ASP P 84 50.14 1.29 -11.06
N LEU P 85 50.15 2.01 -12.17
CA LEU P 85 48.97 2.70 -12.64
C LEU P 85 48.46 2.18 -13.96
N HIS P 86 49.08 1.16 -14.54
CA HIS P 86 48.48 0.49 -15.69
C HIS P 86 47.36 -0.42 -15.23
N ILE P 87 47.45 -0.92 -14.00
CA ILE P 87 46.38 -1.53 -13.22
C ILE P 87 45.61 -0.35 -12.62
N ASP P 88 44.47 -0.60 -11.96
CA ASP P 88 43.73 0.51 -11.38
C ASP P 88 44.47 1.14 -10.19
N ASP P 89 43.83 2.14 -9.60
CA ASP P 89 44.41 2.93 -8.53
C ASP P 89 44.17 2.37 -7.14
N HIS P 90 43.70 1.13 -7.01
CA HIS P 90 43.46 0.60 -5.67
C HIS P 90 44.77 0.29 -4.98
N HIS P 91 45.66 -0.42 -5.65
CA HIS P 91 46.88 -0.89 -5.02
C HIS P 91 47.83 0.24 -4.66
N THR P 92 47.67 1.41 -5.26
CA THR P 92 48.50 2.56 -4.95
C THR P 92 47.78 3.60 -4.13
N THR P 93 46.58 3.32 -3.67
CA THR P 93 45.92 4.19 -2.70
C THR P 93 45.78 3.49 -1.36
N GLU P 94 45.47 2.19 -1.39
CA GLU P 94 45.48 1.37 -0.18
C GLU P 94 46.88 1.31 0.43
N ASP P 95 47.84 0.91 -0.38
CA ASP P 95 49.20 0.74 0.08
C ASP P 95 49.69 2.04 0.68
N CYS P 96 49.37 3.12 0.01
CA CYS P 96 49.77 4.47 0.41
C CYS P 96 49.14 5.03 1.69
N GLY P 97 48.03 4.46 2.10
CA GLY P 97 47.26 4.81 3.28
C GLY P 97 47.69 3.98 4.46
N ILE P 98 48.15 2.75 4.18
CA ILE P 98 48.75 1.93 5.22
C ILE P 98 50.05 2.54 5.71
N ALA P 99 50.90 2.96 4.79
CA ALA P 99 52.16 3.55 5.18
C ALA P 99 51.99 4.95 5.75
N LEU P 100 50.89 5.62 5.45
CA LEU P 100 50.64 6.94 6.01
C LEU P 100 49.98 6.85 7.37
N GLY P 101 49.36 5.72 7.70
CA GLY P 101 48.96 5.49 9.07
C GLY P 101 50.12 5.04 9.94
N GLN P 102 51.06 4.29 9.38
CA GLN P 102 52.23 3.88 10.14
C GLN P 102 53.15 5.05 10.46
N ALA P 103 53.25 6.02 9.55
CA ALA P 103 54.09 7.18 9.81
C ALA P 103 53.47 8.07 10.86
N PHE P 104 52.14 8.17 10.89
CA PHE P 104 51.47 8.89 11.97
C PHE P 104 51.58 8.12 13.28
N LYS P 105 51.63 6.79 13.23
CA LYS P 105 51.71 6.02 14.45
C LYS P 105 53.09 6.11 15.08
N GLU P 106 54.15 6.04 14.27
CA GLU P 106 55.50 6.10 14.81
C GLU P 106 55.89 7.51 15.22
N ALA P 107 55.17 8.52 14.75
CA ALA P 107 55.53 9.88 15.11
C ALA P 107 55.04 10.25 16.51
N LEU P 108 54.00 9.59 17.01
CA LEU P 108 53.60 9.74 18.39
C LEU P 108 53.67 8.35 19.05
N GLY P 109 54.74 8.11 19.79
CA GLY P 109 54.89 6.83 20.43
C GLY P 109 54.01 6.68 21.65
N ALA P 110 54.29 7.47 22.68
CA ALA P 110 53.57 7.39 23.95
C ALA P 110 52.30 8.21 23.83
N VAL P 111 51.15 7.53 23.84
CA VAL P 111 49.88 8.23 23.91
C VAL P 111 49.64 8.53 25.38
N ARG P 112 50.17 9.65 25.86
CA ARG P 112 49.91 10.13 27.20
C ARG P 112 50.06 11.63 27.22
N GLY P 113 49.28 12.29 28.07
CA GLY P 113 49.24 13.72 28.06
C GLY P 113 48.53 14.33 26.89
N VAL P 114 47.66 13.57 26.23
CA VAL P 114 46.92 14.05 25.07
C VAL P 114 45.44 14.02 25.39
N LYS P 115 44.67 14.78 24.61
CA LYS P 115 43.23 14.87 24.81
C LYS P 115 42.54 13.55 24.54
N ARG P 116 43.05 12.78 23.57
CA ARG P 116 42.65 11.45 23.10
C ARG P 116 41.33 11.48 22.31
N PHE P 117 40.55 12.55 22.41
CA PHE P 117 39.26 12.63 21.75
C PHE P 117 39.23 13.93 20.96
N GLY P 118 39.34 13.83 19.64
CA GLY P 118 39.18 14.96 18.76
C GLY P 118 37.92 14.77 17.92
N SER P 119 37.16 15.85 17.82
CA SER P 119 36.00 15.90 16.93
C SER P 119 36.14 17.10 16.03
N GLY P 120 35.94 16.91 14.74
CA GLY P 120 36.08 18.01 13.84
C GLY P 120 34.98 18.08 12.81
N PHE P 121 34.25 19.19 12.79
CA PHE P 121 33.36 19.51 11.70
C PHE P 121 34.09 20.42 10.73
N ALA P 122 33.86 20.21 9.46
CA ALA P 122 34.41 21.10 8.45
C ALA P 122 33.45 21.18 7.27
N PRO P 123 33.04 22.37 6.86
CA PRO P 123 32.25 22.49 5.66
C PRO P 123 33.10 22.79 4.44
N LEU P 124 32.54 22.49 3.28
CA LEU P 124 33.09 23.01 2.03
C LEU P 124 31.89 23.16 1.10
N ASP P 125 31.26 24.33 1.16
CA ASP P 125 30.39 24.85 0.09
C ASP P 125 29.23 23.90 -0.21
N GLU P 126 28.35 23.76 0.79
CA GLU P 126 27.14 22.96 1.01
C GLU P 126 27.43 21.53 1.43
N ALA P 127 28.68 21.09 1.44
CA ALA P 127 29.00 19.79 2.01
C ALA P 127 29.41 19.97 3.46
N LEU P 128 29.07 18.99 4.29
CA LEU P 128 29.36 19.06 5.71
C LEU P 128 29.74 17.68 6.23
N SER P 129 30.95 17.57 6.75
CA SER P 129 31.48 16.31 7.23
C SER P 129 31.95 16.47 8.66
N ARG P 130 31.67 15.50 9.50
CA ARG P 130 32.29 15.43 10.81
C ARG P 130 33.23 14.24 10.85
N ALA P 131 34.25 14.36 11.70
CA ALA P 131 35.17 13.27 11.90
C ALA P 131 35.50 13.23 13.38
N VAL P 132 35.34 12.09 14.01
CA VAL P 132 35.81 11.91 15.36
C VAL P 132 36.95 10.90 15.32
N VAL P 133 37.85 11.00 16.29
CA VAL P 133 39.05 10.18 16.33
C VAL P 133 39.30 9.84 17.79
N ASP P 134 39.97 8.71 18.04
CA ASP P 134 39.96 8.17 19.39
C ASP P 134 41.35 7.87 19.94
N LEU P 135 42.34 7.62 19.09
CA LEU P 135 43.74 7.34 19.47
C LEU P 135 43.89 6.17 20.44
N SER P 136 42.95 5.23 20.45
CA SER P 136 43.04 4.04 21.27
C SER P 136 43.54 2.89 20.42
N ASN P 137 44.42 2.05 20.97
CA ASN P 137 45.20 1.12 20.15
C ASN P 137 44.40 0.02 19.50
N ARG P 138 43.10 -0.03 19.55
CA ARG P 138 42.38 -0.88 18.62
C ARG P 138 41.98 -0.08 17.38
N PRO P 139 42.30 -0.55 16.18
CA PRO P 139 41.91 0.19 14.98
C PRO P 139 40.46 -0.05 14.63
N TYR P 140 39.80 1.01 14.19
CA TYR P 140 38.43 0.88 13.72
C TYR P 140 38.11 2.02 12.78
N ALA P 141 37.26 1.78 11.79
CA ALA P 141 36.97 2.81 10.79
C ALA P 141 35.52 2.68 10.32
N VAL P 142 34.72 3.69 10.61
CA VAL P 142 33.34 3.77 10.16
C VAL P 142 33.25 4.98 9.24
N VAL P 143 33.43 4.76 7.94
CA VAL P 143 33.53 5.84 6.97
C VAL P 143 32.28 5.80 6.10
N GLU P 144 31.42 6.80 6.25
CA GLU P 144 30.13 6.81 5.56
C GLU P 144 29.99 8.03 4.65
N LEU P 145 31.01 8.30 3.86
CA LEU P 145 30.94 9.29 2.78
C LEU P 145 29.96 8.80 1.71
N GLY P 146 28.83 9.46 1.58
CA GLY P 146 27.91 8.99 0.57
C GLY P 146 28.18 9.63 -0.77
N LEU P 147 28.99 8.97 -1.59
CA LEU P 147 29.49 9.53 -2.84
C LEU P 147 28.74 8.87 -3.99
N GLN P 148 28.02 9.68 -4.77
CA GLN P 148 27.24 9.21 -5.90
C GLN P 148 27.96 9.44 -7.21
N ARG P 149 29.26 9.22 -7.20
CA ARG P 149 30.13 9.39 -8.35
C ARG P 149 30.98 8.14 -8.44
N GLU P 150 31.50 7.84 -9.64
CA GLU P 150 32.38 6.69 -9.77
C GLU P 150 33.86 7.04 -9.78
N LYS P 151 34.25 8.17 -10.35
CA LYS P 151 35.64 8.63 -10.32
C LYS P 151 35.65 10.13 -10.18
N VAL P 152 36.59 10.67 -9.41
CA VAL P 152 36.59 12.12 -9.24
C VAL P 152 37.49 12.78 -10.29
N GLY P 153 38.80 12.60 -10.20
CA GLY P 153 39.59 12.93 -11.37
C GLY P 153 40.47 11.77 -11.80
N ASP P 154 41.07 11.12 -10.83
CA ASP P 154 41.78 9.86 -10.99
C ASP P 154 41.47 8.85 -9.90
N LEU P 155 41.14 9.30 -8.68
CA LEU P 155 40.62 8.40 -7.67
C LEU P 155 39.31 7.78 -8.13
N SER P 156 39.12 6.53 -7.75
CA SER P 156 37.95 5.77 -8.14
C SER P 156 36.82 5.88 -7.15
N CYS P 157 36.87 6.83 -6.22
CA CYS P 157 35.73 7.35 -5.45
C CYS P 157 35.10 6.33 -4.49
N GLU P 158 35.52 5.07 -4.57
CA GLU P 158 35.29 4.08 -3.54
C GLU P 158 36.56 3.80 -2.79
N MET P 159 37.68 4.31 -3.28
CA MET P 159 38.93 4.25 -2.57
C MET P 159 39.07 5.34 -1.53
N ILE P 160 38.29 6.41 -1.64
CA ILE P 160 38.27 7.48 -0.65
C ILE P 160 37.79 6.97 0.72
N PRO P 161 36.77 6.09 0.83
CA PRO P 161 36.58 5.44 2.13
C PRO P 161 37.62 4.39 2.43
N HIS P 162 38.16 3.75 1.41
CA HIS P 162 39.12 2.67 1.60
C HIS P 162 40.49 3.19 2.00
N PHE P 163 40.78 4.45 1.68
CA PHE P 163 41.98 5.10 2.17
C PHE P 163 41.88 5.36 3.66
N LEU P 164 40.75 5.89 4.11
CA LEU P 164 40.55 6.19 5.51
C LEU P 164 40.34 4.93 6.33
N GLU P 165 39.89 3.86 5.69
CA GLU P 165 39.83 2.56 6.34
C GLU P 165 41.22 2.05 6.69
N SER P 166 42.13 2.05 5.72
CA SER P 166 43.48 1.57 5.95
C SER P 166 44.33 2.55 6.74
N PHE P 167 43.96 3.84 6.75
CA PHE P 167 44.66 4.79 7.59
C PHE P 167 44.39 4.52 9.06
N ALA P 168 43.13 4.35 9.43
CA ALA P 168 42.80 4.02 10.81
C ALA P 168 43.26 2.63 11.19
N GLU P 169 43.36 1.73 10.22
CA GLU P 169 43.81 0.36 10.46
C GLU P 169 45.27 0.32 10.88
N ALA P 170 46.14 0.96 10.11
CA ALA P 170 47.57 0.90 10.36
C ALA P 170 48.05 1.92 11.36
N SER P 171 47.24 2.92 11.69
CA SER P 171 47.59 3.90 12.71
C SER P 171 47.06 3.55 14.08
N ARG P 172 46.25 2.49 14.18
CA ARG P 172 45.68 2.01 15.44
C ARG P 172 44.83 3.07 16.12
N ILE P 173 43.92 3.67 15.35
CA ILE P 173 42.98 4.64 15.88
C ILE P 173 41.58 4.22 15.49
N THR P 174 40.60 4.68 16.25
CA THR P 174 39.20 4.49 15.96
C THR P 174 38.66 5.77 15.33
N LEU P 175 37.95 5.63 14.22
CA LEU P 175 37.64 6.76 13.36
C LEU P 175 36.23 6.63 12.82
N HIS P 176 35.44 7.68 12.98
CA HIS P 176 34.09 7.80 12.43
C HIS P 176 34.06 9.05 11.57
N VAL P 177 34.07 8.89 10.26
CA VAL P 177 33.93 10.01 9.34
C VAL P 177 32.61 9.84 8.59
N ASP P 178 31.78 10.88 8.63
CA ASP P 178 30.43 10.81 8.09
C ASP P 178 30.10 12.16 7.46
N CYS P 179 29.82 12.16 6.17
CA CYS P 179 29.40 13.38 5.50
C CYS P 179 27.90 13.58 5.68
N LEU P 180 27.53 14.70 6.27
CA LEU P 180 26.17 14.92 6.69
C LEU P 180 25.28 15.39 5.54
N ARG P 181 25.84 16.15 4.61
CA ARG P 181 25.10 16.65 3.47
C ARG P 181 26.08 17.02 2.38
N GLY P 182 25.55 17.40 1.22
CA GLY P 182 26.37 17.82 0.10
C GLY P 182 25.98 17.08 -1.15
N LYS P 183 26.15 17.75 -2.29
CA LYS P 183 25.79 17.12 -3.55
C LYS P 183 26.85 17.34 -4.62
N ASN P 184 28.04 17.76 -4.22
CA ASN P 184 29.22 17.81 -5.06
C ASN P 184 30.26 16.93 -4.38
N ASP P 185 30.78 15.94 -5.10
CA ASP P 185 31.60 14.93 -4.45
C ASP P 185 33.08 15.29 -4.37
N HIS P 186 33.53 16.31 -5.09
CA HIS P 186 34.79 16.94 -4.72
C HIS P 186 34.64 17.64 -3.37
N HIS P 187 33.54 18.39 -3.23
CA HIS P 187 33.23 19.06 -1.97
C HIS P 187 32.99 18.08 -0.85
N ARG P 188 32.32 16.99 -1.14
CA ARG P 188 31.95 16.05 -0.11
C ARG P 188 33.16 15.25 0.38
N SER P 189 34.12 14.98 -0.50
CA SER P 189 35.28 14.21 -0.07
C SER P 189 36.39 15.07 0.49
N GLU P 190 36.49 16.32 0.07
CA GLU P 190 37.52 17.20 0.61
C GLU P 190 37.14 17.67 2.00
N SER P 191 35.85 17.85 2.26
CA SER P 191 35.41 18.25 3.58
C SER P 191 35.62 17.13 4.59
N ALA P 192 35.67 15.88 4.15
CA ALA P 192 35.97 14.77 5.04
C ALA P 192 37.41 14.80 5.48
N PHE P 193 38.33 15.08 4.56
CA PHE P 193 39.73 15.18 4.92
C PHE P 193 40.04 16.46 5.68
N LYS P 194 39.26 17.52 5.45
CA LYS P 194 39.43 18.72 6.26
C LYS P 194 38.84 18.54 7.66
N ALA P 195 37.83 17.68 7.80
CA ALA P 195 37.28 17.41 9.12
C ALA P 195 38.17 16.49 9.92
N LEU P 196 38.83 15.53 9.27
CA LEU P 196 39.79 14.67 9.93
C LEU P 196 41.01 15.45 10.40
N ALA P 197 41.37 16.49 9.66
CA ALA P 197 42.49 17.32 10.06
C ALA P 197 42.19 18.10 11.33
N VAL P 198 40.93 18.46 11.55
CA VAL P 198 40.56 19.15 12.77
C VAL P 198 40.56 18.18 13.95
N ALA P 199 40.15 16.93 13.70
CA ALA P 199 40.00 15.97 14.79
C ALA P 199 41.34 15.46 15.29
N ILE P 200 42.28 15.17 14.38
CA ILE P 200 43.61 14.73 14.77
C ILE P 200 44.35 15.84 15.50
N ARG P 201 44.17 17.08 15.05
CA ARG P 201 44.75 18.23 15.73
C ARG P 201 44.18 18.39 17.14
N GLU P 202 42.92 18.03 17.33
CA GLU P 202 42.29 18.17 18.64
C GLU P 202 42.60 17.00 19.56
N ALA P 203 42.77 15.80 19.01
CA ALA P 203 43.08 14.65 19.85
C ALA P 203 44.55 14.64 20.25
N THR P 204 45.45 14.91 19.32
CA THR P 204 46.86 15.06 19.64
C THR P 204 47.04 16.51 20.05
N SER P 205 46.88 16.77 21.34
CA SER P 205 46.94 18.14 21.85
C SER P 205 47.54 18.07 23.24
N PRO P 206 48.21 19.13 23.68
CA PRO P 206 48.77 19.12 25.04
C PRO P 206 47.72 19.22 26.12
N ASN P 207 47.17 18.07 26.52
CA ASN P 207 46.28 18.00 27.67
C ASN P 207 46.95 18.51 28.94
N GLY P 208 48.22 18.21 29.11
CA GLY P 208 48.89 18.49 30.36
C GLY P 208 48.71 17.35 31.35
N THR P 209 49.38 17.52 32.49
CA THR P 209 49.38 16.69 33.70
C THR P 209 50.02 15.30 33.52
N ASN P 210 50.40 14.90 32.31
CA ASN P 210 51.24 13.73 32.01
C ASN P 210 50.61 12.44 32.54
N ASP P 211 49.47 12.08 31.95
CA ASP P 211 48.78 10.86 32.35
C ASP P 211 48.17 10.20 31.14
N VAL P 212 48.31 8.88 31.07
CA VAL P 212 47.72 8.10 29.97
C VAL P 212 46.20 8.06 30.15
N PRO P 213 45.44 8.63 29.21
CA PRO P 213 44.01 8.87 29.47
C PRO P 213 43.14 7.64 29.19
N SER P 214 43.20 6.66 30.08
CA SER P 214 42.41 5.45 29.88
C SER P 214 42.07 4.84 31.23
N THR P 215 40.95 4.11 31.24
CA THR P 215 40.57 3.33 32.39
C THR P 215 41.53 2.16 32.61
N LYS P 216 41.83 1.43 31.55
CA LYS P 216 42.69 0.25 31.64
C LYS P 216 44.16 0.61 31.73
N GLY P 217 44.51 1.89 31.65
CA GLY P 217 45.87 2.34 31.87
C GLY P 217 46.85 2.07 30.75
N VAL P 218 46.40 1.48 29.65
CA VAL P 218 47.29 1.08 28.56
C VAL P 218 46.83 1.76 27.28
N LEU P 219 47.62 2.70 26.78
CA LEU P 219 47.44 3.26 25.46
C LEU P 219 48.80 3.42 24.81
N GLU Q 3 -52.24 -38.14 -9.24
CA GLU Q 3 -51.07 -38.92 -9.62
C GLU Q 3 -49.88 -38.68 -8.71
N GLN Q 4 -49.39 -37.44 -8.71
CA GLN Q 4 -48.21 -37.07 -7.94
C GLN Q 4 -48.65 -36.42 -6.63
N LYS Q 5 -49.06 -37.27 -5.69
CA LYS Q 5 -49.50 -36.84 -4.38
C LYS Q 5 -48.76 -37.63 -3.31
N ALA Q 6 -48.56 -36.98 -2.16
CA ALA Q 6 -47.92 -37.62 -1.03
C ALA Q 6 -48.33 -36.87 0.23
N LEU Q 7 -48.37 -37.59 1.34
CA LEU Q 7 -48.60 -36.99 2.65
C LEU Q 7 -47.53 -37.51 3.62
N VAL Q 8 -46.93 -36.60 4.38
CA VAL Q 8 -45.83 -36.92 5.28
C VAL Q 8 -46.19 -36.38 6.66
N LYS Q 9 -46.21 -37.28 7.65
CA LYS Q 9 -46.49 -36.94 9.04
C LYS Q 9 -45.22 -37.18 9.83
N ARG Q 10 -44.44 -36.13 10.07
CA ARG Q 10 -43.16 -36.24 10.75
C ARG Q 10 -43.33 -35.79 12.19
N ILE Q 11 -43.11 -36.71 13.12
CA ILE Q 11 -43.41 -36.50 14.53
C ILE Q 11 -42.13 -36.67 15.32
N THR Q 12 -41.64 -35.59 15.91
CA THR Q 12 -40.48 -35.61 16.78
C THR Q 12 -40.82 -34.87 18.07
N ASN Q 13 -39.89 -34.89 19.03
CA ASN Q 13 -40.15 -34.27 20.33
C ASN Q 13 -40.02 -32.76 20.31
N GLU Q 14 -39.70 -32.16 19.17
CA GLU Q 14 -39.67 -30.71 19.01
C GLU Q 14 -40.85 -30.20 18.21
N THR Q 15 -41.13 -30.80 17.06
CA THR Q 15 -42.22 -30.38 16.18
C THR Q 15 -43.08 -31.57 15.81
N LYS Q 16 -44.32 -31.28 15.44
CA LYS Q 16 -45.20 -32.25 14.81
C LYS Q 16 -45.62 -31.69 13.46
N ILE Q 17 -45.39 -32.46 12.40
CA ILE Q 17 -45.54 -31.97 11.03
C ILE Q 17 -46.61 -32.81 10.35
N GLN Q 18 -47.37 -32.19 9.45
CA GLN Q 18 -48.20 -32.95 8.52
C GLN Q 18 -48.25 -32.16 7.22
N ILE Q 19 -47.62 -32.70 6.18
CA ILE Q 19 -47.51 -32.03 4.90
C ILE Q 19 -48.13 -32.90 3.83
N ALA Q 20 -49.18 -32.39 3.19
CA ALA Q 20 -49.80 -33.03 2.04
C ALA Q 20 -49.51 -32.19 0.81
N ILE Q 21 -49.02 -32.83 -0.24
CA ILE Q 21 -48.57 -32.14 -1.43
C ILE Q 21 -49.25 -32.77 -2.65
N SER Q 22 -49.44 -31.97 -3.69
CA SER Q 22 -49.84 -32.47 -4.99
C SER Q 22 -49.08 -31.65 -6.03
N LEU Q 23 -48.21 -32.30 -6.78
CA LEU Q 23 -47.35 -31.57 -7.70
C LEU Q 23 -48.10 -31.12 -8.95
N LYS Q 24 -49.10 -31.88 -9.37
CA LYS Q 24 -49.86 -31.54 -10.56
C LYS Q 24 -51.00 -30.57 -10.27
N GLY Q 25 -51.13 -30.09 -9.04
CA GLY Q 25 -52.18 -29.16 -8.71
C GLY Q 25 -53.43 -29.86 -8.20
N GLY Q 26 -54.60 -29.28 -8.50
CA GLY Q 26 -55.85 -29.88 -8.12
C GLY Q 26 -56.18 -29.63 -6.66
N PRO Q 27 -57.19 -30.34 -6.15
CA PRO Q 27 -57.60 -30.17 -4.75
C PRO Q 27 -56.83 -31.06 -3.79
N LEU Q 28 -56.84 -30.65 -2.53
CA LEU Q 28 -56.28 -31.41 -1.42
C LEU Q 28 -57.06 -31.14 -0.15
N ALA Q 29 -57.12 -32.14 0.71
CA ALA Q 29 -57.70 -32.02 2.03
C ALA Q 29 -56.87 -32.86 2.99
N ILE Q 30 -57.25 -32.85 4.26
CA ILE Q 30 -56.65 -33.71 5.25
C ILE Q 30 -57.76 -34.45 5.99
N GLU Q 31 -57.70 -35.78 5.99
CA GLU Q 31 -58.74 -36.58 6.62
C GLU Q 31 -58.70 -36.48 8.14
N HIS Q 32 -57.53 -36.20 8.71
CA HIS Q 32 -57.41 -36.07 10.17
C HIS Q 32 -56.25 -35.13 10.45
N SER Q 33 -56.57 -33.87 10.76
CA SER Q 33 -55.56 -32.83 10.94
C SER Q 33 -54.95 -32.91 12.34
N ILE Q 34 -53.88 -32.15 12.53
CA ILE Q 34 -53.22 -32.09 13.83
C ILE Q 34 -53.57 -30.84 14.63
N PHE Q 35 -54.15 -29.83 14.01
CA PHE Q 35 -54.62 -28.69 14.79
C PHE Q 35 -55.94 -29.05 15.48
N PRO Q 36 -56.21 -28.48 16.66
CA PRO Q 36 -57.49 -28.75 17.31
C PRO Q 36 -58.65 -28.10 16.57
N GLU Q 37 -59.76 -28.86 16.48
CA GLU Q 37 -61.01 -28.48 15.82
C GLU Q 37 -60.78 -28.12 14.35
N LYS Q 38 -60.33 -29.13 13.61
CA LYS Q 38 -60.02 -29.09 12.18
C LYS Q 38 -59.03 -27.98 11.81
N ALA Q 44 -51.54 -16.88 4.58
CA ALA Q 44 -51.08 -17.40 3.28
C ALA Q 44 -51.90 -18.60 2.85
N GLU Q 45 -53.11 -18.33 2.36
CA GLU Q 45 -54.04 -19.37 1.93
C GLU Q 45 -54.64 -18.97 0.58
N GLN Q 46 -54.32 -19.74 -0.46
CA GLN Q 46 -54.86 -19.51 -1.79
C GLN Q 46 -55.61 -20.76 -2.23
N ALA Q 47 -56.87 -20.61 -2.59
CA ALA Q 47 -57.72 -21.76 -2.91
C ALA Q 47 -58.57 -21.48 -4.15
N THR Q 48 -57.95 -20.99 -5.22
CA THR Q 48 -58.69 -20.45 -6.36
C THR Q 48 -58.79 -21.52 -7.46
N GLN Q 49 -59.52 -22.60 -7.15
CA GLN Q 49 -60.16 -23.49 -8.13
C GLN Q 49 -59.23 -24.29 -9.04
N SER Q 50 -57.92 -24.06 -8.97
CA SER Q 50 -56.97 -24.80 -9.78
C SER Q 50 -55.99 -25.51 -8.86
N GLN Q 51 -55.51 -24.79 -7.87
CA GLN Q 51 -54.62 -25.32 -6.84
C GLN Q 51 -55.03 -24.74 -5.49
N VAL Q 52 -54.86 -25.52 -4.44
CA VAL Q 52 -55.16 -25.09 -3.08
C VAL Q 52 -53.87 -25.17 -2.26
N ILE Q 53 -53.41 -24.03 -1.79
CA ILE Q 53 -52.19 -23.96 -0.99
C ILE Q 53 -52.50 -23.23 0.30
N ASN Q 54 -52.27 -23.92 1.42
CA ASN Q 54 -52.67 -23.45 2.74
C ASN Q 54 -51.58 -23.90 3.71
N VAL Q 55 -50.69 -22.97 4.04
CA VAL Q 55 -49.56 -23.25 4.91
C VAL Q 55 -49.82 -22.64 6.28
N HIS Q 56 -49.67 -23.45 7.32
CA HIS Q 56 -49.84 -22.97 8.69
C HIS Q 56 -48.65 -23.47 9.50
N THR Q 57 -47.58 -22.70 9.48
CA THR Q 57 -46.50 -22.84 10.44
C THR Q 57 -46.63 -21.73 11.46
N GLY Q 58 -45.84 -21.82 12.53
CA GLY Q 58 -45.87 -20.78 13.53
C GLY Q 58 -45.19 -19.50 13.10
N ILE Q 59 -44.39 -19.56 12.03
CA ILE Q 59 -43.64 -18.43 11.52
C ILE Q 59 -44.42 -17.85 10.35
N GLY Q 60 -44.71 -16.56 10.39
CA GLY Q 60 -45.52 -15.96 9.35
C GLY Q 60 -44.75 -15.68 8.07
N PHE Q 61 -43.48 -15.31 8.18
CA PHE Q 61 -42.69 -15.05 6.99
C PHE Q 61 -42.26 -16.34 6.31
N LEU Q 62 -42.11 -17.42 7.07
CA LEU Q 62 -41.83 -18.72 6.48
C LEU Q 62 -43.07 -19.36 5.89
N ASP Q 63 -44.27 -18.94 6.32
CA ASP Q 63 -45.47 -19.28 5.58
C ASP Q 63 -45.47 -18.64 4.21
N HIS Q 64 -45.00 -17.40 4.13
CA HIS Q 64 -45.05 -16.65 2.88
C HIS Q 64 -44.03 -17.16 1.86
N MET Q 65 -42.98 -17.82 2.32
CA MET Q 65 -41.98 -18.33 1.39
C MET Q 65 -42.35 -19.70 0.84
N ILE Q 66 -43.00 -20.52 1.64
CA ILE Q 66 -43.53 -21.78 1.12
C ILE Q 66 -44.73 -21.51 0.23
N HIS Q 67 -45.48 -20.44 0.52
CA HIS Q 67 -46.64 -20.09 -0.30
C HIS Q 67 -46.22 -19.63 -1.69
N ALA Q 68 -45.23 -18.75 -1.76
CA ALA Q 68 -44.73 -18.28 -3.05
C ALA Q 68 -43.98 -19.39 -3.79
N LEU Q 69 -43.45 -20.36 -3.06
CA LEU Q 69 -42.85 -21.53 -3.70
C LEU Q 69 -43.89 -22.40 -4.37
N ALA Q 70 -45.00 -22.65 -3.69
CA ALA Q 70 -46.01 -23.53 -4.25
C ALA Q 70 -46.96 -22.81 -5.20
N LYS Q 71 -47.06 -21.48 -5.11
CA LYS Q 71 -47.93 -20.76 -6.03
C LYS Q 71 -47.36 -20.76 -7.43
N HIS Q 72 -46.05 -20.59 -7.56
CA HIS Q 72 -45.41 -20.51 -8.86
C HIS Q 72 -44.81 -21.84 -9.30
N SER Q 73 -45.12 -22.92 -8.59
CA SER Q 73 -44.75 -24.26 -9.03
C SER Q 73 -45.91 -25.07 -9.58
N GLY Q 74 -47.14 -24.57 -9.45
CA GLY Q 74 -48.28 -25.38 -9.82
C GLY Q 74 -48.67 -26.40 -8.79
N TRP Q 75 -48.20 -26.24 -7.56
CA TRP Q 75 -48.45 -27.21 -6.50
C TRP Q 75 -49.75 -26.92 -5.80
N SER Q 76 -50.34 -27.98 -5.25
CA SER Q 76 -51.28 -27.89 -4.15
C SER Q 76 -50.55 -28.39 -2.91
N LEU Q 77 -50.60 -27.62 -1.83
CA LEU Q 77 -49.73 -27.91 -0.69
C LEU Q 77 -50.39 -27.45 0.60
N ILE Q 78 -50.57 -28.38 1.53
CA ILE Q 78 -51.06 -28.07 2.87
C ILE Q 78 -49.94 -28.38 3.85
N VAL Q 79 -49.56 -27.39 4.64
CA VAL Q 79 -48.48 -27.53 5.60
C VAL Q 79 -49.02 -27.21 6.99
N GLU Q 80 -48.82 -28.14 7.92
CA GLU Q 80 -49.23 -27.97 9.30
C GLU Q 80 -48.03 -28.29 10.20
N CYS Q 81 -47.53 -27.28 10.88
CA CYS Q 81 -46.43 -27.48 11.77
C CYS Q 81 -46.74 -26.94 13.13
N ILE Q 82 -46.76 -27.83 14.11
CA ILE Q 82 -46.92 -27.46 15.51
C ILE Q 82 -45.53 -27.52 16.12
N GLY Q 83 -44.88 -26.38 16.24
CA GLY Q 83 -43.52 -26.35 16.70
C GLY Q 83 -43.29 -25.48 17.92
N ASP Q 84 -42.17 -25.67 18.60
CA ASP Q 84 -41.86 -24.90 19.79
C ASP Q 84 -41.34 -23.52 19.42
N LEU Q 85 -42.03 -22.49 19.87
CA LEU Q 85 -41.67 -21.13 19.57
C LEU Q 85 -41.27 -20.32 20.79
N HIS Q 86 -41.25 -20.93 21.98
CA HIS Q 86 -40.65 -20.26 23.12
C HIS Q 86 -39.13 -20.34 23.04
N ILE Q 87 -38.62 -21.37 22.39
CA ILE Q 87 -37.25 -21.50 21.88
C ILE Q 87 -37.25 -20.73 20.56
N ASP Q 88 -36.08 -20.56 19.92
CA ASP Q 88 -36.07 -19.83 18.65
C ASP Q 88 -36.74 -20.64 17.53
N ASP Q 89 -36.72 -20.05 16.34
CA ASP Q 89 -37.40 -20.60 15.18
C ASP Q 89 -36.56 -21.56 14.36
N HIS Q 90 -35.42 -22.02 14.86
CA HIS Q 90 -34.60 -22.94 14.08
C HIS Q 90 -35.26 -24.30 14.01
N HIS Q 91 -35.66 -24.84 15.16
CA HIS Q 91 -36.15 -26.21 15.21
C HIS Q 91 -37.47 -26.38 14.49
N THR Q 92 -38.21 -25.31 14.26
CA THR Q 92 -39.46 -25.36 13.54
C THR Q 92 -39.36 -24.84 12.12
N THR Q 93 -38.17 -24.52 11.65
CA THR Q 93 -37.98 -24.22 10.24
C THR Q 93 -37.15 -25.29 9.56
N GLU Q 94 -36.12 -25.78 10.26
CA GLU Q 94 -35.36 -26.92 9.79
C GLU Q 94 -36.23 -28.16 9.68
N ASP Q 95 -37.06 -28.43 10.69
CA ASP Q 95 -37.92 -29.62 10.63
C ASP Q 95 -39.03 -29.48 9.61
N CYS Q 96 -39.52 -28.26 9.38
CA CYS Q 96 -40.54 -28.05 8.36
C CYS Q 96 -39.95 -27.90 6.97
N GLY Q 97 -38.65 -28.13 6.80
CA GLY Q 97 -38.01 -28.16 5.51
C GLY Q 97 -37.56 -29.56 5.16
N ILE Q 98 -37.23 -30.34 6.19
CA ILE Q 98 -36.93 -31.75 6.00
C ILE Q 98 -38.18 -32.49 5.56
N ALA Q 99 -39.30 -32.26 6.24
CA ALA Q 99 -40.52 -32.94 5.86
C ALA Q 99 -41.11 -32.40 4.57
N LEU Q 100 -40.76 -31.19 4.17
CA LEU Q 100 -41.24 -30.65 2.91
C LEU Q 100 -40.38 -31.08 1.74
N GLY Q 101 -39.14 -31.51 2.00
CA GLY Q 101 -38.38 -32.19 0.97
C GLY Q 101 -38.79 -33.63 0.82
N GLN Q 102 -39.18 -34.28 1.91
CA GLN Q 102 -39.65 -35.66 1.82
C GLN Q 102 -40.98 -35.78 1.10
N ALA Q 103 -41.86 -34.78 1.28
CA ALA Q 103 -43.14 -34.83 0.59
C ALA Q 103 -42.97 -34.58 -0.90
N PHE Q 104 -42.02 -33.72 -1.28
CA PHE Q 104 -41.70 -33.55 -2.69
C PHE Q 104 -41.01 -34.79 -3.25
N LYS Q 105 -40.25 -35.51 -2.43
CA LYS Q 105 -39.56 -36.69 -2.92
C LYS Q 105 -40.53 -37.84 -3.15
N GLU Q 106 -41.46 -38.05 -2.23
CA GLU Q 106 -42.40 -39.16 -2.38
C GLU Q 106 -43.47 -38.88 -3.42
N ALA Q 107 -43.64 -37.62 -3.81
CA ALA Q 107 -44.66 -37.30 -4.79
C ALA Q 107 -44.19 -37.61 -6.21
N LEU Q 108 -42.89 -37.63 -6.45
CA LEU Q 108 -42.36 -38.11 -7.72
C LEU Q 108 -41.43 -39.28 -7.42
N GLY Q 109 -41.92 -40.49 -7.61
CA GLY Q 109 -41.10 -41.65 -7.34
C GLY Q 109 -40.06 -41.90 -8.41
N ALA Q 110 -40.52 -42.25 -9.61
CA ALA Q 110 -39.63 -42.58 -10.71
C ALA Q 110 -39.19 -41.30 -11.38
N VAL Q 111 -37.91 -40.97 -11.27
CA VAL Q 111 -37.35 -39.86 -12.01
C VAL Q 111 -37.01 -40.40 -13.39
N ARG Q 112 -38.00 -40.39 -14.29
CA ARG Q 112 -37.77 -40.75 -15.68
C ARG Q 112 -38.81 -40.04 -16.53
N GLY Q 113 -38.41 -39.70 -17.75
CA GLY Q 113 -39.27 -38.90 -18.60
C GLY Q 113 -39.37 -37.45 -18.19
N VAL Q 114 -38.39 -36.96 -17.43
CA VAL Q 114 -38.39 -35.58 -16.98
C VAL Q 114 -37.18 -34.87 -17.55
N LYS Q 115 -37.24 -33.53 -17.55
CA LYS Q 115 -36.15 -32.73 -18.08
C LYS Q 115 -34.88 -32.86 -17.27
N ARG Q 116 -35.02 -33.03 -15.94
CA ARG Q 116 -34.02 -33.24 -14.91
C ARG Q 116 -33.22 -31.96 -14.60
N PHE Q 117 -33.26 -30.96 -15.48
CA PHE Q 117 -32.48 -29.74 -15.31
C PHE Q 117 -33.43 -28.57 -15.45
N GLY Q 118 -33.75 -27.92 -14.33
CA GLY Q 118 -34.51 -26.70 -14.34
C GLY Q 118 -33.64 -25.55 -13.86
N SER Q 119 -33.73 -24.44 -14.57
CA SER Q 119 -33.08 -23.20 -14.17
C SER Q 119 -34.14 -22.11 -14.14
N GLY Q 120 -34.16 -21.36 -13.06
CA GLY Q 120 -35.16 -20.31 -12.97
C GLY Q 120 -34.60 -19.01 -12.45
N PHE Q 121 -34.72 -17.95 -13.25
CA PHE Q 121 -34.50 -16.60 -12.79
C PHE Q 121 -35.82 -16.00 -12.38
N ALA Q 122 -35.81 -15.23 -11.31
CA ALA Q 122 -37.01 -14.50 -10.92
C ALA Q 122 -36.60 -13.20 -10.26
N PRO Q 123 -37.11 -12.07 -10.72
CA PRO Q 123 -36.84 -10.81 -10.03
C PRO Q 123 -37.95 -10.48 -9.05
N LEU Q 124 -37.61 -9.62 -8.11
CA LEU Q 124 -38.62 -8.95 -7.30
C LEU Q 124 -38.03 -7.60 -6.93
N ASP Q 125 -38.25 -6.60 -7.81
CA ASP Q 125 -38.15 -5.18 -7.47
C ASP Q 125 -36.76 -4.82 -6.96
N GLU Q 126 -35.79 -4.93 -7.86
CA GLU Q 126 -34.33 -4.75 -7.84
C GLU Q 126 -33.58 -5.94 -7.27
N ALA Q 127 -34.25 -6.95 -6.74
CA ALA Q 127 -33.58 -8.18 -6.36
C ALA Q 127 -33.65 -9.17 -7.51
N LEU Q 128 -32.62 -9.98 -7.66
CA LEU Q 128 -32.56 -10.94 -8.76
C LEU Q 128 -31.89 -12.21 -8.27
N SER Q 129 -32.62 -13.31 -8.34
CA SER Q 129 -32.14 -14.60 -7.86
C SER Q 129 -32.28 -15.63 -8.97
N ARG Q 130 -31.26 -16.47 -9.12
CA ARG Q 130 -31.39 -17.65 -9.96
C ARG Q 130 -31.38 -18.89 -9.09
N ALA Q 131 -32.02 -19.93 -9.58
CA ALA Q 131 -32.02 -21.20 -8.91
C ALA Q 131 -31.91 -22.27 -9.97
N VAL Q 132 -30.93 -23.16 -9.83
CA VAL Q 132 -30.87 -24.33 -10.68
C VAL Q 132 -31.14 -25.55 -9.80
N VAL Q 133 -31.65 -26.61 -10.42
CA VAL Q 133 -32.06 -27.80 -9.70
C VAL Q 133 -31.71 -29.00 -10.59
N ASP Q 134 -31.47 -30.15 -9.98
CA ASP Q 134 -30.82 -31.22 -10.71
C ASP Q 134 -31.57 -32.55 -10.65
N LEU Q 135 -32.37 -32.79 -9.61
CA LEU Q 135 -33.16 -34.02 -9.43
C LEU Q 135 -32.34 -35.31 -9.48
N SER Q 136 -31.06 -35.25 -9.17
CA SER Q 136 -30.21 -36.42 -9.09
C SER Q 136 -30.08 -36.86 -7.64
N ASN Q 137 -30.12 -38.17 -7.39
CA ASN Q 137 -30.32 -38.68 -6.02
C ASN Q 137 -29.20 -38.40 -5.06
N ARG Q 138 -28.17 -37.67 -5.38
CA ARG Q 138 -27.32 -37.16 -4.32
C ARG Q 138 -27.80 -35.76 -3.90
N PRO Q 139 -28.03 -35.51 -2.62
CA PRO Q 139 -28.45 -34.18 -2.19
C PRO Q 139 -27.28 -33.22 -2.12
N TYR Q 140 -27.53 -31.98 -2.55
CA TYR Q 140 -26.51 -30.95 -2.41
C TYR Q 140 -27.20 -29.59 -2.41
N ALA Q 141 -26.62 -28.62 -1.69
CA ALA Q 141 -27.25 -27.32 -1.56
C ALA Q 141 -26.19 -26.24 -1.46
N VAL Q 142 -26.13 -25.36 -2.45
CA VAL Q 142 -25.24 -24.21 -2.46
C VAL Q 142 -26.12 -22.97 -2.46
N VAL Q 143 -26.41 -22.45 -1.28
CA VAL Q 143 -27.36 -21.37 -1.12
C VAL Q 143 -26.60 -20.13 -0.71
N GLU Q 144 -26.52 -19.14 -1.60
CA GLU Q 144 -25.71 -17.95 -1.36
C GLU Q 144 -26.55 -16.68 -1.39
N LEU Q 145 -27.68 -16.70 -0.69
CA LEU Q 145 -28.47 -15.50 -0.44
C LEU Q 145 -27.68 -14.56 0.46
N GLY Q 146 -27.24 -13.42 -0.08
CA GLY Q 146 -26.49 -12.53 0.78
C GLY Q 146 -27.39 -11.57 1.52
N LEU Q 147 -27.80 -11.95 2.72
CA LEU Q 147 -28.80 -11.22 3.49
C LEU Q 147 -28.10 -10.46 4.60
N GLN Q 148 -28.22 -9.13 4.57
CA GLN Q 148 -27.60 -8.25 5.55
C GLN Q 148 -28.59 -7.80 6.61
N ARG Q 149 -29.44 -8.72 7.03
CA ARG Q 149 -30.47 -8.50 8.02
C ARG Q 149 -30.37 -9.65 9.02
N GLU Q 150 -30.86 -9.43 10.24
CA GLU Q 150 -30.85 -10.51 11.22
C GLU Q 150 -32.19 -11.22 11.36
N LYS Q 151 -33.31 -10.52 11.23
CA LYS Q 151 -34.63 -11.13 11.28
C LYS Q 151 -35.53 -10.40 10.30
N VAL Q 152 -36.39 -11.14 9.59
CA VAL Q 152 -37.24 -10.45 8.63
C VAL Q 152 -38.56 -10.03 9.27
N GLY Q 153 -39.43 -10.98 9.59
CA GLY Q 153 -40.49 -10.61 10.51
C GLY Q 153 -40.55 -11.52 11.71
N ASP Q 154 -40.39 -12.80 11.46
CA ASP Q 154 -40.20 -13.81 12.49
C ASP Q 154 -39.10 -14.80 12.15
N LEU Q 155 -38.83 -15.07 10.87
CA LEU Q 155 -37.66 -15.83 10.48
C LEU Q 155 -36.40 -15.10 10.88
N SER Q 156 -35.41 -15.89 11.27
CA SER Q 156 -34.15 -15.36 11.75
C SER Q 156 -33.13 -15.18 10.65
N CYS Q 157 -33.54 -15.24 9.38
CA CYS Q 157 -32.80 -14.71 8.22
C CYS Q 157 -31.48 -15.42 7.92
N GLU Q 158 -31.06 -16.32 8.80
CA GLU Q 158 -30.05 -17.30 8.52
C GLU Q 158 -30.66 -18.67 8.38
N MET Q 159 -31.94 -18.79 8.74
CA MET Q 159 -32.68 -20.00 8.50
C MET Q 159 -33.21 -20.09 7.08
N ILE Q 160 -33.31 -18.98 6.38
CA ILE Q 160 -33.72 -18.97 4.97
C ILE Q 160 -32.73 -19.73 4.10
N PRO Q 161 -31.40 -19.65 4.27
CA PRO Q 161 -30.56 -20.65 3.59
C PRO Q 161 -30.63 -22.02 4.20
N HIS Q 162 -30.89 -22.11 5.50
CA HIS Q 162 -30.91 -23.39 6.20
C HIS Q 162 -32.18 -24.16 5.90
N PHE Q 163 -33.24 -23.48 5.48
CA PHE Q 163 -34.44 -24.14 4.99
C PHE Q 163 -34.17 -24.80 3.66
N LEU Q 164 -33.54 -24.08 2.74
CA LEU Q 164 -33.24 -24.62 1.42
C LEU Q 164 -32.13 -25.65 1.47
N GLU Q 165 -31.28 -25.58 2.48
CA GLU Q 165 -30.30 -26.62 2.71
C GLU Q 165 -30.96 -27.94 3.06
N SER Q 166 -31.87 -27.93 4.02
CA SER Q 166 -32.56 -29.16 4.42
C SER Q 166 -33.62 -29.59 3.43
N PHE Q 167 -34.12 -28.68 2.60
CA PHE Q 167 -35.04 -29.08 1.55
C PHE Q 167 -34.33 -29.91 0.49
N ALA Q 168 -33.18 -29.44 0.01
CA ALA Q 168 -32.41 -30.23 -0.95
C ALA Q 168 -31.83 -31.49 -0.33
N GLU Q 169 -31.58 -31.47 0.97
CA GLU Q 169 -31.02 -32.61 1.68
C GLU Q 169 -32.02 -33.77 1.71
N ALA Q 170 -33.24 -33.51 2.14
CA ALA Q 170 -34.23 -34.56 2.30
C ALA Q 170 -34.99 -34.89 1.03
N SER Q 171 -34.92 -34.04 0.02
CA SER Q 171 -35.55 -34.32 -1.26
C SER Q 171 -34.62 -34.98 -2.26
N ARG Q 172 -33.33 -35.13 -1.91
CA ARG Q 172 -32.32 -35.77 -2.75
C ARG Q 172 -32.17 -35.05 -4.09
N ILE Q 173 -32.01 -33.73 -4.04
CA ILE Q 173 -31.77 -32.94 -5.24
C ILE Q 173 -30.54 -32.08 -5.01
N THR Q 174 -29.91 -31.68 -6.10
CA THR Q 174 -28.79 -30.76 -6.07
C THR Q 174 -29.31 -29.38 -6.45
N LEU Q 175 -28.94 -28.38 -5.66
CA LEU Q 175 -29.58 -27.08 -5.71
C LEU Q 175 -28.55 -25.97 -5.55
N HIS Q 176 -28.56 -25.02 -6.47
CA HIS Q 176 -27.74 -23.81 -6.40
C HIS Q 176 -28.68 -22.62 -6.46
N VAL Q 177 -28.89 -21.96 -5.33
CA VAL Q 177 -29.67 -20.72 -5.29
C VAL Q 177 -28.74 -19.58 -4.92
N ASP Q 178 -28.73 -18.54 -5.74
CA ASP Q 178 -27.79 -17.44 -5.59
C ASP Q 178 -28.50 -16.15 -5.95
N CYS Q 179 -28.59 -15.22 -5.00
CA CYS Q 179 -29.16 -13.91 -5.28
C CYS Q 179 -28.11 -13.01 -5.88
N LEU Q 180 -28.39 -12.51 -7.07
CA LEU Q 180 -27.39 -11.80 -7.85
C LEU Q 180 -27.27 -10.35 -7.43
N ARG Q 181 -28.37 -9.73 -7.02
CA ARG Q 181 -28.37 -8.35 -6.58
C ARG Q 181 -29.59 -8.12 -5.71
N GLY Q 182 -29.68 -6.92 -5.14
CA GLY Q 182 -30.82 -6.54 -4.33
C GLY Q 182 -30.36 -5.98 -3.02
N LYS Q 183 -31.15 -5.06 -2.47
CA LYS Q 183 -30.78 -4.46 -1.20
C LYS Q 183 -31.96 -4.36 -0.24
N ASN Q 184 -33.03 -5.09 -0.52
CA ASN Q 184 -34.16 -5.30 0.38
C ASN Q 184 -34.26 -6.79 0.58
N ASP Q 185 -34.21 -7.23 1.84
CA ASP Q 185 -34.07 -8.66 2.10
C ASP Q 185 -35.39 -9.41 2.18
N HIS Q 186 -36.52 -8.72 2.24
CA HIS Q 186 -37.77 -9.36 1.88
C HIS Q 186 -37.77 -9.66 0.39
N HIS Q 187 -37.37 -8.68 -0.41
CA HIS Q 187 -37.26 -8.85 -1.86
C HIS Q 187 -36.22 -9.89 -2.22
N ARG Q 188 -35.11 -9.89 -1.50
CA ARG Q 188 -34.02 -10.78 -1.85
C ARG Q 188 -34.34 -12.23 -1.50
N SER Q 189 -35.10 -12.46 -0.44
CA SER Q 189 -35.41 -13.83 -0.05
C SER Q 189 -36.65 -14.36 -0.75
N GLU Q 190 -37.60 -13.50 -1.11
CA GLU Q 190 -38.78 -13.98 -1.82
C GLU Q 190 -38.46 -14.29 -3.26
N SER Q 191 -37.53 -13.55 -3.85
CA SER Q 191 -37.14 -13.83 -5.22
C SER Q 191 -36.39 -15.15 -5.33
N ALA Q 192 -35.76 -15.60 -4.24
CA ALA Q 192 -35.11 -16.90 -4.23
C ALA Q 192 -36.12 -18.03 -4.25
N PHE Q 193 -37.20 -17.89 -3.50
CA PHE Q 193 -38.24 -18.91 -3.51
C PHE Q 193 -39.08 -18.84 -4.77
N LYS Q 194 -39.19 -17.67 -5.39
CA LYS Q 194 -39.86 -17.58 -6.68
C LYS Q 194 -38.99 -18.13 -7.80
N ALA Q 195 -37.66 -18.07 -7.65
CA ALA Q 195 -36.77 -18.64 -8.64
C ALA Q 195 -36.71 -20.15 -8.54
N LEU Q 196 -36.77 -20.68 -7.32
CA LEU Q 196 -36.82 -22.12 -7.13
C LEU Q 196 -38.11 -22.71 -7.65
N ALA Q 197 -39.19 -21.95 -7.61
CA ALA Q 197 -40.46 -22.41 -8.14
C ALA Q 197 -40.43 -22.54 -9.65
N VAL Q 198 -39.63 -21.70 -10.33
CA VAL Q 198 -39.49 -21.81 -11.77
C VAL Q 198 -38.63 -23.01 -12.13
N ALA Q 199 -37.62 -23.30 -11.29
CA ALA Q 199 -36.67 -24.35 -11.63
C ALA Q 199 -37.26 -25.74 -11.41
N ILE Q 200 -38.00 -25.94 -10.32
CA ILE Q 200 -38.65 -27.22 -10.06
C ILE Q 200 -39.73 -27.50 -11.10
N ARG Q 201 -40.44 -26.45 -11.52
CA ARG Q 201 -41.42 -26.57 -12.58
C ARG Q 201 -40.78 -26.96 -13.91
N GLU Q 202 -39.55 -26.51 -14.14
CA GLU Q 202 -38.86 -26.79 -15.39
C GLU Q 202 -38.18 -28.15 -15.36
N ALA Q 203 -37.70 -28.58 -14.19
CA ALA Q 203 -37.04 -29.88 -14.11
C ALA Q 203 -38.05 -31.02 -14.08
N THR Q 204 -39.11 -30.88 -13.30
CA THR Q 204 -40.20 -31.85 -13.32
C THR Q 204 -41.13 -31.41 -14.45
N SER Q 205 -40.88 -31.92 -15.64
CA SER Q 205 -41.63 -31.51 -16.81
C SER Q 205 -41.74 -32.72 -17.73
N PRO Q 206 -42.78 -32.80 -18.54
CA PRO Q 206 -42.89 -33.94 -19.45
C PRO Q 206 -41.90 -33.86 -20.61
N ASN Q 207 -40.70 -34.39 -20.37
CA ASN Q 207 -39.70 -34.55 -21.44
C ASN Q 207 -40.24 -35.41 -22.58
N GLY Q 208 -40.99 -36.45 -22.24
CA GLY Q 208 -41.38 -37.44 -23.24
C GLY Q 208 -40.33 -38.51 -23.39
N THR Q 209 -40.67 -39.50 -24.22
CA THR Q 209 -39.89 -40.64 -24.69
C THR Q 209 -39.57 -41.67 -23.60
N ASN Q 210 -39.89 -41.42 -22.33
CA ASN Q 210 -39.89 -42.40 -21.23
C ASN Q 210 -38.49 -43.02 -21.04
N ASP Q 211 -37.55 -42.18 -20.63
CA ASP Q 211 -36.19 -42.65 -20.41
C ASP Q 211 -35.60 -41.93 -19.21
N VAL Q 212 -34.92 -42.68 -18.35
CA VAL Q 212 -34.24 -42.12 -17.18
C VAL Q 212 -33.03 -41.31 -17.65
N PRO Q 213 -33.02 -40.00 -17.41
CA PRO Q 213 -32.01 -39.14 -18.07
C PRO Q 213 -30.67 -39.12 -17.34
N SER Q 214 -29.92 -40.20 -17.46
CA SER Q 214 -28.63 -40.26 -16.79
C SER Q 214 -27.68 -41.17 -17.56
N THR Q 215 -26.39 -40.89 -17.40
CA THR Q 215 -25.36 -41.75 -17.95
C THR Q 215 -25.32 -43.08 -17.22
N LYS Q 216 -25.35 -43.04 -15.89
CA LYS Q 216 -25.26 -44.26 -15.10
C LYS Q 216 -26.58 -45.02 -15.02
N GLY Q 217 -27.64 -44.49 -15.63
CA GLY Q 217 -28.90 -45.20 -15.75
C GLY Q 217 -29.72 -45.30 -14.50
N VAL Q 218 -29.28 -44.72 -13.38
CA VAL Q 218 -29.97 -44.84 -12.10
C VAL Q 218 -30.31 -43.44 -11.60
N LEU Q 219 -31.61 -43.13 -11.59
CA LEU Q 219 -32.11 -41.95 -10.91
C LEU Q 219 -33.40 -42.31 -10.19
N GLU R 3 5.88 -54.29 35.89
CA GLU R 3 5.82 -54.71 34.50
C GLU R 3 6.56 -53.76 33.58
N GLN R 4 6.09 -52.51 33.51
CA GLN R 4 6.67 -51.51 32.61
C GLN R 4 7.64 -50.63 33.40
N LYS R 5 8.82 -51.18 33.64
CA LYS R 5 9.87 -50.49 34.36
C LYS R 5 11.17 -50.54 33.55
N ALA R 6 11.97 -49.50 33.71
CA ALA R 6 13.27 -49.42 33.06
C ALA R 6 14.15 -48.46 33.85
N LEU R 7 15.46 -48.71 33.80
CA LEU R 7 16.44 -47.80 34.36
C LEU R 7 17.52 -47.54 33.33
N VAL R 8 17.89 -46.28 33.16
CA VAL R 8 18.84 -45.84 32.15
C VAL R 8 19.92 -45.01 32.81
N LYS R 9 21.17 -45.46 32.69
CA LYS R 9 22.32 -44.75 33.24
C LYS R 9 23.15 -44.25 32.06
N ARG R 10 22.96 -42.99 31.71
CA ARG R 10 23.63 -42.40 30.55
C ARG R 10 24.80 -41.54 31.04
N ILE R 11 26.02 -41.94 30.66
CA ILE R 11 27.23 -41.36 31.20
C ILE R 11 28.03 -40.78 30.04
N THR R 12 28.16 -39.47 30.00
CA THR R 12 28.98 -38.77 29.01
C THR R 12 29.89 -37.79 29.73
N ASN R 13 30.78 -37.14 28.98
CA ASN R 13 31.75 -36.23 29.59
C ASN R 13 31.16 -34.88 29.94
N GLU R 14 29.88 -34.67 29.69
CA GLU R 14 29.18 -33.45 30.09
C GLU R 14 28.24 -33.69 31.26
N THR R 15 27.41 -34.71 31.18
CA THR R 15 26.43 -35.03 32.22
C THR R 15 26.55 -36.50 32.61
N LYS R 16 26.09 -36.80 33.82
CA LYS R 16 25.87 -38.18 34.25
C LYS R 16 24.42 -38.30 34.65
N ILE R 17 23.73 -39.28 34.07
CA ILE R 17 22.28 -39.39 34.17
C ILE R 17 21.97 -40.73 34.83
N GLN R 18 20.90 -40.77 35.61
CA GLN R 18 20.34 -42.05 36.03
C GLN R 18 18.83 -41.85 36.17
N ILE R 19 18.07 -42.47 35.27
CA ILE R 19 16.63 -42.30 35.21
C ILE R 19 15.97 -43.66 35.39
N ALA R 20 15.19 -43.79 36.45
CA ALA R 20 14.37 -44.97 36.68
C ALA R 20 12.91 -44.59 36.52
N ILE R 21 12.18 -45.36 35.72
CA ILE R 21 10.81 -45.03 35.36
C ILE R 21 9.93 -46.24 35.63
N SER R 22 8.66 -45.98 35.93
CA SER R 22 7.64 -47.02 35.98
C SER R 22 6.38 -46.41 35.40
N LEU R 23 5.93 -46.95 34.27
CA LEU R 23 4.80 -46.36 33.58
C LEU R 23 3.48 -46.67 34.25
N LYS R 24 3.37 -47.82 34.91
CA LYS R 24 2.15 -48.20 35.57
C LYS R 24 2.04 -47.65 36.98
N GLY R 25 3.00 -46.84 37.43
CA GLY R 25 2.96 -46.27 38.75
C GLY R 25 3.69 -47.12 39.77
N GLY R 26 3.20 -47.12 41.01
CA GLY R 26 3.78 -47.93 42.05
C GLY R 26 5.03 -47.32 42.62
N PRO R 27 5.77 -48.10 43.41
CA PRO R 27 6.99 -47.59 44.03
C PRO R 27 8.23 -47.75 43.15
N LEU R 28 9.24 -46.94 43.46
CA LEU R 28 10.55 -47.03 42.83
C LEU R 28 11.62 -46.61 43.82
N ALA R 29 12.80 -47.19 43.66
CA ALA R 29 13.98 -46.81 44.43
C ALA R 29 15.17 -46.91 43.50
N ILE R 30 16.35 -46.58 44.03
CA ILE R 30 17.61 -46.77 43.31
C ILE R 30 18.57 -47.52 44.23
N GLU R 31 19.07 -48.66 43.74
CA GLU R 31 19.96 -49.49 44.55
C GLU R 31 21.32 -48.85 44.74
N HIS R 32 21.75 -48.00 43.81
CA HIS R 32 23.04 -47.32 43.91
C HIS R 32 22.94 -46.00 43.16
N SER R 33 22.74 -44.91 43.90
CA SER R 33 22.53 -43.61 43.31
C SER R 33 23.84 -42.97 42.89
N ILE R 34 23.73 -41.86 42.15
CA ILE R 34 24.92 -41.12 41.72
C ILE R 34 25.18 -39.87 42.54
N PHE R 35 24.22 -39.42 43.33
CA PHE R 35 24.51 -38.30 44.24
C PHE R 35 25.28 -38.82 45.45
N PRO R 36 26.15 -38.01 46.03
CA PRO R 36 26.86 -38.44 47.25
C PRO R 36 25.93 -38.54 48.44
N GLU R 37 26.13 -39.61 49.22
CA GLU R 37 25.39 -39.94 50.45
C GLU R 37 23.89 -40.07 50.15
N LYS R 38 23.60 -41.06 49.30
CA LYS R 38 22.25 -41.43 48.85
C LYS R 38 21.48 -40.26 48.22
N ALA R 44 10.57 -30.63 43.74
CA ALA R 44 9.58 -31.38 42.99
C ALA R 44 9.63 -32.87 43.32
N GLU R 45 9.08 -33.22 44.47
CA GLU R 45 9.07 -34.60 44.96
C GLU R 45 7.68 -34.94 45.48
N GLN R 46 7.00 -35.86 44.80
CA GLN R 46 5.69 -36.33 45.22
C GLN R 46 5.75 -37.83 45.47
N ALA R 47 5.36 -38.26 46.65
CA ALA R 47 5.51 -39.66 47.04
C ALA R 47 4.25 -40.15 47.77
N THR R 48 3.08 -39.88 47.20
CA THR R 48 1.82 -40.09 47.92
C THR R 48 1.21 -41.44 47.53
N GLN R 49 1.90 -42.52 47.91
CA GLN R 49 1.34 -43.86 48.12
C GLN R 49 0.80 -44.56 46.87
N SER R 50 0.79 -43.90 45.72
CA SER R 50 0.32 -44.50 44.48
C SER R 50 1.42 -44.45 43.46
N GLN R 51 2.07 -43.30 43.36
CA GLN R 51 3.22 -43.09 42.49
C GLN R 51 4.25 -42.25 43.23
N VAL R 52 5.52 -42.51 42.97
CA VAL R 52 6.61 -41.74 43.56
C VAL R 52 7.40 -41.08 42.43
N ILE R 53 7.40 -39.76 42.41
CA ILE R 53 8.11 -39.00 41.40
C ILE R 53 9.04 -38.01 42.08
N ASN R 54 10.33 -38.13 41.80
CA ASN R 54 11.38 -37.39 42.50
C ASN R 54 12.44 -37.05 41.46
N VAL R 55 12.40 -35.83 40.96
CA VAL R 55 13.30 -35.38 39.92
C VAL R 55 14.34 -34.44 40.53
N HIS R 56 15.62 -34.71 40.27
CA HIS R 56 16.70 -33.88 40.75
C HIS R 56 17.63 -33.61 39.58
N THR R 57 17.32 -32.57 38.83
CA THR R 57 18.27 -32.00 37.88
C THR R 57 18.78 -30.70 38.49
N GLY R 58 19.82 -30.14 37.86
CA GLY R 58 20.34 -28.88 38.35
C GLY R 58 19.46 -27.70 38.06
N ILE R 59 18.50 -27.85 37.15
CA ILE R 59 17.58 -26.79 36.74
C ILE R 59 16.29 -26.99 37.50
N GLY R 60 15.84 -25.94 38.19
CA GLY R 60 14.64 -26.07 38.99
C GLY R 60 13.36 -26.02 38.21
N PHE R 61 13.31 -25.23 37.15
CA PHE R 61 12.12 -25.16 36.33
C PHE R 61 11.97 -26.38 35.43
N LEU R 62 13.08 -26.99 35.04
CA LEU R 62 13.04 -28.23 34.29
C LEU R 62 12.73 -29.43 35.18
N ASP R 63 12.97 -29.31 36.49
CA ASP R 63 12.42 -30.28 37.43
C ASP R 63 10.90 -30.22 37.44
N HIS R 64 10.35 -29.01 37.39
CA HIS R 64 8.91 -28.82 37.50
C HIS R 64 8.17 -29.28 36.25
N MET R 65 8.84 -29.33 35.11
CA MET R 65 8.18 -29.76 33.90
C MET R 65 8.19 -31.26 33.73
N ILE R 66 9.24 -31.93 34.20
CA ILE R 66 9.25 -33.38 34.23
C ILE R 66 8.32 -33.88 35.33
N HIS R 67 8.17 -33.10 36.40
CA HIS R 67 7.29 -33.48 37.50
C HIS R 67 5.84 -33.44 37.07
N ALA R 68 5.42 -32.36 36.42
CA ALA R 68 4.06 -32.24 35.91
C ALA R 68 3.78 -33.21 34.77
N LEU R 69 4.83 -33.62 34.06
CA LEU R 69 4.69 -34.65 33.04
C LEU R 69 4.40 -36.01 33.67
N ALA R 70 5.12 -36.36 34.71
CA ALA R 70 4.95 -37.67 35.31
C ALA R 70 3.80 -37.71 36.31
N LYS R 71 3.37 -36.56 36.82
CA LYS R 71 2.24 -36.56 37.75
C LYS R 71 0.94 -36.86 37.03
N HIS R 72 0.76 -36.31 35.83
CA HIS R 72 -0.48 -36.49 35.10
C HIS R 72 -0.38 -37.60 34.06
N SER R 73 0.69 -38.39 34.10
CA SER R 73 0.79 -39.58 33.27
C SER R 73 0.59 -40.87 34.04
N GLY R 74 0.52 -40.82 35.36
CA GLY R 74 0.49 -42.04 36.13
C GLY R 74 1.83 -42.69 36.31
N TRP R 75 2.91 -41.96 36.07
CA TRP R 75 4.25 -42.50 36.14
C TRP R 75 4.80 -42.45 37.55
N SER R 76 5.70 -43.37 37.84
CA SER R 76 6.69 -43.22 38.90
C SER R 76 8.02 -42.97 38.21
N LEU R 77 8.73 -41.93 38.65
CA LEU R 77 9.89 -41.49 37.89
C LEU R 77 10.92 -40.85 38.80
N ILE R 78 12.13 -41.39 38.80
CA ILE R 78 13.24 -40.81 39.54
C ILE R 78 14.28 -40.35 38.52
N VAL R 79 14.63 -39.07 38.57
CA VAL R 79 15.57 -38.47 37.64
C VAL R 79 16.73 -37.90 38.43
N GLU R 80 17.95 -38.30 38.06
CA GLU R 80 19.17 -37.79 38.68
C GLU R 80 20.11 -37.34 37.57
N CYS R 81 20.35 -36.04 37.51
CA CYS R 81 21.26 -35.53 36.54
C CYS R 81 22.31 -34.67 37.16
N ILE R 82 23.55 -35.11 37.03
CA ILE R 82 24.71 -34.35 37.49
C ILE R 82 25.30 -33.71 36.24
N GLY R 83 24.97 -32.44 36.00
CA GLY R 83 25.40 -31.79 34.78
C GLY R 83 26.19 -30.53 35.02
N ASP R 84 26.89 -30.07 33.98
CA ASP R 84 27.70 -28.87 34.08
C ASP R 84 26.83 -27.62 33.98
N LEU R 85 26.86 -26.80 35.03
CA LEU R 85 26.06 -25.59 35.07
C LEU R 85 26.88 -24.32 35.10
N HIS R 86 28.21 -24.42 35.05
CA HIS R 86 29.02 -23.22 34.84
C HIS R 86 28.96 -22.80 33.39
N ILE R 87 28.76 -23.75 32.49
CA ILE R 87 28.33 -23.58 31.10
C ILE R 87 26.83 -23.39 31.16
N ASP R 88 26.17 -23.07 30.05
CA ASP R 88 24.72 -22.89 30.10
C ASP R 88 23.98 -24.22 30.33
N ASP R 89 22.67 -24.12 30.35
CA ASP R 89 21.80 -25.24 30.67
C ASP R 89 21.40 -26.08 29.46
N HIS R 90 22.04 -25.91 28.31
CA HIS R 90 21.65 -26.72 27.15
C HIS R 90 22.12 -28.15 27.32
N HIS R 91 23.38 -28.34 27.68
CA HIS R 91 23.95 -29.68 27.71
C HIS R 91 23.36 -30.55 28.81
N THR R 92 22.74 -29.94 29.81
CA THR R 92 22.09 -30.68 30.88
C THR R 92 20.57 -30.70 30.76
N THR R 93 20.02 -30.18 29.69
CA THR R 93 18.61 -30.35 29.42
C THR R 93 18.38 -31.23 28.21
N GLU R 94 19.22 -31.07 27.17
CA GLU R 94 19.21 -31.97 26.04
C GLU R 94 19.58 -33.39 26.45
N ASP R 95 20.62 -33.54 27.28
CA ASP R 95 21.02 -34.88 27.70
C ASP R 95 20.02 -35.50 28.66
N CYS R 96 19.35 -34.71 29.47
CA CYS R 96 18.31 -35.22 30.37
C CYS R 96 16.97 -35.39 29.68
N GLY R 97 16.91 -35.21 28.36
CA GLY R 97 15.71 -35.49 27.59
C GLY R 97 15.93 -36.66 26.67
N ILE R 98 17.18 -36.86 26.25
CA ILE R 98 17.54 -38.05 25.50
C ILE R 98 17.42 -39.28 26.39
N ALA R 99 17.95 -39.21 27.60
CA ALA R 99 17.87 -40.36 28.49
C ALA R 99 16.47 -40.56 29.04
N LEU R 100 15.64 -39.53 29.04
CA LEU R 100 14.26 -39.67 29.51
C LEU R 100 13.35 -40.17 28.40
N GLY R 101 13.74 -40.03 27.14
CA GLY R 101 13.05 -40.73 26.08
C GLY R 101 13.46 -42.18 25.98
N GLN R 102 14.72 -42.49 26.29
CA GLN R 102 15.16 -43.88 26.27
C GLN R 102 14.54 -44.69 27.40
N ALA R 103 14.33 -44.07 28.56
CA ALA R 103 13.71 -44.78 29.66
C ALA R 103 12.23 -45.04 29.39
N PHE R 104 11.56 -44.10 28.72
CA PHE R 104 10.19 -44.35 28.28
C PHE R 104 10.14 -45.39 27.17
N LYS R 105 11.17 -45.47 26.34
CA LYS R 105 11.17 -46.43 25.25
C LYS R 105 11.38 -47.85 25.77
N GLU R 106 12.32 -48.03 26.70
CA GLU R 106 12.61 -49.36 27.22
C GLU R 106 11.53 -49.85 28.17
N ALA R 107 10.70 -48.95 28.68
CA ALA R 107 9.66 -49.37 29.61
C ALA R 107 8.47 -49.99 28.89
N LEU R 108 8.25 -49.65 27.63
CA LEU R 108 7.26 -50.34 26.80
C LEU R 108 7.98 -50.93 25.61
N GLY R 109 8.27 -52.22 25.66
CA GLY R 109 8.96 -52.85 24.56
C GLY R 109 8.07 -53.10 23.37
N ALA R 110 7.09 -53.98 23.53
CA ALA R 110 6.20 -54.36 22.45
C ALA R 110 5.08 -53.33 22.35
N VAL R 111 5.06 -52.57 21.26
CA VAL R 111 3.95 -51.68 20.99
C VAL R 111 2.88 -52.53 20.33
N ARG R 112 2.04 -53.17 21.14
CA ARG R 112 0.90 -53.90 20.64
C ARG R 112 -0.15 -53.95 21.72
N GLY R 113 -1.41 -53.95 21.30
CA GLY R 113 -2.49 -53.85 22.25
C GLY R 113 -2.67 -52.48 22.85
N VAL R 114 -2.16 -51.44 22.20
CA VAL R 114 -2.26 -50.08 22.69
C VAL R 114 -3.06 -49.25 21.70
N LYS R 115 -3.57 -48.12 22.17
CA LYS R 115 -4.38 -47.24 21.34
C LYS R 115 -3.56 -46.62 20.21
N ARG R 116 -2.28 -46.35 20.46
CA ARG R 116 -1.24 -45.81 19.58
C ARG R 116 -1.45 -44.32 19.28
N PHE R 117 -2.63 -43.78 19.51
CA PHE R 117 -2.94 -42.39 19.19
C PHE R 117 -3.52 -41.75 20.44
N GLY R 118 -2.72 -40.90 21.08
CA GLY R 118 -3.19 -40.10 22.19
C GLY R 118 -3.19 -38.63 21.80
N SER R 119 -4.27 -37.95 22.15
CA SER R 119 -4.37 -36.51 21.98
C SER R 119 -4.75 -35.92 23.31
N GLY R 120 -4.05 -34.88 23.72
CA GLY R 120 -4.35 -34.27 25.00
C GLY R 120 -4.37 -32.77 24.95
N PHE R 121 -5.50 -32.19 25.30
CA PHE R 121 -5.59 -30.76 25.57
C PHE R 121 -5.45 -30.54 27.07
N ALA R 122 -4.75 -29.50 27.43
CA ALA R 122 -4.66 -29.12 28.84
C ALA R 122 -4.55 -27.62 28.95
N PRO R 123 -5.40 -26.97 29.72
CA PRO R 123 -5.24 -25.54 29.97
C PRO R 123 -4.47 -25.29 31.25
N LEU R 124 -3.91 -24.08 31.32
CA LEU R 124 -3.42 -23.56 32.59
C LEU R 124 -3.59 -22.05 32.50
N ASP R 125 -4.78 -21.57 32.90
CA ASP R 125 -5.02 -20.19 33.31
C ASP R 125 -4.67 -19.21 32.19
N GLU R 126 -5.47 -19.29 31.11
CA GLU R 126 -5.52 -18.63 29.80
C GLU R 126 -4.54 -19.21 28.80
N ALA R 127 -3.67 -20.13 29.18
CA ALA R 127 -2.84 -20.83 28.20
C ALA R 127 -3.53 -22.14 27.82
N LEU R 128 -3.37 -22.53 26.57
CA LEU R 128 -4.02 -23.74 26.06
C LEU R 128 -3.09 -24.45 25.10
N SER R 129 -2.72 -25.68 25.42
CA SER R 129 -1.79 -26.46 24.63
C SER R 129 -2.43 -27.79 24.28
N ARG R 130 -2.25 -28.24 23.05
CA ARG R 130 -2.58 -29.59 22.69
C ARG R 130 -1.30 -30.37 22.40
N ALA R 131 -1.37 -31.67 22.60
CA ALA R 131 -0.26 -32.53 22.29
C ALA R 131 -0.84 -33.81 21.71
N VAL R 132 -0.37 -34.19 20.53
CA VAL R 132 -0.71 -35.49 19.99
C VAL R 132 0.56 -36.32 19.99
N VAL R 133 0.40 -37.64 20.04
CA VAL R 133 1.52 -38.57 20.14
C VAL R 133 1.14 -39.79 19.32
N ASP R 134 2.15 -40.50 18.80
CA ASP R 134 1.88 -41.48 17.76
C ASP R 134 2.44 -42.86 18.05
N LEU R 135 3.50 -42.98 18.86
CA LEU R 135 4.12 -44.25 19.25
C LEU R 135 4.58 -45.11 18.06
N SER R 136 4.84 -44.51 16.92
CA SER R 136 5.36 -45.21 15.75
C SER R 136 6.86 -45.02 15.69
N ASN R 137 7.58 -46.09 15.33
CA ASN R 137 9.04 -46.12 15.55
C ASN R 137 9.82 -45.14 14.69
N ARG R 138 9.26 -44.26 13.92
CA ARG R 138 10.05 -43.15 13.42
C ARG R 138 9.90 -41.96 14.36
N PRO R 139 10.99 -41.35 14.82
CA PRO R 139 10.89 -40.19 15.70
C PRO R 139 10.58 -38.93 14.92
N TYR R 140 9.72 -38.08 15.48
CA TYR R 140 9.46 -36.80 14.88
C TYR R 140 8.94 -35.85 15.94
N ALA R 141 9.23 -34.56 15.80
CA ALA R 141 8.85 -33.59 16.83
C ALA R 141 8.54 -32.25 16.19
N VAL R 142 7.29 -31.83 16.28
CA VAL R 142 6.85 -30.53 15.80
C VAL R 142 6.37 -29.74 17.01
N VAL R 143 7.27 -28.98 17.61
CA VAL R 143 7.01 -28.30 18.87
C VAL R 143 6.92 -26.81 18.61
N GLU R 144 5.72 -26.25 18.73
CA GLU R 144 5.50 -24.85 18.37
C GLU R 144 4.98 -24.04 19.56
N LEU R 145 5.63 -24.19 20.70
CA LEU R 145 5.41 -23.33 21.85
C LEU R 145 5.88 -21.92 21.53
N GLY R 146 4.95 -20.98 21.42
CA GLY R 146 5.40 -19.65 21.10
C GLY R 146 5.72 -18.85 22.34
N LEU R 147 6.98 -18.89 22.75
CA LEU R 147 7.42 -18.33 24.03
C LEU R 147 8.15 -17.03 23.76
N GLN R 148 7.62 -15.93 24.29
CA GLN R 148 8.20 -14.60 24.11
C GLN R 148 9.02 -14.17 25.31
N ARG R 149 9.74 -15.11 25.88
CA ARG R 149 10.58 -14.91 27.05
C ARG R 149 11.94 -15.52 26.73
N GLU R 150 12.99 -15.07 27.41
CA GLU R 150 14.30 -15.65 27.19
C GLU R 150 14.70 -16.67 28.24
N LYS R 151 14.32 -16.49 29.50
CA LYS R 151 14.58 -17.46 30.54
C LYS R 151 13.40 -17.48 31.50
N VAL R 152 13.04 -18.66 31.98
CA VAL R 152 11.88 -18.70 32.87
C VAL R 152 12.31 -18.56 34.33
N GLY R 153 12.98 -19.57 34.88
CA GLY R 153 13.69 -19.29 36.12
C GLY R 153 15.14 -19.67 36.05
N ASP R 154 15.40 -20.82 35.46
CA ASP R 154 16.73 -21.26 35.08
C ASP R 154 16.80 -21.88 33.70
N LEU R 155 15.70 -22.46 33.20
CA LEU R 155 15.64 -22.87 31.81
C LEU R 155 15.74 -21.66 30.91
N SER R 156 16.38 -21.87 29.77
CA SER R 156 16.63 -20.80 28.82
C SER R 156 15.55 -20.69 27.77
N CYS R 157 14.39 -21.33 27.98
CA CYS R 157 13.13 -21.03 27.31
C CYS R 157 13.11 -21.32 25.80
N GLU R 158 14.27 -21.63 25.23
CA GLU R 158 14.38 -22.24 23.92
C GLU R 158 14.78 -23.69 24.06
N MET R 159 15.15 -24.10 25.27
CA MET R 159 15.38 -25.50 25.55
C MET R 159 14.11 -26.26 25.84
N ILE R 160 13.03 -25.58 26.18
CA ILE R 160 11.73 -26.21 26.40
C ILE R 160 11.20 -26.85 25.10
N PRO R 161 11.35 -26.26 23.90
CA PRO R 161 11.09 -27.08 22.71
C PRO R 161 12.18 -28.09 22.43
N HIS R 162 13.42 -27.79 22.81
CA HIS R 162 14.55 -28.65 22.52
C HIS R 162 14.56 -29.87 23.41
N PHE R 163 13.93 -29.78 24.59
CA PHE R 163 13.72 -30.95 25.43
C PHE R 163 12.74 -31.91 24.80
N LEU R 164 11.61 -31.39 24.32
CA LEU R 164 10.60 -32.23 23.70
C LEU R 164 11.03 -32.73 22.33
N GLU R 165 11.94 -32.01 21.69
CA GLU R 165 12.55 -32.50 20.46
C GLU R 165 13.36 -33.76 20.71
N SER R 166 14.26 -33.72 21.70
CA SER R 166 15.09 -34.86 22.00
C SER R 166 14.35 -35.96 22.73
N PHE R 167 13.23 -35.64 23.39
CA PHE R 167 12.40 -36.67 23.99
C PHE R 167 11.75 -37.53 22.93
N ALA R 168 11.12 -36.91 21.93
CA ALA R 168 10.53 -37.66 20.84
C ALA R 168 11.57 -38.34 19.97
N GLU R 169 12.78 -37.77 19.92
CA GLU R 169 13.87 -38.33 19.12
C GLU R 169 14.33 -39.66 19.68
N ALA R 170 14.62 -39.71 20.98
CA ALA R 170 15.19 -40.90 21.60
C ALA R 170 14.13 -41.89 22.04
N SER R 171 12.87 -41.50 22.11
CA SER R 171 11.79 -42.40 22.45
C SER R 171 11.12 -43.01 21.24
N ARG R 172 11.50 -42.58 20.03
CA ARG R 172 10.97 -43.09 18.76
C ARG R 172 9.46 -42.90 18.67
N ILE R 173 9.00 -41.68 18.95
CA ILE R 173 7.59 -41.34 18.83
C ILE R 173 7.48 -40.09 17.96
N THR R 174 6.32 -39.92 17.35
CA THR R 174 5.99 -38.71 16.60
C THR R 174 5.12 -37.83 17.48
N LEU R 175 5.47 -36.55 17.55
CA LEU R 175 4.93 -35.67 18.56
C LEU R 175 4.67 -34.29 17.96
N HIS R 176 3.45 -33.79 18.15
CA HIS R 176 3.04 -32.45 17.77
C HIS R 176 2.54 -31.74 19.01
N VAL R 177 3.32 -30.83 19.57
CA VAL R 177 2.91 -30.02 20.70
C VAL R 177 2.82 -28.58 20.24
N ASP R 178 1.66 -27.95 20.45
CA ASP R 178 1.38 -26.63 19.93
C ASP R 178 0.55 -25.88 20.98
N CYS R 179 1.08 -24.76 21.47
CA CYS R 179 0.33 -23.92 22.39
C CYS R 179 -0.58 -22.99 21.60
N LEU R 180 -1.87 -23.08 21.86
CA LEU R 180 -2.85 -22.39 21.06
C LEU R 180 -3.01 -20.94 21.45
N ARG R 181 -2.86 -20.63 22.74
CA ARG R 181 -2.99 -19.27 23.23
C ARG R 181 -2.26 -19.18 24.56
N GLY R 182 -2.21 -17.97 25.10
CA GLY R 182 -1.60 -17.74 26.39
C GLY R 182 -0.59 -16.62 26.31
N LYS R 183 -0.44 -15.90 27.42
CA LYS R 183 0.51 -14.79 27.43
C LYS R 183 1.36 -14.77 28.70
N ASN R 184 1.39 -15.88 29.43
CA ASN R 184 2.30 -16.12 30.54
C ASN R 184 3.05 -17.38 30.18
N ASP R 185 4.38 -17.30 30.16
CA ASP R 185 5.17 -18.39 29.61
C ASP R 185 5.51 -19.47 30.62
N HIS R 186 5.31 -19.23 31.92
CA HIS R 186 5.23 -20.35 32.83
C HIS R 186 3.97 -21.15 32.55
N HIS R 187 2.85 -20.44 32.38
CA HIS R 187 1.57 -21.07 32.04
C HIS R 187 1.63 -21.74 30.69
N ARG R 188 2.30 -21.12 29.73
CA ARG R 188 2.31 -21.64 28.38
C ARG R 188 3.18 -22.88 28.27
N SER R 189 4.26 -22.96 29.05
CA SER R 189 5.13 -24.12 28.95
C SER R 189 4.69 -25.25 29.87
N GLU R 190 4.03 -24.96 30.98
CA GLU R 190 3.56 -26.02 31.85
C GLU R 190 2.34 -26.71 31.26
N SER R 191 1.51 -25.96 30.55
CA SER R 191 0.36 -26.55 29.90
C SER R 191 0.76 -27.48 28.78
N ALA R 192 1.93 -27.27 28.18
CA ALA R 192 2.43 -28.17 27.16
C ALA R 192 2.85 -29.51 27.75
N PHE R 193 3.49 -29.49 28.91
CA PHE R 193 3.86 -30.73 29.56
C PHE R 193 2.67 -31.41 30.21
N LYS R 194 1.66 -30.65 30.61
CA LYS R 194 0.43 -31.27 31.09
C LYS R 194 -0.40 -31.84 29.96
N ALA R 195 -0.29 -31.29 28.75
CA ALA R 195 -0.99 -31.83 27.60
C ALA R 195 -0.32 -33.09 27.08
N LEU R 196 1.01 -33.13 27.12
CA LEU R 196 1.74 -34.33 26.75
C LEU R 196 1.48 -35.48 27.70
N ALA R 197 1.23 -35.16 28.97
CA ALA R 197 0.91 -36.19 29.94
C ALA R 197 -0.44 -36.82 29.67
N VAL R 198 -1.37 -36.07 29.11
CA VAL R 198 -2.67 -36.64 28.75
C VAL R 198 -2.54 -37.51 27.51
N ALA R 199 -1.67 -37.12 26.59
CA ALA R 199 -1.57 -37.83 25.31
C ALA R 199 -0.85 -39.16 25.45
N ILE R 200 0.23 -39.19 26.23
CA ILE R 200 0.95 -40.44 26.47
C ILE R 200 0.10 -41.42 27.27
N ARG R 201 -0.68 -40.90 28.21
CA ARG R 201 -1.62 -41.72 28.96
C ARG R 201 -2.69 -42.32 28.05
N GLU R 202 -3.08 -41.58 27.01
CA GLU R 202 -4.13 -42.04 26.11
C GLU R 202 -3.59 -42.98 25.04
N ALA R 203 -2.35 -42.77 24.60
CA ALA R 203 -1.78 -43.65 23.59
C ALA R 203 -1.31 -44.97 24.19
N THR R 204 -0.64 -44.93 25.33
CA THR R 204 -0.31 -46.15 26.04
C THR R 204 -1.50 -46.49 26.91
N SER R 205 -2.41 -47.27 26.35
CA SER R 205 -3.65 -47.60 27.04
C SER R 205 -4.05 -49.00 26.64
N PRO R 206 -4.76 -49.73 27.49
CA PRO R 206 -5.18 -51.09 27.11
C PRO R 206 -6.27 -51.09 26.06
N ASN R 207 -5.85 -51.05 24.79
CA ASN R 207 -6.78 -51.23 23.68
C ASN R 207 -7.50 -52.57 23.76
N GLY R 208 -6.81 -53.61 24.17
CA GLY R 208 -7.35 -54.95 24.09
C GLY R 208 -7.08 -55.58 22.75
N THR R 209 -7.47 -56.86 22.65
CA THR R 209 -7.47 -57.75 21.49
C THR R 209 -6.08 -58.15 21.00
N ASN R 210 -5.00 -57.59 21.55
CA ASN R 210 -3.61 -58.04 21.38
C ASN R 210 -3.19 -58.04 19.90
N ASP R 211 -3.13 -56.85 19.33
CA ASP R 211 -2.75 -56.71 17.93
C ASP R 211 -1.91 -55.45 17.77
N VAL R 212 -0.84 -55.57 17.00
CA VAL R 212 0.03 -54.42 16.69
C VAL R 212 -0.70 -53.47 15.75
N PRO R 213 -0.99 -52.24 16.18
CA PRO R 213 -1.92 -51.40 15.42
C PRO R 213 -1.26 -50.65 14.27
N SER R 214 -0.96 -51.38 13.20
CA SER R 214 -0.30 -50.76 12.05
C SER R 214 -0.68 -51.48 10.77
N THR R 215 -0.65 -50.75 9.67
CA THR R 215 -0.82 -51.34 8.36
C THR R 215 0.36 -52.22 7.99
N LYS R 216 1.57 -51.73 8.21
CA LYS R 216 2.77 -52.47 7.84
C LYS R 216 3.12 -53.55 8.85
N GLY R 217 2.37 -53.68 9.94
CA GLY R 217 2.52 -54.76 10.87
C GLY R 217 3.73 -54.69 11.78
N VAL R 218 4.53 -53.62 11.70
CA VAL R 218 5.77 -53.52 12.47
C VAL R 218 5.69 -52.24 13.31
N LEU R 219 5.59 -52.41 14.62
CA LEU R 219 5.77 -51.31 15.56
C LEU R 219 6.58 -51.81 16.75
N GLU S 3 53.75 -32.50 -17.98
CA GLU S 3 52.62 -33.38 -18.24
C GLU S 3 51.41 -32.63 -18.76
N GLN S 4 50.87 -31.73 -17.94
CA GLN S 4 49.66 -30.98 -18.28
C GLN S 4 50.07 -29.61 -18.81
N LYS S 5 50.49 -29.59 -20.07
CA LYS S 5 50.90 -28.38 -20.75
C LYS S 5 50.17 -28.27 -22.08
N ALA S 6 49.93 -27.03 -22.49
CA ALA S 6 49.30 -26.76 -23.77
C ALA S 6 49.66 -25.35 -24.19
N LEU S 7 49.70 -25.13 -25.51
CA LEU S 7 49.89 -23.80 -26.08
C LEU S 7 48.84 -23.57 -27.15
N VAL S 8 48.20 -22.41 -27.10
CA VAL S 8 47.10 -22.08 -28.01
C VAL S 8 47.41 -20.74 -28.67
N LYS S 9 47.45 -20.74 -30.00
CA LYS S 9 47.70 -19.55 -30.79
C LYS S 9 46.43 -19.24 -31.57
N ARG S 10 45.61 -18.34 -31.04
CA ARG S 10 44.33 -18.01 -31.64
C ARG S 10 44.46 -16.70 -32.40
N ILE S 11 44.26 -16.76 -33.71
CA ILE S 11 44.53 -15.65 -34.61
C ILE S 11 43.24 -15.29 -35.33
N THR S 12 42.71 -14.10 -35.05
CA THR S 12 41.54 -13.58 -35.73
C THR S 12 41.82 -12.16 -36.18
N ASN S 13 40.88 -11.55 -36.90
CA ASN S 13 41.10 -10.22 -37.45
C ASN S 13 40.93 -9.12 -36.43
N GLU S 14 40.61 -9.46 -35.18
CA GLU S 14 40.52 -8.50 -34.09
C GLU S 14 41.69 -8.60 -33.14
N THR S 15 42.01 -9.81 -32.69
CA THR S 15 43.08 -10.05 -31.74
C THR S 15 44.00 -11.15 -32.25
N LYS S 16 45.23 -11.14 -31.76
CA LYS S 16 46.15 -12.26 -31.94
C LYS S 16 46.58 -12.73 -30.56
N ILE S 17 46.39 -14.01 -30.29
CA ILE S 17 46.54 -14.57 -28.95
C ILE S 17 47.66 -15.60 -29.00
N GLN S 18 48.40 -15.73 -27.90
CA GLN S 18 49.26 -16.88 -27.71
C GLN S 18 49.32 -17.17 -26.23
N ILE S 19 48.72 -18.29 -25.82
CA ILE S 19 48.60 -18.65 -24.41
C ILE S 19 49.28 -19.99 -24.20
N ALA S 20 50.31 -20.01 -23.37
CA ALA S 20 50.97 -21.23 -22.94
C ALA S 20 50.66 -21.45 -21.47
N ILE S 21 50.21 -22.64 -21.13
CA ILE S 21 49.76 -22.95 -19.78
C ILE S 21 50.47 -24.21 -19.30
N SER S 22 50.65 -24.30 -17.99
CA SER S 22 51.09 -25.54 -17.35
C SER S 22 50.32 -25.65 -16.05
N LEU S 23 49.48 -26.67 -15.94
CA LEU S 23 48.60 -26.78 -14.78
C LEU S 23 49.36 -27.26 -13.55
N LYS S 24 50.39 -28.07 -13.73
CA LYS S 24 51.16 -28.58 -12.60
C LYS S 24 52.25 -27.64 -12.15
N GLY S 25 52.35 -26.46 -12.74
CA GLY S 25 53.36 -25.49 -12.35
C GLY S 25 54.63 -25.62 -13.17
N GLY S 26 55.77 -25.35 -12.55
CA GLY S 26 57.04 -25.50 -13.21
C GLY S 26 57.35 -24.33 -14.12
N PRO S 27 58.37 -24.47 -14.97
CA PRO S 27 58.76 -23.39 -15.88
C PRO S 27 58.00 -23.44 -17.20
N LEU S 28 57.98 -22.27 -17.86
CA LEU S 28 57.44 -22.12 -19.20
C LEU S 28 58.19 -21.05 -19.95
N ALA S 29 58.27 -21.21 -21.27
CA ALA S 29 58.83 -20.21 -22.15
C ALA S 29 58.00 -20.21 -23.43
N ILE S 30 58.37 -19.34 -24.36
CA ILE S 30 57.78 -19.34 -25.69
C ILE S 30 58.92 -19.34 -26.71
N GLU S 31 58.90 -20.33 -27.61
CA GLU S 31 59.96 -20.46 -28.59
C GLU S 31 59.90 -19.36 -29.65
N HIS S 32 58.71 -18.82 -29.91
CA HIS S 32 58.56 -17.75 -30.90
C HIS S 32 57.36 -16.90 -30.48
N SER S 33 57.63 -15.76 -29.87
CA SER S 33 56.58 -14.91 -29.32
C SER S 33 55.97 -14.04 -30.41
N ILE S 34 54.85 -13.38 -30.06
CA ILE S 34 54.18 -12.50 -31.00
C ILE S 34 54.47 -11.02 -30.75
N PHE S 35 55.03 -10.67 -29.60
CA PHE S 35 55.45 -9.29 -29.40
C PHE S 35 56.76 -9.03 -30.14
N PRO S 36 57.00 -7.82 -30.63
CA PRO S 36 58.29 -7.53 -31.27
C PRO S 36 59.43 -7.52 -30.27
N GLU S 37 60.56 -8.10 -30.70
CA GLU S 37 61.82 -8.20 -29.94
C GLU S 37 61.59 -8.94 -28.61
N LYS S 38 61.17 -10.20 -28.76
CA LYS S 38 60.89 -11.14 -27.66
C LYS S 38 59.88 -10.60 -26.66
N ALA S 44 52.08 -7.52 -13.95
CA ALA S 44 51.65 -8.78 -13.35
C ALA S 44 52.53 -9.93 -13.82
N GLU S 45 53.74 -10.02 -13.26
CA GLU S 45 54.71 -11.05 -13.63
C GLU S 45 55.32 -11.63 -12.36
N GLN S 46 55.04 -12.91 -12.10
CA GLN S 46 55.60 -13.61 -10.95
C GLN S 46 56.39 -14.82 -11.46
N ALA S 47 57.66 -14.89 -11.08
CA ALA S 47 58.55 -15.92 -11.60
C ALA S 47 59.39 -16.53 -10.49
N THR S 48 58.78 -16.90 -9.36
CA THR S 48 59.52 -17.24 -8.15
C THR S 48 59.67 -18.76 -8.06
N GLN S 49 60.43 -19.34 -9.00
CA GLN S 49 61.13 -20.62 -8.86
C GLN S 49 60.24 -21.87 -8.73
N SER S 50 58.92 -21.69 -8.66
CA SER S 50 58.00 -22.82 -8.56
C SER S 50 57.03 -22.77 -9.73
N GLN S 51 56.52 -21.57 -10.00
CA GLN S 51 55.64 -21.32 -11.12
C GLN S 51 56.00 -19.97 -11.72
N VAL S 52 55.85 -19.85 -13.03
CA VAL S 52 56.11 -18.61 -13.74
C VAL S 52 54.82 -18.16 -14.42
N ILE S 53 54.31 -17.01 -14.01
CA ILE S 53 53.08 -16.47 -14.57
C ILE S 53 53.34 -15.05 -15.04
N ASN S 54 53.12 -14.81 -16.32
CA ASN S 54 53.49 -13.57 -16.99
C ASN S 54 52.40 -13.29 -18.02
N VAL S 55 51.47 -12.41 -17.66
CA VAL S 55 50.34 -12.08 -18.51
C VAL S 55 50.55 -10.69 -19.11
N HIS S 56 50.42 -10.60 -20.42
CA HIS S 56 50.55 -9.32 -21.11
C HIS S 56 49.36 -9.19 -22.06
N THR S 57 48.27 -8.67 -21.54
CA THR S 57 47.18 -8.17 -22.37
C THR S 57 47.25 -6.65 -22.38
N GLY S 58 46.46 -6.04 -23.24
CA GLY S 58 46.43 -4.59 -23.28
C GLY S 58 45.72 -3.96 -22.11
N ILE S 59 44.94 -4.74 -21.37
CA ILE S 59 44.16 -4.27 -20.24
C ILE S 59 44.93 -4.61 -18.98
N GLY S 60 45.17 -3.61 -18.14
CA GLY S 60 45.96 -3.85 -16.95
C GLY S 60 45.22 -4.53 -15.82
N PHE S 61 43.93 -4.22 -15.68
CA PHE S 61 43.15 -4.86 -14.63
C PHE S 61 42.77 -6.29 -15.00
N LEU S 62 42.65 -6.58 -16.28
CA LEU S 62 42.43 -7.94 -16.74
C LEU S 62 43.70 -8.78 -16.71
N ASP S 63 44.87 -8.13 -16.73
CA ASP S 63 46.11 -8.82 -16.39
C ASP S 63 46.09 -9.28 -14.95
N HIS S 64 45.59 -8.44 -14.06
CA HIS S 64 45.61 -8.72 -12.63
C HIS S 64 44.63 -9.81 -12.23
N MET S 65 43.60 -10.05 -13.02
CA MET S 65 42.64 -11.07 -12.69
C MET S 65 43.05 -12.43 -13.20
N ILE S 66 43.73 -12.49 -14.34
CA ILE S 66 44.32 -13.75 -14.79
C ILE S 66 45.52 -14.10 -13.93
N HIS S 67 46.22 -13.10 -13.41
CA HIS S 67 47.38 -13.35 -12.56
C HIS S 67 46.97 -13.94 -11.23
N ALA S 68 45.94 -13.37 -10.59
CA ALA S 68 45.44 -13.92 -9.33
C ALA S 68 44.75 -15.25 -9.53
N LEU S 69 44.24 -15.51 -10.74
CA LEU S 69 43.69 -16.82 -11.06
C LEU S 69 44.78 -17.88 -11.13
N ALA S 70 45.88 -17.56 -11.79
CA ALA S 70 46.93 -18.56 -11.95
C ALA S 70 47.86 -18.63 -10.76
N LYS S 71 47.91 -17.58 -9.93
CA LYS S 71 48.78 -17.64 -8.75
C LYS S 71 48.22 -18.60 -7.71
N HIS S 72 46.91 -18.61 -7.53
CA HIS S 72 46.29 -19.45 -6.52
C HIS S 72 45.75 -20.75 -7.09
N SER S 73 46.09 -21.07 -8.34
CA SER S 73 45.76 -22.36 -8.92
C SER S 73 46.96 -23.28 -9.03
N GLY S 74 48.17 -22.79 -8.79
CA GLY S 74 49.34 -23.59 -9.04
C GLY S 74 49.75 -23.63 -10.48
N TRP S 75 49.26 -22.71 -11.29
CA TRP S 75 49.53 -22.70 -12.72
C TRP S 75 50.82 -21.97 -13.03
N SER S 76 51.42 -22.37 -14.14
CA SER S 76 52.36 -21.52 -14.88
C SER S 76 51.63 -21.09 -16.14
N LEU S 77 51.64 -19.79 -16.43
CA LEU S 77 50.76 -19.28 -17.48
C LEU S 77 51.38 -18.05 -18.12
N ILE S 78 51.58 -18.11 -19.43
CA ILE S 78 52.03 -16.97 -20.21
C ILE S 78 50.91 -16.57 -21.15
N VAL S 79 50.49 -15.32 -21.09
CA VAL S 79 49.39 -14.82 -21.91
C VAL S 79 49.91 -13.64 -22.72
N GLU S 80 49.73 -13.70 -24.03
CA GLU S 80 50.11 -12.63 -24.94
C GLU S 80 48.91 -12.31 -25.82
N CYS S 81 48.37 -11.12 -25.66
CA CYS S 81 47.26 -10.71 -26.47
C CYS S 81 47.52 -9.38 -27.10
N ILE S 82 47.57 -9.40 -28.43
CA ILE S 82 47.70 -8.17 -29.22
C ILE S 82 46.30 -7.86 -29.74
N GLY S 83 45.61 -6.95 -29.06
CA GLY S 83 44.23 -6.67 -29.41
C GLY S 83 43.97 -5.22 -29.72
N ASP S 84 42.84 -4.95 -30.37
CA ASP S 84 42.48 -3.59 -30.75
C ASP S 84 41.92 -2.83 -29.55
N LEU S 85 42.57 -1.73 -29.19
CA LEU S 85 42.16 -0.94 -28.04
C LEU S 85 41.72 0.46 -28.41
N HIS S 86 41.70 0.80 -29.70
CA HIS S 86 41.06 2.04 -30.11
C HIS S 86 39.55 1.88 -30.12
N ILE S 87 39.08 0.66 -30.34
CA ILE S 87 37.73 0.17 -30.06
C ILE S 87 37.72 -0.16 -28.58
N ASP S 88 36.56 -0.49 -28.00
CA ASP S 88 36.54 -0.81 -26.58
C ASP S 88 37.25 -2.14 -26.28
N ASP S 89 37.24 -2.50 -25.00
CA ASP S 89 37.95 -3.65 -24.49
C ASP S 89 37.15 -4.95 -24.54
N HIS S 90 36.01 -4.99 -25.24
CA HIS S 90 35.25 -6.23 -25.28
C HIS S 90 35.94 -7.26 -26.15
N HIS S 91 36.36 -6.87 -27.35
CA HIS S 91 36.89 -7.84 -28.30
C HIS S 91 38.24 -8.40 -27.88
N THR S 92 38.93 -7.73 -26.96
CA THR S 92 40.20 -8.21 -26.46
C THR S 92 40.10 -8.78 -25.05
N THR S 93 38.90 -8.90 -24.50
CA THR S 93 38.73 -9.63 -23.26
C THR S 93 37.93 -10.90 -23.48
N GLU S 94 36.93 -10.84 -24.35
CA GLU S 94 36.21 -12.04 -24.78
C GLU S 94 37.12 -13.00 -25.52
N ASP S 95 37.95 -12.49 -26.43
CA ASP S 95 38.84 -13.36 -27.18
C ASP S 95 39.96 -13.90 -26.32
N CYS S 96 40.42 -13.15 -25.32
CA CYS S 96 41.44 -13.64 -24.40
C CYS S 96 40.86 -14.48 -23.28
N GLY S 97 39.58 -14.81 -23.34
CA GLY S 97 38.96 -15.73 -22.40
C GLY S 97 38.56 -17.01 -23.09
N ILE S 98 38.25 -16.91 -24.38
CA ILE S 98 38.01 -18.09 -25.19
C ILE S 98 39.29 -18.89 -25.35
N ALA S 99 40.39 -18.22 -25.67
CA ALA S 99 41.64 -18.93 -25.84
C ALA S 99 42.23 -19.38 -24.52
N LEU S 100 41.84 -18.76 -23.41
CA LEU S 100 42.32 -19.19 -22.10
C LEU S 100 41.48 -20.33 -21.54
N GLY S 101 40.27 -20.52 -22.03
CA GLY S 101 39.55 -21.74 -21.74
C GLY S 101 40.00 -22.90 -22.58
N GLN S 102 40.41 -22.63 -23.83
CA GLN S 102 40.92 -23.70 -24.69
C GLN S 102 42.26 -24.22 -24.21
N ALA S 103 43.10 -23.34 -23.66
CA ALA S 103 44.40 -23.78 -23.16
C ALA S 103 44.24 -24.60 -21.90
N PHE S 104 43.26 -24.25 -21.05
CA PHE S 104 42.95 -25.09 -19.90
C PHE S 104 42.32 -26.41 -20.32
N LYS S 105 41.57 -26.41 -21.43
CA LYS S 105 40.93 -27.64 -21.87
C LYS S 105 41.94 -28.62 -22.45
N GLU S 106 42.88 -28.12 -23.27
CA GLU S 106 43.86 -29.00 -23.89
C GLU S 106 44.92 -29.46 -22.91
N ALA S 107 45.07 -28.78 -21.77
CA ALA S 107 46.08 -29.17 -20.81
C ALA S 107 45.65 -30.36 -19.98
N LEU S 108 44.35 -30.59 -19.83
CA LEU S 108 43.85 -31.83 -19.21
C LEU S 108 42.96 -32.51 -20.24
N GLY S 109 43.50 -33.52 -20.91
CA GLY S 109 42.72 -34.22 -21.90
C GLY S 109 41.71 -35.17 -21.29
N ALA S 110 42.19 -36.21 -20.62
CA ALA S 110 41.32 -37.23 -20.05
C ALA S 110 40.85 -36.75 -18.68
N VAL S 111 39.56 -36.48 -18.57
CA VAL S 111 38.97 -36.18 -17.28
C VAL S 111 38.68 -37.51 -16.62
N ARG S 112 39.67 -38.08 -15.94
CA ARG S 112 39.48 -39.28 -15.16
C ARG S 112 40.50 -39.29 -14.05
N GLY S 113 40.12 -39.86 -12.91
CA GLY S 113 40.96 -39.81 -11.74
C GLY S 113 40.99 -38.47 -11.06
N VAL S 114 39.99 -37.62 -11.30
CA VAL S 114 39.93 -36.30 -10.72
C VAL S 114 38.70 -36.20 -9.83
N LYS S 115 38.71 -35.21 -8.93
CA LYS S 115 37.60 -35.01 -8.01
C LYS S 115 36.33 -34.61 -8.72
N ARG S 116 36.45 -33.85 -9.82
CA ARG S 116 35.44 -33.33 -10.73
C ARG S 116 34.59 -32.22 -10.11
N PHE S 117 34.61 -32.06 -8.79
CA PHE S 117 33.78 -31.08 -8.11
C PHE S 117 34.70 -30.27 -7.21
N GLY S 118 34.97 -29.03 -7.60
CA GLY S 118 35.70 -28.10 -6.76
C GLY S 118 34.78 -26.96 -6.36
N SER S 119 34.84 -26.61 -5.09
CA SER S 119 34.15 -25.45 -4.55
C SER S 119 35.16 -24.58 -3.84
N GLY S 120 35.14 -23.29 -4.12
CA GLY S 120 36.09 -22.43 -3.48
C GLY S 120 35.48 -21.14 -2.99
N PHE S 121 35.57 -20.88 -1.70
CA PHE S 121 35.30 -19.58 -1.13
C PHE S 121 36.59 -18.81 -1.00
N ALA S 122 36.55 -17.54 -1.29
CA ALA S 122 37.70 -16.68 -1.07
C ALA S 122 37.24 -15.30 -0.69
N PRO S 123 37.71 -14.75 0.42
CA PRO S 123 37.39 -13.36 0.75
C PRO S 123 38.48 -12.41 0.26
N LEU S 124 38.10 -11.16 0.13
CA LEU S 124 39.07 -10.09 0.00
C LEU S 124 38.42 -8.86 0.63
N ASP S 125 38.61 -8.70 1.94
CA ASP S 125 38.47 -7.43 2.65
C ASP S 125 37.06 -6.86 2.49
N GLU S 126 36.09 -7.59 3.08
CA GLU S 126 34.63 -7.50 3.16
C GLU S 126 33.92 -8.03 1.93
N ALA S 127 34.62 -8.40 0.87
CA ALA S 127 33.98 -9.07 -0.26
C ALA S 127 34.12 -10.57 -0.07
N LEU S 128 33.11 -11.31 -0.51
CA LEU S 128 33.10 -12.76 -0.34
C LEU S 128 32.47 -13.39 -1.56
N SER S 129 33.24 -14.23 -2.25
CA SER S 129 32.79 -14.88 -3.47
C SER S 129 32.99 -16.37 -3.34
N ARG S 130 32.01 -17.14 -3.80
CA ARG S 130 32.19 -18.57 -3.97
C ARG S 130 32.21 -18.90 -5.44
N ALA S 131 32.90 -19.98 -5.77
CA ALA S 131 32.92 -20.48 -7.13
C ALA S 131 32.88 -21.99 -7.06
N VAL S 132 31.94 -22.58 -7.77
CA VAL S 132 31.92 -24.02 -7.93
C VAL S 132 32.22 -24.32 -9.39
N VAL S 133 32.78 -25.50 -9.64
CA VAL S 133 33.22 -25.89 -10.97
C VAL S 133 32.93 -27.38 -11.12
N ASP S 134 32.71 -27.83 -12.35
CA ASP S 134 32.12 -29.14 -12.54
C ASP S 134 32.91 -30.06 -13.46
N LEU S 135 33.70 -29.51 -14.39
CA LEU S 135 34.55 -30.27 -15.32
C LEU S 135 33.77 -31.29 -16.18
N SER S 136 32.48 -31.07 -16.38
CA SER S 136 31.67 -31.93 -17.24
C SER S 136 31.54 -31.28 -18.61
N ASN S 137 31.62 -32.08 -19.67
CA ASN S 137 31.83 -31.53 -21.02
C ASN S 137 30.68 -30.73 -21.56
N ARG S 138 29.63 -30.42 -20.85
CA ARG S 138 28.74 -29.37 -21.30
C ARG S 138 29.17 -28.04 -20.67
N PRO S 139 29.36 -26.99 -21.45
CA PRO S 139 29.73 -25.70 -20.87
C PRO S 139 28.53 -24.98 -20.29
N TYR S 140 28.74 -24.34 -19.14
CA TYR S 140 27.68 -23.52 -18.57
C TYR S 140 28.31 -22.49 -17.64
N ALA S 141 27.70 -21.32 -17.53
CA ALA S 141 28.28 -20.25 -16.74
C ALA S 141 27.18 -19.41 -16.11
N VAL S 142 27.10 -19.43 -14.78
CA VAL S 142 26.17 -18.62 -14.02
C VAL S 142 27.00 -17.67 -13.17
N VAL S 143 27.26 -16.48 -13.69
CA VAL S 143 28.17 -15.54 -13.07
C VAL S 143 27.36 -14.36 -12.56
N GLU S 144 27.26 -14.23 -11.23
CA GLU S 144 26.40 -13.23 -10.63
C GLU S 144 27.20 -12.28 -9.74
N LEU S 145 28.31 -11.78 -10.25
CA LEU S 145 29.05 -10.69 -9.62
C LEU S 145 28.22 -9.42 -9.66
N GLY S 146 27.76 -8.96 -8.51
CA GLY S 146 26.96 -7.75 -8.55
C GLY S 146 27.82 -6.52 -8.44
N LEU S 147 28.21 -5.97 -9.59
CA LEU S 147 29.18 -4.88 -9.65
C LEU S 147 28.44 -3.60 -9.97
N GLN S 148 28.51 -2.63 -9.06
CA GLN S 148 27.84 -1.35 -9.20
C GLN S 148 28.79 -0.26 -9.68
N ARG S 149 29.68 -0.62 -10.59
CA ARG S 149 30.68 0.24 -11.16
C ARG S 149 30.61 0.06 -12.67
N GLU S 150 31.08 1.06 -13.44
CA GLU S 150 31.10 0.91 -14.88
C GLU S 150 32.45 0.53 -15.44
N LYS S 151 33.55 1.01 -14.86
CA LYS S 151 34.89 0.62 -15.29
C LYS S 151 35.77 0.54 -14.05
N VAL S 152 36.67 -0.44 -14.01
CA VAL S 152 37.51 -0.54 -12.83
C VAL S 152 38.80 0.24 -13.00
N GLY S 153 39.70 -0.21 -13.87
CA GLY S 153 40.74 0.71 -14.28
C GLY S 153 40.82 0.85 -15.79
N ASP S 154 40.70 -0.27 -16.47
CA ASP S 154 40.53 -0.34 -17.91
C ASP S 154 39.48 -1.35 -18.34
N LEU S 155 39.24 -2.40 -17.56
CA LEU S 155 38.10 -3.28 -17.81
C LEU S 155 36.81 -2.51 -17.65
N SER S 156 35.84 -2.87 -18.46
CA SER S 156 34.55 -2.20 -18.48
C SER S 156 33.54 -2.84 -17.56
N CYS S 157 33.97 -3.73 -16.65
CA CYS S 157 33.24 -4.13 -15.45
C CYS S 157 31.95 -4.92 -15.73
N GLU S 158 31.54 -5.00 -16.98
CA GLU S 158 30.57 -5.96 -17.45
C GLU S 158 31.24 -7.04 -18.26
N MET S 159 32.51 -6.84 -18.58
CA MET S 159 33.31 -7.87 -19.20
C MET S 159 33.86 -8.87 -18.21
N ILE S 160 33.92 -8.51 -16.94
CA ILE S 160 34.35 -9.44 -15.88
C ILE S 160 33.39 -10.63 -15.76
N PRO S 161 32.06 -10.50 -15.87
CA PRO S 161 31.27 -11.72 -16.03
C PRO S 161 31.39 -12.32 -17.41
N HIS S 162 31.63 -11.51 -18.43
CA HIS S 162 31.69 -11.98 -19.80
C HIS S 162 32.98 -12.73 -20.08
N PHE S 163 34.03 -12.45 -19.30
CA PHE S 163 35.25 -13.23 -19.37
C PHE S 163 35.03 -14.63 -18.83
N LEU S 164 34.39 -14.73 -17.67
CA LEU S 164 34.13 -16.02 -17.06
C LEU S 164 33.06 -16.80 -17.80
N GLU S 165 32.19 -16.09 -18.52
CA GLU S 165 31.24 -16.74 -19.41
C GLU S 165 31.95 -17.47 -20.53
N SER S 166 32.84 -16.79 -21.23
CA SER S 166 33.56 -17.39 -22.34
C SER S 166 34.66 -18.34 -21.88
N PHE S 167 35.13 -18.21 -20.65
CA PHE S 167 36.08 -19.17 -20.12
C PHE S 167 35.43 -20.52 -19.91
N ALA S 168 34.27 -20.55 -19.26
CA ALA S 168 33.54 -21.79 -19.08
C ALA S 168 32.99 -22.33 -20.38
N GLU S 169 32.72 -21.45 -21.34
CA GLU S 169 32.21 -21.85 -22.65
C GLU S 169 33.23 -22.65 -23.43
N ALA S 170 34.44 -22.13 -23.55
CA ALA S 170 35.46 -22.75 -24.38
C ALA S 170 36.25 -23.82 -23.64
N SER S 171 36.16 -23.87 -22.32
CA SER S 171 36.82 -24.92 -21.55
C SER S 171 35.93 -26.11 -21.26
N ARG S 172 34.64 -26.03 -21.64
CA ARG S 172 33.66 -27.11 -21.47
C ARG S 172 33.50 -27.49 -19.99
N ILE S 173 33.31 -26.48 -19.14
CA ILE S 173 33.05 -26.71 -17.73
C ILE S 173 31.78 -25.96 -17.34
N THR S 174 31.16 -26.43 -16.28
CA THR S 174 30.00 -25.76 -15.68
C THR S 174 30.48 -24.97 -14.47
N LEU S 175 30.07 -23.72 -14.39
CA LEU S 175 30.66 -22.76 -13.48
C LEU S 175 29.59 -21.87 -12.87
N HIS S 176 29.58 -21.79 -11.54
CA HIS S 176 28.71 -20.88 -10.79
C HIS S 176 29.60 -20.00 -9.93
N VAL S 177 29.78 -18.74 -10.32
CA VAL S 177 30.52 -17.78 -9.52
C VAL S 177 29.54 -16.71 -9.04
N ASP S 178 29.50 -16.49 -7.74
CA ASP S 178 28.52 -15.61 -7.11
C ASP S 178 29.19 -14.87 -5.97
N CYS S 179 29.23 -13.55 -6.05
CA CYS S 179 29.77 -12.75 -4.96
C CYS S 179 28.68 -12.53 -3.92
N LEU S 180 28.96 -12.94 -2.69
CA LEU S 180 27.95 -12.97 -1.66
C LEU S 180 27.77 -11.61 -1.00
N ARG S 181 28.85 -10.84 -0.88
CA ARG S 181 28.78 -9.52 -0.28
C ARG S 181 29.98 -8.72 -0.75
N GLY S 182 30.02 -7.47 -0.36
CA GLY S 182 31.14 -6.60 -0.69
C GLY S 182 30.65 -5.31 -1.29
N LYS S 183 31.40 -4.23 -1.07
CA LYS S 183 30.98 -2.95 -1.61
C LYS S 183 32.15 -2.19 -2.23
N ASN S 184 33.25 -2.88 -2.51
CA ASN S 184 34.36 -2.38 -3.30
C ASN S 184 34.52 -3.35 -4.46
N ASP S 185 34.46 -2.85 -5.68
CA ASP S 185 34.37 -3.72 -6.84
C ASP S 185 35.71 -4.18 -7.37
N HIS S 186 36.82 -3.59 -6.94
CA HIS S 186 38.10 -4.26 -7.10
C HIS S 186 38.14 -5.48 -6.20
N HIS S 187 37.71 -5.30 -4.95
CA HIS S 187 37.62 -6.41 -3.99
C HIS S 187 36.63 -7.45 -4.43
N ARG S 188 35.50 -7.02 -4.98
CA ARG S 188 34.45 -7.95 -5.33
C ARG S 188 34.83 -8.77 -6.55
N SER S 189 35.57 -8.20 -7.49
CA SER S 189 35.93 -8.96 -8.69
C SER S 189 37.19 -9.77 -8.52
N GLU S 190 38.11 -9.34 -7.66
CA GLU S 190 39.33 -10.12 -7.43
C GLU S 190 39.04 -11.33 -6.58
N SER S 191 38.09 -11.22 -5.66
CA SER S 191 37.72 -12.36 -4.84
C SER S 191 37.02 -13.43 -5.66
N ALA S 192 36.40 -13.06 -6.77
CA ALA S 192 35.79 -14.04 -7.66
C ALA S 192 36.85 -14.85 -8.40
N PHE S 193 37.91 -14.20 -8.85
CA PHE S 193 38.99 -14.92 -9.50
C PHE S 193 39.84 -15.69 -8.51
N LYS S 194 39.91 -15.24 -7.27
CA LYS S 194 40.60 -16.02 -6.25
C LYS S 194 39.77 -17.20 -5.78
N ALA S 195 38.45 -17.11 -5.88
CA ALA S 195 37.59 -18.22 -5.54
C ALA S 195 37.58 -19.27 -6.63
N LEU S 196 37.64 -18.85 -7.89
CA LEU S 196 37.74 -19.78 -9.00
C LEU S 196 39.06 -20.53 -8.99
N ALA S 197 40.11 -19.89 -8.50
CA ALA S 197 41.40 -20.55 -8.40
C ALA S 197 41.38 -21.65 -7.36
N VAL S 198 40.57 -21.52 -6.31
CA VAL S 198 40.46 -22.58 -5.32
C VAL S 198 39.65 -23.73 -5.87
N ALA S 199 38.64 -23.43 -6.69
CA ALA S 199 37.73 -24.46 -7.17
C ALA S 199 38.36 -25.32 -8.25
N ILE S 200 39.09 -24.71 -9.18
CA ILE S 200 39.79 -25.46 -10.22
C ILE S 200 40.89 -26.32 -9.62
N ARG S 201 41.57 -25.80 -8.60
CA ARG S 201 42.58 -26.57 -7.88
C ARG S 201 41.96 -27.78 -7.18
N GLU S 202 40.72 -27.64 -6.72
CA GLU S 202 40.06 -28.72 -5.98
C GLU S 202 39.42 -29.73 -6.93
N ALA S 203 38.94 -29.28 -8.09
CA ALA S 203 38.33 -30.21 -9.03
C ALA S 203 39.38 -30.99 -9.81
N THR S 204 40.43 -30.32 -10.28
CA THR S 204 41.56 -31.02 -10.89
C THR S 204 42.48 -31.40 -9.75
N SER S 205 42.26 -32.60 -9.22
CA SER S 205 43.02 -33.06 -8.07
C SER S 205 43.18 -34.56 -8.19
N PRO S 206 44.24 -35.14 -7.64
CA PRO S 206 44.41 -36.59 -7.72
C PRO S 206 43.43 -37.33 -6.83
N ASN S 207 42.24 -37.62 -7.37
CA ASN S 207 41.27 -38.49 -6.70
C ASN S 207 41.85 -39.87 -6.43
N GLY S 208 42.64 -40.39 -7.37
CA GLY S 208 43.07 -41.76 -7.28
C GLY S 208 42.06 -42.70 -7.90
N THR S 209 42.45 -43.98 -7.95
CA THR S 209 41.72 -45.17 -8.39
C THR S 209 41.42 -45.22 -9.88
N ASN S 210 41.71 -44.16 -10.66
CA ASN S 210 41.73 -44.15 -12.12
C ASN S 210 40.35 -44.54 -12.71
N ASP S 211 39.38 -43.68 -12.46
CA ASP S 211 38.04 -43.92 -12.96
C ASP S 211 37.40 -42.60 -13.36
N VAL S 212 36.73 -42.61 -14.51
CA VAL S 212 36.02 -41.43 -15.01
C VAL S 212 34.79 -41.19 -14.14
N PRO S 213 34.72 -40.06 -13.44
CA PRO S 213 33.71 -39.91 -12.38
C PRO S 213 32.35 -39.45 -12.94
N SER S 214 31.63 -40.36 -13.58
CA SER S 214 30.34 -39.99 -14.14
C SER S 214 29.43 -41.22 -14.18
N THR S 215 28.14 -40.95 -14.12
CA THR S 215 27.14 -41.99 -14.31
C THR S 215 27.14 -42.50 -15.75
N LYS S 216 27.14 -41.57 -16.71
CA LYS S 216 27.10 -41.94 -18.12
C LYS S 216 28.44 -42.41 -18.66
N GLY S 217 29.49 -42.39 -17.85
CA GLY S 217 30.77 -42.95 -18.21
C GLY S 217 31.58 -42.14 -19.20
N VAL S 218 31.11 -40.98 -19.64
CA VAL S 218 31.77 -40.18 -20.66
C VAL S 218 32.07 -38.81 -20.09
N LEU S 219 33.35 -38.52 -19.88
CA LEU S 219 33.80 -37.17 -19.57
C LEU S 219 35.09 -36.90 -20.34
N GLU T 3 -4.34 -16.39 -63.11
CA GLU T 3 -4.24 -17.63 -62.36
C GLU T 3 -5.01 -17.58 -61.05
N GLN T 4 -4.60 -16.68 -60.16
CA GLN T 4 -5.18 -16.55 -58.83
C GLN T 4 -6.20 -15.42 -58.85
N LYS T 5 -7.37 -15.72 -59.40
CA LYS T 5 -8.45 -14.75 -59.49
C LYS T 5 -9.73 -15.38 -58.95
N ALA T 6 -10.58 -14.53 -58.38
CA ALA T 6 -11.87 -14.96 -57.86
C ALA T 6 -12.79 -13.77 -57.82
N LEU T 7 -14.10 -14.03 -57.95
CA LEU T 7 -15.12 -13.01 -57.78
C LEU T 7 -16.20 -13.56 -56.86
N VAL T 8 -16.60 -12.74 -55.89
CA VAL T 8 -17.56 -13.14 -54.87
C VAL T 8 -18.68 -12.12 -54.82
N LYS T 9 -19.90 -12.58 -55.04
CA LYS T 9 -21.09 -11.73 -55.00
C LYS T 9 -21.93 -12.18 -53.80
N ARG T 10 -21.79 -11.48 -52.69
CA ARG T 10 -22.46 -11.84 -51.44
C ARG T 10 -23.66 -10.94 -51.26
N ILE T 11 -24.86 -11.52 -51.25
CA ILE T 11 -26.11 -10.78 -51.28
C ILE T 11 -26.91 -11.16 -50.05
N THR T 12 -27.09 -10.21 -49.13
CA THR T 12 -27.93 -10.39 -47.96
C THR T 12 -28.88 -9.22 -47.84
N ASN T 13 -29.78 -9.28 -46.86
CA ASN T 13 -30.79 -8.23 -46.72
C ASN T 13 -30.26 -6.97 -46.06
N GLU T 14 -28.98 -6.93 -45.71
CA GLU T 14 -28.34 -5.73 -45.18
C GLU T 14 -27.41 -5.10 -46.20
N THR T 15 -26.54 -5.88 -46.82
CA THR T 15 -25.57 -5.38 -47.79
C THR T 15 -25.63 -6.21 -49.06
N LYS T 16 -25.17 -5.61 -50.15
CA LYS T 16 -24.92 -6.33 -51.39
C LYS T 16 -23.47 -6.09 -51.75
N ILE T 17 -22.72 -7.18 -51.96
CA ILE T 17 -21.28 -7.14 -52.10
C ILE T 17 -20.93 -7.67 -53.48
N GLN T 18 -19.87 -7.15 -54.07
CA GLN T 18 -19.26 -7.79 -55.22
C GLN T 18 -17.76 -7.49 -55.17
N ILE T 19 -16.96 -8.51 -54.91
CA ILE T 19 -15.53 -8.38 -54.73
C ILE T 19 -14.82 -9.24 -55.76
N ALA T 20 -14.05 -8.60 -56.63
CA ALA T 20 -13.19 -9.29 -57.58
C ALA T 20 -11.75 -9.06 -57.17
N ILE T 21 -10.98 -10.14 -57.09
CA ILE T 21 -9.62 -10.08 -56.58
C ILE T 21 -8.70 -10.76 -57.58
N SER T 22 -7.44 -10.31 -57.61
CA SER T 22 -6.38 -11.01 -58.33
C SER T 22 -5.13 -10.91 -57.48
N LEU T 23 -4.65 -12.05 -57.00
CA LEU T 23 -3.53 -12.02 -56.06
C LEU T 23 -2.21 -11.75 -56.75
N LYS T 24 -2.08 -12.16 -58.01
CA LYS T 24 -0.84 -11.95 -58.75
C LYS T 24 -0.77 -10.59 -59.42
N GLY T 25 -1.78 -9.74 -59.22
CA GLY T 25 -1.78 -8.42 -59.81
C GLY T 25 -2.49 -8.39 -61.15
N GLY T 26 -2.01 -7.55 -62.05
CA GLY T 26 -2.57 -7.47 -63.39
C GLY T 26 -3.86 -6.68 -63.42
N PRO T 27 -4.58 -6.76 -64.54
CA PRO T 27 -5.84 -6.01 -64.67
C PRO T 27 -7.04 -6.77 -64.16
N LEU T 28 -8.09 -6.00 -63.85
CA LEU T 28 -9.39 -6.53 -63.47
C LEU T 28 -10.49 -5.60 -63.93
N ALA T 29 -11.64 -6.19 -64.22
CA ALA T 29 -12.84 -5.44 -64.54
C ALA T 29 -14.03 -6.18 -63.95
N ILE T 30 -15.21 -5.62 -64.13
CA ILE T 30 -16.45 -6.30 -63.76
C ILE T 30 -17.39 -6.28 -64.94
N GLU T 31 -17.85 -7.47 -65.36
CA GLU T 31 -18.72 -7.56 -66.53
C GLU T 31 -20.11 -7.01 -66.25
N HIS T 32 -20.55 -7.03 -65.01
CA HIS T 32 -21.87 -6.51 -64.65
C HIS T 32 -21.81 -6.04 -63.20
N SER T 33 -21.67 -4.72 -63.02
CA SER T 33 -21.50 -4.15 -61.70
C SER T 33 -22.83 -3.99 -60.98
N ILE T 34 -22.75 -3.67 -59.69
CA ILE T 34 -23.96 -3.46 -58.89
C ILE T 34 -24.28 -1.99 -58.66
N PHE T 35 -23.35 -1.08 -58.93
CA PHE T 35 -23.69 0.33 -58.86
C PHE T 35 -24.46 0.73 -60.12
N PRO T 36 -25.38 1.70 -60.02
CA PRO T 36 -26.09 2.16 -61.22
C PRO T 36 -25.17 2.92 -62.16
N GLU T 37 -25.34 2.64 -63.46
CA GLU T 37 -24.60 3.25 -64.57
C GLU T 37 -23.09 3.01 -64.43
N LYS T 38 -22.75 1.72 -64.45
CA LYS T 38 -21.38 1.20 -64.35
C LYS T 38 -20.65 1.67 -63.09
N ALA T 44 -10.06 6.22 -53.14
CA ALA T 44 -9.03 5.19 -53.06
C ALA T 44 -9.02 4.32 -54.31
N GLU T 45 -8.47 4.85 -55.41
CA GLU T 45 -8.42 4.16 -56.69
C GLU T 45 -7.02 4.31 -57.28
N GLN T 46 -6.30 3.20 -57.38
CA GLN T 46 -4.98 3.18 -57.99
C GLN T 46 -4.99 2.22 -59.17
N ALA T 47 -4.60 2.72 -60.35
CA ALA T 47 -4.70 1.94 -61.57
C ALA T 47 -3.44 2.11 -62.42
N THR T 48 -2.26 1.96 -61.80
CA THR T 48 -1.01 2.35 -62.45
C THR T 48 -0.35 1.11 -63.07
N GLN T 49 -1.00 0.54 -64.08
CA GLN T 49 -0.39 -0.30 -65.12
C GLN T 49 0.19 -1.63 -64.66
N SER T 50 0.21 -1.91 -63.36
CA SER T 50 0.72 -3.16 -62.85
C SER T 50 -0.38 -3.85 -62.07
N GLN T 51 -1.07 -3.10 -61.23
CA GLN T 51 -2.21 -3.57 -60.47
C GLN T 51 -3.28 -2.48 -60.47
N VAL T 52 -4.55 -2.90 -60.46
CA VAL T 52 -5.67 -1.99 -60.40
C VAL T 52 -6.46 -2.28 -59.13
N ILE T 53 -6.52 -1.31 -58.23
CA ILE T 53 -7.25 -1.46 -56.98
C ILE T 53 -8.22 -0.29 -56.84
N ASN T 54 -9.50 -0.63 -56.73
CA ASN T 54 -10.58 0.35 -56.76
C ASN T 54 -11.64 -0.14 -55.78
N VAL T 55 -11.64 0.44 -54.59
CA VAL T 55 -12.55 0.03 -53.53
C VAL T 55 -13.63 1.10 -53.38
N HIS T 56 -14.89 0.68 -53.39
CA HIS T 56 -16.01 1.59 -53.20
C HIS T 56 -16.93 0.95 -52.17
N THR T 57 -16.65 1.23 -50.90
CA THR T 57 -17.61 0.98 -49.83
C THR T 57 -18.19 2.33 -49.41
N GLY T 58 -19.22 2.28 -48.59
CA GLY T 58 -19.81 3.52 -48.12
C GLY T 58 -18.95 4.24 -47.09
N ILE T 59 -17.98 3.56 -46.51
CA ILE T 59 -17.11 4.10 -45.48
C ILE T 59 -15.82 4.52 -46.16
N GLY T 60 -15.42 5.77 -45.96
CA GLY T 60 -14.22 6.27 -46.63
C GLY T 60 -12.93 5.82 -46.00
N PHE T 61 -12.91 5.69 -44.67
CA PHE T 61 -11.70 5.25 -44.01
C PHE T 61 -11.49 3.75 -44.15
N LEU T 62 -12.58 2.99 -44.28
CA LEU T 62 -12.47 1.56 -44.56
C LEU T 62 -12.13 1.29 -46.02
N ASP T 63 -12.40 2.24 -46.92
CA ASP T 63 -11.82 2.17 -48.25
C ASP T 63 -10.32 2.29 -48.19
N HIS T 64 -9.81 3.16 -47.34
CA HIS T 64 -8.38 3.44 -47.27
C HIS T 64 -7.60 2.29 -46.64
N MET T 65 -8.25 1.47 -45.84
CA MET T 65 -7.55 0.35 -45.22
C MET T 65 -7.50 -0.87 -46.11
N ILE T 66 -8.53 -1.10 -46.92
CA ILE T 66 -8.48 -2.15 -47.92
C ILE T 66 -7.55 -1.74 -49.05
N HIS T 67 -7.45 -0.44 -49.32
CA HIS T 67 -6.57 0.04 -50.38
C HIS T 67 -5.12 -0.15 -50.01
N ALA T 68 -4.74 0.22 -48.78
CA ALA T 68 -3.37 0.03 -48.32
C ALA T 68 -3.05 -1.45 -48.12
N LEU T 69 -4.06 -2.27 -47.88
CA LEU T 69 -3.86 -3.70 -47.82
C LEU T 69 -3.53 -4.27 -49.18
N ALA T 70 -4.26 -3.87 -50.21
CA ALA T 70 -4.04 -4.43 -51.52
C ALA T 70 -2.90 -3.75 -52.27
N LYS T 71 -2.53 -2.53 -51.88
CA LYS T 71 -1.42 -1.87 -52.55
C LYS T 71 -0.09 -2.52 -52.20
N HIS T 72 0.08 -2.91 -50.94
CA HIS T 72 1.34 -3.49 -50.50
C HIS T 72 1.30 -5.01 -50.47
N SER T 73 0.27 -5.61 -51.05
CA SER T 73 0.21 -7.06 -51.23
C SER T 73 0.46 -7.49 -52.66
N GLY T 74 0.50 -6.56 -53.61
CA GLY T 74 0.57 -6.95 -55.00
C GLY T 74 -0.75 -7.36 -55.59
N TRP T 75 -1.86 -7.02 -54.94
CA TRP T 75 -3.17 -7.43 -55.37
C TRP T 75 -3.73 -6.46 -56.40
N SER T 76 -4.62 -6.99 -57.24
CA SER T 76 -5.61 -6.21 -57.94
C SER T 76 -6.95 -6.52 -57.28
N LEU T 77 -7.71 -5.49 -56.91
CA LEU T 77 -8.87 -5.72 -56.07
C LEU T 77 -9.94 -4.67 -56.34
N ILE T 78 -11.13 -5.12 -56.71
CA ILE T 78 -12.27 -4.24 -56.89
C ILE T 78 -13.30 -4.62 -55.84
N VAL T 79 -13.72 -3.66 -55.03
CA VAL T 79 -14.66 -3.87 -53.95
C VAL T 79 -15.85 -2.96 -54.17
N GLU T 80 -17.05 -3.56 -54.18
CA GLU T 80 -18.30 -2.81 -54.32
C GLU T 80 -19.23 -3.25 -53.21
N CYS T 81 -19.53 -2.34 -52.31
CA CYS T 81 -20.44 -2.65 -51.24
C CYS T 81 -21.54 -1.64 -51.16
N ILE T 82 -22.76 -2.10 -51.36
CA ILE T 82 -23.94 -1.27 -51.21
C ILE T 82 -24.53 -1.67 -49.86
N GLY T 83 -24.26 -0.86 -48.83
CA GLY T 83 -24.69 -1.22 -47.50
C GLY T 83 -25.53 -0.15 -46.83
N ASP T 84 -26.23 -0.53 -45.77
CA ASP T 84 -27.10 0.39 -45.05
C ASP T 84 -26.27 1.29 -44.12
N LEU T 85 -26.35 2.60 -44.36
CA LEU T 85 -25.59 3.54 -43.57
C LEU T 85 -26.47 4.48 -42.75
N HIS T 86 -27.79 4.32 -42.79
CA HIS T 86 -28.64 5.03 -41.85
C HIS T 86 -28.58 4.37 -40.48
N ILE T 87 -28.32 3.07 -40.46
CA ILE T 87 -27.88 2.28 -39.31
C ILE T 87 -26.39 2.53 -39.20
N ASP T 88 -25.73 2.05 -38.15
CA ASP T 88 -24.29 2.27 -38.04
C ASP T 88 -23.50 1.47 -39.09
N ASP T 89 -22.19 1.60 -39.03
CA ASP T 89 -21.29 1.01 -40.01
C ASP T 89 -20.84 -0.41 -39.66
N HIS T 90 -21.47 -1.08 -38.71
CA HIS T 90 -21.04 -2.43 -38.38
C HIS T 90 -21.45 -3.39 -39.47
N HIS T 91 -22.70 -3.35 -39.89
CA HIS T 91 -23.22 -4.34 -40.82
C HIS T 91 -22.62 -4.22 -42.20
N THR T 92 -22.03 -3.07 -42.53
CA THR T 92 -21.37 -2.88 -43.81
C THR T 92 -19.85 -2.91 -43.71
N THR T 93 -19.31 -3.23 -42.55
CA THR T 93 -17.88 -3.48 -42.45
C THR T 93 -17.61 -4.94 -42.14
N GLU T 94 -18.43 -5.54 -41.28
CA GLU T 94 -18.38 -6.97 -41.04
C GLU T 94 -18.69 -7.76 -42.31
N ASP T 95 -19.74 -7.36 -43.04
CA ASP T 95 -20.09 -8.09 -44.26
C ASP T 95 -19.09 -7.86 -45.36
N CYS T 96 -18.45 -6.70 -45.42
CA CYS T 96 -17.41 -6.44 -46.42
C CYS T 96 -16.06 -6.98 -46.00
N GLY T 97 -15.99 -7.73 -44.90
CA GLY T 97 -14.77 -8.40 -44.50
C GLY T 97 -14.93 -9.90 -44.61
N ILE T 98 -16.16 -10.37 -44.45
CA ILE T 98 -16.46 -11.77 -44.70
C ILE T 98 -16.30 -12.09 -46.18
N ALA T 99 -16.86 -11.24 -47.04
CA ALA T 99 -16.75 -11.50 -48.46
C ALA T 99 -15.35 -11.22 -48.99
N LEU T 100 -14.56 -10.42 -48.28
CA LEU T 100 -13.19 -10.17 -48.70
C LEU T 100 -12.24 -11.24 -48.20
N GLY T 101 -12.62 -12.00 -47.18
CA GLY T 101 -11.89 -13.20 -46.85
C GLY T 101 -12.24 -14.35 -47.76
N GLN T 102 -13.49 -14.43 -48.21
CA GLN T 102 -13.87 -15.48 -49.14
C GLN T 102 -13.24 -15.31 -50.50
N ALA T 103 -13.06 -14.06 -50.95
CA ALA T 103 -12.43 -13.82 -52.24
C ALA T 103 -10.95 -14.14 -52.18
N PHE T 104 -10.31 -13.87 -51.05
CA PHE T 104 -8.92 -14.30 -50.88
C PHE T 104 -8.81 -15.81 -50.75
N LYS T 105 -9.83 -16.46 -50.20
CA LYS T 105 -9.77 -17.91 -50.04
C LYS T 105 -9.95 -18.62 -51.37
N GLU T 106 -10.88 -18.16 -52.20
CA GLU T 106 -11.12 -18.81 -53.48
C GLU T 106 -10.05 -18.49 -54.49
N ALA T 107 -9.26 -17.46 -54.27
CA ALA T 107 -8.22 -17.11 -55.22
C ALA T 107 -6.99 -18.00 -55.08
N LEU T 108 -6.77 -18.59 -53.92
CA LEU T 108 -5.74 -19.61 -53.75
C LEU T 108 -6.43 -20.88 -53.26
N GLY T 109 -6.66 -21.81 -54.17
CA GLY T 109 -7.31 -23.04 -53.79
C GLY T 109 -6.39 -23.99 -53.06
N ALA T 110 -5.38 -24.49 -53.75
CA ALA T 110 -4.45 -25.47 -53.19
C ALA T 110 -3.38 -24.73 -52.42
N VAL T 111 -3.38 -24.89 -51.09
CA VAL T 111 -2.29 -24.37 -50.29
C VAL T 111 -1.18 -25.40 -50.35
N ARG T 112 -0.33 -25.30 -51.37
CA ARG T 112 0.84 -26.15 -51.47
C ARG T 112 1.88 -25.40 -52.29
N GLY T 113 3.14 -25.64 -51.96
CA GLY T 113 4.21 -24.89 -52.58
C GLY T 113 4.33 -23.47 -52.11
N VAL T 114 3.78 -23.16 -50.93
CA VAL T 114 3.83 -21.81 -50.38
C VAL T 114 4.61 -21.84 -49.08
N LYS T 115 5.06 -20.65 -48.66
CA LYS T 115 5.84 -20.53 -47.43
C LYS T 115 5.03 -20.86 -46.20
N ARG T 116 3.73 -20.55 -46.23
CA ARG T 116 2.68 -20.77 -45.23
C ARG T 116 2.83 -19.87 -44.00
N PHE T 117 4.00 -19.26 -43.79
CA PHE T 117 4.25 -18.44 -42.62
C PHE T 117 4.79 -17.10 -43.10
N GLY T 118 3.96 -16.07 -43.03
CA GLY T 118 4.38 -14.71 -43.31
C GLY T 118 4.33 -13.90 -42.03
N SER T 119 5.37 -13.11 -41.81
CA SER T 119 5.42 -12.16 -40.73
C SER T 119 5.77 -10.80 -41.31
N GLY T 120 5.01 -9.78 -40.92
CA GLY T 120 5.27 -8.48 -41.47
C GLY T 120 5.24 -7.39 -40.42
N PHE T 121 6.33 -6.68 -40.27
CA PHE T 121 6.37 -5.44 -39.51
C PHE T 121 6.20 -4.28 -40.47
N ALA T 122 5.44 -3.28 -40.06
CA ALA T 122 5.33 -2.08 -40.85
C ALA T 122 5.15 -0.88 -39.93
N PRO T 123 5.97 0.15 -40.06
CA PRO T 123 5.75 1.36 -39.28
C PRO T 123 4.94 2.38 -40.07
N LEU T 124 4.34 3.29 -39.33
CA LEU T 124 3.82 4.52 -39.92
C LEU T 124 3.94 5.59 -38.85
N ASP T 125 5.10 6.26 -38.81
CA ASP T 125 5.27 7.57 -38.18
C ASP T 125 4.91 7.53 -36.69
N GLU T 126 5.72 6.77 -35.94
CA GLU T 126 5.76 6.38 -34.52
C GLU T 126 4.82 5.24 -34.18
N ALA T 127 3.99 4.77 -35.09
CA ALA T 127 3.21 3.58 -34.85
C ALA T 127 3.95 2.38 -35.42
N LEU T 128 3.82 1.24 -34.77
CA LEU T 128 4.52 0.03 -35.19
C LEU T 128 3.62 -1.17 -34.96
N SER T 129 3.30 -1.88 -36.04
CA SER T 129 2.43 -3.03 -35.98
C SER T 129 3.11 -4.22 -36.62
N ARG T 130 2.97 -5.38 -35.99
CA ARG T 130 3.36 -6.63 -36.64
C ARG T 130 2.12 -7.43 -36.96
N ALA T 131 2.23 -8.26 -37.98
CA ALA T 131 1.16 -9.16 -38.34
C ALA T 131 1.79 -10.46 -38.76
N VAL T 132 1.35 -11.56 -38.16
CA VAL T 132 1.75 -12.87 -38.62
C VAL T 132 0.52 -13.54 -39.19
N VAL T 133 0.72 -14.47 -40.11
CA VAL T 133 -0.36 -15.14 -40.82
C VAL T 133 0.07 -16.58 -41.03
N ASP T 134 -0.90 -17.48 -41.14
CA ASP T 134 -0.57 -18.90 -41.02
C ASP T 134 -1.08 -19.75 -42.17
N LEU T 135 -2.14 -19.33 -42.86
CA LEU T 135 -2.73 -20.04 -44.01
C LEU T 135 -3.13 -21.49 -43.72
N SER T 136 -3.40 -21.83 -42.46
CA SER T 136 -3.88 -23.15 -42.08
C SER T 136 -5.38 -23.11 -41.93
N ASN T 137 -6.06 -24.17 -42.39
CA ASN T 137 -7.52 -24.10 -42.60
C ASN T 137 -8.32 -23.98 -41.32
N ARG T 138 -7.78 -23.82 -40.15
CA ARG T 138 -8.60 -23.36 -39.04
C ARG T 138 -8.51 -21.84 -38.94
N PRO T 139 -9.63 -21.13 -38.89
CA PRO T 139 -9.58 -19.67 -38.76
C PRO T 139 -9.32 -19.25 -37.33
N TYR T 140 -8.49 -18.22 -37.17
CA TYR T 140 -8.28 -17.65 -35.85
C TYR T 140 -7.81 -16.23 -36.00
N ALA T 141 -8.16 -15.37 -35.04
CA ALA T 141 -7.83 -13.95 -35.14
C ALA T 141 -7.56 -13.37 -33.76
N VAL T 142 -6.33 -12.95 -33.53
CA VAL T 142 -5.93 -12.30 -32.29
C VAL T 142 -5.50 -10.88 -32.66
N VAL T 143 -6.43 -9.95 -32.61
CA VAL T 143 -6.22 -8.59 -33.08
C VAL T 143 -6.18 -7.66 -31.88
N GLU T 144 -5.01 -7.12 -31.58
CA GLU T 144 -4.83 -6.31 -30.38
C GLU T 144 -4.36 -4.90 -30.71
N LEU T 145 -5.03 -4.27 -31.66
CA LEU T 145 -4.86 -2.85 -31.94
C LEU T 145 -5.38 -2.04 -30.76
N GLY T 146 -4.49 -1.38 -30.03
CA GLY T 146 -4.98 -0.62 -28.91
C GLY T 146 -5.35 0.79 -29.30
N LEU T 147 -6.61 0.99 -29.65
CA LEU T 147 -7.08 2.23 -30.23
C LEU T 147 -7.87 2.99 -29.16
N GLN T 148 -7.39 4.19 -28.81
CA GLN T 148 -8.01 5.03 -27.80
C GLN T 148 -8.86 6.12 -28.42
N ARG T 149 -9.56 5.78 -29.48
CA ARG T 149 -10.43 6.67 -30.23
C ARG T 149 -11.75 5.96 -30.41
N GLU T 150 -12.83 6.71 -30.63
CA GLU T 150 -14.12 6.08 -30.88
C GLU T 150 -14.49 6.00 -32.34
N LYS T 151 -14.14 7.00 -33.15
CA LYS T 151 -14.38 6.97 -34.59
C LYS T 151 -13.21 7.64 -35.28
N VAL T 152 -12.80 7.11 -36.44
CA VAL T 152 -11.67 7.72 -37.10
C VAL T 152 -12.12 8.78 -38.09
N GLY T 153 -12.76 8.39 -39.19
CA GLY T 153 -13.48 9.40 -39.93
C GLY T 153 -14.93 9.01 -40.16
N ASP T 154 -15.13 7.75 -40.49
CA ASP T 154 -16.44 7.12 -40.53
C ASP T 154 -16.45 5.73 -39.91
N LEU T 155 -15.34 5.01 -39.92
CA LEU T 155 -15.24 3.78 -39.17
C LEU T 155 -15.38 4.06 -37.68
N SER T 156 -15.99 3.13 -36.98
CA SER T 156 -16.26 3.27 -35.57
C SER T 156 -15.17 2.70 -34.71
N CYS T 157 -14.00 2.39 -35.27
CA CYS T 157 -12.72 2.22 -34.55
C CYS T 157 -12.69 0.99 -33.63
N GLU T 158 -13.82 0.34 -33.43
CA GLU T 158 -13.89 -1.00 -32.87
C GLU T 158 -14.23 -2.00 -33.96
N MET T 159 -14.60 -1.50 -35.12
CA MET T 159 -14.80 -2.36 -36.29
C MET T 159 -13.50 -2.68 -36.99
N ILE T 160 -12.44 -1.91 -36.77
CA ILE T 160 -11.13 -2.18 -37.33
C ILE T 160 -10.56 -3.49 -36.79
N PRO T 161 -10.71 -3.87 -35.52
CA PRO T 161 -10.40 -5.26 -35.17
C PRO T 161 -11.44 -6.25 -35.65
N HIS T 162 -12.70 -5.82 -35.76
CA HIS T 162 -13.78 -6.69 -36.13
C HIS T 162 -13.77 -7.00 -37.62
N PHE T 163 -13.15 -6.13 -38.41
CA PHE T 163 -12.92 -6.41 -39.82
C PHE T 163 -11.89 -7.51 -39.99
N LEU T 164 -10.77 -7.40 -39.26
CA LEU T 164 -9.72 -8.40 -39.35
C LEU T 164 -10.12 -9.70 -38.68
N GLU T 165 -11.05 -9.65 -37.74
CA GLU T 165 -11.62 -10.85 -37.16
C GLU T 165 -12.39 -11.64 -38.20
N SER T 166 -13.30 -10.99 -38.92
CA SER T 166 -14.09 -11.67 -39.93
C SER T 166 -13.30 -11.96 -41.20
N PHE T 167 -12.22 -11.24 -41.44
CA PHE T 167 -11.36 -11.57 -42.57
C PHE T 167 -10.66 -12.89 -42.35
N ALA T 168 -10.05 -13.08 -41.19
CA ALA T 168 -9.41 -14.35 -40.88
C ALA T 168 -10.41 -15.47 -40.70
N GLU T 169 -11.63 -15.14 -40.30
CA GLU T 169 -12.69 -16.12 -40.10
C GLU T 169 -13.11 -16.75 -41.41
N ALA T 170 -13.42 -15.92 -42.40
CA ALA T 170 -13.95 -16.41 -43.67
C ALA T 170 -12.86 -16.81 -44.65
N SER T 171 -11.62 -16.42 -44.42
CA SER T 171 -10.51 -16.83 -45.26
C SER T 171 -9.80 -18.06 -44.76
N ARG T 172 -10.18 -18.57 -43.58
CA ARG T 172 -9.60 -19.77 -42.98
C ARG T 172 -8.10 -19.64 -42.75
N ILE T 173 -7.69 -18.53 -42.14
CA ILE T 173 -6.30 -18.30 -41.79
C ILE T 173 -6.23 -17.96 -40.32
N THR T 174 -5.06 -18.19 -39.73
CA THR T 174 -4.77 -17.79 -38.36
C THR T 174 -3.95 -16.51 -38.41
N LEU T 175 -4.34 -15.53 -37.61
CA LEU T 175 -3.85 -14.18 -37.76
C LEU T 175 -3.64 -13.55 -36.39
N HIS T 176 -2.44 -13.01 -36.18
CA HIS T 176 -2.09 -12.25 -34.99
C HIS T 176 -1.62 -10.88 -35.43
N VAL T 177 -2.45 -9.85 -35.24
CA VAL T 177 -2.08 -8.48 -35.54
C VAL T 177 -2.04 -7.72 -34.22
N ASP T 178 -0.91 -7.07 -33.95
CA ASP T 178 -0.67 -6.41 -32.66
C ASP T 178 0.11 -5.14 -32.91
N CYS T 179 -0.47 -4.00 -32.55
CA CYS T 179 0.23 -2.73 -32.66
C CYS T 179 1.11 -2.54 -31.43
N LEU T 180 2.40 -2.37 -31.66
CA LEU T 180 3.37 -2.37 -30.59
C LEU T 180 3.48 -1.02 -29.91
N ARG T 181 3.29 0.06 -30.65
CA ARG T 181 3.36 1.40 -30.10
C ARG T 181 2.62 2.33 -31.05
N GLY T 182 2.50 3.59 -30.64
CA GLY T 182 1.86 4.60 -31.46
C GLY T 182 0.81 5.35 -30.66
N LYS T 183 0.62 6.62 -30.99
CA LYS T 183 -0.37 7.40 -30.27
C LYS T 183 -1.23 8.23 -31.21
N ASN T 184 -1.22 7.91 -32.50
CA ASN T 184 -2.14 8.44 -33.49
C ASN T 184 -2.85 7.24 -34.09
N ASP T 185 -4.18 7.22 -34.03
CA ASP T 185 -4.92 6.02 -34.37
C ASP T 185 -5.23 5.88 -35.85
N HIS T 186 -5.07 6.94 -36.66
CA HIS T 186 -4.95 6.73 -38.08
C HIS T 186 -3.66 6.00 -38.39
N HIS T 187 -2.56 6.45 -37.77
CA HIS T 187 -1.26 5.81 -37.91
C HIS T 187 -1.28 4.40 -37.37
N ARG T 188 -1.95 4.20 -36.25
CA ARG T 188 -1.92 2.90 -35.60
C ARG T 188 -2.75 1.88 -36.37
N SER T 189 -3.82 2.30 -37.01
CA SER T 189 -4.65 1.34 -37.73
C SER T 189 -4.18 1.12 -39.16
N GLU T 190 -3.55 2.13 -39.78
CA GLU T 190 -3.05 1.93 -41.14
C GLU T 190 -1.80 1.08 -41.14
N SER T 191 -0.99 1.18 -40.09
CA SER T 191 0.20 0.35 -40.00
C SER T 191 -0.15 -1.11 -39.79
N ALA T 192 -1.33 -1.39 -39.22
CA ALA T 192 -1.77 -2.77 -39.08
C ALA T 192 -2.15 -3.37 -40.42
N PHE T 193 -2.81 -2.60 -41.27
CA PHE T 193 -3.14 -3.10 -42.60
C PHE T 193 -1.93 -3.13 -43.52
N LYS T 194 -0.95 -2.25 -43.28
CA LYS T 194 0.28 -2.35 -44.04
C LYS T 194 1.16 -3.50 -43.58
N ALA T 195 1.04 -3.89 -42.31
CA ALA T 195 1.78 -5.05 -41.81
C ALA T 195 1.17 -6.35 -42.27
N LEU T 196 -0.16 -6.41 -42.36
CA LEU T 196 -0.85 -7.58 -42.89
C LEU T 196 -0.55 -7.78 -44.36
N ALA T 197 -0.33 -6.68 -45.09
CA ALA T 197 0.01 -6.78 -46.49
C ALA T 197 1.39 -7.39 -46.69
N VAL T 198 2.30 -7.17 -45.76
CA VAL T 198 3.63 -7.77 -45.86
C VAL T 198 3.55 -9.26 -45.52
N ALA T 199 2.68 -9.62 -44.59
CA ALA T 199 2.63 -11.00 -44.12
C ALA T 199 1.95 -11.92 -45.12
N ILE T 200 0.86 -11.47 -45.74
CA ILE T 200 0.18 -12.26 -46.77
C ILE T 200 1.06 -12.42 -48.00
N ARG T 201 1.81 -11.37 -48.34
CA ARG T 201 2.77 -11.44 -49.44
C ARG T 201 3.87 -12.44 -49.14
N GLU T 202 4.25 -12.58 -47.88
CA GLU T 202 5.33 -13.48 -47.50
C GLU T 202 4.84 -14.92 -47.34
N ALA T 203 3.60 -15.10 -46.90
CA ALA T 203 3.08 -16.46 -46.74
C ALA T 203 2.66 -17.06 -48.08
N THR T 204 1.97 -16.29 -48.91
CA THR T 204 1.67 -16.74 -50.26
C THR T 204 2.87 -16.35 -51.11
N SER T 205 3.82 -17.26 -51.21
CA SER T 205 5.06 -17.00 -51.93
C SER T 205 5.51 -18.30 -52.56
N PRO T 206 6.24 -18.24 -53.67
CA PRO T 206 6.71 -19.48 -54.29
C PRO T 206 7.82 -20.15 -53.49
N ASN T 207 7.42 -20.98 -52.54
CA ASN T 207 8.37 -21.83 -51.82
C ASN T 207 9.15 -22.75 -52.76
N GLY T 208 8.47 -23.26 -53.78
CA GLY T 208 9.07 -24.29 -54.61
C GLY T 208 8.85 -25.67 -54.04
N THR T 209 9.29 -26.66 -54.82
CA THR T 209 9.34 -28.10 -54.56
C THR T 209 7.98 -28.78 -54.48
N ASN T 210 6.87 -28.03 -54.53
CA ASN T 210 5.49 -28.53 -54.72
C ASN T 210 5.10 -29.54 -53.63
N ASP T 211 5.01 -29.04 -52.42
CA ASP T 211 4.63 -29.89 -51.28
C ASP T 211 3.76 -29.10 -50.33
N VAL T 212 2.70 -29.74 -49.85
CA VAL T 212 1.79 -29.14 -48.88
C VAL T 212 2.50 -29.04 -47.54
N PRO T 213 2.73 -27.83 -47.02
CA PRO T 213 3.65 -27.67 -45.88
C PRO T 213 2.97 -27.92 -44.53
N SER T 214 2.71 -29.19 -44.23
CA SER T 214 2.05 -29.52 -42.97
C SER T 214 2.47 -30.90 -42.51
N THR T 215 2.43 -31.10 -41.20
CA THR T 215 2.65 -32.41 -40.61
C THR T 215 1.51 -33.35 -40.95
N LYS T 216 0.27 -32.89 -40.80
CA LYS T 216 -0.89 -33.74 -41.05
C LYS T 216 -1.22 -33.87 -42.52
N GLY T 217 -0.47 -33.21 -43.40
CA GLY T 217 -0.61 -33.39 -44.83
C GLY T 217 -1.82 -32.77 -45.47
N VAL T 218 -2.67 -32.06 -44.71
CA VAL T 218 -3.92 -31.52 -45.22
C VAL T 218 -3.89 -30.01 -44.99
N LEU T 219 -3.81 -29.25 -46.07
CA LEU T 219 -4.04 -27.81 -46.03
C LEU T 219 -4.86 -27.41 -47.26
N GLU U 3 32.89 50.79 -24.65
CA GLU U 3 32.17 51.28 -23.48
C GLU U 3 32.15 50.27 -22.35
N GLN U 4 31.52 49.13 -22.60
CA GLN U 4 31.35 48.08 -21.59
C GLN U 4 32.43 47.03 -21.78
N LYS U 5 33.64 47.35 -21.32
CA LYS U 5 34.78 46.47 -21.40
C LYS U 5 35.43 46.34 -20.04
N ALA U 6 36.01 45.18 -19.79
CA ALA U 6 36.73 44.92 -18.56
C ALA U 6 37.72 43.80 -18.80
N LEU U 7 38.82 43.82 -18.04
CA LEU U 7 39.79 42.74 -18.05
C LEU U 7 40.10 42.35 -16.61
N VAL U 8 40.10 41.06 -16.34
CA VAL U 8 40.28 40.53 -14.99
C VAL U 8 41.40 39.49 -15.02
N LYS U 9 42.44 39.73 -14.23
CA LYS U 9 43.57 38.82 -14.12
C LYS U 9 43.56 38.25 -12.70
N ARG U 10 43.00 37.06 -12.55
CA ARG U 10 42.86 36.41 -11.25
C ARG U 10 43.94 35.37 -11.09
N ILE U 11 44.81 35.57 -10.11
CA ILE U 11 46.02 34.76 -9.94
C ILE U 11 45.97 34.13 -8.56
N THR U 12 45.84 32.81 -8.51
CA THR U 12 45.88 32.05 -7.28
C THR U 12 46.86 30.88 -7.46
N ASN U 13 47.09 30.14 -6.38
CA ASN U 13 48.07 29.05 -6.42
C ASN U 13 47.55 27.80 -7.10
N GLU U 14 46.30 27.82 -7.57
CA GLU U 14 45.74 26.71 -8.33
C GLU U 14 45.63 27.05 -9.82
N THR U 15 45.06 28.20 -10.15
CA THR U 15 44.86 28.62 -11.52
C THR U 15 45.40 30.03 -11.73
N LYS U 16 45.71 30.34 -12.98
CA LYS U 16 45.99 31.71 -13.39
C LYS U 16 45.02 32.06 -14.50
N ILE U 17 44.28 33.16 -14.32
CA ILE U 17 43.16 33.51 -15.18
C ILE U 17 43.48 34.84 -15.84
N GLN U 18 43.01 35.02 -17.06
CA GLN U 18 42.96 36.36 -17.66
C GLN U 18 41.76 36.40 -18.58
N ILE U 19 40.75 37.18 -18.20
CA ILE U 19 39.50 37.26 -18.92
C ILE U 19 39.26 38.68 -19.36
N ALA U 20 39.20 38.91 -20.67
CA ALA U 20 38.84 40.19 -21.24
C ALA U 20 37.47 40.06 -21.89
N ILE U 21 36.57 40.98 -21.57
CA ILE U 21 35.18 40.89 -22.01
C ILE U 21 34.80 42.21 -22.65
N SER U 22 33.87 42.15 -23.59
CA SER U 22 33.21 43.34 -24.13
C SER U 22 31.76 42.98 -24.34
N LEU U 23 30.87 43.64 -23.59
CA LEU U 23 29.46 43.27 -23.64
C LEU U 23 28.78 43.76 -24.90
N LYS U 24 29.23 44.88 -25.45
CA LYS U 24 28.63 45.43 -26.65
C LYS U 24 29.19 44.84 -27.92
N GLY U 25 30.10 43.86 -27.82
CA GLY U 25 30.67 43.24 -29.00
C GLY U 25 31.96 43.90 -29.43
N GLY U 26 32.20 43.93 -30.73
CA GLY U 26 33.37 44.59 -31.27
C GLY U 26 34.62 43.74 -31.13
N PRO U 27 35.78 44.36 -31.37
CA PRO U 27 37.05 43.62 -31.25
C PRO U 27 37.63 43.63 -29.85
N LEU U 28 38.50 42.65 -29.61
CA LEU U 28 39.27 42.54 -28.38
C LEU U 28 40.62 41.90 -28.66
N ALA U 29 41.61 42.29 -27.87
CA ALA U 29 42.92 41.68 -27.91
C ALA U 29 43.45 41.64 -26.48
N ILE U 30 44.64 41.09 -26.32
CA ILE U 30 45.35 41.11 -25.05
C ILE U 30 46.75 41.65 -25.27
N GLU U 31 47.10 42.70 -24.53
CA GLU U 31 48.41 43.34 -24.72
C GLU U 31 49.53 42.47 -24.18
N HIS U 32 49.25 41.61 -23.21
CA HIS U 32 50.27 40.73 -22.64
C HIS U 32 49.57 39.48 -22.11
N SER U 33 49.63 38.41 -22.89
CA SER U 33 48.91 37.19 -22.58
C SER U 33 49.68 36.35 -21.55
N ILE U 34 49.01 35.31 -21.03
CA ILE U 34 49.65 34.42 -20.07
C ILE U 34 50.10 33.10 -20.70
N PHE U 35 49.65 32.77 -21.89
CA PHE U 35 50.18 31.59 -22.55
C PHE U 35 51.55 31.90 -23.15
N PRO U 36 52.46 30.93 -23.22
CA PRO U 36 53.76 31.18 -23.84
C PRO U 36 53.64 31.38 -25.34
N GLU U 37 54.40 32.36 -25.85
CA GLU U 37 54.47 32.75 -27.26
C GLU U 37 53.10 33.15 -27.80
N LYS U 38 52.57 34.21 -27.19
CA LYS U 38 51.26 34.82 -27.51
C LYS U 38 50.11 33.82 -27.44
N ALA U 44 37.08 26.34 -29.91
CA ALA U 44 35.97 27.28 -29.76
C ALA U 44 36.43 28.71 -29.95
N GLU U 45 36.65 29.10 -31.20
CA GLU U 45 37.13 30.44 -31.56
C GLU U 45 36.31 30.98 -32.72
N GLN U 46 35.53 32.03 -32.46
CA GLN U 46 34.74 32.68 -33.49
C GLN U 46 35.17 34.15 -33.58
N ALA U 47 35.55 34.57 -34.78
CA ALA U 47 36.11 35.91 -34.97
C ALA U 47 35.54 36.57 -36.22
N THR U 48 34.21 36.53 -36.37
CA THR U 48 33.58 36.90 -37.64
C THR U 48 33.10 38.35 -37.58
N GLN U 49 34.05 39.28 -37.48
CA GLN U 49 33.91 40.68 -37.88
C GLN U 49 32.91 41.53 -37.10
N SER U 50 32.17 40.93 -36.16
CA SER U 50 31.23 41.66 -35.34
C SER U 50 31.60 41.47 -33.88
N GLN U 51 31.90 40.24 -33.50
CA GLN U 51 32.36 39.89 -32.18
C GLN U 51 33.47 38.86 -32.30
N VAL U 52 34.43 38.91 -31.38
CA VAL U 52 35.51 37.95 -31.34
C VAL U 52 35.47 37.22 -30.00
N ILE U 53 35.24 35.91 -30.04
CA ILE U 53 35.16 35.10 -28.85
C ILE U 53 36.14 33.94 -28.98
N ASN U 54 37.08 33.86 -28.04
CA ASN U 54 38.20 32.92 -28.11
C ASN U 54 38.47 32.47 -26.68
N VAL U 55 37.97 31.29 -26.35
CA VAL U 55 38.10 30.76 -25.00
C VAL U 55 39.13 29.64 -25.01
N HIS U 56 40.09 29.70 -24.11
CA HIS U 56 41.12 28.67 -23.98
C HIS U 56 41.22 28.31 -22.51
N THR U 57 40.40 27.39 -22.07
CA THR U 57 40.58 26.70 -20.81
C THR U 57 41.12 25.31 -21.10
N GLY U 58 41.55 24.62 -20.05
CA GLY U 58 42.04 23.27 -20.25
C GLY U 58 40.95 22.26 -20.52
N ILE U 59 39.70 22.62 -20.26
CA ILE U 59 38.55 21.75 -20.45
C ILE U 59 37.91 22.11 -21.77
N GLY U 60 37.73 21.12 -22.64
CA GLY U 60 37.18 21.41 -23.96
C GLY U 60 35.69 21.61 -23.97
N PHE U 61 34.96 20.88 -23.14
CA PHE U 61 33.52 21.06 -23.09
C PHE U 61 33.12 22.31 -22.34
N LEU U 62 33.94 22.76 -21.39
CA LEU U 62 33.71 24.03 -20.72
C LEU U 62 34.12 25.20 -21.58
N ASP U 63 35.00 24.99 -22.57
CA ASP U 63 35.20 26.00 -23.60
C ASP U 63 33.94 26.18 -24.43
N HIS U 64 33.25 25.08 -24.74
CA HIS U 64 32.08 25.13 -25.60
C HIS U 64 30.88 25.76 -24.92
N MET U 65 30.83 25.76 -23.60
CA MET U 65 29.71 26.36 -22.91
C MET U 65 29.88 27.84 -22.68
N ILE U 66 31.11 28.30 -22.49
CA ILE U 66 31.37 29.73 -22.45
C ILE U 66 31.26 30.32 -23.84
N HIS U 67 31.58 29.52 -24.87
CA HIS U 67 31.50 30.00 -26.24
C HIS U 67 30.06 30.21 -26.66
N ALA U 68 29.18 29.23 -26.37
CA ALA U 68 27.76 29.38 -26.68
C ALA U 68 27.09 30.43 -25.81
N LEU U 69 27.65 30.70 -24.63
CA LEU U 69 27.16 31.78 -23.80
C LEU U 69 27.47 33.13 -24.42
N ALA U 70 28.69 33.31 -24.90
CA ALA U 70 29.07 34.61 -25.44
C ALA U 70 28.65 34.78 -26.89
N LYS U 71 28.38 33.70 -27.62
CA LYS U 71 27.95 33.84 -29.00
C LYS U 71 26.53 34.38 -29.07
N HIS U 72 25.66 33.93 -28.18
CA HIS U 72 24.27 34.34 -28.20
C HIS U 72 23.98 35.47 -27.22
N SER U 73 25.01 36.08 -26.65
CA SER U 73 24.86 37.27 -25.83
C SER U 73 25.31 38.54 -26.53
N GLY U 74 25.95 38.44 -27.68
CA GLY U 74 26.53 39.61 -28.30
C GLY U 74 27.84 40.01 -27.69
N TRP U 75 28.50 39.13 -26.97
CA TRP U 75 29.73 39.45 -26.28
C TRP U 75 30.93 39.23 -27.19
N SER U 76 31.99 39.98 -26.90
CA SER U 76 33.34 39.61 -27.29
C SER U 76 34.05 39.18 -26.01
N LEU U 77 34.70 38.02 -26.05
CA LEU U 77 35.18 37.42 -24.81
C LEU U 77 36.42 36.59 -25.08
N ILE U 78 37.51 36.92 -24.40
CA ILE U 78 38.74 36.13 -24.45
C ILE U 78 38.97 35.56 -23.07
N VAL U 79 39.09 34.24 -22.99
CA VAL U 79 39.27 33.54 -21.72
C VAL U 79 40.57 32.74 -21.80
N GLU U 80 41.45 32.95 -20.83
CA GLU U 80 42.70 32.22 -20.73
C GLU U 80 42.82 31.68 -19.30
N CYS U 81 42.78 30.37 -19.19
CA CYS U 81 42.92 29.76 -17.90
C CYS U 81 43.99 28.70 -17.91
N ILE U 82 45.03 28.95 -17.13
CA ILE U 82 46.10 27.98 -16.92
C ILE U 82 45.82 27.31 -15.59
N GLY U 83 45.23 26.13 -15.63
CA GLY U 83 44.82 25.47 -14.41
C GLY U 83 45.39 24.09 -14.23
N ASP U 84 45.35 23.57 -13.02
CA ASP U 84 45.88 22.25 -12.73
C ASP U 84 44.90 21.17 -13.16
N LEU U 85 45.35 20.31 -14.07
CA LEU U 85 44.50 19.25 -14.59
C LEU U 85 45.00 17.86 -14.24
N HIS U 86 46.09 17.73 -13.49
CA HIS U 86 46.45 16.43 -12.93
C HIS U 86 45.56 16.10 -11.75
N ILE U 87 45.08 17.12 -11.06
CA ILE U 87 43.96 17.08 -10.12
C ILE U 87 42.70 17.15 -10.99
N ASP U 88 41.51 16.98 -10.41
CA ASP U 88 40.31 17.03 -11.22
C ASP U 88 40.03 18.46 -11.75
N ASP U 89 38.93 18.59 -12.47
CA ASP U 89 38.56 19.81 -13.14
C ASP U 89 37.73 20.77 -12.30
N HIS U 90 37.63 20.55 -10.99
CA HIS U 90 36.82 21.45 -10.18
C HIS U 90 37.54 22.78 -10.01
N HIS U 91 38.81 22.75 -9.63
CA HIS U 91 39.52 23.98 -9.29
C HIS U 91 39.75 24.86 -10.49
N THR U 92 39.66 24.33 -11.71
CA THR U 92 39.81 25.11 -12.91
C THR U 92 38.50 25.39 -13.62
N THR U 93 37.38 25.02 -13.03
CA THR U 93 36.09 25.44 -13.55
C THR U 93 35.41 26.40 -12.60
N GLU U 94 35.52 26.14 -11.30
CA GLU U 94 35.07 27.09 -10.29
C GLU U 94 35.83 28.41 -10.37
N ASP U 95 37.15 28.35 -10.52
CA ASP U 95 37.93 29.58 -10.59
C ASP U 95 37.71 30.31 -11.90
N CYS U 96 37.44 29.59 -12.99
CA CYS U 96 37.15 30.24 -14.27
C CYS U 96 35.70 30.66 -14.39
N GLY U 97 34.92 30.54 -13.32
CA GLY U 97 33.56 31.05 -13.29
C GLY U 97 33.45 32.22 -12.34
N ILE U 98 34.29 32.23 -11.32
CA ILE U 98 34.39 33.39 -10.44
C ILE U 98 34.96 34.58 -11.19
N ALA U 99 36.04 34.36 -11.93
CA ALA U 99 36.63 35.46 -12.67
C ALA U 99 35.80 35.86 -13.87
N LEU U 100 34.94 34.97 -14.37
CA LEU U 100 34.07 35.32 -15.48
C LEU U 100 32.80 36.02 -15.02
N GLY U 101 32.44 35.87 -13.74
CA GLY U 101 31.41 36.72 -13.18
C GLY U 101 31.92 38.09 -12.81
N GLN U 102 33.19 38.18 -12.39
CA GLN U 102 33.78 39.48 -12.07
C GLN U 102 34.00 40.32 -13.32
N ALA U 103 34.33 39.69 -14.44
CA ALA U 103 34.52 40.44 -15.67
C ALA U 103 33.19 40.95 -16.20
N PHE U 104 32.13 40.17 -16.05
CA PHE U 104 30.80 40.67 -16.39
C PHE U 104 30.34 41.75 -15.44
N LYS U 105 30.77 41.69 -14.18
CA LYS U 105 30.34 42.70 -13.21
C LYS U 105 31.03 44.03 -13.46
N GLU U 106 32.33 44.00 -13.75
CA GLU U 106 33.06 45.25 -13.97
C GLU U 106 32.76 45.86 -15.31
N ALA U 107 32.20 45.10 -16.24
CA ALA U 107 31.89 45.63 -17.55
C ALA U 107 30.62 46.47 -17.56
N LEU U 108 29.71 46.23 -16.62
CA LEU U 108 28.56 47.11 -16.42
C LEU U 108 28.63 47.62 -14.98
N GLY U 109 29.10 48.86 -14.82
CA GLY U 109 29.20 49.41 -13.49
C GLY U 109 27.86 49.86 -12.94
N ALA U 110 27.28 50.88 -13.56
CA ALA U 110 26.02 51.46 -13.10
C ALA U 110 24.88 50.63 -13.66
N VAL U 111 24.16 49.94 -12.79
CA VAL U 111 22.94 49.26 -13.20
C VAL U 111 21.84 50.30 -13.16
N ARG U 112 21.69 51.03 -14.26
CA ARG U 112 20.59 51.97 -14.40
C ARG U 112 20.30 52.13 -15.89
N GLY U 113 19.03 52.36 -16.20
CA GLY U 113 18.62 52.39 -17.59
C GLY U 113 18.56 51.05 -18.25
N VAL U 114 18.47 49.97 -17.48
CA VAL U 114 18.42 48.62 -18.01
C VAL U 114 17.10 47.99 -17.64
N LYS U 115 16.74 46.93 -18.36
CA LYS U 115 15.48 46.23 -18.12
C LYS U 115 15.45 45.55 -16.77
N ARG U 116 16.61 45.06 -16.31
CA ARG U 116 16.91 44.40 -15.03
C ARG U 116 16.34 42.98 -14.96
N PHE U 117 15.39 42.63 -15.82
CA PHE U 117 14.73 41.32 -15.78
C PHE U 117 14.81 40.72 -17.16
N GLY U 118 15.68 39.73 -17.34
CA GLY U 118 15.75 38.97 -18.56
C GLY U 118 15.29 37.55 -18.29
N SER U 119 14.47 37.03 -19.19
CA SER U 119 14.06 35.63 -19.18
C SER U 119 14.35 35.05 -20.54
N GLY U 120 14.98 33.89 -20.56
CA GLY U 120 15.32 33.28 -21.82
C GLY U 120 15.02 31.81 -21.86
N PHE U 121 14.17 31.40 -22.79
CA PHE U 121 14.01 30.00 -23.13
C PHE U 121 14.88 29.69 -24.33
N ALA U 122 15.49 28.52 -24.32
CA ALA U 122 16.24 28.08 -25.48
C ALA U 122 16.16 26.57 -25.59
N PRO U 123 15.75 26.03 -26.73
CA PRO U 123 15.77 24.59 -26.91
C PRO U 123 17.06 24.15 -27.60
N LEU U 124 17.36 22.86 -27.42
CA LEU U 124 18.35 22.21 -28.26
C LEU U 124 17.92 20.76 -28.35
N ASP U 125 17.07 20.46 -29.34
CA ASP U 125 16.87 19.12 -29.88
C ASP U 125 16.39 18.14 -28.80
N GLU U 126 15.17 18.41 -28.31
CA GLU U 126 14.32 17.83 -27.25
C GLU U 126 14.70 18.29 -25.85
N ALA U 127 15.78 19.05 -25.67
CA ALA U 127 16.06 19.64 -24.38
C ALA U 127 15.50 21.05 -24.35
N LEU U 128 15.03 21.48 -23.19
CA LEU U 128 14.42 22.80 -23.05
C LEU U 128 14.80 23.38 -21.71
N SER U 129 15.48 24.52 -21.73
CA SER U 129 15.95 25.18 -20.53
C SER U 129 15.46 26.62 -20.52
N ARG U 130 15.03 27.08 -19.36
CA ARG U 130 14.78 28.49 -19.16
C ARG U 130 15.82 29.05 -18.20
N ALA U 131 16.09 30.34 -18.34
CA ALA U 131 16.98 31.03 -17.44
C ALA U 131 16.41 32.40 -17.19
N VAL U 132 16.24 32.76 -15.93
CA VAL U 132 15.88 34.12 -15.60
C VAL U 132 17.07 34.74 -14.87
N VAL U 133 17.18 36.06 -14.95
CA VAL U 133 18.32 36.77 -14.39
C VAL U 133 17.76 38.09 -13.84
N ASP U 134 18.45 38.64 -12.84
CA ASP U 134 17.83 39.70 -12.05
C ASP U 134 18.67 40.96 -11.93
N LEU U 135 20.00 40.86 -12.05
CA LEU U 135 20.94 41.99 -11.98
C LEU U 135 20.83 42.82 -10.70
N SER U 136 20.34 42.24 -9.61
CA SER U 136 20.25 42.90 -8.32
C SER U 136 21.45 42.48 -7.48
N ASN U 137 22.04 43.42 -6.74
CA ASN U 137 23.36 43.20 -6.15
C ASN U 137 23.40 42.16 -5.06
N ARG U 138 22.37 41.41 -4.75
CA ARG U 138 22.58 40.22 -3.96
C ARG U 138 22.76 39.02 -4.90
N PRO U 139 23.82 38.22 -4.73
CA PRO U 139 23.99 37.05 -5.58
C PRO U 139 23.13 35.90 -5.14
N TYR U 140 22.57 35.18 -6.12
CA TYR U 140 21.82 33.98 -5.80
C TYR U 140 21.80 33.08 -7.03
N ALA U 141 21.76 31.78 -6.82
CA ALA U 141 21.83 30.84 -7.92
C ALA U 141 21.01 29.59 -7.61
N VAL U 142 19.94 29.37 -8.38
CA VAL U 142 19.11 28.19 -8.27
C VAL U 142 19.23 27.44 -9.59
N VAL U 143 20.17 26.50 -9.65
CA VAL U 143 20.51 25.83 -10.90
C VAL U 143 20.05 24.38 -10.77
N GLU U 144 19.03 24.01 -11.55
CA GLU U 144 18.42 22.70 -11.44
C GLU U 144 18.49 21.93 -12.75
N LEU U 145 19.67 21.92 -13.36
CA LEU U 145 19.95 21.04 -14.49
C LEU U 145 19.94 19.59 -14.04
N GLY U 146 18.95 18.83 -14.48
CA GLY U 146 18.94 17.45 -14.04
C GLY U 146 19.73 16.56 -14.96
N LEU U 147 21.00 16.37 -14.64
CA LEU U 147 21.95 15.69 -15.51
C LEU U 147 22.20 14.30 -14.95
N GLN U 148 21.86 13.27 -15.73
CA GLN U 148 22.03 11.87 -15.34
C GLN U 148 23.28 11.26 -15.94
N ARG U 149 24.34 12.04 -15.99
CA ARG U 149 25.63 11.65 -16.54
C ARG U 149 26.68 12.05 -15.52
N GLU U 150 27.84 11.39 -15.56
CA GLU U 150 28.91 11.77 -14.65
C GLU U 150 29.96 12.65 -15.27
N LYS U 151 30.29 12.48 -16.55
CA LYS U 151 31.23 13.34 -17.25
C LYS U 151 30.75 13.51 -18.68
N VAL U 152 30.91 14.71 -19.23
CA VAL U 152 30.42 14.89 -20.59
C VAL U 152 31.54 14.61 -21.61
N GLY U 153 32.55 15.46 -21.67
CA GLY U 153 33.75 15.02 -22.35
C GLY U 153 34.98 15.15 -21.51
N ASP U 154 35.06 16.28 -20.81
CA ASP U 154 36.05 16.51 -19.76
C ASP U 154 35.46 17.17 -18.53
N LEU U 155 34.39 17.96 -18.66
CA LEU U 155 33.66 18.43 -17.50
C LEU U 155 33.07 17.26 -16.74
N SER U 156 33.03 17.41 -15.43
CA SER U 156 32.56 16.37 -14.54
C SER U 156 31.09 16.49 -14.24
N CYS U 157 30.34 17.30 -15.00
CA CYS U 157 28.88 17.25 -15.11
C CYS U 157 28.12 17.60 -13.84
N GLU U 158 28.83 17.75 -12.72
CA GLU U 158 28.32 18.40 -11.53
C GLU U 158 28.97 19.76 -11.36
N MET U 159 29.97 20.04 -12.17
CA MET U 159 30.56 21.36 -12.22
C MET U 159 29.78 22.32 -13.10
N ILE U 160 28.95 21.80 -14.00
CA ILE U 160 28.09 22.63 -14.84
C ILE U 160 27.07 23.41 -13.99
N PRO U 161 26.45 22.86 -12.92
CA PRO U 161 25.74 23.77 -12.03
C PRO U 161 26.67 24.59 -11.16
N HIS U 162 27.84 24.07 -10.84
CA HIS U 162 28.77 24.75 -9.95
C HIS U 162 29.46 25.92 -10.64
N PHE U 163 29.53 25.87 -11.97
CA PHE U 163 30.01 27.01 -12.74
C PHE U 163 29.02 28.15 -12.68
N LEU U 164 27.74 27.85 -12.90
CA LEU U 164 26.71 28.87 -12.88
C LEU U 164 26.42 29.36 -11.48
N GLU U 165 26.72 28.54 -10.48
CA GLU U 165 26.64 28.98 -9.09
C GLU U 165 27.67 30.07 -8.81
N SER U 166 28.93 29.83 -9.17
CA SER U 166 29.97 30.81 -8.93
C SER U 166 29.92 31.99 -9.89
N PHE U 167 29.29 31.82 -11.05
CA PHE U 167 29.09 32.94 -11.95
C PHE U 167 28.13 33.95 -11.36
N ALA U 168 26.98 33.48 -10.88
CA ALA U 168 26.03 34.38 -10.23
C ALA U 168 26.54 34.91 -8.91
N GLU U 169 27.41 34.16 -8.25
CA GLU U 169 28.00 34.57 -6.97
C GLU U 169 28.90 35.78 -7.14
N ALA U 170 29.84 35.71 -8.07
CA ALA U 170 30.82 36.76 -8.24
C ALA U 170 30.35 37.90 -9.13
N SER U 171 29.28 37.70 -9.88
CA SER U 171 28.71 38.76 -10.70
C SER U 171 27.61 39.53 -10.00
N ARG U 172 27.21 39.10 -8.80
CA ARG U 172 26.18 39.74 -7.99
C ARG U 172 24.84 39.82 -8.72
N ILE U 173 24.40 38.67 -9.27
CA ILE U 173 23.11 38.58 -9.92
C ILE U 173 22.36 37.40 -9.30
N THR U 174 21.04 37.45 -9.42
CA THR U 174 20.18 36.36 -9.01
C THR U 174 19.77 35.59 -10.26
N LEU U 175 19.89 34.27 -10.19
CA LEU U 175 19.83 33.43 -11.38
C LEU U 175 19.07 32.15 -11.08
N HIS U 176 18.08 31.85 -11.91
CA HIS U 176 17.32 30.61 -11.87
C HIS U 176 17.44 29.94 -13.23
N VAL U 177 18.24 28.89 -13.32
CA VAL U 177 18.36 28.11 -14.54
C VAL U 177 17.80 26.71 -14.26
N ASP U 178 16.85 26.28 -15.09
CA ASP U 178 16.13 25.04 -14.86
C ASP U 178 15.86 24.39 -16.21
N CYS U 179 16.39 23.19 -16.40
CA CYS U 179 16.11 22.44 -17.62
C CYS U 179 14.78 21.71 -17.48
N LEU U 180 13.87 21.99 -18.39
CA LEU U 180 12.50 21.52 -18.26
C LEU U 180 12.35 20.09 -18.75
N ARG U 181 13.10 19.71 -19.77
CA ARG U 181 13.03 18.36 -20.31
C ARG U 181 14.33 18.09 -21.06
N GLY U 182 14.47 16.86 -21.55
CA GLY U 182 15.63 16.48 -22.33
C GLY U 182 16.23 15.21 -21.78
N LYS U 183 16.83 14.42 -22.67
CA LYS U 183 17.44 13.17 -22.22
C LYS U 183 18.81 12.96 -22.84
N ASN U 184 19.40 14.00 -23.40
CA ASN U 184 20.79 14.03 -23.83
C ASN U 184 21.44 15.17 -23.08
N ASP U 185 22.52 14.87 -22.35
CA ASP U 185 23.06 15.84 -21.42
C ASP U 185 24.06 16.80 -22.04
N HIS U 186 24.55 16.55 -23.25
CA HIS U 186 25.15 17.62 -24.02
C HIS U 186 24.08 18.62 -24.42
N HIS U 187 22.94 18.11 -24.90
CA HIS U 187 21.81 18.96 -25.26
C HIS U 187 21.25 19.68 -24.05
N ARG U 188 21.19 19.00 -22.92
CA ARG U 188 20.57 19.58 -21.74
C ARG U 188 21.44 20.66 -21.13
N SER U 189 22.76 20.53 -21.21
CA SER U 189 23.62 21.53 -20.62
C SER U 189 23.93 22.68 -21.56
N GLU U 190 23.92 22.43 -22.87
CA GLU U 190 24.17 23.53 -23.80
C GLU U 190 22.96 24.43 -23.93
N SER U 191 21.76 23.86 -23.79
CA SER U 191 20.56 24.67 -23.84
C SER U 191 20.44 25.58 -22.63
N ALA U 192 21.07 25.19 -21.51
CA ALA U 192 21.09 26.06 -20.33
C ALA U 192 21.98 27.27 -20.55
N PHE U 193 23.12 27.09 -21.20
CA PHE U 193 23.98 28.22 -21.49
C PHE U 193 23.45 29.05 -22.64
N LYS U 194 22.69 28.45 -23.54
CA LYS U 194 22.03 29.24 -24.58
C LYS U 194 20.83 30.00 -24.04
N ALA U 195 20.20 29.49 -22.98
CA ALA U 195 19.09 30.20 -22.35
C ALA U 195 19.57 31.35 -21.50
N LEU U 196 20.71 31.17 -20.83
CA LEU U 196 21.31 32.26 -20.06
C LEU U 196 21.79 33.38 -20.96
N ALA U 197 22.21 33.05 -22.17
CA ALA U 197 22.63 34.06 -23.11
C ALA U 197 21.46 34.93 -23.57
N VAL U 198 20.27 34.37 -23.63
CA VAL U 198 19.10 35.15 -23.99
C VAL U 198 18.68 36.05 -22.83
N ALA U 199 18.85 35.58 -21.60
CA ALA U 199 18.37 36.31 -20.45
C ALA U 199 19.26 37.50 -20.12
N ILE U 200 20.59 37.32 -20.19
CA ILE U 200 21.52 38.42 -19.95
C ILE U 200 21.39 39.48 -21.03
N ARG U 201 21.16 39.06 -22.28
CA ARG U 201 20.91 39.98 -23.37
C ARG U 201 19.63 40.78 -23.14
N GLU U 202 18.64 40.17 -22.51
CA GLU U 202 17.37 40.84 -22.28
C GLU U 202 17.40 41.73 -21.04
N ALA U 203 18.17 41.34 -20.02
CA ALA U 203 18.25 42.16 -18.82
C ALA U 203 19.16 43.36 -19.01
N THR U 204 20.32 43.16 -19.63
CA THR U 204 21.18 44.27 -19.98
C THR U 204 20.70 44.75 -21.34
N SER U 205 19.78 45.70 -21.33
CA SER U 205 19.18 46.19 -22.55
C SER U 205 18.86 47.66 -22.35
N PRO U 206 18.84 48.46 -23.41
CA PRO U 206 18.52 49.88 -23.25
C PRO U 206 17.05 50.11 -22.94
N ASN U 207 16.71 50.07 -21.65
CA ASN U 207 15.38 50.45 -21.18
C ASN U 207 15.04 51.89 -21.58
N GLY U 208 16.02 52.78 -21.50
CA GLY U 208 15.74 54.19 -21.67
C GLY U 208 15.35 54.83 -20.36
N THR U 209 15.19 56.16 -20.43
CA THR U 209 14.72 57.09 -19.40
C THR U 209 15.68 57.28 -18.23
N ASN U 210 16.78 56.52 -18.14
CA ASN U 210 17.92 56.75 -17.24
C ASN U 210 17.48 56.75 -15.77
N ASP U 211 17.02 55.59 -15.31
CA ASP U 211 16.58 55.45 -13.93
C ASP U 211 16.97 54.09 -13.40
N VAL U 212 17.48 54.06 -12.18
CA VAL U 212 17.85 52.82 -11.51
C VAL U 212 16.58 52.05 -11.15
N PRO U 213 16.38 50.86 -11.72
CA PRO U 213 15.05 50.21 -11.62
C PRO U 213 14.87 49.43 -10.33
N SER U 214 14.68 50.14 -9.22
CA SER U 214 14.50 49.47 -7.95
C SER U 214 13.63 50.32 -7.02
N THR U 215 12.95 49.63 -6.12
CA THR U 215 12.21 50.31 -5.07
C THR U 215 13.14 51.01 -4.09
N LYS U 216 14.18 50.30 -3.64
CA LYS U 216 15.11 50.86 -2.67
C LYS U 216 16.11 51.83 -3.28
N GLY U 217 16.08 52.02 -4.59
CA GLY U 217 16.89 53.02 -5.25
C GLY U 217 18.36 52.70 -5.39
N VAL U 218 18.80 51.53 -4.94
CA VAL U 218 20.22 51.17 -4.93
C VAL U 218 20.40 49.90 -5.74
N LEU U 219 21.04 50.02 -6.90
CA LEU U 219 21.51 48.86 -7.65
C LEU U 219 22.89 49.15 -8.20
N GLU V 3 40.45 24.02 45.35
CA GLU V 3 39.53 25.08 45.00
C GLU V 3 38.12 24.56 44.76
N GLN V 4 37.96 23.72 43.74
CA GLN V 4 36.66 23.20 43.35
C GLN V 4 36.48 21.81 43.94
N LYS V 5 36.16 21.79 45.23
CA LYS V 5 35.94 20.56 45.97
C LYS V 5 34.62 20.62 46.70
N ALA V 6 33.98 19.47 46.86
CA ALA V 6 32.73 19.37 47.60
C ALA V 6 32.58 17.93 48.08
N LEU V 7 31.88 17.78 49.20
CA LEU V 7 31.51 16.47 49.71
C LEU V 7 30.03 16.47 50.05
N VAL V 8 29.33 15.43 49.62
CA VAL V 8 27.88 15.32 49.77
C VAL V 8 27.57 13.99 50.44
N LYS V 9 26.90 14.05 51.59
CA LYS V 9 26.48 12.86 52.33
C LYS V 9 24.97 12.81 52.29
N ARG V 10 24.42 12.03 51.37
CA ARG V 10 22.98 11.95 51.18
C ARG V 10 22.46 10.67 51.84
N ILE V 11 21.60 10.83 52.83
CA ILE V 11 21.18 9.73 53.69
C ILE V 11 19.67 9.62 53.59
N THR V 12 19.18 8.53 53.01
CA THR V 12 17.75 8.24 52.94
C THR V 12 17.52 6.81 53.40
N ASN V 13 16.25 6.41 53.48
CA ASN V 13 15.93 5.09 54.00
C ASN V 13 16.14 3.98 52.99
N GLU V 14 16.59 4.31 51.78
CA GLU V 14 16.93 3.32 50.77
C GLU V 14 18.44 3.19 50.59
N THR V 15 19.14 4.30 50.44
CA THR V 15 20.57 4.32 50.22
C THR V 15 21.24 5.27 51.19
N LYS V 16 22.53 5.04 51.44
CA LYS V 16 23.39 5.99 52.13
C LYS V 16 24.54 6.31 51.20
N ILE V 17 24.76 7.60 50.94
CA ILE V 17 25.67 8.06 49.91
C ILE V 17 26.75 8.90 50.59
N GLN V 18 27.97 8.85 50.07
CA GLN V 18 28.98 9.83 50.43
C GLN V 18 29.87 10.03 49.21
N ILE V 19 29.76 11.22 48.61
CA ILE V 19 30.47 11.53 47.37
C ILE V 19 31.37 12.73 47.62
N ALA V 20 32.67 12.53 47.47
CA ALA V 20 33.64 13.60 47.51
C ALA V 20 34.22 13.80 46.11
N ILE V 21 34.22 15.04 45.64
CA ILE V 21 34.61 15.35 44.28
C ILE V 21 35.67 16.45 44.31
N SER V 22 36.53 16.45 43.30
CA SER V 22 37.43 17.56 43.06
C SER V 22 37.51 17.74 41.55
N LEU V 23 37.03 18.88 41.06
CA LEU V 23 36.94 19.08 39.63
C LEU V 23 38.30 19.37 39.00
N LYS V 24 39.20 20.00 39.75
CA LYS V 24 40.52 20.33 39.22
C LYS V 24 41.52 19.20 39.38
N GLY V 25 41.09 18.03 39.87
CA GLY V 25 41.97 16.91 40.04
C GLY V 25 42.61 16.86 41.41
N GLY V 26 43.85 16.38 41.48
CA GLY V 26 44.57 16.34 42.72
C GLY V 26 44.15 15.19 43.60
N PRO V 27 44.58 15.19 44.86
CA PRO V 27 44.23 14.12 45.79
C PRO V 27 42.91 14.34 46.51
N LEU V 28 42.35 13.24 47.00
CA LEU V 28 41.16 13.24 47.84
C LEU V 28 41.22 12.09 48.81
N ALA V 29 40.60 12.30 49.97
CA ALA V 29 40.43 11.26 50.97
C ALA V 29 39.07 11.46 51.62
N ILE V 30 38.73 10.59 52.55
CA ILE V 30 37.54 10.74 53.38
C ILE V 30 37.93 10.61 54.83
N GLU V 31 37.61 11.63 55.63
CA GLU V 31 37.98 11.64 57.04
C GLU V 31 37.19 10.62 57.85
N HIS V 32 35.97 10.28 57.40
CA HIS V 32 35.15 9.31 58.11
C HIS V 32 34.23 8.65 57.09
N SER V 33 34.59 7.45 56.65
CA SER V 33 33.88 6.76 55.59
C SER V 33 32.64 6.06 56.13
N ILE V 34 31.79 5.58 55.23
CA ILE V 34 30.59 4.86 55.61
C ILE V 34 30.73 3.34 55.49
N PHE V 35 31.74 2.85 54.80
CA PHE V 35 31.96 1.41 54.78
C PHE V 35 32.62 0.98 56.09
N PRO V 36 32.35 -0.23 56.57
CA PRO V 36 33.03 -0.70 57.79
C PRO V 36 34.51 -0.95 57.56
N GLU V 37 35.32 -0.55 58.54
CA GLU V 37 36.78 -0.68 58.57
C GLU V 37 37.42 0.01 57.36
N LYS V 38 37.22 1.33 57.33
CA LYS V 38 37.72 2.25 56.29
C LYS V 38 37.31 1.84 54.88
N ALA V 44 37.09 -0.52 39.84
CA ALA V 44 37.26 0.76 39.17
C ALA V 44 37.94 1.79 40.08
N GLU V 45 39.25 1.65 40.26
CA GLU V 45 40.03 2.52 41.14
C GLU V 45 41.31 2.94 40.41
N GLN V 46 41.42 4.22 40.11
CA GLN V 46 42.61 4.77 39.47
C GLN V 46 43.19 5.84 40.37
N ALA V 47 44.48 5.70 40.73
CA ALA V 47 45.10 6.59 41.70
C ALA V 47 46.51 6.98 41.24
N THR V 48 46.64 7.40 39.98
CA THR V 48 47.96 7.56 39.36
C THR V 48 48.38 9.03 39.44
N GLN V 49 48.61 9.51 40.67
CA GLN V 49 49.47 10.65 40.98
C GLN V 49 49.01 12.02 40.46
N SER V 50 47.93 12.06 39.69
CA SER V 50 47.40 13.33 39.18
C SER V 50 45.97 13.48 39.64
N GLN V 51 45.20 12.41 39.52
CA GLN V 51 43.82 12.35 40.00
C GLN V 51 43.59 11.00 40.64
N VAL V 52 42.75 10.96 41.67
CA VAL V 52 42.37 9.73 42.34
C VAL V 52 40.87 9.54 42.21
N ILE V 53 40.47 8.48 41.53
CA ILE V 53 39.06 8.17 41.32
C ILE V 53 38.80 6.75 41.79
N ASN V 54 37.89 6.62 42.76
CA ASN V 54 37.64 5.36 43.45
C ASN V 54 36.14 5.31 43.73
N VAL V 55 35.42 4.58 42.89
CA VAL V 55 33.98 4.48 42.98
C VAL V 55 33.61 3.12 43.53
N HIS V 56 32.77 3.10 44.57
CA HIS V 56 32.31 1.86 45.17
C HIS V 56 30.80 1.97 45.34
N THR V 57 30.07 1.61 44.29
CA THR V 57 28.65 1.34 44.39
C THR V 57 28.45 -0.17 44.35
N GLY V 58 27.23 -0.60 44.64
CA GLY V 58 26.95 -2.02 44.58
C GLY V 58 26.88 -2.58 43.18
N ILE V 59 26.75 -1.71 42.19
CA ILE V 59 26.63 -2.10 40.79
C ILE V 59 28.00 -1.95 40.15
N GLY V 60 28.48 -3.02 39.52
CA GLY V 60 29.81 -2.97 38.94
C GLY V 60 29.89 -2.24 37.63
N PHE V 61 28.86 -2.33 36.81
CA PHE V 61 28.87 -1.63 35.54
C PHE V 61 28.60 -0.14 35.72
N LEU V 62 27.87 0.23 36.76
CA LEU V 62 27.66 1.63 37.08
C LEU V 62 28.87 2.24 37.78
N ASP V 63 29.73 1.42 38.37
CA ASP V 63 31.05 1.88 38.79
C ASP V 63 31.88 2.26 37.58
N HIS V 64 31.79 1.47 36.51
CA HIS V 64 32.63 1.67 35.34
C HIS V 64 32.20 2.89 34.54
N MET V 65 30.96 3.33 34.67
CA MET V 65 30.50 4.49 33.92
C MET V 65 30.80 5.78 34.63
N ILE V 66 30.77 5.79 35.97
CA ILE V 66 31.22 6.95 36.72
C ILE V 66 32.74 7.05 36.65
N HIS V 67 33.43 5.92 36.54
CA HIS V 67 34.88 5.93 36.45
C HIS V 67 35.35 6.53 35.12
N ALA V 68 34.75 6.11 34.02
CA ALA V 68 35.09 6.67 32.71
C ALA V 68 34.63 8.11 32.58
N LEU V 69 33.61 8.50 33.34
CA LEU V 69 33.19 9.90 33.38
C LEU V 69 34.23 10.76 34.07
N ALA V 70 34.75 10.30 35.20
CA ALA V 70 35.69 11.11 35.94
C ALA V 70 37.12 10.97 35.43
N LYS V 71 37.43 9.90 34.71
CA LYS V 71 38.78 9.76 34.17
C LYS V 71 39.03 10.75 33.05
N HIS V 72 38.04 10.96 32.19
CA HIS V 72 38.21 11.84 31.05
C HIS V 72 37.66 13.24 31.31
N SER V 73 37.33 13.56 32.56
CA SER V 73 36.97 14.91 32.94
C SER V 73 38.06 15.62 33.72
N GLY V 74 39.11 14.93 34.12
CA GLY V 74 40.08 15.53 35.00
C GLY V 74 39.66 15.58 36.45
N TRP V 75 38.66 14.79 36.83
CA TRP V 75 38.13 14.81 38.17
C TRP V 75 38.91 13.89 39.09
N SER V 76 38.90 14.23 40.37
CA SER V 76 39.13 13.28 41.45
C SER V 76 37.79 13.04 42.11
N LEU V 77 37.43 11.77 42.29
CA LEU V 77 36.07 11.46 42.69
C LEU V 77 36.02 10.18 43.50
N ILE V 78 35.50 10.26 44.71
CA ILE V 78 35.28 9.10 45.57
C ILE V 78 33.79 8.94 45.76
N VAL V 79 33.26 7.78 45.41
CA VAL V 79 31.83 7.49 45.49
C VAL V 79 31.64 6.29 46.39
N GLU V 80 30.79 6.45 47.41
CA GLU V 80 30.45 5.37 48.33
C GLU V 80 28.94 5.29 48.42
N CYS V 81 28.38 4.20 47.93
CA CYS V 81 26.96 4.02 48.01
C CYS V 81 26.61 2.71 48.63
N ILE V 82 25.95 2.76 49.78
CA ILE V 82 25.44 1.58 50.45
C ILE V 82 23.96 1.53 50.13
N GLY V 83 23.59 0.72 49.14
CA GLY V 83 22.21 0.69 48.70
C GLY V 83 21.59 -0.69 48.76
N ASP V 84 20.26 -0.73 48.69
CA ASP V 84 19.53 -2.00 48.75
C ASP V 84 19.59 -2.71 47.40
N LEU V 85 20.14 -3.91 47.39
CA LEU V 85 20.27 -4.68 46.16
C LEU V 85 19.47 -5.97 46.17
N HIS V 86 18.72 -6.24 47.23
CA HIS V 86 17.76 -7.34 47.18
C HIS V 86 16.53 -6.93 46.39
N ILE V 87 16.23 -5.63 46.39
CA ILE V 87 15.33 -4.95 45.46
C ILE V 87 16.16 -4.70 44.21
N ASP V 88 15.57 -4.20 43.12
CA ASP V 88 16.35 -3.95 41.92
C ASP V 88 17.33 -2.78 42.11
N ASP V 89 18.05 -2.48 41.04
CA ASP V 89 19.10 -1.48 41.06
C ASP V 89 18.63 -0.06 40.73
N HIS V 90 17.32 0.20 40.72
CA HIS V 90 16.87 1.54 40.41
C HIS V 90 17.16 2.48 41.56
N HIS V 91 16.80 2.09 42.78
CA HIS V 91 16.89 2.99 43.91
C HIS V 91 18.33 3.30 44.29
N THR V 92 19.28 2.48 43.86
CA THR V 92 20.69 2.73 44.13
C THR V 92 21.45 3.24 42.92
N THR V 93 20.77 3.53 41.82
CA THR V 93 21.39 4.22 40.71
C THR V 93 20.83 5.62 40.54
N GLU V 94 19.52 5.76 40.73
CA GLU V 94 18.89 7.07 40.77
C GLU V 94 19.42 7.90 41.93
N ASP V 95 19.53 7.31 43.12
CA ASP V 95 20.03 8.07 44.27
C ASP V 95 21.51 8.37 44.16
N CYS V 96 22.28 7.50 43.52
CA CYS V 96 23.71 7.77 43.30
C CYS V 96 23.96 8.65 42.09
N GLY V 97 22.92 9.19 41.47
CA GLY V 97 23.06 10.15 40.41
C GLY V 97 22.57 11.50 40.83
N ILE V 98 21.61 11.51 41.75
CA ILE V 98 21.17 12.77 42.37
C ILE V 98 22.28 13.34 43.22
N ALA V 99 22.91 12.52 44.05
CA ALA V 99 23.98 13.02 44.89
C ALA V 99 25.25 13.30 44.11
N LEU V 100 25.41 12.71 42.93
CA LEU V 100 26.57 12.99 42.10
C LEU V 100 26.37 14.22 41.24
N GLY V 101 25.13 14.63 41.02
CA GLY V 101 24.89 15.94 40.44
C GLY V 101 25.00 17.05 41.46
N GLN V 102 24.64 16.77 42.71
CA GLN V 102 24.78 17.79 43.76
C GLN V 102 26.24 18.05 44.09
N ALA V 103 27.08 17.01 44.03
CA ALA V 103 28.49 17.21 44.32
C ALA V 103 29.17 17.99 43.21
N PHE V 104 28.76 17.76 41.97
CA PHE V 104 29.25 18.58 40.87
C PHE V 104 28.71 20.01 40.95
N LYS V 105 27.51 20.19 41.49
CA LYS V 105 26.95 21.53 41.57
C LYS V 105 27.64 22.35 42.66
N GLU V 106 27.89 21.75 43.81
CA GLU V 106 28.53 22.48 44.91
C GLU V 106 30.00 22.71 44.67
N ALA V 107 30.62 21.96 43.75
CA ALA V 107 32.03 22.13 43.49
C ALA V 107 32.31 23.34 42.62
N LEU V 108 31.36 23.77 41.81
CA LEU V 108 31.47 25.04 41.09
C LEU V 108 30.29 25.91 41.51
N GLY V 109 30.55 26.85 42.41
CA GLY V 109 29.49 27.72 42.87
C GLY V 109 29.13 28.79 41.86
N ALA V 110 30.06 29.70 41.62
CA ALA V 110 29.83 30.82 40.71
C ALA V 110 30.07 30.37 39.28
N VAL V 111 29.01 30.31 38.48
CA VAL V 111 29.17 30.04 37.06
C VAL V 111 29.49 31.38 36.42
N ARG V 112 30.77 31.73 36.39
CA ARG V 112 31.22 32.92 35.69
C ARG V 112 32.67 32.70 35.29
N GLY V 113 33.05 33.28 34.16
CA GLY V 113 34.36 33.03 33.60
C GLY V 113 34.53 31.67 32.99
N VAL V 114 33.43 31.01 32.62
CA VAL V 114 33.48 29.69 32.03
C VAL V 114 32.91 29.75 30.62
N LYS V 115 33.23 28.74 29.82
CA LYS V 115 32.76 28.68 28.44
C LYS V 115 31.26 28.53 28.35
N ARG V 116 30.66 27.81 29.31
CA ARG V 116 29.24 27.51 29.52
C ARG V 116 28.68 26.53 28.49
N PHE V 117 29.38 26.31 27.37
CA PHE V 117 28.89 25.43 26.31
C PHE V 117 30.00 24.44 25.98
N GLY V 118 29.81 23.20 26.41
CA GLY V 118 30.71 22.12 26.04
C GLY V 118 29.97 21.14 25.16
N SER V 119 30.64 20.72 24.10
CA SER V 119 30.15 19.67 23.22
C SER V 119 31.23 18.61 23.11
N GLY V 120 30.86 17.36 23.28
CA GLY V 120 31.84 16.30 23.21
C GLY V 120 31.38 15.12 22.41
N PHE V 121 32.11 14.79 21.36
CA PHE V 121 31.95 13.54 20.66
C PHE V 121 32.98 12.56 21.20
N ALA V 122 32.57 11.31 21.35
CA ALA V 122 33.51 10.28 21.74
C ALA V 122 33.10 8.96 21.11
N PRO V 123 33.99 8.29 20.40
CA PRO V 123 33.67 6.97 19.88
C PRO V 123 34.16 5.88 20.83
N LEU V 124 33.56 4.71 20.67
CA LEU V 124 34.12 3.50 21.25
C LEU V 124 33.72 2.37 20.32
N ASP V 125 34.55 2.11 19.30
CA ASP V 125 34.60 0.85 18.57
C ASP V 125 33.25 0.53 17.92
N GLU V 126 32.88 1.37 16.95
CA GLU V 126 31.69 1.53 16.10
C GLU V 126 30.53 2.22 16.79
N ALA V 127 30.61 2.53 18.07
CA ALA V 127 29.60 3.35 18.70
C ALA V 127 30.05 4.80 18.70
N LEU V 128 29.11 5.72 18.56
CA LEU V 128 29.42 7.14 18.49
C LEU V 128 28.36 7.93 19.22
N SER V 129 28.77 8.65 20.26
CA SER V 129 27.86 9.43 21.08
C SER V 129 28.34 10.86 21.14
N ARG V 130 27.41 11.80 21.05
CA ARG V 130 27.71 13.18 21.35
C ARG V 130 26.99 13.58 22.63
N ALA V 131 27.57 14.55 23.32
CA ALA V 131 26.95 15.10 24.51
C ALA V 131 27.19 16.58 24.50
N VAL V 132 26.13 17.36 24.63
CA VAL V 132 26.28 18.79 24.82
C VAL V 132 25.80 19.10 26.23
N VAL V 133 26.33 20.18 26.81
CA VAL V 133 26.04 20.55 28.19
C VAL V 133 25.97 22.08 28.21
N ASP V 134 25.21 22.62 29.17
CA ASP V 134 24.84 24.02 29.07
C ASP V 134 25.15 24.83 30.32
N LEU V 135 25.23 24.21 31.50
CA LEU V 135 25.55 24.86 32.78
C LEU V 135 24.63 26.02 33.13
N SER V 136 23.41 26.05 32.62
CA SER V 136 22.41 27.06 32.94
C SER V 136 21.48 26.51 34.00
N ASN V 137 21.11 27.34 34.98
CA ASN V 137 20.48 26.83 36.20
C ASN V 137 19.10 26.25 36.01
N ARG V 138 18.55 26.09 34.83
CA ARG V 138 17.41 25.22 34.70
C ARG V 138 17.88 23.81 34.32
N PRO V 139 17.45 22.78 35.04
CA PRO V 139 17.85 21.42 34.68
C PRO V 139 17.04 20.89 33.51
N TYR V 140 17.72 20.16 32.63
CA TYR V 140 17.01 19.50 31.54
C TYR V 140 17.86 18.34 31.04
N ALA V 141 17.22 17.28 30.57
CA ALA V 141 17.94 16.09 30.16
C ALA V 141 17.22 15.42 28.99
N VAL V 142 17.87 15.39 27.83
CA VAL V 142 17.37 14.71 26.65
C VAL V 142 18.35 13.59 26.34
N VAL V 143 18.09 12.40 26.85
CA VAL V 143 19.03 11.29 26.76
C VAL V 143 18.43 10.25 25.84
N GLU V 144 19.03 10.07 24.67
CA GLU V 144 18.47 9.20 23.65
C GLU V 144 19.45 8.09 23.27
N LEU V 145 20.02 7.43 24.28
CA LEU V 145 20.79 6.20 24.09
C LEU V 145 19.87 5.09 23.61
N GLY V 146 20.02 4.66 22.37
CA GLY V 146 19.13 3.61 21.93
C GLY V 146 19.70 2.24 22.24
N LEU V 147 19.33 1.70 23.38
CA LEU V 147 19.92 0.47 23.91
C LEU V 147 18.92 -0.67 23.71
N GLN V 148 19.31 -1.67 22.94
CA GLN V 148 18.46 -2.82 22.64
C GLN V 148 18.82 -4.02 23.50
N ARG V 149 19.13 -3.76 24.75
CA ARG V 149 19.52 -4.75 25.73
C ARG V 149 18.69 -4.49 26.98
N GLU V 150 18.50 -5.52 27.82
CA GLU V 150 17.78 -5.31 29.06
C GLU V 150 18.67 -5.13 30.28
N LYS V 151 19.81 -5.80 30.34
CA LYS V 151 20.76 -5.63 31.44
C LYS V 151 22.16 -5.75 30.87
N VAL V 152 23.08 -4.94 31.36
CA VAL V 152 24.43 -5.02 30.81
C VAL V 152 25.28 -6.01 31.61
N GLY V 153 25.64 -5.67 32.84
CA GLY V 153 26.13 -6.73 33.70
C GLY V 153 25.38 -6.81 35.00
N ASP V 154 25.11 -5.65 35.57
CA ASP V 154 24.20 -5.49 36.70
C ASP V 154 23.27 -4.30 36.55
N LEU V 155 23.66 -3.25 35.82
CA LEU V 155 22.73 -2.20 35.46
C LEU V 155 21.62 -2.75 34.60
N SER V 156 20.43 -2.20 34.79
CA SER V 156 19.25 -2.65 34.09
C SER V 156 19.00 -1.88 32.81
N CYS V 157 19.99 -1.13 32.31
CA CYS V 157 20.08 -0.66 30.93
C CYS V 157 19.00 0.33 30.50
N GLU V 158 18.00 0.55 31.36
CA GLU V 158 17.10 1.67 31.28
C GLU V 158 17.41 2.66 32.38
N MET V 159 18.26 2.28 33.32
CA MET V 159 18.76 3.19 34.32
C MET V 159 19.91 4.04 33.82
N ILE V 160 20.58 3.61 32.76
CA ILE V 160 21.65 4.39 32.13
C ILE V 160 21.12 5.73 31.59
N PRO V 161 19.93 5.82 30.96
CA PRO V 161 19.39 7.17 30.73
C PRO V 161 18.85 7.81 31.99
N HIS V 162 18.39 7.01 32.94
CA HIS V 162 17.78 7.53 34.16
C HIS V 162 18.83 8.06 35.11
N PHE V 163 20.06 7.58 35.00
CA PHE V 163 21.17 8.15 35.74
C PHE V 163 21.50 9.54 35.24
N LEU V 164 21.61 9.69 33.93
CA LEU V 164 21.93 10.97 33.33
C LEU V 164 20.77 11.95 33.43
N GLU V 165 19.56 11.44 33.53
CA GLU V 165 18.40 12.28 33.80
C GLU V 165 18.51 12.93 35.17
N SER V 166 18.77 12.14 36.20
CA SER V 166 18.88 12.67 37.56
C SER V 166 20.18 13.41 37.80
N PHE V 167 21.21 13.13 37.00
CA PHE V 167 22.44 13.91 37.11
C PHE V 167 22.23 15.34 36.64
N ALA V 168 21.61 15.52 35.48
CA ALA V 168 21.31 16.86 35.00
C ALA V 168 20.26 17.54 35.84
N GLU V 169 19.38 16.77 36.47
CA GLU V 169 18.32 17.31 37.31
C GLU V 169 18.88 17.97 38.56
N ALA V 170 19.74 17.26 39.29
CA ALA V 170 20.26 17.74 40.55
C ALA V 170 21.48 18.62 40.40
N SER V 171 22.12 18.63 39.24
CA SER V 171 23.25 19.52 38.99
C SER V 171 22.85 20.82 38.33
N ARG V 172 21.57 20.97 37.96
CA ARG V 172 21.04 22.18 37.34
C ARG V 172 21.74 22.52 36.04
N ILE V 173 21.86 21.52 35.16
CA ILE V 173 22.44 21.72 33.84
C ILE V 173 21.47 21.17 32.81
N THR V 174 21.60 21.68 31.58
CA THR V 174 20.84 21.18 30.45
C THR V 174 21.76 20.27 29.64
N LEU V 175 21.25 19.10 29.29
CA LEU V 175 22.07 18.02 28.78
C LEU V 175 21.35 17.29 27.66
N HIS V 176 22.03 17.14 26.53
CA HIS V 176 21.57 16.36 25.39
C HIS V 176 22.62 15.30 25.09
N VAL V 177 22.35 14.05 25.45
CA VAL V 177 23.24 12.95 25.12
C VAL V 177 22.50 12.03 24.15
N ASP V 178 23.13 11.75 23.01
CA ASP V 178 22.50 11.02 21.92
C ASP V 178 23.54 10.13 21.27
N CYS V 179 23.32 8.82 21.30
CA CYS V 179 24.20 7.89 20.62
C CYS V 179 23.82 7.81 19.16
N LEU V 180 24.77 8.11 18.30
CA LEU V 180 24.48 8.26 16.88
C LEU V 180 24.46 6.92 16.15
N ARG V 181 25.29 5.98 16.59
CA ARG V 181 25.35 4.66 15.98
C ARG V 181 25.96 3.70 16.98
N GLY V 182 25.99 2.43 16.62
CA GLY V 182 26.60 1.41 17.46
C GLY V 182 25.65 0.24 17.64
N LYS V 183 26.22 -0.95 17.79
CA LYS V 183 25.37 -2.13 17.96
C LYS V 183 25.88 -3.03 19.08
N ASN V 184 26.77 -2.52 19.92
CA ASN V 184 27.19 -3.15 21.17
C ASN V 184 26.87 -2.17 22.28
N ASP V 185 26.08 -2.61 23.25
CA ASP V 185 25.54 -1.67 24.22
C ASP V 185 26.44 -1.41 25.41
N HIS V 186 27.49 -2.21 25.61
CA HIS V 186 28.58 -1.75 26.45
C HIS V 186 29.30 -0.59 25.77
N HIS V 187 29.58 -0.75 24.48
CA HIS V 187 30.20 0.30 23.68
C HIS V 187 29.31 1.52 23.57
N ARG V 188 28.01 1.31 23.41
CA ARG V 188 27.11 2.42 23.19
C ARG V 188 26.90 3.22 24.47
N SER V 189 26.93 2.58 25.64
CA SER V 189 26.71 3.31 26.87
C SER V 189 27.99 3.90 27.44
N GLU V 190 29.14 3.28 27.18
CA GLU V 190 30.39 3.84 27.67
C GLU V 190 30.81 5.05 26.86
N SER V 191 30.49 5.05 25.57
CA SER V 191 30.81 6.20 24.74
C SER V 191 29.98 7.41 25.11
N ALA V 192 28.80 7.19 25.70
CA ALA V 192 27.98 8.30 26.18
C ALA V 192 28.61 8.97 27.39
N PHE V 193 29.14 8.16 28.31
CA PHE V 193 29.81 8.73 29.47
C PHE V 193 31.17 9.30 29.12
N LYS V 194 31.81 8.78 28.09
CA LYS V 194 33.06 9.39 27.63
C LYS V 194 32.81 10.66 26.86
N ALA V 195 31.64 10.80 26.23
CA ALA V 195 31.30 12.03 25.53
C ALA V 195 30.88 13.12 26.50
N LEU V 196 30.19 12.74 27.58
CA LEU V 196 29.83 13.70 28.62
C LEU V 196 31.07 14.21 29.34
N ALA V 197 32.09 13.39 29.46
CA ALA V 197 33.32 13.82 30.09
C ALA V 197 34.04 14.87 29.26
N VAL V 198 33.91 14.81 27.93
CA VAL V 198 34.52 15.82 27.09
C VAL V 198 33.74 17.12 27.17
N ALA V 199 32.42 17.04 27.33
CA ALA V 199 31.58 18.22 27.29
C ALA V 199 31.67 19.02 28.58
N ILE V 200 31.68 18.34 29.73
CA ILE V 200 31.83 19.02 31.02
C ILE V 200 33.21 19.65 31.14
N ARG V 201 34.22 18.98 30.61
CA ARG V 201 35.57 19.53 30.57
C ARG V 201 35.63 20.79 29.71
N GLU V 202 34.83 20.83 28.65
CA GLU V 202 34.84 21.97 27.73
C GLU V 202 33.98 23.12 28.24
N ALA V 203 32.89 22.81 28.94
CA ALA V 203 32.03 23.88 29.46
C ALA V 203 32.63 24.51 30.72
N THR V 204 33.14 23.70 31.64
CA THR V 204 33.86 24.23 32.79
C THR V 204 35.30 24.41 32.34
N SER V 205 35.60 25.59 31.82
CA SER V 205 36.92 25.86 31.28
C SER V 205 37.23 27.32 31.54
N PRO V 206 38.49 27.69 31.66
CA PRO V 206 38.83 29.10 31.89
C PRO V 206 38.62 29.95 30.66
N ASN V 207 37.39 30.45 30.49
CA ASN V 207 37.08 31.43 29.46
C ASN V 207 37.94 32.69 29.61
N GLY V 208 38.17 33.12 30.83
CA GLY V 208 38.81 34.40 31.07
C GLY V 208 37.80 35.52 31.10
N THR V 209 38.31 36.71 31.40
CA THR V 209 37.66 38.02 31.44
C THR V 209 36.62 38.19 32.55
N ASN V 210 36.29 37.14 33.31
CA ASN V 210 35.51 37.19 34.56
C ASN V 210 34.13 37.83 34.34
N ASP V 211 33.31 37.13 33.57
CA ASP V 211 31.97 37.61 33.29
C ASP V 211 31.01 36.45 33.23
N VAL V 212 29.84 36.61 33.85
CA VAL V 212 28.80 35.60 33.84
C VAL V 212 28.19 35.52 32.44
N PRO V 213 28.32 34.39 31.75
CA PRO V 213 28.01 34.36 30.30
C PRO V 213 26.52 34.15 30.02
N SER V 214 25.73 35.20 30.24
CA SER V 214 24.30 35.08 30.00
C SER V 214 23.72 36.43 29.63
N THR V 215 22.63 36.38 28.86
CA THR V 215 21.87 37.58 28.54
C THR V 215 21.19 38.15 29.78
N LYS V 216 20.53 37.29 30.56
CA LYS V 216 19.80 37.72 31.74
C LYS V 216 20.71 37.99 32.93
N GLY V 217 22.01 37.75 32.80
CA GLY V 217 22.97 38.11 33.82
C GLY V 217 22.99 37.23 35.05
N VAL V 218 22.17 36.19 35.10
CA VAL V 218 22.05 35.34 36.29
C VAL V 218 22.37 33.91 35.90
N LEU V 219 23.50 33.40 36.38
CA LEU V 219 23.81 31.99 36.31
C LEU V 219 24.43 31.55 37.62
N GLU W 3 -34.46 19.88 51.87
CA GLU W 3 -33.77 21.05 51.34
C GLU W 3 -33.73 21.06 49.82
N GLN W 4 -33.05 20.07 49.25
CA GLN W 4 -32.85 19.97 47.81
C GLN W 4 -33.89 19.03 47.22
N LYS W 5 -35.11 19.54 47.08
CA LYS W 5 -36.22 18.77 46.53
C LYS W 5 -36.88 19.57 45.43
N ALA W 6 -37.43 18.85 44.45
CA ALA W 6 -38.16 19.46 43.35
C ALA W 6 -39.09 18.44 42.76
N LEU W 7 -40.21 18.92 42.20
CA LEU W 7 -41.13 18.08 41.46
C LEU W 7 -41.46 18.74 40.14
N VAL W 8 -41.40 17.97 39.06
CA VAL W 8 -41.59 18.47 37.71
C VAL W 8 -42.66 17.64 37.02
N LYS W 9 -43.72 18.30 36.57
CA LYS W 9 -44.82 17.67 35.86
C LYS W 9 -44.81 18.19 34.43
N ARG W 10 -44.21 17.43 33.53
CA ARG W 10 -44.05 17.84 32.14
C ARG W 10 -45.10 17.13 31.30
N ILE W 11 -45.98 17.91 30.69
CA ILE W 11 -47.17 17.38 30.01
C ILE W 11 -47.11 17.83 28.56
N THR W 12 -46.94 16.89 27.65
CA THR W 12 -46.97 17.15 26.21
C THR W 12 -47.89 16.14 25.55
N ASN W 13 -48.11 16.30 24.25
CA ASN W 13 -49.05 15.44 23.54
C ASN W 13 -48.47 14.07 23.21
N GLU W 14 -47.22 13.81 23.58
CA GLU W 14 -46.60 12.50 23.42
C GLU W 14 -46.49 11.76 24.74
N THR W 15 -45.95 12.42 25.77
CA THR W 15 -45.75 11.81 27.07
C THR W 15 -46.34 12.70 28.16
N LYS W 16 -46.64 12.08 29.29
CA LYS W 16 -46.96 12.80 30.52
C LYS W 16 -45.99 12.35 31.59
N ILE W 17 -45.31 13.32 32.21
CA ILE W 17 -44.18 13.04 33.09
C ILE W 17 -44.54 13.58 34.47
N GLN W 18 -44.07 12.90 35.51
CA GLN W 18 -44.07 13.49 36.84
C GLN W 18 -42.85 12.95 37.58
N ILE W 19 -41.88 13.82 37.84
CA ILE W 19 -40.61 13.44 38.44
C ILE W 19 -40.43 14.22 39.72
N ALA W 20 -40.36 13.50 40.84
CA ALA W 20 -40.04 14.08 42.13
C ALA W 20 -38.65 13.60 42.54
N ILE W 21 -37.80 14.53 42.93
CA ILE W 21 -36.41 14.22 43.23
C ILE W 21 -36.06 14.78 44.60
N SER W 22 -35.11 14.14 45.27
CA SER W 22 -34.50 14.68 46.47
C SER W 22 -33.02 14.35 46.41
N LEU W 23 -32.17 15.36 46.31
CA LEU W 23 -30.75 15.11 46.11
C LEU W 23 -30.07 14.65 47.39
N LYS W 24 -30.55 15.10 48.55
CA LYS W 24 -29.96 14.72 49.81
C LYS W 24 -30.49 13.40 50.35
N GLY W 25 -31.35 12.71 49.60
CA GLY W 25 -31.89 11.45 50.05
C GLY W 25 -33.18 11.59 50.80
N GLY W 26 -33.41 10.73 51.79
CA GLY W 26 -34.61 10.81 52.60
C GLY W 26 -35.82 10.24 51.91
N PRO W 27 -37.00 10.48 52.48
CA PRO W 27 -38.24 9.97 51.88
C PRO W 27 -38.84 10.90 50.84
N LEU W 28 -39.67 10.29 49.99
CA LEU W 28 -40.46 11.02 49.00
C LEU W 28 -41.78 10.30 48.76
N ALA W 29 -42.80 11.08 48.42
CA ALA W 29 -44.09 10.56 48.02
C ALA W 29 -44.63 11.46 46.92
N ILE W 30 -45.81 11.12 46.42
CA ILE W 30 -46.52 11.96 45.47
C ILE W 30 -47.94 12.16 45.97
N GLU W 31 -48.35 13.42 46.14
CA GLU W 31 -49.67 13.72 46.68
C GLU W 31 -50.77 13.39 45.68
N HIS W 32 -50.47 13.42 44.38
CA HIS W 32 -51.47 13.11 43.36
C HIS W 32 -50.72 12.57 42.15
N SER W 33 -50.73 11.24 42.00
CA SER W 33 -49.96 10.58 40.95
C SER W 33 -50.72 10.62 39.62
N ILE W 34 -50.02 10.22 38.55
CA ILE W 34 -50.63 10.18 37.22
C ILE W 34 -51.02 8.77 36.80
N PHE W 35 -50.55 7.73 37.48
CA PHE W 35 -51.02 6.40 37.16
C PHE W 35 -52.40 6.19 37.80
N PRO W 36 -53.26 5.38 37.17
CA PRO W 36 -54.57 5.10 37.79
C PRO W 36 -54.43 4.24 39.03
N GLU W 37 -55.22 4.60 40.05
CA GLU W 37 -55.30 3.95 41.36
C GLU W 37 -53.93 3.93 42.05
N LYS W 38 -53.45 5.14 42.32
CA LYS W 38 -52.16 5.42 42.99
C LYS W 38 -50.97 4.77 42.29
N ALA W 44 -37.63 -1.92 39.29
CA ALA W 44 -36.56 -1.09 39.83
C ALA W 44 -37.07 -0.17 40.93
N GLU W 45 -37.29 -0.73 42.12
CA GLU W 45 -37.82 0.01 43.26
C GLU W 45 -36.99 -0.34 44.50
N GLN W 46 -36.26 0.64 45.03
CA GLN W 46 -35.48 0.46 46.23
C GLN W 46 -35.96 1.46 47.28
N ALA W 47 -36.35 0.96 48.45
CA ALA W 47 -36.95 1.80 49.47
C ALA W 47 -36.39 1.47 50.85
N THR W 48 -35.06 1.39 50.97
CA THR W 48 -34.43 0.84 52.16
C THR W 48 -34.00 1.97 53.09
N GLN W 49 -34.99 2.69 53.63
CA GLN W 49 -34.89 3.46 54.88
C GLN W 49 -33.94 4.66 54.87
N SER W 50 -33.20 4.87 53.79
CA SER W 50 -32.29 6.00 53.69
C SER W 50 -32.68 6.82 52.47
N GLN W 51 -32.94 6.15 51.37
CA GLN W 51 -33.39 6.77 50.14
C GLN W 51 -34.46 5.88 49.51
N VAL W 52 -35.43 6.49 48.85
CA VAL W 52 -36.49 5.77 48.16
C VAL W 52 -36.43 6.14 46.68
N ILE W 53 -36.15 5.15 45.85
CA ILE W 53 -36.06 5.35 44.41
C ILE W 53 -36.99 4.36 43.72
N ASN W 54 -37.94 4.89 42.96
CA ASN W 54 -39.01 4.11 42.36
C ASN W 54 -39.30 4.73 41.00
N VAL W 55 -38.76 4.10 39.96
CA VAL W 55 -38.89 4.60 38.60
C VAL W 55 -39.87 3.72 37.84
N HIS W 56 -40.85 4.34 37.20
CA HIS W 56 -41.83 3.63 36.40
C HIS W 56 -41.95 4.35 35.07
N THR W 57 -41.09 3.99 34.13
CA THR W 57 -41.27 4.32 32.74
C THR W 57 -41.75 3.08 32.01
N GLY W 58 -42.16 3.25 30.76
CA GLY W 58 -42.61 2.10 29.99
C GLY W 58 -41.47 1.21 29.54
N ILE W 59 -40.24 1.70 29.60
CA ILE W 59 -39.06 0.97 29.17
C ILE W 59 -38.41 0.38 30.40
N GLY W 60 -38.17 -0.94 30.38
CA GLY W 60 -37.62 -1.59 31.57
C GLY W 60 -36.14 -1.39 31.74
N PHE W 61 -35.40 -1.33 30.64
CA PHE W 61 -33.97 -1.12 30.74
C PHE W 61 -33.63 0.32 31.04
N LEU W 62 -34.47 1.26 30.62
CA LEU W 62 -34.30 2.66 30.98
C LEU W 62 -34.75 2.94 32.40
N ASP W 63 -35.60 2.09 32.98
CA ASP W 63 -35.83 2.12 34.42
C ASP W 63 -34.55 1.76 35.17
N HIS W 64 -33.83 0.77 34.67
CA HIS W 64 -32.65 0.26 35.36
C HIS W 64 -31.48 1.23 35.30
N MET W 65 -31.45 2.12 34.32
CA MET W 65 -30.36 3.06 34.22
C MET W 65 -30.59 4.31 35.05
N ILE W 66 -31.85 4.74 35.19
CA ILE W 66 -32.15 5.82 36.12
C ILE W 66 -32.06 5.31 37.55
N HIS W 67 -32.33 4.03 37.77
CA HIS W 67 -32.24 3.45 39.11
C HIS W 67 -30.80 3.39 39.58
N ALA W 68 -29.90 2.90 38.73
CA ALA W 68 -28.48 2.84 39.08
C ALA W 68 -27.87 4.23 39.15
N LEU W 69 -28.44 5.20 38.44
CA LEU W 69 -28.00 6.59 38.56
C LEU W 69 -28.36 7.16 39.93
N ALA W 70 -29.58 6.92 40.39
CA ALA W 70 -30.01 7.50 41.64
C ALA W 70 -29.57 6.67 42.84
N LYS W 71 -29.26 5.40 42.66
CA LYS W 71 -28.80 4.59 43.78
C LYS W 71 -27.40 5.00 44.23
N HIS W 72 -26.53 5.29 43.27
CA HIS W 72 -25.16 5.63 43.59
C HIS W 72 -24.92 7.14 43.62
N SER W 73 -25.99 7.93 43.59
CA SER W 73 -25.89 9.37 43.78
C SER W 73 -26.38 9.82 45.15
N GLY W 74 -27.00 8.95 45.93
CA GLY W 74 -27.61 9.38 47.16
C GLY W 74 -28.96 10.04 46.97
N TRP W 75 -29.58 9.85 45.82
CA TRP W 75 -30.85 10.48 45.51
C TRP W 75 -32.01 9.68 46.02
N SER W 76 -33.11 10.39 46.29
CA SER W 76 -34.44 9.81 46.30
C SER W 76 -35.14 10.31 45.07
N LEU W 77 -35.75 9.41 44.30
CA LEU W 77 -36.23 9.78 42.98
C LEU W 77 -37.43 8.93 42.59
N ILE W 78 -38.54 9.59 42.30
CA ILE W 78 -39.74 8.92 41.80
C ILE W 78 -39.97 9.42 40.37
N VAL W 79 -40.04 8.50 39.43
CA VAL W 79 -40.21 8.82 38.01
C VAL W 79 -41.47 8.13 37.52
N GLU W 80 -42.38 8.91 36.93
CA GLU W 80 -43.61 8.38 36.35
C GLU W 80 -43.72 8.93 34.93
N CYS W 81 -43.64 8.04 33.96
CA CYS W 81 -43.77 8.44 32.59
C CYS W 81 -44.81 7.61 31.89
N ILE W 82 -45.85 8.28 31.44
CA ILE W 82 -46.89 7.66 30.63
C ILE W 82 -46.60 8.07 29.19
N GLY W 83 -45.96 7.20 28.44
CA GLY W 83 -45.55 7.55 27.10
C GLY W 83 -46.07 6.61 26.03
N ASP W 84 -46.02 7.05 24.79
CA ASP W 84 -46.51 6.25 23.67
C ASP W 84 -45.48 5.19 23.29
N LEU W 85 -45.88 3.93 23.38
CA LEU W 85 -44.99 2.83 23.06
C LEU W 85 -45.44 2.01 21.87
N HIS W 86 -46.53 2.39 21.20
CA HIS W 86 -46.85 1.78 19.92
C HIS W 86 -45.97 2.36 18.83
N ILE W 87 -45.53 3.60 19.01
CA ILE W 87 -44.42 4.25 18.31
C ILE W 87 -43.16 3.75 19.00
N ASP W 88 -41.97 4.06 18.49
CA ASP W 88 -40.76 3.61 19.15
C ASP W 88 -40.53 4.32 20.49
N ASP W 89 -39.43 3.97 21.13
CA ASP W 89 -39.10 4.44 22.46
C ASP W 89 -38.32 5.74 22.49
N HIS W 90 -38.23 6.46 21.37
CA HIS W 90 -37.47 7.72 21.39
C HIS W 90 -38.23 8.78 22.15
N HIS W 91 -39.51 8.96 21.82
CA HIS W 91 -40.27 10.07 22.39
C HIS W 91 -40.52 9.91 23.87
N THR W 92 -40.38 8.71 24.41
CA THR W 92 -40.56 8.47 25.82
C THR W 92 -39.24 8.24 26.55
N THR W 93 -38.12 8.42 25.89
CA THR W 93 -36.84 8.43 26.58
C THR W 93 -36.21 9.80 26.52
N GLU W 94 -36.34 10.48 25.39
CA GLU W 94 -35.93 11.88 25.28
C GLU W 94 -36.73 12.77 26.22
N ASP W 95 -38.05 12.58 26.26
CA ASP W 95 -38.88 13.41 27.14
C ASP W 95 -38.67 13.08 28.61
N CYS W 96 -38.36 11.83 28.93
CA CYS W 96 -38.07 11.45 30.31
C CYS W 96 -36.63 11.74 30.70
N GLY W 97 -35.87 12.41 29.85
CA GLY W 97 -34.54 12.85 30.19
C GLY W 97 -34.47 14.35 30.27
N ILE W 98 -35.34 15.02 29.51
CA ILE W 98 -35.49 16.47 29.62
C ILE W 98 -36.09 16.82 30.97
N ALA W 99 -37.15 16.12 31.36
CA ALA W 99 -37.78 16.41 32.65
C ALA W 99 -36.94 15.94 33.81
N LEU W 100 -36.03 14.99 33.60
CA LEU W 100 -35.17 14.53 34.67
C LEU W 100 -33.93 15.40 34.81
N GLY W 101 -33.59 16.16 33.77
CA GLY W 101 -32.60 17.21 33.95
C GLY W 101 -33.18 18.45 34.59
N GLN W 102 -34.45 18.75 34.31
CA GLN W 102 -35.09 19.90 34.93
C GLN W 102 -35.32 19.68 36.42
N ALA W 103 -35.62 18.45 36.82
CA ALA W 103 -35.82 18.17 38.24
C ALA W 103 -34.50 18.24 39.00
N PHE W 104 -33.41 17.81 38.37
CA PHE W 104 -32.09 18.00 38.98
C PHE W 104 -31.68 19.45 39.01
N LYS W 105 -32.13 20.24 38.02
CA LYS W 105 -31.76 21.65 37.99
C LYS W 105 -32.49 22.45 39.06
N GLU W 106 -33.79 22.19 39.24
CA GLU W 106 -34.56 22.93 40.23
C GLU W 106 -34.27 22.49 41.65
N ALA W 107 -33.66 21.32 41.82
CA ALA W 107 -33.36 20.85 43.16
C ALA W 107 -32.13 21.52 43.74
N LEU W 108 -31.22 22.01 42.90
CA LEU W 108 -30.11 22.84 43.36
C LEU W 108 -30.21 24.17 42.65
N GLY W 109 -30.73 25.17 43.33
CA GLY W 109 -30.88 26.48 42.72
C GLY W 109 -29.56 27.23 42.64
N ALA W 110 -29.02 27.59 43.80
CA ALA W 110 -27.79 28.38 43.86
C ALA W 110 -26.60 27.43 43.74
N VAL W 111 -25.87 27.53 42.63
CA VAL W 111 -24.62 26.79 42.50
C VAL W 111 -23.56 27.63 43.19
N ARG W 112 -23.42 27.45 44.49
CA ARG W 112 -22.35 28.09 45.26
C ARG W 112 -22.05 27.22 46.46
N GLY W 113 -20.78 27.23 46.87
CA GLY W 113 -20.35 26.34 47.92
C GLY W 113 -20.24 24.90 47.51
N VAL W 114 -20.11 24.63 46.22
CA VAL W 114 -20.01 23.27 45.71
C VAL W 114 -18.66 23.10 45.03
N LYS W 115 -18.25 21.84 44.85
CA LYS W 115 -16.98 21.54 44.23
C LYS W 115 -16.94 21.94 42.77
N ARG W 116 -18.08 21.85 42.09
CA ARG W 116 -18.38 22.19 40.69
C ARG W 116 -17.75 21.22 39.69
N PHE W 117 -16.78 20.42 40.11
CA PHE W 117 -16.08 19.51 39.21
C PHE W 117 -16.11 18.12 39.84
N GLY W 118 -16.94 17.25 39.28
CA GLY W 118 -16.95 15.86 39.67
C GLY W 118 -16.45 15.00 38.53
N SER W 119 -15.60 14.04 38.86
CA SER W 119 -15.13 13.04 37.92
C SER W 119 -15.38 11.68 38.54
N GLY W 120 -15.98 10.78 37.76
CA GLY W 120 -16.26 9.47 38.29
C GLY W 120 -15.91 8.37 37.33
N PHE W 121 -15.04 7.47 37.75
CA PHE W 121 -14.81 6.21 37.07
C PHE W 121 -15.65 5.15 37.74
N ALA W 122 -16.22 4.26 36.94
CA ALA W 122 -16.94 3.13 37.49
C ALA W 122 -16.79 1.94 36.56
N PRO W 123 -16.35 0.80 37.06
CA PRO W 123 -16.32 -0.40 36.22
C PRO W 123 -17.57 -1.23 36.41
N LEU W 124 -17.82 -2.07 35.41
CA LEU W 124 -18.78 -3.16 35.58
C LEU W 124 -18.29 -4.28 34.68
N ASP W 125 -17.42 -5.13 35.23
CA ASP W 125 -17.15 -6.48 34.73
C ASP W 125 -16.66 -6.45 33.27
N GLU W 126 -15.45 -5.88 33.11
CA GLU W 126 -14.60 -5.57 31.96
C GLU W 126 -15.01 -4.30 31.22
N ALA W 127 -16.12 -3.67 31.57
CA ALA W 127 -16.44 -2.38 31.01
C ALA W 127 -15.94 -1.29 31.94
N LEU W 128 -15.50 -0.17 31.38
CA LEU W 128 -14.95 0.92 32.17
C LEU W 128 -15.37 2.24 31.55
N SER W 129 -16.09 3.04 32.33
CA SER W 129 -16.61 4.32 31.87
C SER W 129 -16.17 5.41 32.83
N ARG W 130 -15.77 6.55 32.29
CA ARG W 130 -15.59 7.74 33.11
C ARG W 130 -16.65 8.75 32.75
N ALA W 131 -16.97 9.59 33.72
CA ALA W 131 -17.90 10.68 33.49
C ALA W 131 -17.38 11.88 34.25
N VAL W 132 -17.25 13.00 33.56
CA VAL W 132 -16.94 14.25 34.23
C VAL W 132 -18.17 15.14 34.08
N VAL W 133 -18.33 16.07 35.03
CA VAL W 133 -19.50 16.94 35.07
C VAL W 133 -19.01 18.29 35.56
N ASP W 134 -19.72 19.36 35.17
CA ASP W 134 -19.15 20.69 35.31
C ASP W 134 -20.05 21.67 36.05
N LEU W 135 -21.37 21.47 36.05
CA LEU W 135 -22.35 22.31 36.76
C LEU W 135 -22.30 23.79 36.36
N SER W 136 -21.79 24.11 35.17
CA SER W 136 -21.77 25.46 34.66
C SER W 136 -22.95 25.68 33.73
N ASN W 137 -23.58 26.84 33.81
CA ASN W 137 -24.91 27.03 33.20
C ASN W 137 -24.93 26.98 31.69
N ARG W 138 -23.88 26.69 30.98
CA ARG W 138 -24.04 26.31 29.58
C ARG W 138 -24.16 24.79 29.47
N PRO W 139 -25.19 24.29 28.80
CA PRO W 139 -25.31 22.83 28.64
C PRO W 139 -24.41 22.31 27.56
N TYR W 140 -23.81 21.14 27.81
CA TYR W 140 -23.01 20.49 26.78
C TYR W 140 -22.94 19.00 27.09
N ALA W 141 -22.86 18.18 26.05
CA ALA W 141 -22.88 16.74 26.24
C ALA W 141 -22.01 16.06 25.19
N VAL W 142 -20.93 15.43 25.63
CA VAL W 142 -20.05 14.66 24.76
C VAL W 142 -20.13 13.21 25.24
N VAL W 143 -21.03 12.44 24.64
CA VAL W 143 -21.32 11.09 25.10
C VAL W 143 -20.81 10.11 24.05
N GLU W 144 -19.76 9.37 24.40
CA GLU W 144 -19.10 8.49 23.44
C GLU W 144 -19.13 7.04 23.89
N LEU W 145 -20.29 6.57 24.32
CA LEU W 145 -20.53 5.16 24.57
C LEU W 145 -20.47 4.39 23.26
N GLY W 146 -19.44 3.56 23.08
CA GLY W 146 -19.38 2.84 21.83
C GLY W 146 -20.13 1.53 21.91
N LEU W 147 -21.40 1.55 21.53
CA LEU W 147 -22.31 0.43 21.70
C LEU W 147 -22.51 -0.23 20.34
N GLN W 148 -22.13 -1.50 20.24
CA GLN W 148 -22.24 -2.27 19.01
C GLN W 148 -23.46 -3.19 19.03
N ARG W 149 -24.54 -2.68 19.57
CA ARG W 149 -25.80 -3.39 19.70
C ARG W 149 -26.89 -2.46 19.18
N GLU W 150 -28.03 -3.00 18.77
CA GLU W 150 -29.13 -2.16 18.32
C GLU W 150 -30.21 -1.96 19.36
N LYS W 151 -30.50 -2.96 20.18
CA LYS W 151 -31.47 -2.82 21.27
C LYS W 151 -30.98 -3.64 22.45
N VAL W 152 -31.16 -3.13 23.67
CA VAL W 152 -30.67 -3.89 24.81
C VAL W 152 -31.76 -4.82 25.35
N GLY W 153 -32.80 -4.27 25.95
CA GLY W 153 -33.96 -5.11 26.15
C GLY W 153 -35.21 -4.48 25.58
N ASP W 154 -35.36 -3.19 25.82
CA ASP W 154 -36.37 -2.35 25.19
C ASP W 154 -35.82 -1.01 24.73
N LEU W 155 -34.78 -0.48 25.37
CA LEU W 155 -34.08 0.68 24.84
C LEU W 155 -33.46 0.35 23.50
N SER W 156 -33.45 1.34 22.62
CA SER W 156 -32.95 1.18 21.28
C SER W 156 -31.48 1.53 21.16
N CYS W 157 -30.75 1.66 22.28
CA CYS W 157 -29.30 1.59 22.35
C CYS W 157 -28.57 2.74 21.65
N GLU W 158 -29.29 3.57 20.91
CA GLU W 158 -28.84 4.86 20.47
C GLU W 158 -29.53 5.95 21.25
N MET W 159 -30.54 5.59 22.02
CA MET W 159 -31.17 6.51 22.93
C MET W 159 -30.42 6.66 24.24
N ILE W 160 -29.56 5.70 24.58
CA ILE W 160 -28.72 5.78 25.76
C ILE W 160 -27.74 6.96 25.68
N PRO W 161 -27.13 7.30 24.54
CA PRO W 161 -26.45 8.60 24.48
C PRO W 161 -27.42 9.77 24.38
N HIS W 162 -28.59 9.55 23.78
CA HIS W 162 -29.54 10.62 23.56
C HIS W 162 -30.27 10.99 24.84
N PHE W 163 -30.33 10.06 25.79
CA PHE W 163 -30.83 10.36 27.12
C PHE W 163 -29.88 11.29 27.86
N LEU W 164 -28.59 10.97 27.84
CA LEU W 164 -27.60 11.78 28.52
C LEU W 164 -27.36 13.09 27.82
N GLU W 165 -27.63 13.14 26.52
CA GLU W 165 -27.60 14.40 25.78
C GLU W 165 -28.67 15.36 26.29
N SER W 166 -29.91 14.90 26.39
CA SER W 166 -31.00 15.74 26.85
C SER W 166 -30.97 15.96 28.35
N PHE W 167 -30.32 15.09 29.10
CA PHE W 167 -30.16 15.32 30.53
C PHE W 167 -29.24 16.50 30.78
N ALA W 168 -28.08 16.52 30.13
CA ALA W 168 -27.17 17.65 30.27
C ALA W 168 -27.73 18.91 29.64
N GLU W 169 -28.58 18.77 28.63
CA GLU W 169 -29.20 19.90 27.95
C GLU W 169 -30.14 20.66 28.87
N ALA W 170 -31.06 19.94 29.50
CA ALA W 170 -32.08 20.57 30.32
C ALA W 170 -31.65 20.84 31.74
N SER W 171 -30.55 20.23 32.19
CA SER W 171 -30.01 20.49 33.51
C SER W 171 -28.95 21.57 33.53
N ARG W 172 -28.56 22.07 32.35
CA ARG W 172 -27.56 23.14 32.21
C ARG W 172 -26.21 22.74 32.81
N ILE W 173 -25.73 21.55 32.46
CA ILE W 173 -24.43 21.09 32.90
C ILE W 173 -23.64 20.66 31.66
N THR W 174 -22.32 20.67 31.81
CA THR W 174 -21.41 20.16 30.79
C THR W 174 -20.96 18.77 31.20
N LEU W 175 -21.03 17.83 30.26
CA LEU W 175 -20.93 16.42 30.58
C LEU W 175 -20.12 15.70 29.50
N HIS W 176 -19.11 14.97 29.94
CA HIS W 176 -18.30 14.11 29.08
C HIS W 176 -18.38 12.69 29.64
N VAL W 177 -19.14 11.82 28.99
CA VAL W 177 -19.20 10.42 29.37
C VAL W 177 -18.61 9.59 28.24
N ASP W 178 -17.63 8.75 28.58
CA ASP W 178 -16.86 8.01 27.59
C ASP W 178 -16.55 6.63 28.15
N CYS W 179 -17.03 5.60 27.48
CA CYS W 179 -16.70 4.23 27.89
C CYS W 179 -15.35 3.84 27.31
N LEU W 180 -14.43 3.47 28.18
CA LEU W 180 -13.06 3.27 27.80
C LEU W 180 -12.83 1.88 27.20
N ARG W 181 -13.56 0.89 27.68
CA ARG W 181 -13.43 -0.47 27.19
C ARG W 181 -14.70 -1.23 27.55
N GLY W 182 -14.79 -2.46 27.07
CA GLY W 182 -15.92 -3.32 27.38
C GLY W 182 -16.49 -3.91 26.11
N LYS W 183 -17.04 -5.11 26.22
CA LYS W 183 -17.61 -5.76 25.04
C LYS W 183 -18.96 -6.39 25.34
N ASN W 184 -19.58 -6.02 26.45
CA ASN W 184 -20.96 -6.34 26.78
C ASN W 184 -21.67 -5.01 26.97
N ASP W 185 -22.74 -4.78 26.22
CA ASP W 185 -23.34 -3.46 26.17
C ASP W 185 -24.37 -3.20 27.25
N HIS W 186 -24.82 -4.23 27.97
CA HIS W 186 -25.45 -3.97 29.25
C HIS W 186 -24.42 -3.46 30.24
N HIS W 187 -23.26 -4.11 30.27
CA HIS W 187 -22.15 -3.69 31.12
C HIS W 187 -21.63 -2.32 30.72
N ARG W 188 -21.57 -2.07 29.42
CA ARG W 188 -20.99 -0.82 28.95
C ARG W 188 -21.91 0.35 29.21
N SER W 189 -23.22 0.15 29.16
CA SER W 189 -24.13 1.27 29.38
C SER W 189 -24.46 1.47 30.84
N GLU W 190 -24.43 0.41 31.65
CA GLU W 190 -24.70 0.58 33.08
C GLU W 190 -23.53 1.22 33.78
N SER W 191 -22.32 0.93 33.32
CA SER W 191 -21.15 1.55 33.92
C SER W 191 -21.08 3.03 33.63
N ALA W 192 -21.71 3.48 32.55
CA ALA W 192 -21.78 4.90 32.25
C ALA W 192 -22.70 5.62 33.21
N PHE W 193 -23.84 5.01 33.54
CA PHE W 193 -24.73 5.61 34.51
C PHE W 193 -24.21 5.49 35.93
N LYS W 194 -23.42 4.46 36.21
CA LYS W 194 -22.78 4.38 37.52
C LYS W 194 -21.62 5.34 37.64
N ALA W 195 -20.98 5.70 36.53
CA ALA W 195 -19.91 6.69 36.55
C ALA W 195 -20.45 8.10 36.68
N LEU W 196 -21.59 8.37 36.05
CA LEU W 196 -22.24 9.67 36.20
C LEU W 196 -22.75 9.88 37.61
N ALA W 197 -23.13 8.81 38.28
CA ALA W 197 -23.58 8.91 39.65
C ALA W 197 -22.45 9.28 40.60
N VAL W 198 -21.22 8.87 40.28
CA VAL W 198 -20.08 9.26 41.09
C VAL W 198 -19.71 10.71 40.84
N ALA W 199 -19.88 11.18 39.61
CA ALA W 199 -19.45 12.52 39.25
C ALA W 199 -20.40 13.59 39.79
N ILE W 200 -21.70 13.36 39.71
CA ILE W 200 -22.69 14.29 40.25
C ILE W 200 -22.58 14.36 41.77
N ARG W 201 -22.31 13.22 42.40
CA ARG W 201 -22.09 13.18 43.84
C ARG W 201 -20.85 13.97 44.23
N GLU W 202 -19.83 13.99 43.37
CA GLU W 202 -18.60 14.69 43.67
C GLU W 202 -18.69 16.17 43.34
N ALA W 203 -19.45 16.54 42.32
CA ALA W 203 -19.58 17.96 41.97
C ALA W 203 -20.53 18.67 42.90
N THR W 204 -21.67 18.07 43.21
CA THR W 204 -22.58 18.62 44.21
C THR W 204 -22.09 18.08 45.54
N SER W 205 -21.21 18.83 46.18
CA SER W 205 -20.60 18.40 47.43
C SER W 205 -20.35 19.64 48.28
N PRO W 206 -20.34 19.51 49.59
CA PRO W 206 -20.07 20.68 50.43
C PRO W 206 -18.62 21.11 50.39
N ASN W 207 -18.30 21.96 49.40
CA ASN W 207 -16.99 22.60 49.33
C ASN W 207 -16.70 23.42 50.60
N GLY W 208 -17.71 24.10 51.12
CA GLY W 208 -17.50 25.04 52.20
C GLY W 208 -17.14 26.41 51.66
N THR W 209 -17.03 27.35 52.61
CA THR W 209 -16.62 28.75 52.49
C THR W 209 -17.60 29.64 51.72
N ASN W 210 -18.67 29.09 51.13
CA ASN W 210 -19.83 29.83 50.59
C ASN W 210 -19.41 30.83 49.52
N ASP W 211 -18.92 30.29 48.41
CA ASP W 211 -18.49 31.14 47.30
C ASP W 211 -18.84 30.46 45.98
N VAL W 212 -19.36 31.25 45.05
CA VAL W 212 -19.70 30.75 43.72
C VAL W 212 -18.41 30.48 42.95
N PRO W 213 -18.14 29.22 42.58
CA PRO W 213 -16.80 28.86 42.09
C PRO W 213 -16.60 29.16 40.60
N SER W 214 -16.45 30.44 40.27
CA SER W 214 -16.27 30.80 38.88
C SER W 214 -15.45 32.08 38.78
N THR W 215 -14.75 32.21 37.66
CA THR W 215 -14.05 33.45 37.34
C THR W 215 -15.02 34.58 37.07
N LYS W 216 -16.05 34.33 36.26
CA LYS W 216 -17.00 35.36 35.89
C LYS W 216 -18.04 35.61 36.98
N GLY W 217 -17.99 34.88 38.08
CA GLY W 217 -18.83 35.15 39.23
C GLY W 217 -20.28 34.76 39.09
N VAL W 218 -20.70 34.18 37.97
CA VAL W 218 -22.10 33.86 37.71
C VAL W 218 -22.21 32.37 37.44
N LEU W 219 -22.84 31.65 38.36
CA LEU W 219 -23.25 30.28 38.14
C LEU W 219 -24.63 30.08 38.72
N GLU X 3 -42.04 46.63 -18.13
CA GLU X 3 -41.16 47.22 -17.13
C GLU X 3 -39.73 46.75 -17.29
N GLN X 4 -39.52 45.45 -17.10
CA GLN X 4 -38.19 44.85 -17.13
C GLN X 4 -37.97 44.22 -18.51
N LYS X 5 -37.66 45.08 -19.48
CA LYS X 5 -37.40 44.67 -20.84
C LYS X 5 -36.10 45.27 -21.32
N ALA X 6 -35.43 44.54 -22.21
CA ALA X 6 -34.19 45.01 -22.81
C ALA X 6 -33.99 44.28 -24.12
N LEU X 7 -33.30 44.94 -25.04
CA LEU X 7 -32.89 44.33 -26.30
C LEU X 7 -31.42 44.62 -26.54
N VAL X 8 -30.67 43.57 -26.90
CA VAL X 8 -29.22 43.67 -27.07
C VAL X 8 -28.87 43.14 -28.45
N LYS X 9 -28.23 43.97 -29.25
CA LYS X 9 -27.78 43.61 -30.60
C LYS X 9 -26.25 43.62 -30.57
N ARG X 10 -25.66 42.44 -30.41
CA ARG X 10 -24.22 42.29 -30.31
C ARG X 10 -23.66 41.81 -31.65
N ILE X 11 -22.83 42.64 -32.27
CA ILE X 11 -22.37 42.41 -33.63
C ILE X 11 -20.86 42.33 -33.61
N THR X 12 -20.32 41.15 -33.91
CA THR X 12 -18.89 40.95 -34.03
C THR X 12 -18.61 40.20 -35.33
N ASN X 13 -17.32 40.02 -35.65
CA ASN X 13 -16.95 39.39 -36.92
C ASN X 13 -17.11 37.88 -36.90
N GLU X 14 -17.55 37.31 -35.79
CA GLU X 14 -17.84 35.87 -35.71
C GLU X 14 -19.34 35.61 -35.69
N THR X 15 -20.08 36.30 -34.82
CA THR X 15 -21.51 36.10 -34.68
C THR X 15 -22.23 37.44 -34.77
N LYS X 16 -23.51 37.37 -35.13
CA LYS X 16 -24.41 38.50 -35.01
C LYS X 16 -25.57 38.08 -34.12
N ILE X 17 -25.82 38.85 -33.07
CA ILE X 17 -26.74 38.47 -32.02
C ILE X 17 -27.86 39.50 -31.97
N GLN X 18 -29.06 39.06 -31.63
CA GLN X 18 -30.12 40.00 -31.25
C GLN X 18 -30.99 39.29 -30.22
N ILE X 19 -30.93 39.77 -28.97
CA ILE X 19 -31.62 39.14 -27.86
C ILE X 19 -32.57 40.16 -27.25
N ALA X 20 -33.86 39.86 -27.29
CA ALA X 20 -34.88 40.65 -26.61
C ALA X 20 -35.43 39.83 -25.46
N ILE X 21 -35.48 40.43 -24.28
CA ILE X 21 -35.85 39.74 -23.06
C ILE X 21 -36.95 40.53 -22.36
N SER X 22 -37.80 39.82 -21.62
CA SER X 22 -38.74 40.44 -20.71
C SER X 22 -38.79 39.56 -19.47
N LEU X 23 -38.36 40.10 -18.33
CA LEU X 23 -38.26 39.27 -17.14
C LEU X 23 -39.60 39.02 -16.50
N LYS X 24 -40.53 39.95 -16.64
CA LYS X 24 -41.86 39.80 -16.05
C LYS X 24 -42.81 39.02 -16.94
N GLY X 25 -42.34 38.52 -18.08
CA GLY X 25 -43.20 37.75 -18.97
C GLY X 25 -43.86 38.61 -20.02
N GLY X 26 -45.07 38.25 -20.42
CA GLY X 26 -45.82 39.02 -21.37
C GLY X 26 -45.37 38.78 -22.80
N PRO X 27 -45.82 39.62 -23.73
CA PRO X 27 -45.44 39.45 -25.13
C PRO X 27 -44.14 40.16 -25.50
N LEU X 28 -43.56 39.68 -26.60
CA LEU X 28 -42.38 40.29 -27.20
C LEU X 28 -42.40 40.09 -28.70
N ALA X 29 -41.82 41.06 -29.41
CA ALA X 29 -41.62 40.96 -30.84
C ALA X 29 -40.28 41.60 -31.17
N ILE X 30 -39.93 41.59 -32.44
CA ILE X 30 -38.76 42.30 -32.93
C ILE X 30 -39.18 43.16 -34.11
N GLU X 31 -38.90 44.47 -34.02
CA GLU X 31 -39.30 45.40 -35.06
C GLU X 31 -38.48 45.22 -36.33
N HIS X 32 -37.24 44.72 -36.22
CA HIS X 32 -36.39 44.50 -37.38
C HIS X 32 -35.44 43.37 -37.05
N SER X 33 -35.74 42.17 -37.54
CA SER X 33 -34.99 40.98 -37.21
C SER X 33 -33.72 40.88 -38.06
N ILE X 34 -32.85 39.94 -37.70
CA ILE X 34 -31.62 39.71 -38.45
C ILE X 34 -31.70 38.50 -39.38
N PHE X 35 -32.69 37.63 -39.21
CA PHE X 35 -32.85 36.55 -40.16
C PHE X 35 -33.52 37.09 -41.43
N PRO X 36 -33.21 36.52 -42.59
CA PRO X 36 -33.89 36.95 -43.82
C PRO X 36 -35.35 36.55 -43.84
N GLU X 37 -36.19 37.49 -44.31
CA GLU X 37 -37.65 37.35 -44.43
C GLU X 37 -38.29 37.02 -43.09
N LYS X 38 -38.14 37.99 -42.17
CA LYS X 38 -38.66 37.96 -40.80
C LYS X 38 -38.21 36.72 -40.01
N ALA X 44 -37.64 24.90 -30.44
CA ALA X 44 -37.86 25.39 -29.08
C ALA X 44 -38.59 26.74 -29.08
N GLU X 45 -39.89 26.70 -29.33
CA GLU X 45 -40.73 27.90 -29.40
C GLU X 45 -42.00 27.67 -28.61
N GLN X 46 -42.17 28.42 -27.52
CA GLN X 46 -43.36 28.35 -26.69
C GLN X 46 -44.00 29.73 -26.65
N ALA X 47 -45.27 29.81 -27.03
CA ALA X 47 -45.96 31.10 -27.15
C ALA X 47 -47.36 31.02 -26.56
N THR X 48 -47.49 30.48 -25.36
CA THR X 48 -48.81 30.13 -24.81
C THR X 48 -49.28 31.26 -23.89
N GLN X 49 -49.56 32.43 -24.48
CA GLN X 49 -50.46 33.45 -23.96
C GLN X 49 -50.04 34.13 -22.65
N SER X 50 -48.95 33.69 -22.03
CA SER X 50 -48.47 34.30 -20.80
C SER X 50 -47.06 34.79 -21.02
N GLN X 51 -46.24 33.94 -21.65
CA GLN X 51 -44.87 34.28 -22.01
C GLN X 51 -44.59 33.71 -23.40
N VAL X 52 -43.77 34.41 -24.17
CA VAL X 52 -43.36 33.97 -25.49
C VAL X 52 -41.85 33.79 -25.51
N ILE X 53 -41.40 32.56 -25.71
CA ILE X 53 -39.98 32.26 -25.74
C ILE X 53 -39.67 31.52 -27.04
N ASN X 54 -38.77 32.11 -27.83
CA ASN X 54 -38.48 31.65 -29.18
C ASN X 54 -36.99 31.86 -29.41
N VAL X 55 -36.23 30.79 -29.26
CA VAL X 55 -34.78 30.85 -29.38
C VAL X 55 -34.37 30.22 -30.70
N HIS X 56 -33.56 30.93 -31.47
CA HIS X 56 -33.04 30.42 -32.74
C HIS X 56 -31.56 30.68 -32.76
N THR X 57 -30.79 29.74 -32.22
CA THR X 57 -29.37 29.66 -32.46
C THR X 57 -29.11 28.53 -33.43
N GLY X 58 -27.88 28.45 -33.92
CA GLY X 58 -27.54 27.37 -34.83
C GLY X 58 -27.42 26.02 -34.16
N ILE X 59 -27.31 26.01 -32.84
CA ILE X 59 -27.15 24.79 -32.06
C ILE X 59 -28.51 24.41 -31.51
N GLY X 60 -28.94 23.18 -31.76
CA GLY X 60 -30.26 22.78 -31.33
C GLY X 60 -30.36 22.44 -29.86
N PHE X 61 -29.31 21.86 -29.30
CA PHE X 61 -29.32 21.53 -27.89
C PHE X 61 -29.11 22.76 -27.02
N LEU X 62 -28.40 23.76 -27.52
CA LEU X 62 -28.26 25.02 -26.82
C LEU X 62 -29.51 25.89 -26.94
N ASP X 63 -30.34 25.65 -27.96
CA ASP X 63 -31.68 26.21 -27.97
C ASP X 63 -32.50 25.65 -26.84
N HIS X 64 -32.37 24.35 -26.57
CA HIS X 64 -33.19 23.69 -25.57
C HIS X 64 -32.80 24.08 -24.15
N MET X 65 -31.58 24.52 -23.94
CA MET X 65 -31.15 24.91 -22.61
C MET X 65 -31.51 26.34 -22.27
N ILE X 66 -31.51 27.23 -23.26
CA ILE X 66 -32.01 28.57 -23.04
C ILE X 66 -33.54 28.56 -22.94
N HIS X 67 -34.17 27.61 -23.63
CA HIS X 67 -35.63 27.50 -23.57
C HIS X 67 -36.10 27.04 -22.20
N ALA X 68 -35.46 26.00 -21.65
CA ALA X 68 -35.80 25.53 -20.31
C ALA X 68 -35.39 26.53 -19.23
N LEU X 69 -34.40 27.37 -19.53
CA LEU X 69 -34.05 28.44 -18.61
C LEU X 69 -35.13 29.50 -18.56
N ALA X 70 -35.65 29.90 -19.71
CA ALA X 70 -36.64 30.97 -19.73
C ALA X 70 -38.04 30.46 -19.47
N LYS X 71 -38.30 29.17 -19.65
CA LYS X 71 -39.64 28.64 -19.37
C LYS X 71 -39.89 28.62 -17.87
N HIS X 72 -38.90 28.24 -17.08
CA HIS X 72 -39.08 28.11 -15.65
C HIS X 72 -38.59 29.35 -14.90
N SER X 73 -38.30 30.44 -15.60
CA SER X 73 -38.00 31.72 -14.98
C SER X 73 -39.13 32.72 -15.09
N GLY X 74 -40.16 32.43 -15.88
CA GLY X 74 -41.17 33.43 -16.13
C GLY X 74 -40.77 34.45 -17.16
N TRP X 75 -39.76 34.16 -17.96
CA TRP X 75 -39.25 35.10 -18.94
C TRP X 75 -40.01 35.01 -20.24
N SER X 76 -40.03 36.11 -20.97
CA SER X 76 -40.25 36.12 -22.40
C SER X 76 -38.90 36.44 -23.04
N LEU X 77 -38.50 35.64 -24.02
CA LEU X 77 -37.12 35.72 -24.50
C LEU X 77 -37.05 35.32 -25.96
N ILE X 78 -36.56 36.23 -26.80
CA ILE X 78 -36.32 35.94 -28.21
C ILE X 78 -34.81 36.01 -28.44
N VAL X 79 -34.23 34.93 -28.95
CA VAL X 79 -32.80 34.84 -29.19
C VAL X 79 -32.57 34.55 -30.66
N GLU X 80 -31.75 35.39 -31.30
CA GLU X 80 -31.38 35.22 -32.70
C GLU X 80 -29.87 35.29 -32.80
N CYS X 81 -29.26 34.17 -33.16
CA CYS X 81 -27.84 34.15 -33.33
C CYS X 81 -27.45 33.60 -34.66
N ILE X 82 -26.81 34.44 -35.46
CA ILE X 82 -26.26 34.03 -36.75
C ILE X 82 -24.78 33.84 -36.53
N GLY X 83 -24.36 32.60 -36.34
CA GLY X 83 -22.97 32.33 -36.01
C GLY X 83 -22.30 31.37 -36.96
N ASP X 84 -20.97 31.34 -36.92
CA ASP X 84 -20.21 30.48 -37.81
C ASP X 84 -20.20 29.04 -37.29
N LEU X 85 -20.71 28.12 -38.09
CA LEU X 85 -20.78 26.72 -37.70
C LEU X 85 -19.94 25.81 -38.56
N HIS X 86 -19.20 26.35 -39.53
CA HIS X 86 -18.20 25.54 -40.21
C HIS X 86 -16.97 25.37 -39.33
N ILE X 87 -16.72 26.33 -38.45
CA ILE X 87 -15.84 26.26 -37.29
C ILE X 87 -16.66 25.58 -36.21
N ASP X 88 -16.06 25.24 -35.07
CA ASP X 88 -16.83 24.59 -34.02
C ASP X 88 -17.85 25.54 -33.37
N ASP X 89 -18.57 25.02 -32.40
CA ASP X 89 -19.65 25.72 -31.74
C ASP X 89 -19.24 26.57 -30.55
N HIS X 90 -17.94 26.81 -30.36
CA HIS X 90 -17.53 27.61 -29.22
C HIS X 90 -17.88 29.07 -29.44
N HIS X 91 -17.52 29.62 -30.60
CA HIS X 91 -17.67 31.04 -30.83
C HIS X 91 -19.13 31.47 -30.93
N THR X 92 -20.04 30.54 -31.17
CA THR X 92 -21.45 30.83 -31.22
C THR X 92 -22.21 30.37 -29.99
N THR X 93 -21.52 29.88 -28.98
CA THR X 93 -22.16 29.62 -27.70
C THR X 93 -21.65 30.57 -26.64
N GLU X 94 -20.34 30.85 -26.66
CA GLU X 94 -19.77 31.88 -25.80
C GLU X 94 -20.35 33.25 -26.11
N ASP X 95 -20.46 33.60 -27.39
CA ASP X 95 -21.00 34.91 -27.75
C ASP X 95 -22.50 35.00 -27.48
N CYS X 96 -23.23 33.90 -27.59
CA CYS X 96 -24.65 33.90 -27.28
C CYS X 96 -24.92 33.73 -25.79
N GLY X 97 -23.89 33.75 -24.96
CA GLY X 97 -24.04 33.75 -23.53
C GLY X 97 -23.62 35.06 -22.92
N ILE X 98 -22.68 35.72 -23.59
CA ILE X 98 -22.30 37.07 -23.20
C ILE X 98 -23.44 38.03 -23.46
N ALA X 99 -24.05 37.95 -24.64
CA ALA X 99 -25.16 38.84 -24.94
C ALA X 99 -26.42 38.48 -24.18
N LEU X 100 -26.54 37.24 -23.71
CA LEU X 100 -27.69 36.85 -22.93
C LEU X 100 -27.53 37.18 -21.46
N GLY X 101 -26.29 37.39 -21.00
CA GLY X 101 -26.09 37.98 -19.69
C GLY X 101 -26.28 39.48 -19.70
N GLN X 102 -25.92 40.14 -20.81
CA GLN X 102 -26.12 41.58 -20.92
C GLN X 102 -27.59 41.94 -21.01
N ALA X 103 -28.39 41.11 -21.67
CA ALA X 103 -29.82 41.39 -21.77
C ALA X 103 -30.50 41.19 -20.43
N PHE X 104 -30.05 40.20 -19.64
CA PHE X 104 -30.56 40.06 -18.29
C PHE X 104 -30.09 41.19 -17.39
N LYS X 105 -28.90 41.73 -17.65
CA LYS X 105 -28.39 42.81 -16.82
C LYS X 105 -29.13 44.11 -17.07
N GLU X 106 -29.39 44.43 -18.34
CA GLU X 106 -30.06 45.68 -18.67
C GLU X 106 -31.54 45.62 -18.36
N ALA X 107 -32.10 44.44 -18.18
CA ALA X 107 -33.53 44.34 -17.90
C ALA X 107 -33.84 44.64 -16.44
N LEU X 108 -32.88 44.46 -15.54
CA LEU X 108 -33.03 44.90 -14.16
C LEU X 108 -31.90 45.88 -13.87
N GLY X 109 -32.21 47.17 -13.91
CA GLY X 109 -31.19 48.16 -13.66
C GLY X 109 -30.86 48.29 -12.18
N ALA X 110 -31.81 48.76 -11.40
CA ALA X 110 -31.60 49.00 -9.98
C ALA X 110 -31.81 47.69 -9.23
N VAL X 111 -30.74 47.16 -8.66
CA VAL X 111 -30.86 46.00 -7.79
C VAL X 111 -31.22 46.55 -6.41
N ARG X 112 -32.51 46.74 -6.17
CA ARG X 112 -33.01 47.13 -4.87
C ARG X 112 -34.44 46.64 -4.74
N GLY X 113 -34.81 46.30 -3.52
CA GLY X 113 -36.10 45.69 -3.29
C GLY X 113 -36.20 44.26 -3.75
N VAL X 114 -35.08 43.57 -3.90
CA VAL X 114 -35.06 42.19 -4.35
C VAL X 114 -34.47 41.33 -3.25
N LYS X 115 -34.74 40.02 -3.34
CA LYS X 115 -34.25 39.07 -2.35
C LYS X 115 -32.74 38.96 -2.36
N ARG X 116 -32.13 39.08 -3.55
CA ARG X 116 -30.70 39.06 -3.88
C ARG X 116 -30.09 37.66 -3.77
N PHE X 117 -30.76 36.73 -3.11
CA PHE X 117 -30.22 35.39 -2.89
C PHE X 117 -31.28 34.40 -3.33
N GLY X 118 -31.06 33.76 -4.48
CA GLY X 118 -31.90 32.69 -4.94
C GLY X 118 -31.11 31.39 -4.94
N SER X 119 -31.75 30.34 -4.43
CA SER X 119 -31.21 28.99 -4.49
C SER X 119 -32.25 28.09 -5.13
N GLY X 120 -31.82 27.29 -6.09
CA GLY X 120 -32.76 26.43 -6.75
C GLY X 120 -32.24 25.03 -6.94
N PHE X 121 -32.94 24.05 -6.39
CA PHE X 121 -32.73 22.66 -6.72
C PHE X 121 -33.72 22.26 -7.79
N ALA X 122 -33.27 21.45 -8.73
CA ALA X 122 -34.17 20.92 -9.73
C ALA X 122 -33.70 19.53 -10.14
N PRO X 123 -34.56 18.52 -10.07
CA PRO X 123 -34.18 17.21 -10.57
C PRO X 123 -34.65 17.01 -12.00
N LEU X 124 -34.00 16.07 -12.66
CA LEU X 124 -34.53 15.53 -13.92
C LEU X 124 -34.06 14.09 -13.97
N ASP X 125 -34.86 13.18 -13.40
CA ASP X 125 -34.85 11.76 -13.70
C ASP X 125 -33.48 11.14 -13.42
N GLU X 126 -33.13 11.13 -12.13
CA GLU X 126 -31.92 10.71 -11.39
C GLU X 126 -30.81 11.74 -11.41
N ALA X 127 -30.92 12.82 -12.15
CA ALA X 127 -29.95 13.90 -12.07
C ALA X 127 -30.47 14.95 -11.10
N LEU X 128 -29.55 15.57 -10.37
CA LEU X 128 -29.92 16.56 -9.37
C LEU X 128 -28.90 17.69 -9.37
N SER X 129 -29.35 18.90 -9.65
CA SER X 129 -28.49 20.06 -9.73
C SER X 129 -29.02 21.15 -8.83
N ARG X 130 -28.12 21.82 -8.11
CA ARG X 130 -28.48 23.03 -7.42
C ARG X 130 -27.80 24.22 -8.09
N ALA X 131 -28.42 25.38 -7.96
CA ALA X 131 -27.86 26.59 -8.47
C ALA X 131 -28.15 27.69 -7.46
N VAL X 132 -27.12 28.39 -7.03
CA VAL X 132 -27.33 29.57 -6.21
C VAL X 132 -26.89 30.77 -7.04
N VAL X 133 -27.45 31.93 -6.75
CA VAL X 133 -27.22 33.14 -7.52
C VAL X 133 -27.21 34.30 -6.51
N ASP X 134 -26.49 35.37 -6.85
CA ASP X 134 -26.16 36.36 -5.84
C ASP X 134 -26.53 37.78 -6.22
N LEU X 135 -26.60 38.10 -7.51
CA LEU X 135 -26.97 39.43 -8.03
C LEU X 135 -26.10 40.57 -7.51
N SER X 136 -24.87 40.29 -7.09
CA SER X 136 -23.93 41.30 -6.65
C SER X 136 -22.98 41.63 -7.79
N ASN X 137 -22.67 42.93 -7.95
CA ASN X 137 -22.04 43.39 -9.19
C ASN X 137 -20.63 42.89 -9.41
N ARG X 138 -20.06 42.01 -8.64
CA ARG X 138 -18.87 41.31 -9.12
C ARG X 138 -19.29 40.00 -9.78
N PRO X 139 -18.83 39.73 -11.00
CA PRO X 139 -19.18 38.47 -11.65
C PRO X 139 -18.33 37.32 -11.14
N TYR X 140 -18.97 36.16 -10.97
CA TYR X 140 -18.22 34.97 -10.59
C TYR X 140 -19.02 33.75 -11.02
N ALA X 141 -18.31 32.66 -11.36
CA ALA X 141 -18.99 31.47 -11.87
C ALA X 141 -18.22 30.23 -11.45
N VAL X 142 -18.86 29.41 -10.62
CA VAL X 142 -18.30 28.13 -10.19
C VAL X 142 -19.23 27.06 -10.71
N VAL X 143 -18.94 26.53 -11.89
CA VAL X 143 -19.83 25.61 -12.59
C VAL X 143 -19.18 24.24 -12.59
N GLU X 144 -19.74 23.30 -11.84
CA GLU X 144 -19.14 21.99 -11.67
C GLU X 144 -20.06 20.88 -12.15
N LEU X 145 -20.63 21.04 -13.34
CA LEU X 145 -21.34 19.98 -14.03
C LEU X 145 -20.38 18.87 -14.41
N GLY X 146 -20.50 17.71 -13.79
CA GLY X 146 -19.56 16.67 -14.15
C GLY X 146 -20.08 15.84 -15.29
N LEU X 147 -19.71 16.22 -16.51
CA LEU X 147 -20.25 15.64 -17.73
C LEU X 147 -19.22 14.71 -18.33
N GLN X 148 -19.55 13.43 -18.43
CA GLN X 148 -18.65 12.41 -18.98
C GLN X 148 -18.99 12.08 -20.43
N ARG X 149 -19.32 13.10 -21.18
CA ARG X 149 -19.69 13.01 -22.58
C ARG X 149 -18.89 14.07 -23.32
N GLU X 150 -18.68 13.89 -24.63
CA GLU X 150 -17.98 14.90 -25.40
C GLU X 150 -18.89 15.81 -26.19
N LYS X 151 -20.02 15.31 -26.72
CA LYS X 151 -20.99 16.14 -27.41
C LYS X 151 -22.38 15.61 -27.10
N VAL X 152 -23.34 16.50 -26.93
CA VAL X 152 -24.68 16.01 -26.59
C VAL X 152 -25.50 15.78 -27.86
N GLY X 153 -25.89 16.84 -28.55
CA GLY X 153 -26.35 16.62 -29.90
C GLY X 153 -25.62 17.46 -30.91
N ASP X 154 -25.40 18.72 -30.55
CA ASP X 154 -24.53 19.63 -31.27
C ASP X 154 -23.64 20.45 -30.35
N LEU X 155 -24.05 20.71 -29.12
CA LEU X 155 -23.16 21.30 -28.13
C LEU X 155 -22.01 20.35 -27.84
N SER X 156 -20.85 20.94 -27.60
CA SER X 156 -19.64 20.19 -27.36
C SER X 156 -19.41 19.90 -25.90
N CYS X 157 -20.41 20.08 -25.04
CA CYS X 157 -20.49 19.50 -23.70
C CYS X 157 -19.44 20.00 -22.71
N GLU X 158 -18.47 20.77 -23.18
CA GLU X 158 -17.61 21.59 -22.36
C GLU X 158 -17.98 23.04 -22.51
N MET X 159 -18.83 23.35 -23.48
CA MET X 159 -19.38 24.68 -23.61
C MET X 159 -20.56 24.92 -22.69
N ILE X 160 -21.19 23.88 -22.19
CA ILE X 160 -22.27 24.00 -21.23
C ILE X 160 -21.80 24.63 -19.92
N PRO X 161 -20.60 24.33 -19.38
CA PRO X 161 -20.10 25.20 -18.30
C PRO X 161 -19.62 26.54 -18.79
N HIS X 162 -19.13 26.60 -20.03
CA HIS X 162 -18.56 27.82 -20.57
C HIS X 162 -19.64 28.82 -20.94
N PHE X 163 -20.86 28.34 -21.20
CA PHE X 163 -22.01 29.22 -21.38
C PHE X 163 -22.39 29.90 -20.08
N LEU X 164 -22.46 29.12 -19.00
CA LEU X 164 -22.84 29.66 -17.71
C LEU X 164 -21.72 30.49 -17.10
N GLU X 165 -20.48 30.24 -17.51
CA GLU X 165 -19.36 31.08 -17.14
C GLU X 165 -19.51 32.48 -17.72
N SER X 166 -19.77 32.58 -19.02
CA SER X 166 -19.92 33.87 -19.67
C SER X 166 -21.25 34.53 -19.36
N PHE X 167 -22.26 33.75 -18.98
CA PHE X 167 -23.51 34.34 -18.55
C PHE X 167 -23.35 35.10 -17.25
N ALA X 168 -22.73 34.48 -16.25
CA ALA X 168 -22.47 35.16 -14.99
C ALA X 168 -21.45 36.28 -15.14
N GLU X 169 -20.56 36.16 -16.11
CA GLU X 169 -19.53 37.17 -16.37
C GLU X 169 -20.14 38.47 -16.86
N ALA X 170 -20.98 38.39 -17.89
CA ALA X 170 -21.54 39.57 -18.50
C ALA X 170 -22.79 40.09 -17.82
N SER X 171 -23.41 39.28 -16.96
CA SER X 171 -24.57 39.72 -16.20
C SER X 171 -24.22 40.27 -14.83
N ARG X 172 -22.94 40.18 -14.43
CA ARG X 172 -22.43 40.69 -13.15
C ARG X 172 -23.13 40.03 -11.97
N ILE X 173 -23.19 38.70 -11.99
CA ILE X 173 -23.76 37.93 -10.89
C ILE X 173 -22.76 36.89 -10.47
N THR X 174 -22.88 36.44 -9.23
CA THR X 174 -22.08 35.33 -8.71
C THR X 174 -22.94 34.08 -8.73
N LEU X 175 -22.39 32.99 -9.25
CA LEU X 175 -23.17 31.83 -9.61
C LEU X 175 -22.40 30.56 -9.26
N HIS X 176 -23.05 29.67 -8.53
CA HIS X 176 -22.54 28.34 -8.20
C HIS X 176 -23.54 27.32 -8.70
N VAL X 177 -23.23 26.64 -9.80
CA VAL X 177 -24.06 25.56 -10.31
C VAL X 177 -23.29 24.27 -10.19
N ASP X 178 -23.88 23.28 -9.54
CA ASP X 178 -23.20 22.02 -9.22
C ASP X 178 -24.20 20.89 -9.35
N CYS X 179 -23.92 19.95 -10.25
CA CYS X 179 -24.77 18.77 -10.38
C CYS X 179 -24.36 17.73 -9.34
N LEU X 180 -25.30 17.34 -8.51
CA LEU X 180 -25.00 16.52 -7.36
C LEU X 180 -24.91 15.05 -7.71
N ARG X 181 -25.71 14.60 -8.68
CA ARG X 181 -25.70 13.21 -9.12
C ARG X 181 -26.30 13.15 -10.51
N GLY X 182 -26.28 11.96 -11.09
CA GLY X 182 -26.85 11.73 -12.40
C GLY X 182 -25.87 11.04 -13.30
N LYS X 183 -26.39 10.23 -14.23
CA LYS X 183 -25.51 9.51 -15.13
C LYS X 183 -26.00 9.57 -16.57
N ASN X 184 -26.92 10.48 -16.87
CA ASN X 184 -27.34 10.83 -18.22
C ASN X 184 -27.07 12.31 -18.38
N ASP X 185 -26.28 12.68 -19.39
CA ASP X 185 -25.80 14.05 -19.47
C ASP X 185 -26.73 14.99 -20.20
N HIS X 186 -27.75 14.50 -20.89
CA HIS X 186 -28.87 15.36 -21.21
C HIS X 186 -29.62 15.73 -19.95
N HIS X 187 -29.87 14.73 -19.09
CA HIS X 187 -30.52 14.95 -17.80
C HIS X 187 -29.67 15.81 -16.91
N ARG X 188 -28.37 15.61 -16.91
CA ARG X 188 -27.50 16.32 -16.00
C ARG X 188 -27.34 17.78 -16.40
N SER X 189 -27.37 18.08 -17.69
CA SER X 189 -27.20 19.46 -18.12
C SER X 189 -28.51 20.22 -18.15
N GLU X 190 -29.64 19.55 -18.39
CA GLU X 190 -30.91 20.24 -18.40
C GLU X 190 -31.37 20.57 -17.00
N SER X 191 -31.02 19.73 -16.04
CA SER X 191 -31.37 20.00 -14.65
C SER X 191 -30.59 21.18 -14.10
N ALA X 192 -29.41 21.47 -14.67
CA ALA X 192 -28.65 22.64 -14.27
C ALA X 192 -29.32 23.92 -14.74
N PHE X 193 -29.84 23.92 -15.96
CA PHE X 193 -30.54 25.09 -16.45
C PHE X 193 -31.92 25.23 -15.83
N LYS X 194 -32.53 24.12 -15.42
CA LYS X 194 -33.79 24.22 -14.69
C LYS X 194 -33.57 24.66 -13.25
N ALA X 195 -32.41 24.37 -12.68
CA ALA X 195 -32.09 24.84 -11.34
C ALA X 195 -31.74 26.31 -11.32
N LEU X 196 -31.05 26.79 -12.36
CA LEU X 196 -30.75 28.20 -12.49
C LEU X 196 -32.01 29.03 -12.69
N ALA X 197 -33.01 28.44 -13.35
CA ALA X 197 -34.27 29.14 -13.55
C ALA X 197 -35.01 29.33 -12.24
N VAL X 198 -34.85 28.41 -11.29
CA VAL X 198 -35.48 28.57 -9.99
C VAL X 198 -34.76 29.63 -9.17
N ALA X 199 -33.43 29.70 -9.32
CA ALA X 199 -32.65 30.60 -8.49
C ALA X 199 -32.79 32.05 -8.91
N ILE X 200 -32.80 32.32 -10.22
CA ILE X 200 -32.99 33.67 -10.72
C ILE X 200 -34.39 34.17 -10.41
N ARG X 201 -35.38 33.28 -10.48
CA ARG X 201 -36.75 33.60 -10.09
C ARG X 201 -36.84 33.95 -8.61
N GLU X 202 -36.02 33.31 -7.79
CA GLU X 202 -36.06 33.54 -6.36
C GLU X 202 -35.25 34.76 -5.95
N ALA X 203 -34.16 35.05 -6.66
CA ALA X 203 -33.36 36.22 -6.32
C ALA X 203 -33.99 37.51 -6.83
N THR X 204 -34.49 37.51 -8.06
CA THR X 204 -35.25 38.65 -8.57
C THR X 204 -36.67 38.41 -8.14
N SER X 205 -37.03 38.93 -6.97
CA SER X 205 -38.33 38.72 -6.40
C SER X 205 -38.71 39.96 -5.62
N PRO X 206 -39.99 40.26 -5.48
CA PRO X 206 -40.38 41.44 -4.71
C PRO X 206 -40.19 41.26 -3.22
N ASN X 207 -38.98 41.57 -2.74
CA ASN X 207 -38.69 41.62 -1.31
C ASN X 207 -39.59 42.61 -0.60
N GLY X 208 -39.87 43.74 -1.22
CA GLY X 208 -40.56 44.82 -0.55
C GLY X 208 -39.58 45.71 0.20
N THR X 209 -40.15 46.78 0.76
CA THR X 209 -39.55 47.81 1.63
C THR X 209 -38.54 48.72 0.93
N ASN X 210 -38.18 48.45 -0.33
CA ASN X 210 -37.42 49.37 -1.21
C ASN X 210 -36.06 49.74 -0.61
N ASP X 211 -35.20 48.74 -0.50
CA ASP X 211 -33.88 48.97 0.06
C ASP X 211 -32.87 48.10 -0.67
N VAL X 212 -31.72 48.69 -1.00
CA VAL X 212 -30.64 47.96 -1.67
C VAL X 212 -30.01 46.99 -0.67
N PRO X 213 -30.09 45.68 -0.92
CA PRO X 213 -29.75 44.72 0.14
C PRO X 213 -28.24 44.44 0.22
N SER X 214 -27.50 45.38 0.78
CA SER X 214 -26.07 45.20 0.90
C SER X 214 -25.54 45.96 2.09
N THR X 215 -24.43 45.46 2.64
CA THR X 215 -23.71 46.17 3.68
C THR X 215 -23.07 47.44 3.15
N LYS X 216 -22.40 47.35 2.01
CA LYS X 216 -21.71 48.49 1.44
C LYS X 216 -22.64 49.45 0.71
N GLY X 217 -23.93 49.14 0.64
CA GLY X 217 -24.93 50.05 0.11
C GLY X 217 -24.93 50.22 -1.39
N VAL X 218 -24.07 49.52 -2.12
CA VAL X 218 -23.94 49.70 -3.56
C VAL X 218 -24.20 48.36 -4.24
N LEU X 219 -25.30 48.26 -4.95
CA LEU X 219 -25.56 47.14 -5.85
C LEU X 219 -26.19 47.68 -7.13
#